data_4Q3O
#
_entry.id   4Q3O
#
_cell.length_a   189.454
_cell.length_b   131.397
_cell.length_c   112.441
_cell.angle_alpha   90.00
_cell.angle_beta   103.55
_cell.angle_gamma   90.00
#
_symmetry.space_group_name_H-M   'C 1 2 1'
#
loop_
_entity.id
_entity.type
_entity.pdbx_description
1 polymer MGS-MT1
2 non-polymer 'CHLORIDE ION'
3 non-polymer '2-(N-MORPHOLINO)-ETHANESULFONIC ACID'
4 non-polymer GLYCEROL
5 water water
#
_entity_poly.entity_id   1
_entity_poly.type   'polypeptide(L)'
_entity_poly.pdbx_seq_one_letter_code
;MHRYGLLVFCSLVILMVQGVNKAVAGEQAKEVPIPQSISAEFKAALAQYPTPSVEEARSFVPTTAAQWRDYVQATNKMQK
TKIKNMRKHYGVTVELLDIKGVTVRKITPKSLSPEFKDHVYIDIHGGAYVLFAGLPSIEEGILIAHRLGIVVYSVDYRMP
PAYPFPAALDDVKHVYRVLSQQYDANHIFMGGTSAGGGLLLAFVQGLIENGVATPRAIYAGTPWADLTKTGDSLYTNEGI
DRILITYDGTLGASARLYAGNTPLTHPKLSPIYGDFTDFPPTFLVTGTRDMFLSDTVRVNRKMRDAGVTTVLDVYEGLSH
ADYLVSHQTPESQSVYRQLKRFLVGFTN
;
_entity_poly.pdbx_strand_id   A,B,C,D,E,F,G,H
#
loop_
_chem_comp.id
_chem_comp.type
_chem_comp.name
_chem_comp.formula
CL non-polymer 'CHLORIDE ION' 'Cl -1'
GOL non-polymer GLYCEROL 'C3 H8 O3'
MES non-polymer '2-(N-MORPHOLINO)-ETHANESULFONIC ACID' 'C6 H13 N O4 S'
#
# COMPACT_ATOMS: atom_id res chain seq x y z
N GLU A 31 9.27 -0.58 54.62
CA GLU A 31 8.94 -1.90 54.10
C GLU A 31 9.30 -1.97 52.63
N VAL A 32 9.75 -0.84 52.08
CA VAL A 32 10.47 -0.87 50.82
C VAL A 32 11.79 -0.10 50.95
N PRO A 33 12.79 -0.74 51.57
CA PRO A 33 14.13 -0.16 51.69
C PRO A 33 14.79 -0.03 50.35
N ILE A 34 15.80 0.82 50.28
CA ILE A 34 16.63 0.88 49.08
C ILE A 34 17.20 -0.54 48.85
N PRO A 35 17.19 -1.02 47.60
CA PRO A 35 17.61 -2.42 47.34
C PRO A 35 19.01 -2.64 47.90
N GLN A 36 19.12 -3.62 48.76
CA GLN A 36 20.35 -3.72 49.54
C GLN A 36 21.57 -4.20 48.76
N SER A 37 21.36 -4.92 47.66
CA SER A 37 22.50 -5.50 46.96
C SER A 37 22.99 -4.69 45.77
N ILE A 38 22.39 -3.54 45.50
CA ILE A 38 22.89 -2.74 44.38
C ILE A 38 24.16 -1.98 44.75
N SER A 39 24.79 -1.36 43.75
CA SER A 39 26.05 -0.67 44.03
C SER A 39 25.90 0.53 44.96
N ALA A 40 27.00 0.90 45.60
CA ALA A 40 26.99 2.09 46.43
C ALA A 40 26.56 3.28 45.57
N GLU A 41 27.00 3.29 44.31
CA GLU A 41 26.74 4.46 43.45
C GLU A 41 25.24 4.57 43.14
N PHE A 42 24.64 3.41 42.87
CA PHE A 42 23.21 3.40 42.56
C PHE A 42 22.41 3.67 43.86
N LYS A 43 22.89 3.17 44.99
CA LYS A 43 22.21 3.52 46.25
C LYS A 43 22.23 5.03 46.48
N ALA A 44 23.38 5.66 46.22
CA ALA A 44 23.45 7.11 46.42
C ALA A 44 22.51 7.83 45.46
N ALA A 45 22.42 7.33 44.22
CA ALA A 45 21.52 7.92 43.26
C ALA A 45 20.05 7.82 43.73
N LEU A 46 19.63 6.66 44.19
CA LEU A 46 18.23 6.53 44.66
C LEU A 46 17.94 7.34 45.93
N ALA A 47 18.91 7.41 46.84
CA ALA A 47 18.71 8.05 48.13
C ALA A 47 18.48 9.53 47.93
N GLN A 48 19.13 10.07 46.91
CA GLN A 48 19.19 11.53 46.77
C GLN A 48 18.14 12.05 45.82
N TYR A 49 17.47 11.15 45.14
CA TYR A 49 16.44 11.52 44.18
C TYR A 49 15.11 11.79 44.90
N PRO A 50 14.56 13.00 44.75
CA PRO A 50 13.26 13.27 45.39
C PRO A 50 12.09 12.74 44.53
N THR A 51 11.66 11.51 44.83
CA THR A 51 10.64 10.83 44.01
C THR A 51 9.22 11.31 44.33
N PRO A 52 8.49 11.75 43.29
CA PRO A 52 7.11 12.18 43.49
C PRO A 52 6.24 11.04 44.00
N SER A 53 5.25 11.34 44.85
CA SER A 53 4.22 10.37 45.21
C SER A 53 3.36 10.02 43.99
N VAL A 54 2.62 8.90 44.06
CA VAL A 54 1.67 8.58 42.99
C VAL A 54 0.59 9.68 42.86
N GLU A 55 0.15 10.20 44.00
CA GLU A 55 -0.88 11.22 43.99
C GLU A 55 -0.37 12.49 43.30
N GLU A 56 0.87 12.86 43.60
CA GLU A 56 1.50 14.00 42.93
C GLU A 56 1.56 13.76 41.42
N ALA A 57 2.04 12.60 41.04
CA ALA A 57 2.19 12.33 39.63
C ALA A 57 0.84 12.26 38.93
N ARG A 58 -0.21 11.87 39.63
CA ARG A 58 -1.54 11.97 39.03
C ARG A 58 -2.02 13.40 39.08
N SER A 59 -1.49 14.18 40.04
CA SER A 59 -2.08 15.43 40.51
C SER A 59 -2.44 16.35 39.36
N PHE A 60 -1.52 16.56 38.42
CA PHE A 60 -2.03 16.85 37.10
C PHE A 60 -1.11 16.66 35.91
N VAL A 61 -1.76 16.96 34.79
CA VAL A 61 -1.54 16.38 33.50
C VAL A 61 -1.99 17.42 32.51
N PRO A 62 -1.15 17.72 31.52
CA PRO A 62 -1.58 18.72 30.54
C PRO A 62 -2.83 18.29 29.80
N THR A 63 -3.75 19.23 29.60
CA THR A 63 -4.90 18.98 28.77
C THR A 63 -5.08 20.06 27.68
N THR A 64 -4.17 21.04 27.64
CA THR A 64 -4.25 22.09 26.62
C THR A 64 -2.91 22.30 25.95
N ALA A 65 -2.86 23.24 25.01
CA ALA A 65 -1.61 23.52 24.32
C ALA A 65 -0.61 24.23 25.23
N ALA A 66 -1.06 25.28 25.92
CA ALA A 66 -0.22 25.97 26.91
C ALA A 66 0.45 24.95 27.83
N GLN A 67 -0.38 24.05 28.36
CA GLN A 67 0.10 23.04 29.25
C GLN A 67 1.08 22.08 28.59
N TRP A 68 0.77 21.50 27.42
CA TRP A 68 1.70 20.54 26.84
C TRP A 68 3.01 21.24 26.45
N ARG A 69 2.92 22.41 25.82
CA ARG A 69 4.14 23.10 25.43
C ARG A 69 4.98 23.53 26.64
N ASP A 70 4.35 24.05 27.69
CA ASP A 70 5.05 24.42 28.94
C ASP A 70 5.81 23.26 29.59
N TYR A 71 5.09 22.14 29.74
CA TYR A 71 5.64 20.93 30.31
C TYR A 71 6.84 20.44 29.51
N VAL A 72 6.66 20.37 28.20
CA VAL A 72 7.71 19.83 27.34
C VAL A 72 8.97 20.73 27.39
N GLN A 73 8.74 22.03 27.25
CA GLN A 73 9.86 22.97 27.26
C GLN A 73 10.66 22.90 28.57
N ALA A 74 9.95 22.91 29.69
CA ALA A 74 10.60 22.88 30.98
C ALA A 74 11.40 21.62 31.15
N THR A 75 10.79 20.48 30.80
CA THR A 75 11.47 19.20 30.93
C THR A 75 12.67 19.13 29.99
N ASN A 76 12.49 19.59 28.75
CA ASN A 76 13.58 19.52 27.77
C ASN A 76 14.80 20.37 28.20
N LYS A 77 14.52 21.48 28.88
CA LYS A 77 15.57 22.42 29.31
C LYS A 77 16.52 21.71 30.27
N MET A 78 15.95 20.97 31.19
CA MET A 78 16.75 20.19 32.14
C MET A 78 17.57 19.09 31.48
N GLN A 79 16.99 18.47 30.47
CA GLN A 79 17.65 17.40 29.78
C GLN A 79 18.79 17.94 28.91
N LYS A 80 18.61 19.14 28.37
CA LYS A 80 19.63 19.75 27.54
C LYS A 80 20.90 19.95 28.36
N THR A 81 20.71 20.35 29.60
CA THR A 81 21.82 20.52 30.53
C THR A 81 22.57 19.18 30.70
N LYS A 82 21.82 18.10 30.91
CA LYS A 82 22.44 16.80 31.15
C LYS A 82 23.30 16.39 29.94
N ILE A 83 22.74 16.57 28.74
CA ILE A 83 23.43 16.25 27.49
C ILE A 83 24.72 17.00 27.27
N LYS A 84 24.68 18.31 27.45
CA LYS A 84 25.87 19.13 27.26
C LYS A 84 26.99 18.66 28.19
N ASN A 85 26.59 18.27 29.39
CA ASN A 85 27.55 17.81 30.35
C ASN A 85 28.07 16.40 29.98
N MET A 86 27.18 15.53 29.50
CA MET A 86 27.60 14.17 29.07
C MET A 86 28.53 14.27 27.86
N ARG A 87 28.18 15.13 26.91
CA ARG A 87 29.07 15.34 25.78
C ARG A 87 30.49 15.65 26.21
N LYS A 88 30.61 16.65 27.06
CA LYS A 88 31.89 17.07 27.60
C LYS A 88 32.58 15.91 28.31
N HIS A 89 31.84 15.22 29.18
CA HIS A 89 32.44 14.15 29.98
C HIS A 89 33.02 12.99 29.13
N TYR A 90 32.27 12.58 28.11
CA TYR A 90 32.64 11.41 27.28
C TYR A 90 33.48 11.81 26.05
N GLY A 91 33.44 13.07 25.68
CA GLY A 91 34.32 13.52 24.62
C GLY A 91 33.93 13.07 23.21
N VAL A 92 32.65 12.81 23.02
CA VAL A 92 32.15 12.47 21.69
C VAL A 92 32.07 13.71 20.78
N THR A 93 32.05 13.50 19.47
CA THR A 93 31.80 14.60 18.55
CA THR A 93 31.82 14.58 18.50
C THR A 93 30.38 14.43 18.02
N VAL A 94 29.66 15.54 17.88
CA VAL A 94 28.27 15.45 17.43
C VAL A 94 28.16 16.28 16.15
N GLU A 95 27.70 15.65 15.08
CA GLU A 95 27.49 16.41 13.83
C GLU A 95 26.02 16.48 13.52
N LEU A 96 25.57 17.67 13.13
CA LEU A 96 24.13 17.89 12.86
C LEU A 96 23.83 17.60 11.40
N LEU A 97 22.94 16.65 11.15
CA LEU A 97 22.63 16.24 9.80
C LEU A 97 21.18 16.51 9.45
N ASP A 98 20.93 16.65 8.17
CA ASP A 98 19.56 16.59 7.67
C ASP A 98 19.48 15.47 6.64
N ILE A 99 18.61 14.47 6.89
CA ILE A 99 18.50 13.32 6.01
C ILE A 99 17.05 13.31 5.46
N LYS A 100 16.88 13.72 4.20
CA LYS A 100 15.55 13.82 3.63
C LYS A 100 14.60 14.69 4.49
N GLY A 101 15.12 15.77 5.09
CA GLY A 101 14.28 16.65 5.91
C GLY A 101 14.15 16.21 7.36
N VAL A 102 14.73 15.05 7.70
CA VAL A 102 14.72 14.58 9.09
C VAL A 102 16.01 14.97 9.79
N THR A 103 15.90 15.59 10.95
CA THR A 103 17.10 15.95 11.72
C THR A 103 17.70 14.71 12.34
N VAL A 104 19.00 14.52 12.15
CA VAL A 104 19.70 13.34 12.66
C VAL A 104 21.03 13.83 13.21
N ARG A 105 21.46 13.32 14.37
CA ARG A 105 22.79 13.74 14.85
C ARG A 105 23.74 12.55 14.82
N LYS A 106 24.90 12.77 14.22
CA LYS A 106 25.85 11.69 14.07
C LYS A 106 26.86 11.82 15.18
N ILE A 107 27.04 10.75 15.97
CA ILE A 107 27.85 10.81 17.16
C ILE A 107 29.03 9.87 17.04
N THR A 108 30.22 10.44 17.14
CA THR A 108 31.47 9.69 16.98
C THR A 108 32.26 9.73 18.27
N PRO A 109 32.62 8.55 18.82
CA PRO A 109 33.37 8.49 20.07
C PRO A 109 34.86 8.69 19.84
N LYS A 110 35.57 9.01 20.91
CA LYS A 110 36.98 9.32 20.76
C LYS A 110 37.73 8.04 20.43
N SER A 111 37.17 6.90 20.82
CA SER A 111 37.81 5.62 20.56
C SER A 111 36.84 4.62 19.92
N LEU A 112 37.15 4.15 18.72
CA LEU A 112 36.27 3.22 18.01
C LEU A 112 36.72 1.78 18.24
N SER A 113 35.76 0.88 18.49
CA SER A 113 36.01 -0.56 18.55
C SER A 113 36.27 -1.15 17.19
N PRO A 114 37.39 -1.87 17.02
CA PRO A 114 37.71 -2.46 15.71
C PRO A 114 36.63 -3.41 15.20
N GLU A 115 35.96 -4.14 16.09
CA GLU A 115 34.93 -5.05 15.60
C GLU A 115 33.77 -4.31 14.96
N PHE A 116 33.62 -3.02 15.23
CA PHE A 116 32.50 -2.28 14.63
C PHE A 116 32.89 -1.43 13.40
N LYS A 117 34.11 -1.61 12.91
CA LYS A 117 34.50 -1.04 11.62
C LYS A 117 33.43 -1.33 10.56
N ASP A 118 33.03 -0.29 9.85
CA ASP A 118 31.99 -0.41 8.81
C ASP A 118 30.62 -0.85 9.31
N HIS A 119 30.41 -0.93 10.62
CA HIS A 119 29.06 -1.02 11.15
C HIS A 119 28.66 0.33 11.76
N VAL A 120 27.36 0.64 11.77
CA VAL A 120 26.87 1.83 12.46
C VAL A 120 25.64 1.45 13.27
N TYR A 121 25.24 2.36 14.15
CA TYR A 121 24.11 2.13 15.01
C TYR A 121 23.11 3.24 14.87
N ILE A 122 21.84 2.88 14.71
CA ILE A 122 20.82 3.90 14.64
C ILE A 122 20.05 3.91 15.96
N ASP A 123 20.06 5.08 16.61
CA ASP A 123 19.40 5.27 17.92
C ASP A 123 18.06 5.95 17.73
N ILE A 124 17.02 5.41 18.37
CA ILE A 124 15.68 5.99 18.34
C ILE A 124 15.32 6.34 19.81
N HIS A 125 15.40 7.61 20.18
CA HIS A 125 15.38 8.01 21.57
C HIS A 125 14.03 7.83 22.23
N GLY A 126 14.05 7.84 23.56
CA GLY A 126 12.80 7.81 24.31
C GLY A 126 12.29 9.17 24.78
N GLY A 127 11.30 9.21 25.66
CA GLY A 127 10.64 10.49 25.97
C GLY A 127 9.12 10.43 25.88
N ALA A 128 8.56 9.23 25.93
CA ALA A 128 7.12 9.03 25.98
C ALA A 128 6.40 9.67 24.80
N TYR A 129 7.13 9.76 23.69
CA TYR A 129 6.60 10.31 22.42
C TYR A 129 6.32 11.79 22.48
N VAL A 130 6.76 12.49 23.53
CA VAL A 130 6.51 13.93 23.59
C VAL A 130 7.75 14.73 24.03
N LEU A 131 8.66 14.06 24.74
CA LEU A 131 9.86 14.74 25.29
C LEU A 131 11.13 14.53 24.50
N PHE A 132 12.07 15.47 24.68
CA PHE A 132 13.50 15.37 24.30
C PHE A 132 13.78 15.52 22.81
N ALA A 133 12.95 16.29 22.11
CA ALA A 133 13.33 16.77 20.79
C ALA A 133 14.61 17.61 20.88
N GLY A 134 15.33 17.69 19.78
CA GLY A 134 16.51 18.55 19.73
C GLY A 134 17.71 17.84 20.34
N LEU A 135 18.69 18.63 20.77
CA LEU A 135 19.88 18.08 21.40
C LEU A 135 19.59 17.07 22.54
N PRO A 136 18.54 17.30 23.35
CA PRO A 136 18.22 16.31 24.38
C PRO A 136 18.04 14.90 23.87
N SER A 137 17.77 14.76 22.57
CA SER A 137 17.50 13.43 22.01
C SER A 137 18.69 12.46 22.07
N ILE A 138 19.91 12.93 22.33
CA ILE A 138 21.04 12.05 22.12
C ILE A 138 21.63 11.37 23.37
N GLU A 139 20.91 11.41 24.48
CA GLU A 139 21.42 10.84 25.73
C GLU A 139 21.94 9.41 25.62
N GLU A 140 21.07 8.48 25.18
CA GLU A 140 21.55 7.11 25.02
C GLU A 140 22.51 6.99 23.85
N GLY A 141 22.31 7.79 22.80
CA GLY A 141 23.21 7.76 21.66
C GLY A 141 24.66 8.03 22.11
N ILE A 142 24.86 8.97 23.05
CA ILE A 142 26.21 9.24 23.58
C ILE A 142 26.75 8.01 24.30
N LEU A 143 25.92 7.42 25.16
CA LEU A 143 26.36 6.25 25.89
C LEU A 143 26.73 5.11 24.97
N ILE A 144 25.93 4.90 23.93
CA ILE A 144 26.14 3.80 23.00
C ILE A 144 27.45 4.08 22.25
N ALA A 145 27.58 5.29 21.71
CA ALA A 145 28.80 5.60 20.96
C ALA A 145 30.06 5.37 21.78
N HIS A 146 30.10 5.90 22.99
CA HIS A 146 31.26 5.79 23.85
C HIS A 146 31.50 4.37 24.39
N ARG A 147 30.44 3.71 24.86
CA ARG A 147 30.63 2.43 25.54
C ARG A 147 30.74 1.24 24.58
N LEU A 148 30.16 1.37 23.40
CA LEU A 148 30.35 0.35 22.37
C LEU A 148 31.47 0.68 21.41
N GLY A 149 31.83 1.95 21.36
CA GLY A 149 32.85 2.41 20.44
C GLY A 149 32.35 2.27 19.00
N ILE A 150 31.19 2.87 18.72
CA ILE A 150 30.55 2.73 17.40
C ILE A 150 29.96 4.08 17.02
N VAL A 151 29.95 4.37 15.71
CA VAL A 151 29.32 5.59 15.19
C VAL A 151 27.79 5.44 15.33
N VAL A 152 27.17 6.45 15.91
CA VAL A 152 25.73 6.41 16.16
C VAL A 152 25.02 7.50 15.36
N TYR A 153 23.90 7.14 14.72
CA TYR A 153 22.99 8.14 14.14
C TYR A 153 21.74 8.18 15.02
N SER A 154 21.53 9.30 15.70
CA SER A 154 20.39 9.49 16.58
CA SER A 154 20.39 9.44 16.58
C SER A 154 19.28 10.25 15.88
N VAL A 155 18.13 9.60 15.67
CA VAL A 155 17.04 10.21 14.92
C VAL A 155 16.19 11.19 15.74
N ASP A 156 16.17 12.46 15.34
CA ASP A 156 15.39 13.48 16.06
C ASP A 156 13.98 13.58 15.40
N TYR A 157 13.16 12.56 15.67
CA TYR A 157 11.88 12.41 14.98
C TYR A 157 10.79 13.38 15.47
N ARG A 158 9.79 13.65 14.62
CA ARG A 158 8.72 14.58 14.95
C ARG A 158 7.76 13.99 15.97
N MET A 159 7.23 14.85 16.82
CA MET A 159 6.38 14.37 17.90
C MET A 159 5.13 15.25 18.03
N PRO A 160 4.08 14.71 18.66
CA PRO A 160 2.93 15.51 19.10
C PRO A 160 3.36 16.58 20.14
N PRO A 161 2.51 17.59 20.39
CA PRO A 161 1.17 17.76 19.79
C PRO A 161 1.20 18.12 18.31
N ALA A 162 2.27 18.69 17.78
CA ALA A 162 2.22 19.16 16.37
C ALA A 162 2.14 18.00 15.38
N TYR A 163 2.89 16.93 15.67
CA TYR A 163 3.04 15.77 14.75
C TYR A 163 2.77 14.43 15.42
N PRO A 164 1.48 14.08 15.58
CA PRO A 164 1.12 12.78 16.15
C PRO A 164 1.49 11.62 15.25
N PHE A 165 1.25 10.42 15.76
CA PHE A 165 1.41 9.19 15.01
C PHE A 165 0.70 9.43 13.64
N PRO A 166 1.34 9.01 12.52
CA PRO A 166 2.55 8.20 12.39
C PRO A 166 3.78 9.02 11.98
N ALA A 167 3.81 10.30 12.32
CA ALA A 167 4.94 11.13 11.88
C ALA A 167 6.31 10.57 12.28
N ALA A 168 6.49 10.17 13.56
CA ALA A 168 7.78 9.67 13.99
C ALA A 168 8.20 8.42 13.20
N LEU A 169 7.22 7.55 12.96
CA LEU A 169 7.48 6.30 12.24
C LEU A 169 7.90 6.61 10.79
N ASP A 170 7.24 7.59 10.18
CA ASP A 170 7.63 7.99 8.83
C ASP A 170 9.07 8.52 8.82
N ASP A 171 9.45 9.27 9.85
CA ASP A 171 10.80 9.81 9.91
C ASP A 171 11.83 8.69 10.00
N VAL A 172 11.56 7.70 10.84
CA VAL A 172 12.50 6.58 10.99
C VAL A 172 12.63 5.83 9.65
N LYS A 173 11.49 5.60 9.01
CA LYS A 173 11.47 4.98 7.68
C LYS A 173 12.38 5.70 6.70
N HIS A 174 12.28 7.03 6.66
CA HIS A 174 13.09 7.80 5.71
C HIS A 174 14.58 7.69 5.98
N VAL A 175 14.95 7.76 7.27
CA VAL A 175 16.36 7.72 7.66
C VAL A 175 16.93 6.33 7.40
N TYR A 176 16.17 5.29 7.74
CA TYR A 176 16.64 3.95 7.44
C TYR A 176 16.86 3.69 5.96
N ARG A 177 15.94 4.14 5.10
CA ARG A 177 16.15 3.95 3.64
C ARG A 177 17.51 4.48 3.18
N VAL A 178 17.85 5.69 3.64
CA VAL A 178 19.09 6.30 3.21
C VAL A 178 20.31 5.61 3.80
N LEU A 179 20.26 5.34 5.11
CA LEU A 179 21.40 4.71 5.75
C LEU A 179 21.59 3.26 5.29
N SER A 180 20.50 2.53 5.05
CA SER A 180 20.61 1.14 4.60
CA SER A 180 20.62 1.14 4.62
C SER A 180 21.27 1.07 3.24
N GLN A 181 20.97 2.05 2.36
CA GLN A 181 21.61 2.14 1.06
C GLN A 181 23.11 2.36 1.19
N GLN A 182 23.47 3.25 2.12
CA GLN A 182 24.84 3.66 2.37
C GLN A 182 25.73 2.58 2.98
N TYR A 183 25.19 1.83 3.95
CA TYR A 183 25.97 0.84 4.71
C TYR A 183 25.68 -0.65 4.48
N ASP A 184 24.50 -0.96 3.91
CA ASP A 184 23.94 -2.33 3.79
C ASP A 184 23.22 -2.67 5.12
N ALA A 185 22.07 -3.31 5.03
CA ALA A 185 21.28 -3.61 6.24
C ALA A 185 22.06 -4.50 7.22
N ASN A 186 22.87 -5.41 6.69
CA ASN A 186 23.60 -6.34 7.57
C ASN A 186 24.77 -5.67 8.30
N HIS A 187 24.99 -4.38 8.01
CA HIS A 187 25.99 -3.62 8.75
C HIS A 187 25.32 -2.53 9.60
N ILE A 188 23.99 -2.59 9.73
CA ILE A 188 23.30 -1.65 10.59
C ILE A 188 22.76 -2.31 11.87
N PHE A 189 23.07 -1.72 13.02
CA PHE A 189 22.39 -2.12 14.27
C PHE A 189 21.40 -1.01 14.61
N MET A 190 20.29 -1.31 15.30
CA MET A 190 19.39 -0.23 15.70
C MET A 190 18.95 -0.48 17.15
N GLY A 191 18.70 0.59 17.88
CA GLY A 191 18.24 0.38 19.25
C GLY A 191 17.41 1.57 19.68
N GLY A 192 16.68 1.39 20.77
CA GLY A 192 15.93 2.49 21.31
C GLY A 192 15.44 2.14 22.71
N THR A 193 15.20 3.19 23.50
CA THR A 193 14.72 2.99 24.86
C THR A 193 13.34 3.60 24.97
N SER A 194 12.47 2.90 25.71
CA SER A 194 11.16 3.40 26.09
C SER A 194 10.35 3.63 24.81
N ALA A 195 9.78 4.82 24.62
CA ALA A 195 9.01 5.10 23.40
C ALA A 195 9.83 4.76 22.16
N GLY A 196 11.12 5.04 22.21
CA GLY A 196 11.98 4.76 21.06
C GLY A 196 12.11 3.25 20.80
N GLY A 197 12.10 2.47 21.88
CA GLY A 197 12.08 1.03 21.74
C GLY A 197 10.80 0.49 21.13
N GLY A 198 9.68 1.01 21.58
CA GLY A 198 8.39 0.68 20.97
C GLY A 198 8.35 1.08 19.49
N LEU A 199 8.76 2.30 19.20
CA LEU A 199 8.80 2.76 17.82
C LEU A 199 9.69 1.86 16.95
N LEU A 200 10.85 1.44 17.49
CA LEU A 200 11.76 0.56 16.73
C LEU A 200 11.10 -0.80 16.46
N LEU A 201 10.37 -1.37 17.44
CA LEU A 201 9.70 -2.67 17.22
C LEU A 201 8.61 -2.54 16.13
N ALA A 202 7.91 -1.40 16.17
CA ALA A 202 6.87 -1.15 15.17
C ALA A 202 7.50 -1.01 13.78
N PHE A 203 8.61 -0.28 13.76
CA PHE A 203 9.34 -0.04 12.52
C PHE A 203 9.80 -1.35 11.90
N VAL A 204 10.40 -2.19 12.74
CA VAL A 204 10.92 -3.45 12.20
C VAL A 204 9.77 -4.38 11.75
N GLN A 205 8.67 -4.42 12.48
CA GLN A 205 7.49 -5.16 12.00
C GLN A 205 7.07 -4.70 10.59
N GLY A 206 7.12 -3.39 10.37
CA GLY A 206 6.75 -2.84 9.09
C GLY A 206 7.71 -3.25 7.99
N LEU A 207 9.02 -3.28 8.28
CA LEU A 207 9.97 -3.74 7.27
C LEU A 207 9.65 -5.15 6.87
N ILE A 208 9.40 -5.97 7.88
CA ILE A 208 9.19 -7.39 7.60
C ILE A 208 7.91 -7.64 6.79
N GLU A 209 6.83 -6.91 7.12
CA GLU A 209 5.61 -7.14 6.33
C GLU A 209 5.71 -6.63 4.89
N ASN A 210 6.68 -5.76 4.62
CA ASN A 210 6.95 -5.29 3.26
C ASN A 210 8.13 -5.99 2.58
N GLY A 211 8.71 -6.99 3.24
CA GLY A 211 9.80 -7.77 2.66
C GLY A 211 11.08 -6.96 2.48
N VAL A 212 11.28 -5.97 3.35
CA VAL A 212 12.48 -5.11 3.29
C VAL A 212 13.55 -5.63 4.25
N ALA A 213 14.81 -5.71 3.78
CA ALA A 213 15.87 -6.27 4.64
C ALA A 213 15.96 -5.51 5.96
N THR A 214 16.01 -6.24 7.06
CA THR A 214 16.02 -5.67 8.40
C THR A 214 17.45 -5.40 8.87
N PRO A 215 17.60 -4.61 9.93
CA PRO A 215 18.94 -4.46 10.52
C PRO A 215 19.49 -5.81 11.05
N ARG A 216 20.81 -5.86 11.20
CA ARG A 216 21.50 -7.09 11.60
C ARG A 216 21.04 -7.60 12.96
N ALA A 217 20.88 -6.67 13.89
CA ALA A 217 20.45 -7.01 15.25
C ALA A 217 19.98 -5.71 15.90
N ILE A 218 19.19 -5.83 16.96
CA ILE A 218 18.56 -4.64 17.56
C ILE A 218 18.55 -4.76 19.06
N TYR A 219 18.36 -3.61 19.70
CA TYR A 219 18.28 -3.47 21.15
C TYR A 219 17.00 -2.73 21.50
N ALA A 220 16.23 -3.25 22.45
CA ALA A 220 15.08 -2.53 22.97
C ALA A 220 15.21 -2.41 24.46
N GLY A 221 15.39 -1.18 24.92
CA GLY A 221 15.60 -0.92 26.33
C GLY A 221 14.28 -0.48 26.91
N THR A 222 13.79 -1.26 27.88
CA THR A 222 12.49 -1.01 28.55
C THR A 222 11.47 -0.41 27.53
N PRO A 223 11.21 -1.17 26.46
CA PRO A 223 10.38 -0.60 25.38
C PRO A 223 8.94 -0.30 25.83
N TRP A 224 8.35 0.78 25.34
CA TRP A 224 6.90 0.98 25.51
C TRP A 224 6.20 0.17 24.40
N ALA A 225 5.95 -1.11 24.66
CA ALA A 225 5.49 -1.99 23.58
C ALA A 225 3.98 -2.06 23.56
N ASP A 226 3.36 -1.50 24.61
CA ASP A 226 1.89 -1.51 24.69
C ASP A 226 1.44 -0.23 25.37
N LEU A 227 0.73 0.66 24.64
CA LEU A 227 0.37 1.94 25.15
C LEU A 227 -0.84 1.85 26.08
N THR A 228 -1.54 0.70 26.07
CA THR A 228 -2.66 0.51 27.02
C THR A 228 -2.13 0.13 28.40
N LYS A 229 -2.99 0.21 29.41
CA LYS A 229 -2.56 -0.18 30.78
C LYS A 229 -2.84 -1.67 31.01
N THR A 230 -2.02 -2.48 30.38
CA THR A 230 -2.21 -3.93 30.32
C THR A 230 -1.11 -4.70 31.05
N GLY A 231 0.15 -4.26 30.93
CA GLY A 231 1.23 -4.96 31.61
C GLY A 231 1.03 -4.96 33.11
N ASP A 232 1.17 -6.13 33.71
CA ASP A 232 0.91 -6.24 35.14
C ASP A 232 1.77 -5.30 36.00
N SER A 233 3.01 -5.11 35.61
CA SER A 233 3.96 -4.31 36.38
C SER A 233 3.55 -2.82 36.35
N LEU A 234 2.65 -2.41 35.43
CA LEU A 234 2.14 -1.02 35.50
C LEU A 234 1.33 -0.85 36.79
N TYR A 235 0.71 -1.93 37.25
CA TYR A 235 -0.03 -1.91 38.52
C TYR A 235 0.92 -2.24 39.68
N THR A 236 1.71 -3.31 39.53
CA THR A 236 2.45 -3.78 40.72
C THR A 236 3.67 -2.90 41.03
N ASN A 237 4.28 -2.29 40.03
CA ASN A 237 5.38 -1.39 40.32
C ASN A 237 4.97 0.07 40.31
N GLU A 238 3.68 0.32 40.36
CA GLU A 238 3.21 1.71 40.61
C GLU A 238 3.74 2.18 41.97
N GLY A 239 4.34 3.38 42.03
CA GLY A 239 4.81 3.85 43.33
C GLY A 239 6.11 3.16 43.76
N ILE A 240 6.68 2.37 42.86
CA ILE A 240 7.94 1.68 43.13
C ILE A 240 8.97 2.10 42.06
N ASP A 241 8.52 2.08 40.79
CA ASP A 241 9.29 2.63 39.69
C ASP A 241 9.44 4.14 39.94
N ARG A 242 10.66 4.62 40.16
CA ARG A 242 10.89 6.04 40.58
C ARG A 242 10.93 7.00 39.41
N ILE A 243 10.93 6.44 38.20
CA ILE A 243 10.93 7.28 36.99
C ILE A 243 9.53 7.46 36.38
N LEU A 244 8.80 6.36 36.15
CA LEU A 244 7.43 6.48 35.60
C LEU A 244 6.34 6.76 36.65
N ILE A 245 6.51 6.20 37.85
CA ILE A 245 5.63 6.36 39.02
C ILE A 245 4.23 5.74 38.87
N THR A 246 3.54 6.14 37.81
CA THR A 246 2.16 5.67 37.56
C THR A 246 1.84 5.85 36.09
N TYR A 247 0.97 5.00 35.55
CA TYR A 247 0.45 5.19 34.20
C TYR A 247 -0.48 6.39 34.17
N ASP A 248 -1.19 6.62 35.29
CA ASP A 248 -2.40 7.44 35.22
C ASP A 248 -2.14 8.93 35.36
N GLY A 249 -0.92 9.37 35.04
CA GLY A 249 -0.65 10.80 34.89
C GLY A 249 -0.26 11.20 33.47
N THR A 250 0.87 11.87 33.35
CA THR A 250 1.33 12.30 32.03
C THR A 250 1.66 11.13 31.13
N LEU A 251 1.97 9.93 31.67
CA LEU A 251 2.33 8.83 30.77
C LEU A 251 1.15 8.42 29.87
N GLY A 252 0.02 8.07 30.48
CA GLY A 252 -1.13 7.68 29.71
C GLY A 252 -1.62 8.84 28.86
N ALA A 253 -1.49 10.05 29.36
CA ALA A 253 -1.89 11.19 28.53
C ALA A 253 -1.01 11.35 27.30
N SER A 254 0.30 11.12 27.45
CA SER A 254 1.22 11.23 26.33
C SER A 254 0.88 10.18 25.26
N ALA A 255 0.57 8.96 25.73
CA ALA A 255 0.10 7.89 24.81
C ALA A 255 -1.09 8.36 23.99
N ARG A 256 -2.07 8.95 24.66
CA ARG A 256 -3.28 9.38 23.96
CA ARG A 256 -3.30 9.40 23.99
C ARG A 256 -3.02 10.55 23.02
N LEU A 257 -2.08 11.43 23.38
CA LEU A 257 -1.72 12.56 22.54
C LEU A 257 -1.08 12.07 21.25
N TYR A 258 -0.20 11.08 21.41
CA TYR A 258 0.55 10.51 20.27
C TYR A 258 -0.40 9.76 19.33
N ALA A 259 -1.29 8.99 19.92
CA ALA A 259 -2.23 8.15 19.17
C ALA A 259 -3.31 8.94 18.43
N GLY A 260 -3.77 10.05 19.01
CA GLY A 260 -4.84 10.82 18.37
C GLY A 260 -6.10 9.95 18.31
N ASN A 261 -6.76 9.84 17.16
CA ASN A 261 -7.95 8.99 17.17
C ASN A 261 -7.69 7.51 16.79
N THR A 262 -6.42 7.13 16.61
CA THR A 262 -6.05 5.73 16.38
C THR A 262 -6.22 4.93 17.67
N PRO A 263 -6.95 3.79 17.62
CA PRO A 263 -7.08 2.99 18.85
C PRO A 263 -5.73 2.55 19.35
N LEU A 264 -5.57 2.48 20.67
CA LEU A 264 -4.25 2.29 21.26
C LEU A 264 -3.65 0.92 20.97
N THR A 265 -4.49 -0.07 20.60
CA THR A 265 -4.01 -1.41 20.34
C THR A 265 -3.50 -1.57 18.89
N HIS A 266 -3.55 -0.51 18.09
CA HIS A 266 -2.98 -0.55 16.71
C HIS A 266 -1.53 -1.02 16.86
N PRO A 267 -1.12 -2.04 16.11
CA PRO A 267 0.21 -2.63 16.32
C PRO A 267 1.36 -1.67 16.01
N LYS A 268 1.14 -0.63 15.21
CA LYS A 268 2.24 0.30 15.00
C LYS A 268 2.36 1.33 16.16
N LEU A 269 1.34 1.39 17.01
CA LEU A 269 1.40 2.09 18.32
C LEU A 269 1.86 1.17 19.45
N SER A 270 1.30 -0.04 19.44
CA SER A 270 1.54 -1.05 20.48
C SER A 270 2.01 -2.33 19.85
N PRO A 271 3.32 -2.39 19.56
CA PRO A 271 3.81 -3.50 18.72
C PRO A 271 3.74 -4.86 19.42
N ILE A 272 3.46 -4.90 20.72
CA ILE A 272 3.17 -6.21 21.30
C ILE A 272 2.04 -6.97 20.55
N TYR A 273 1.11 -6.23 19.93
CA TYR A 273 -0.01 -6.85 19.22
C TYR A 273 0.32 -7.15 17.77
N GLY A 274 1.56 -6.91 17.36
CA GLY A 274 1.98 -7.27 16.00
C GLY A 274 2.65 -8.64 16.02
N ASP A 275 3.29 -8.99 14.91
CA ASP A 275 3.89 -10.30 14.69
C ASP A 275 5.41 -10.13 14.79
N PHE A 276 6.07 -11.00 15.54
CA PHE A 276 7.51 -10.89 15.67
C PHE A 276 8.28 -11.91 14.85
N THR A 277 7.57 -12.73 14.06
CA THR A 277 8.22 -13.68 13.18
C THR A 277 9.24 -12.97 12.27
N ASP A 278 10.43 -13.59 12.11
CA ASP A 278 11.53 -13.11 11.28
C ASP A 278 12.27 -11.88 11.85
N PHE A 279 12.05 -11.56 13.13
CA PHE A 279 12.81 -10.44 13.71
C PHE A 279 14.27 -10.80 13.81
N PRO A 280 15.14 -9.79 13.64
CA PRO A 280 16.56 -9.99 13.88
C PRO A 280 16.81 -10.24 15.39
N PRO A 281 18.00 -10.77 15.73
CA PRO A 281 18.34 -11.02 17.15
C PRO A 281 18.17 -9.74 17.94
N THR A 282 17.55 -9.87 19.13
CA THR A 282 17.16 -8.70 19.90
C THR A 282 17.69 -8.81 21.30
N PHE A 283 18.29 -7.72 21.76
CA PHE A 283 18.73 -7.58 23.17
C PHE A 283 17.72 -6.73 23.92
N LEU A 284 17.16 -7.26 25.03
CA LEU A 284 16.13 -6.55 25.78
C LEU A 284 16.60 -6.27 27.18
N VAL A 285 16.40 -5.04 27.64
CA VAL A 285 16.86 -4.68 29.00
C VAL A 285 15.69 -4.20 29.83
N THR A 286 15.64 -4.59 31.10
CA THR A 286 14.63 -4.00 32.00
C THR A 286 15.12 -4.22 33.43
N GLY A 287 14.27 -3.94 34.41
CA GLY A 287 14.69 -4.04 35.82
C GLY A 287 13.54 -4.49 36.70
N THR A 288 13.85 -4.96 37.91
CA THR A 288 12.76 -5.56 38.72
C THR A 288 11.74 -4.54 39.21
N ARG A 289 12.16 -3.27 39.33
CA ARG A 289 11.22 -2.22 39.74
C ARG A 289 10.56 -1.52 38.56
N ASP A 290 10.86 -1.97 37.34
CA ASP A 290 10.44 -1.24 36.13
C ASP A 290 8.92 -1.41 35.90
N MET A 291 8.21 -0.33 35.74
CA MET A 291 6.81 -0.46 35.34
C MET A 291 6.66 -1.03 33.93
N PHE A 292 7.72 -0.99 33.15
CA PHE A 292 7.66 -1.67 31.85
C PHE A 292 8.34 -3.06 31.88
N LEU A 293 8.57 -3.60 33.07
CA LEU A 293 9.06 -5.00 33.17
C LEU A 293 8.14 -5.93 32.37
N SER A 294 6.85 -5.78 32.61
CA SER A 294 5.88 -6.65 31.96
C SER A 294 5.91 -6.53 30.42
N ASP A 295 5.82 -5.30 29.90
CA ASP A 295 5.89 -5.09 28.44
C ASP A 295 7.16 -5.73 27.90
N THR A 296 8.28 -5.58 28.61
CA THR A 296 9.54 -6.09 28.10
C THR A 296 9.48 -7.63 28.01
N VAL A 297 8.99 -8.25 29.07
CA VAL A 297 9.03 -9.72 29.07
C VAL A 297 7.90 -10.27 28.18
N ARG A 298 6.85 -9.49 27.96
CA ARG A 298 5.83 -9.91 26.99
C ARG A 298 6.42 -9.96 25.60
N VAL A 299 7.20 -8.92 25.27
CA VAL A 299 7.88 -8.87 23.96
C VAL A 299 8.84 -10.07 23.88
N ASN A 300 9.62 -10.27 24.92
CA ASN A 300 10.55 -11.41 24.91
C ASN A 300 9.84 -12.74 24.63
N ARG A 301 8.72 -12.94 25.33
CA ARG A 301 8.01 -14.21 25.17
CA ARG A 301 7.91 -14.15 25.19
C ARG A 301 7.43 -14.33 23.76
N LYS A 302 6.89 -13.27 23.19
CA LYS A 302 6.39 -13.44 21.81
C LYS A 302 7.52 -13.67 20.81
N MET A 303 8.64 -13.00 21.03
CA MET A 303 9.82 -13.24 20.18
C MET A 303 10.30 -14.67 20.25
N ARG A 304 10.44 -15.20 21.47
CA ARG A 304 10.89 -16.59 21.61
C ARG A 304 9.89 -17.57 21.01
N ASP A 305 8.60 -17.32 21.19
CA ASP A 305 7.61 -18.18 20.61
C ASP A 305 7.63 -18.12 19.07
N ALA A 306 8.13 -17.04 18.51
CA ALA A 306 8.22 -16.89 17.05
C ALA A 306 9.60 -17.30 16.49
N GLY A 307 10.43 -17.91 17.33
CA GLY A 307 11.72 -18.45 16.90
C GLY A 307 12.84 -17.40 16.82
N VAL A 308 12.60 -16.22 17.41
CA VAL A 308 13.57 -15.10 17.35
C VAL A 308 14.67 -15.35 18.38
N THR A 309 15.92 -15.04 18.05
CA THR A 309 17.02 -15.08 19.04
C THR A 309 16.96 -13.87 19.94
N THR A 310 16.88 -14.08 21.26
CA THR A 310 16.87 -12.93 22.16
C THR A 310 17.82 -13.15 23.34
N VAL A 311 18.24 -12.04 23.91
CA VAL A 311 18.91 -12.07 25.18
C VAL A 311 18.15 -11.09 26.06
N LEU A 312 17.73 -11.57 27.22
CA LEU A 312 16.96 -10.76 28.17
C LEU A 312 17.86 -10.45 29.34
N ASP A 313 18.00 -9.18 29.66
CA ASP A 313 18.92 -8.82 30.76
C ASP A 313 18.09 -7.98 31.74
N VAL A 314 17.80 -8.53 32.92
CA VAL A 314 16.98 -7.82 33.92
C VAL A 314 17.90 -7.44 35.08
N TYR A 315 17.81 -6.18 35.53
CA TYR A 315 18.70 -5.70 36.62
C TYR A 315 17.95 -5.55 37.91
N GLU A 316 18.55 -6.05 38.98
CA GLU A 316 17.96 -5.95 40.32
C GLU A 316 17.72 -4.49 40.75
N GLY A 317 16.51 -4.17 41.21
CA GLY A 317 16.31 -2.90 41.88
C GLY A 317 16.08 -1.75 40.91
N LEU A 318 16.21 -2.01 39.62
CA LEU A 318 16.18 -0.95 38.62
C LEU A 318 14.78 -0.60 38.12
N SER A 319 14.54 0.69 38.03
CA SER A 319 13.30 1.27 37.47
C SER A 319 13.44 1.53 35.98
N HIS A 320 12.34 1.96 35.35
CA HIS A 320 12.35 2.32 33.93
C HIS A 320 13.52 3.24 33.55
N ALA A 321 14.38 2.76 32.65
CA ALA A 321 15.48 3.57 32.08
C ALA A 321 16.46 4.06 33.16
N ASP A 322 16.52 3.38 34.30
CA ASP A 322 17.43 3.85 35.36
C ASP A 322 18.90 3.87 34.93
N TYR A 323 19.24 3.01 33.97
CA TYR A 323 20.62 2.96 33.39
C TYR A 323 20.95 4.20 32.55
N LEU A 324 19.92 4.96 32.17
CA LEU A 324 20.09 6.29 31.52
C LEU A 324 20.08 7.43 32.51
N VAL A 325 19.08 7.41 33.39
CA VAL A 325 18.94 8.45 34.39
C VAL A 325 20.14 8.55 35.30
N SER A 326 20.59 7.38 35.78
CA SER A 326 21.80 7.30 36.58
C SER A 326 22.90 6.51 35.84
N HIS A 327 23.53 7.14 34.86
CA HIS A 327 24.39 6.38 33.95
C HIS A 327 25.81 6.16 34.49
N GLN A 328 26.18 6.86 35.56
CA GLN A 328 27.52 6.67 36.14
C GLN A 328 27.46 5.69 37.31
N THR A 329 26.98 4.50 37.01
CA THR A 329 26.85 3.41 37.99
C THR A 329 27.40 2.16 37.37
N PRO A 330 27.87 1.22 38.19
CA PRO A 330 28.26 -0.09 37.67
C PRO A 330 27.11 -0.78 36.90
N GLU A 331 25.88 -0.62 37.38
CA GLU A 331 24.71 -1.20 36.69
C GLU A 331 24.58 -0.69 35.26
N SER A 332 24.68 0.62 35.10
CA SER A 332 24.55 1.20 33.77
C SER A 332 25.70 0.71 32.86
N GLN A 333 26.93 0.70 33.39
CA GLN A 333 28.07 0.22 32.60
C GLN A 333 27.82 -1.22 32.17
N SER A 334 27.20 -2.00 33.05
CA SER A 334 26.98 -3.38 32.73
C SER A 334 26.01 -3.55 31.57
N VAL A 335 24.97 -2.72 31.55
CA VAL A 335 24.02 -2.77 30.46
C VAL A 335 24.72 -2.68 29.11
N TYR A 336 25.58 -1.67 28.95
CA TYR A 336 26.24 -1.44 27.67
C TYR A 336 27.36 -2.43 27.42
N ARG A 337 28.00 -2.95 28.47
CA ARG A 337 28.98 -3.98 28.29
C ARG A 337 28.32 -5.23 27.70
N GLN A 338 27.14 -5.59 28.22
CA GLN A 338 26.40 -6.76 27.75
C GLN A 338 25.84 -6.52 26.37
N LEU A 339 25.37 -5.31 26.11
CA LEU A 339 24.93 -4.98 24.75
C LEU A 339 26.09 -5.09 23.75
N LYS A 340 27.25 -4.57 24.14
CA LYS A 340 28.39 -4.64 23.24
C LYS A 340 28.75 -6.11 22.91
N ARG A 341 28.80 -6.94 23.95
CA ARG A 341 29.09 -8.36 23.76
C ARG A 341 28.09 -8.98 22.76
N PHE A 342 26.80 -8.65 22.91
CA PHE A 342 25.73 -9.19 22.06
C PHE A 342 25.93 -8.79 20.59
N LEU A 343 26.13 -7.50 20.37
CA LEU A 343 26.31 -7.02 19.02
C LEU A 343 27.64 -7.44 18.42
N VAL A 344 28.70 -7.54 19.20
CA VAL A 344 29.99 -7.94 18.61
C VAL A 344 29.83 -9.36 17.99
N GLY A 345 29.01 -10.19 18.63
CA GLY A 345 28.73 -11.52 18.13
C GLY A 345 28.08 -11.57 16.74
N PHE A 346 27.60 -10.44 16.25
CA PHE A 346 26.92 -10.40 14.95
C PHE A 346 27.66 -9.58 13.90
N THR A 347 28.95 -9.33 14.11
CA THR A 347 29.72 -8.54 13.17
C THR A 347 30.40 -9.43 12.15
N GLU B 31 -7.03 -1.65 43.10
CA GLU B 31 -5.86 -2.43 43.53
C GLU B 31 -5.09 -3.09 42.36
N VAL B 32 -4.83 -4.40 42.41
CA VAL B 32 -4.19 -5.09 41.30
C VAL B 32 -5.07 -6.19 40.68
N PRO B 33 -5.54 -5.96 39.44
CA PRO B 33 -6.31 -6.96 38.68
C PRO B 33 -5.53 -8.23 38.34
N ILE B 34 -6.25 -9.31 38.00
CA ILE B 34 -5.64 -10.47 37.39
C ILE B 34 -4.92 -9.97 36.13
N PRO B 35 -3.67 -10.39 35.92
CA PRO B 35 -2.88 -9.90 34.77
C PRO B 35 -3.66 -10.06 33.48
N GLN B 36 -3.85 -8.98 32.74
CA GLN B 36 -4.81 -9.07 31.65
C GLN B 36 -4.30 -9.82 30.44
N SER B 37 -2.98 -9.87 30.27
CA SER B 37 -2.44 -10.49 29.05
C SER B 37 -2.12 -11.97 29.15
N ILE B 38 -2.27 -12.57 30.33
CA ILE B 38 -1.92 -13.99 30.45
C ILE B 38 -2.99 -14.88 29.89
N SER B 39 -2.68 -16.18 29.79
CA SER B 39 -3.64 -17.09 29.15
C SER B 39 -4.94 -17.15 29.95
N ALA B 40 -6.03 -17.39 29.23
CA ALA B 40 -7.31 -17.61 29.92
C ALA B 40 -7.24 -18.77 30.92
N GLU B 41 -6.41 -19.79 30.64
CA GLU B 41 -6.24 -20.90 31.56
C GLU B 41 -5.60 -20.47 32.87
N PHE B 42 -4.57 -19.64 32.74
CA PHE B 42 -3.85 -19.13 33.92
C PHE B 42 -4.74 -18.12 34.68
N LYS B 43 -5.51 -17.29 33.96
CA LYS B 43 -6.47 -16.41 34.64
C LYS B 43 -7.47 -17.20 35.45
N ALA B 44 -7.98 -18.29 34.90
CA ALA B 44 -8.87 -19.14 35.66
C ALA B 44 -8.20 -19.74 36.92
N ALA B 45 -6.96 -20.17 36.77
CA ALA B 45 -6.20 -20.69 37.92
C ALA B 45 -6.04 -19.62 39.02
N LEU B 46 -5.72 -18.40 38.62
CA LEU B 46 -5.53 -17.35 39.62
C LEU B 46 -6.84 -16.98 40.30
N ALA B 47 -7.96 -16.99 39.54
CA ALA B 47 -9.25 -16.63 40.12
C ALA B 47 -9.69 -17.64 41.17
N GLN B 48 -9.18 -18.85 41.11
CA GLN B 48 -9.81 -19.81 42.00
C GLN B 48 -9.20 -19.83 43.39
N TYR B 49 -8.00 -19.29 43.58
CA TYR B 49 -7.51 -19.15 44.95
C TYR B 49 -7.93 -17.78 45.49
N PRO B 50 -8.36 -17.72 46.77
CA PRO B 50 -8.53 -16.38 47.36
C PRO B 50 -7.15 -15.72 47.46
N THR B 51 -7.06 -14.40 47.36
CA THR B 51 -5.78 -13.73 47.63
C THR B 51 -5.42 -13.95 49.11
N PRO B 52 -4.43 -14.83 49.39
CA PRO B 52 -4.26 -15.14 50.81
C PRO B 52 -3.69 -13.95 51.59
N SER B 53 -3.75 -14.12 52.89
CA SER B 53 -3.54 -13.04 53.80
C SER B 53 -2.05 -12.87 54.07
N VAL B 54 -1.49 -11.69 53.83
CA VAL B 54 -0.12 -11.44 54.32
C VAL B 54 -0.08 -11.57 55.82
N GLU B 55 -1.11 -11.04 56.49
CA GLU B 55 -1.19 -11.09 57.95
C GLU B 55 -1.12 -12.52 58.46
N GLU B 56 -1.92 -13.38 57.86
CA GLU B 56 -1.98 -14.75 58.37
C GLU B 56 -0.75 -15.58 57.96
N ALA B 57 -0.12 -15.22 56.81
CA ALA B 57 1.09 -15.91 56.45
C ALA B 57 2.23 -15.47 57.38
N ARG B 58 2.29 -14.17 57.70
CA ARG B 58 3.37 -13.66 58.56
C ARG B 58 3.33 -14.27 59.97
N SER B 59 2.14 -14.44 60.52
CA SER B 59 2.02 -14.93 61.90
CA SER B 59 2.00 -14.93 61.91
C SER B 59 2.22 -16.43 62.02
N PHE B 60 2.17 -17.14 60.90
CA PHE B 60 2.33 -18.61 60.98
C PHE B 60 3.82 -19.03 61.09
N VAL B 61 4.29 -19.24 62.32
CA VAL B 61 5.70 -19.62 62.54
C VAL B 61 5.80 -20.74 63.58
N PRO B 62 6.13 -21.97 63.13
CA PRO B 62 6.34 -23.06 64.12
C PRO B 62 7.45 -22.71 65.08
N THR B 63 7.30 -22.99 66.38
CA THR B 63 8.39 -22.76 67.31
C THR B 63 8.77 -23.99 68.12
N THR B 64 7.98 -25.04 68.03
CA THR B 64 8.38 -26.27 68.72
C THR B 64 8.55 -27.44 67.76
N ALA B 65 9.16 -28.51 68.28
CA ALA B 65 9.44 -29.65 67.46
C ALA B 65 8.13 -30.26 66.96
N ALA B 66 7.12 -30.28 67.82
CA ALA B 66 5.85 -30.89 67.45
C ALA B 66 5.15 -30.05 66.37
N GLN B 67 5.28 -28.73 66.47
CA GLN B 67 4.69 -27.84 65.46
C GLN B 67 5.36 -27.95 64.06
N TRP B 68 6.67 -28.05 64.05
CA TRP B 68 7.34 -28.30 62.79
C TRP B 68 6.97 -29.66 62.22
N ARG B 69 6.96 -30.68 63.07
CA ARG B 69 6.72 -32.04 62.61
C ARG B 69 5.32 -32.12 62.00
N ASP B 70 4.33 -31.53 62.66
CA ASP B 70 2.99 -31.73 62.14
C ASP B 70 2.73 -30.87 60.88
N TYR B 71 3.27 -29.67 60.85
CA TYR B 71 3.19 -28.87 59.61
C TYR B 71 3.76 -29.68 58.45
N VAL B 72 4.95 -30.24 58.64
CA VAL B 72 5.59 -30.99 57.56
C VAL B 72 4.79 -32.25 57.18
N GLN B 73 4.40 -33.06 58.18
CA GLN B 73 3.76 -34.35 57.90
C GLN B 73 2.39 -34.12 57.23
N ALA B 74 1.65 -33.09 57.68
CA ALA B 74 0.30 -32.87 57.12
C ALA B 74 0.40 -32.33 55.70
N THR B 75 1.36 -31.42 55.49
CA THR B 75 1.55 -30.87 54.16
C THR B 75 1.95 -31.98 53.20
N ASN B 76 2.81 -32.89 53.65
CA ASN B 76 3.31 -33.93 52.75
C ASN B 76 2.17 -34.89 52.39
N LYS B 77 1.32 -35.18 53.37
CA LYS B 77 0.20 -36.11 53.13
C LYS B 77 -0.74 -35.56 52.06
N MET B 78 -1.05 -34.28 52.15
CA MET B 78 -1.84 -33.61 51.12
C MET B 78 -1.22 -33.74 49.74
N GLN B 79 0.09 -33.56 49.67
CA GLN B 79 0.76 -33.52 48.37
C GLN B 79 0.85 -34.92 47.72
N LYS B 80 0.91 -35.95 48.55
CA LYS B 80 1.04 -37.31 48.05
C LYS B 80 -0.11 -37.69 47.11
N THR B 81 -1.31 -37.25 47.42
CA THR B 81 -2.45 -37.46 46.51
C THR B 81 -2.32 -36.82 45.09
N LYS B 82 -1.89 -35.56 45.05
CA LYS B 82 -1.48 -34.92 43.78
C LYS B 82 -0.47 -35.78 43.00
N ILE B 83 0.56 -36.25 43.68
CA ILE B 83 1.59 -37.03 42.96
C ILE B 83 1.00 -38.31 42.35
N LYS B 84 0.17 -39.03 43.12
CA LYS B 84 -0.46 -40.24 42.60
C LYS B 84 -1.23 -39.97 41.32
N ASN B 85 -1.99 -38.89 41.32
CA ASN B 85 -2.78 -38.54 40.15
C ASN B 85 -1.86 -38.20 38.98
N MET B 86 -0.81 -37.42 39.26
CA MET B 86 0.12 -37.06 38.17
C MET B 86 0.80 -38.26 37.59
N ARG B 87 1.18 -39.19 38.45
CA ARG B 87 1.86 -40.36 37.99
C ARG B 87 0.93 -41.14 37.03
N LYS B 88 -0.32 -41.30 37.44
CA LYS B 88 -1.27 -42.04 36.60
C LYS B 88 -1.58 -41.29 35.32
N HIS B 89 -1.83 -39.99 35.43
CA HIS B 89 -2.07 -39.13 34.28
C HIS B 89 -0.98 -39.29 33.22
N TYR B 90 0.27 -39.08 33.60
CA TYR B 90 1.33 -39.10 32.57
C TYR B 90 1.89 -40.50 32.28
N GLY B 91 1.58 -41.47 33.12
CA GLY B 91 1.95 -42.84 32.83
C GLY B 91 3.44 -43.12 33.02
N VAL B 92 4.12 -42.25 33.77
CA VAL B 92 5.53 -42.44 34.06
C VAL B 92 5.71 -43.57 35.04
N THR B 93 6.81 -44.31 34.91
CA THR B 93 7.16 -45.25 35.98
C THR B 93 7.96 -44.52 37.03
N VAL B 94 7.78 -44.92 38.29
CA VAL B 94 8.54 -44.33 39.39
C VAL B 94 9.15 -45.49 40.16
N GLU B 95 10.48 -45.54 40.15
CA GLU B 95 11.19 -46.67 40.74
C GLU B 95 11.96 -46.16 41.93
N LEU B 96 11.70 -46.75 43.10
CA LEU B 96 12.38 -46.33 44.31
C LEU B 96 13.74 -46.99 44.45
N LEU B 97 14.79 -46.17 44.52
CA LEU B 97 16.15 -46.65 44.63
C LEU B 97 16.84 -46.18 45.91
N ASP B 98 17.90 -46.88 46.28
CA ASP B 98 18.85 -46.34 47.25
C ASP B 98 20.16 -46.16 46.53
N ILE B 99 20.68 -44.94 46.55
CA ILE B 99 21.99 -44.70 45.97
C ILE B 99 22.94 -44.24 47.06
N LYS B 100 23.83 -45.15 47.50
CA LYS B 100 24.82 -44.83 48.55
C LYS B 100 24.11 -44.22 49.76
N GLY B 101 22.98 -44.81 50.12
CA GLY B 101 22.28 -44.42 51.34
C GLY B 101 21.28 -43.30 51.18
N VAL B 102 21.26 -42.70 49.98
CA VAL B 102 20.28 -41.65 49.64
C VAL B 102 19.09 -42.22 48.89
N THR B 103 17.89 -41.89 49.33
CA THR B 103 16.68 -42.27 48.62
C THR B 103 16.57 -41.46 47.36
N VAL B 104 16.36 -42.16 46.26
CA VAL B 104 16.24 -41.49 44.96
C VAL B 104 15.09 -42.16 44.22
N ARG B 105 14.27 -41.38 43.51
CA ARG B 105 13.22 -42.01 42.69
C ARG B 105 13.52 -41.81 41.19
N LYS B 106 13.56 -42.89 40.46
CA LYS B 106 13.86 -42.80 39.01
C LYS B 106 12.53 -42.78 38.28
N ILE B 107 12.35 -41.77 37.45
CA ILE B 107 11.08 -41.46 36.79
C ILE B 107 11.30 -41.62 35.29
N THR B 108 10.59 -42.54 34.66
CA THR B 108 10.77 -42.82 33.21
C THR B 108 9.48 -42.57 32.46
N PRO B 109 9.52 -41.71 31.46
CA PRO B 109 8.29 -41.41 30.71
C PRO B 109 7.96 -42.54 29.73
N LYS B 110 6.76 -42.47 29.18
CA LYS B 110 6.35 -43.52 28.26
C LYS B 110 7.23 -43.61 27.04
N SER B 111 7.62 -42.46 26.51
CA SER B 111 8.63 -42.49 25.47
C SER B 111 9.64 -41.39 25.69
N LEU B 112 10.83 -41.64 25.15
CA LEU B 112 11.98 -40.74 25.36
C LEU B 112 12.25 -39.91 24.12
N SER B 113 12.74 -38.71 24.31
CA SER B 113 13.14 -37.94 23.13
C SER B 113 14.46 -38.45 22.60
N PRO B 114 14.57 -38.64 21.27
CA PRO B 114 15.82 -39.18 20.73
C PRO B 114 17.04 -38.30 21.04
N GLU B 115 16.82 -36.98 21.17
CA GLU B 115 17.91 -36.05 21.46
C GLU B 115 18.55 -36.36 22.80
N PHE B 116 17.78 -36.94 23.72
CA PHE B 116 18.32 -37.22 25.06
C PHE B 116 18.78 -38.65 25.29
N LYS B 117 18.94 -39.43 24.21
CA LYS B 117 19.49 -40.78 24.36
C LYS B 117 20.84 -40.67 25.06
N ASP B 118 21.07 -41.53 26.03
CA ASP B 118 22.29 -41.55 26.84
C ASP B 118 22.55 -40.29 27.69
N HIS B 119 21.55 -39.44 27.85
CA HIS B 119 21.58 -38.38 28.87
C HIS B 119 20.54 -38.67 29.95
N VAL B 120 20.80 -38.19 31.15
CA VAL B 120 19.82 -38.24 32.23
C VAL B 120 19.76 -36.90 32.91
N TYR B 121 18.71 -36.72 33.72
CA TYR B 121 18.44 -35.48 34.39
C TYR B 121 18.32 -35.74 35.90
N ILE B 122 19.05 -34.99 36.70
CA ILE B 122 18.95 -35.13 38.17
C ILE B 122 18.17 -33.97 38.69
N ASP B 123 17.03 -34.29 39.33
CA ASP B 123 16.12 -33.26 39.84
C ASP B 123 16.32 -33.10 41.34
N ILE B 124 16.44 -31.86 41.78
CA ILE B 124 16.54 -31.52 43.21
CA ILE B 124 16.57 -31.50 43.20
C ILE B 124 15.33 -30.71 43.61
N HIS B 125 14.41 -31.33 44.34
CA HIS B 125 13.10 -30.71 44.56
C HIS B 125 13.12 -29.52 45.51
N GLY B 126 12.08 -28.71 45.44
CA GLY B 126 11.92 -27.59 46.37
C GLY B 126 11.06 -27.90 47.59
N GLY B 127 10.72 -26.87 48.37
CA GLY B 127 9.95 -27.13 49.59
C GLY B 127 10.56 -26.39 50.75
N ALA B 128 11.28 -25.31 50.44
CA ALA B 128 11.84 -24.40 51.47
C ALA B 128 12.74 -25.08 52.52
N TYR B 129 13.37 -26.16 52.10
CA TYR B 129 14.28 -27.00 52.90
C TYR B 129 13.58 -27.75 54.04
N VAL B 130 12.22 -27.76 54.06
CA VAL B 130 11.51 -28.55 55.08
C VAL B 130 10.40 -29.45 54.53
N LEU B 131 9.82 -29.07 53.38
CA LEU B 131 8.68 -29.83 52.83
C LEU B 131 9.07 -30.83 51.74
N PHE B 132 8.22 -31.84 51.62
CA PHE B 132 8.03 -32.67 50.41
C PHE B 132 9.05 -33.78 50.33
N ALA B 133 9.51 -34.22 51.49
CA ALA B 133 10.22 -35.50 51.55
C ALA B 133 9.31 -36.64 51.09
N GLY B 134 9.90 -37.75 50.62
CA GLY B 134 9.14 -38.92 50.20
C GLY B 134 8.55 -38.75 48.81
N LEU B 135 7.48 -39.49 48.50
CA LEU B 135 6.84 -39.36 47.18
C LEU B 135 6.47 -37.94 46.76
N PRO B 136 6.04 -37.06 47.69
CA PRO B 136 5.79 -35.68 47.29
C PRO B 136 6.96 -34.97 46.64
N SER B 137 8.17 -35.51 46.76
CA SER B 137 9.35 -34.85 46.15
C SER B 137 9.35 -34.81 44.63
N ILE B 138 8.49 -35.62 43.98
CA ILE B 138 8.79 -35.84 42.56
C ILE B 138 7.91 -35.01 41.63
N GLU B 139 7.23 -33.98 42.14
CA GLU B 139 6.25 -33.23 41.30
C GLU B 139 6.89 -32.67 40.02
N GLU B 140 7.95 -31.88 40.17
CA GLU B 140 8.61 -31.33 38.97
C GLU B 140 9.28 -32.44 38.18
N GLY B 141 9.85 -33.41 38.88
CA GLY B 141 10.51 -34.50 38.24
C GLY B 141 9.60 -35.20 37.22
N ILE B 142 8.33 -35.37 37.60
CA ILE B 142 7.34 -35.96 36.67
C ILE B 142 7.16 -35.05 35.46
N LEU B 143 7.11 -33.74 35.69
CA LEU B 143 6.86 -32.85 34.54
C LEU B 143 8.08 -32.82 33.65
N ILE B 144 9.25 -32.86 34.27
CA ILE B 144 10.47 -32.89 33.42
C ILE B 144 10.50 -34.18 32.59
N ALA B 145 10.34 -35.32 33.26
CA ALA B 145 10.43 -36.58 32.55
C ALA B 145 9.47 -36.61 31.35
N HIS B 146 8.22 -36.20 31.60
CA HIS B 146 7.21 -36.32 30.57
C HIS B 146 7.36 -35.26 29.47
N ARG B 147 7.62 -34.02 29.87
CA ARG B 147 7.63 -32.90 28.91
C ARG B 147 8.94 -32.79 28.17
N LEU B 148 10.04 -33.27 28.76
CA LEU B 148 11.29 -33.35 27.99
C LEU B 148 11.53 -34.70 27.33
N GLY B 149 10.86 -35.75 27.81
CA GLY B 149 11.15 -37.13 27.37
C GLY B 149 12.57 -37.56 27.76
N ILE B 150 12.86 -37.44 29.04
CA ILE B 150 14.16 -37.80 29.56
C ILE B 150 13.98 -38.55 30.90
N VAL B 151 14.86 -39.50 31.18
CA VAL B 151 14.83 -40.15 32.50
C VAL B 151 15.30 -39.15 33.57
N VAL B 152 14.57 -39.12 34.70
CA VAL B 152 14.86 -38.19 35.79
C VAL B 152 15.16 -39.00 37.06
N TYR B 153 16.22 -38.60 37.73
CA TYR B 153 16.49 -39.11 39.12
C TYR B 153 16.19 -37.99 40.08
N SER B 154 15.11 -38.12 40.84
CA SER B 154 14.77 -37.09 41.84
CA SER B 154 14.76 -37.10 41.83
C SER B 154 15.33 -37.47 43.21
N VAL B 155 16.20 -36.61 43.75
CA VAL B 155 16.86 -36.88 45.00
C VAL B 155 15.97 -36.56 46.20
N ASP B 156 15.74 -37.55 47.07
CA ASP B 156 14.91 -37.35 48.27
C ASP B 156 15.89 -37.03 49.42
N TYR B 157 16.43 -35.81 49.39
CA TYR B 157 17.45 -35.43 50.36
C TYR B 157 16.93 -35.16 51.77
N ARG B 158 17.82 -35.33 52.75
CA ARG B 158 17.50 -35.08 54.17
C ARG B 158 17.28 -33.61 54.47
N MET B 159 16.39 -33.32 55.43
CA MET B 159 15.96 -31.96 55.75
C MET B 159 15.85 -31.76 57.26
N PRO B 160 15.99 -30.52 57.72
CA PRO B 160 15.60 -30.22 59.10
C PRO B 160 14.09 -30.45 59.30
N PRO B 161 13.65 -30.54 60.56
CA PRO B 161 14.46 -30.33 61.78
C PRO B 161 15.51 -31.41 62.07
N ALA B 162 15.25 -32.63 61.63
CA ALA B 162 16.15 -33.72 62.04
C ALA B 162 17.55 -33.51 61.47
N TYR B 163 17.63 -33.12 60.19
CA TYR B 163 18.89 -33.04 59.44
C TYR B 163 19.11 -31.68 58.78
N PRO B 164 19.61 -30.72 59.57
CA PRO B 164 19.88 -29.40 59.00
C PRO B 164 21.07 -29.44 58.06
N PHE B 165 21.37 -28.32 57.43
CA PHE B 165 22.61 -28.14 56.66
C PHE B 165 23.81 -28.71 57.42
N PRO B 166 24.70 -29.46 56.73
CA PRO B 166 24.86 -29.71 55.29
C PRO B 166 24.28 -31.03 54.81
N ALA B 167 23.35 -31.64 55.55
CA ALA B 167 22.88 -32.98 55.18
C ALA B 167 22.40 -33.09 53.71
N ALA B 168 21.58 -32.11 53.27
CA ALA B 168 20.96 -32.12 51.93
C ALA B 168 22.06 -32.03 50.88
N LEU B 169 23.05 -31.17 51.12
CA LEU B 169 24.17 -31.04 50.19
C LEU B 169 24.99 -32.35 50.10
N ASP B 170 25.24 -32.96 51.25
CA ASP B 170 25.95 -34.22 51.24
C ASP B 170 25.19 -35.28 50.42
N ASP B 171 23.88 -35.35 50.57
CA ASP B 171 23.09 -36.31 49.81
C ASP B 171 23.22 -36.12 48.29
N VAL B 172 23.13 -34.85 47.85
CA VAL B 172 23.23 -34.56 46.42
C VAL B 172 24.62 -34.97 45.91
N LYS B 173 25.65 -34.63 46.67
CA LYS B 173 27.01 -35.04 46.32
C LYS B 173 27.11 -36.54 46.12
N HIS B 174 26.53 -37.29 47.06
CA HIS B 174 26.71 -38.75 47.01
C HIS B 174 25.98 -39.36 45.80
N VAL B 175 24.83 -38.81 45.47
CA VAL B 175 24.07 -39.30 44.31
C VAL B 175 24.80 -38.94 43.03
N TYR B 176 25.27 -37.69 42.95
CA TYR B 176 25.98 -37.27 41.72
C TYR B 176 27.24 -38.10 41.47
N ARG B 177 27.97 -38.42 42.53
CA ARG B 177 29.22 -39.18 42.35
C ARG B 177 28.89 -40.50 41.65
N VAL B 178 27.80 -41.14 42.08
CA VAL B 178 27.41 -42.43 41.46
C VAL B 178 26.94 -42.22 40.01
N LEU B 179 26.02 -41.28 39.78
CA LEU B 179 25.42 -41.14 38.46
C LEU B 179 26.44 -40.57 37.46
N SER B 180 27.37 -39.75 37.95
CA SER B 180 28.38 -39.21 37.04
CA SER B 180 28.42 -39.21 37.07
C SER B 180 29.33 -40.30 36.56
N GLN B 181 29.67 -41.25 37.42
CA GLN B 181 30.50 -42.38 37.04
C GLN B 181 29.79 -43.32 36.06
N GLN B 182 28.48 -43.46 36.24
CA GLN B 182 27.66 -44.35 35.40
C GLN B 182 27.36 -43.74 34.03
N TYR B 183 27.10 -42.44 33.96
CA TYR B 183 26.70 -41.81 32.69
C TYR B 183 27.70 -40.86 32.02
N ASP B 184 28.69 -40.40 32.79
CA ASP B 184 29.65 -39.33 32.40
C ASP B 184 29.02 -37.98 32.72
N ALA B 185 29.81 -37.09 33.34
CA ALA B 185 29.34 -35.74 33.69
C ALA B 185 28.75 -35.00 32.50
N ASN B 186 29.37 -35.16 31.34
CA ASN B 186 28.86 -34.39 30.21
C ASN B 186 27.60 -34.98 29.57
N HIS B 187 27.10 -36.09 30.13
CA HIS B 187 25.77 -36.60 29.80
C HIS B 187 24.71 -36.42 30.89
N ILE B 188 25.03 -35.59 31.89
CA ILE B 188 24.11 -35.28 33.00
C ILE B 188 23.66 -33.83 32.97
N PHE B 189 22.33 -33.66 33.02
CA PHE B 189 21.72 -32.36 33.24
C PHE B 189 21.21 -32.38 34.66
N MET B 190 21.23 -31.22 35.31
CA MET B 190 20.65 -31.14 36.62
C MET B 190 19.69 -29.98 36.71
N GLY B 191 18.71 -30.05 37.59
CA GLY B 191 17.79 -28.93 37.72
C GLY B 191 17.11 -28.96 39.09
N GLY B 192 16.62 -27.80 39.54
CA GLY B 192 15.80 -27.77 40.72
C GLY B 192 15.05 -26.46 40.79
N THR B 193 13.92 -26.50 41.50
CA THR B 193 13.10 -25.31 41.74
C THR B 193 13.23 -24.88 43.21
N SER B 194 13.29 -23.58 43.42
CA SER B 194 13.14 -22.98 44.76
C SER B 194 14.32 -23.41 45.63
N ALA B 195 14.07 -23.96 46.82
CA ALA B 195 15.19 -24.48 47.63
C ALA B 195 16.13 -25.44 46.84
N GLY B 196 15.53 -26.29 45.99
CA GLY B 196 16.29 -27.26 45.21
C GLY B 196 17.16 -26.55 44.21
N GLY B 197 16.65 -25.45 43.66
CA GLY B 197 17.50 -24.59 42.80
C GLY B 197 18.71 -23.98 43.53
N GLY B 198 18.50 -23.48 44.73
CA GLY B 198 19.59 -22.95 45.55
C GLY B 198 20.58 -24.03 45.90
N LEU B 199 20.07 -25.19 46.35
CA LEU B 199 20.94 -26.31 46.68
C LEU B 199 21.77 -26.73 45.48
N LEU B 200 21.16 -26.71 44.30
CA LEU B 200 21.90 -27.06 43.10
C LEU B 200 23.07 -26.10 42.80
N LEU B 201 22.79 -24.80 42.94
CA LEU B 201 23.83 -23.82 42.69
C LEU B 201 24.99 -24.01 43.69
N ALA B 202 24.64 -24.20 44.95
CA ALA B 202 25.65 -24.44 46.00
C ALA B 202 26.49 -25.67 45.68
N PHE B 203 25.80 -26.69 45.18
CA PHE B 203 26.42 -27.97 44.88
C PHE B 203 27.40 -27.82 43.74
N VAL B 204 26.99 -27.13 42.67
CA VAL B 204 27.87 -26.96 41.50
C VAL B 204 29.08 -26.08 41.87
N GLN B 205 28.86 -25.09 42.72
CA GLN B 205 29.97 -24.28 43.23
C GLN B 205 30.99 -25.16 43.94
N GLY B 206 30.51 -26.15 44.68
CA GLY B 206 31.40 -27.06 45.39
C GLY B 206 32.16 -27.97 44.41
N LEU B 207 31.49 -28.44 43.37
CA LEU B 207 32.19 -29.24 42.37
C LEU B 207 33.36 -28.47 41.74
N ILE B 208 33.09 -27.22 41.39
CA ILE B 208 34.08 -26.41 40.73
C ILE B 208 35.25 -26.11 41.66
N GLU B 209 34.98 -25.81 42.92
CA GLU B 209 36.12 -25.45 43.78
C GLU B 209 36.92 -26.73 44.13
N ASN B 210 36.29 -27.89 44.00
CA ASN B 210 37.01 -29.16 44.25
C ASN B 210 37.58 -29.78 42.99
N GLY B 211 37.46 -29.09 41.86
CA GLY B 211 38.04 -29.57 40.61
C GLY B 211 37.32 -30.76 39.98
N VAL B 212 36.08 -31.00 40.36
CA VAL B 212 35.29 -32.13 39.83
C VAL B 212 34.48 -31.70 38.60
N ALA B 213 34.37 -32.56 37.61
CA ALA B 213 33.64 -32.20 36.37
C ALA B 213 32.18 -31.93 36.65
N THR B 214 31.64 -30.87 36.03
CA THR B 214 30.28 -30.43 36.29
C THR B 214 29.28 -31.08 35.33
N PRO B 215 27.98 -31.02 35.65
CA PRO B 215 26.96 -31.46 34.67
C PRO B 215 27.06 -30.62 33.38
N ARG B 216 26.51 -31.15 32.28
CA ARG B 216 26.59 -30.49 30.96
C ARG B 216 25.92 -29.13 30.97
N ALA B 217 24.75 -29.07 31.60
CA ALA B 217 23.94 -27.84 31.64
C ALA B 217 22.96 -28.00 32.78
N ILE B 218 22.52 -26.88 33.35
CA ILE B 218 21.64 -26.94 34.49
C ILE B 218 20.48 -25.97 34.37
N TYR B 219 19.48 -26.20 35.22
CA TYR B 219 18.25 -25.42 35.25
C TYR B 219 18.02 -25.00 36.68
N ALA B 220 17.83 -23.71 36.87
CA ALA B 220 17.40 -23.24 38.19
C ALA B 220 16.08 -22.53 38.05
N GLY B 221 15.02 -23.15 38.58
CA GLY B 221 13.73 -22.53 38.57
C GLY B 221 13.48 -21.75 39.85
N THR B 222 13.31 -20.44 39.72
CA THR B 222 13.04 -19.53 40.84
C THR B 222 13.85 -19.94 42.10
N PRO B 223 15.18 -19.94 41.96
CA PRO B 223 16.04 -20.53 43.01
C PRO B 223 16.05 -19.72 44.29
N TRP B 224 16.09 -20.38 45.45
CA TRP B 224 16.32 -19.70 46.70
C TRP B 224 17.83 -19.48 46.79
N ALA B 225 18.30 -18.42 46.17
CA ALA B 225 19.75 -18.22 46.06
C ALA B 225 20.33 -17.39 47.20
N ASP B 226 19.46 -16.79 48.01
CA ASP B 226 19.93 -16.02 49.14
C ASP B 226 18.90 -16.19 50.26
N LEU B 227 19.26 -16.81 51.39
CA LEU B 227 18.29 -17.06 52.42
C LEU B 227 17.98 -15.83 53.24
N THR B 228 18.79 -14.77 53.09
CA THR B 228 18.53 -13.54 53.82
C THR B 228 17.43 -12.74 53.13
N LYS B 229 16.95 -11.70 53.81
CA LYS B 229 15.88 -10.88 53.17
C LYS B 229 16.51 -9.73 52.45
N THR B 230 17.17 -10.05 51.34
CA THR B 230 18.01 -9.07 50.66
C THR B 230 17.45 -8.73 49.27
N GLY B 231 16.96 -9.72 48.56
CA GLY B 231 16.38 -9.44 47.23
C GLY B 231 15.21 -8.45 47.28
N ASP B 232 15.19 -7.47 46.39
CA ASP B 232 14.24 -6.37 46.48
C ASP B 232 12.79 -6.88 46.35
N SER B 233 12.62 -7.87 45.49
CA SER B 233 11.28 -8.39 45.22
C SER B 233 10.67 -9.12 46.44
N LEU B 234 11.50 -9.49 47.44
CA LEU B 234 10.95 -10.05 48.68
C LEU B 234 10.05 -9.02 49.36
N TYR B 235 10.41 -7.74 49.18
CA TYR B 235 9.65 -6.62 49.69
C TYR B 235 8.55 -6.20 48.72
N THR B 236 8.96 -5.96 47.47
CA THR B 236 8.00 -5.34 46.54
C THR B 236 6.90 -6.32 46.08
N ASN B 237 7.19 -7.62 46.04
CA ASN B 237 6.14 -8.58 45.64
C ASN B 237 5.54 -9.30 46.84
N GLU B 238 5.84 -8.81 48.04
CA GLU B 238 5.07 -9.26 49.22
C GLU B 238 3.57 -9.00 49.03
N GLY B 239 2.74 -10.04 49.21
CA GLY B 239 1.31 -9.90 49.02
C GLY B 239 0.85 -9.88 47.56
N ILE B 240 1.79 -10.04 46.64
CA ILE B 240 1.55 -10.11 45.21
C ILE B 240 1.88 -11.54 44.70
N ASP B 241 3.04 -12.06 45.11
CA ASP B 241 3.39 -13.47 44.95
C ASP B 241 2.36 -14.31 45.73
N ARG B 242 1.53 -15.08 45.02
CA ARG B 242 0.46 -15.76 45.69
C ARG B 242 0.91 -17.07 46.38
N ILE B 243 2.16 -17.48 46.16
CA ILE B 243 2.69 -18.76 46.64
C ILE B 243 3.58 -18.53 47.85
N LEU B 244 4.59 -17.64 47.73
CA LEU B 244 5.39 -17.31 48.92
C LEU B 244 4.73 -16.34 49.89
N ILE B 245 4.04 -15.32 49.33
CA ILE B 245 3.30 -14.27 50.09
C ILE B 245 4.13 -13.33 50.91
N THR B 246 5.03 -13.86 51.75
CA THR B 246 5.89 -12.98 52.56
C THR B 246 7.10 -13.79 53.01
N TYR B 247 8.21 -13.10 53.27
CA TYR B 247 9.39 -13.77 53.86
C TYR B 247 9.15 -14.02 55.34
N ASP B 248 8.30 -13.21 55.95
CA ASP B 248 8.32 -13.02 57.40
C ASP B 248 7.65 -14.12 58.24
N GLY B 249 7.12 -15.16 57.61
CA GLY B 249 6.56 -16.27 58.37
C GLY B 249 7.39 -17.54 58.27
N THR B 250 6.82 -18.58 57.68
CA THR B 250 7.57 -19.86 57.62
C THR B 250 8.77 -19.82 56.70
N LEU B 251 8.76 -18.91 55.72
CA LEU B 251 9.87 -18.89 54.81
C LEU B 251 11.15 -18.52 55.57
N GLY B 252 11.20 -17.35 56.23
CA GLY B 252 12.40 -16.99 56.98
C GLY B 252 12.68 -18.03 58.07
N ALA B 253 11.62 -18.53 58.72
CA ALA B 253 11.83 -19.50 59.80
C ALA B 253 12.43 -20.83 59.28
N SER B 254 12.02 -21.27 58.09
CA SER B 254 12.56 -22.48 57.43
C SER B 254 14.04 -22.26 57.07
N ALA B 255 14.37 -21.06 56.60
CA ALA B 255 15.79 -20.74 56.37
C ALA B 255 16.61 -20.86 57.64
N ARG B 256 16.13 -20.31 58.74
CA ARG B 256 16.92 -20.38 59.98
C ARG B 256 17.04 -21.81 60.49
N LEU B 257 16.00 -22.62 60.28
CA LEU B 257 16.03 -24.00 60.78
C LEU B 257 17.07 -24.83 60.00
N TYR B 258 17.11 -24.59 58.70
CA TYR B 258 18.06 -25.28 57.81
C TYR B 258 19.50 -24.88 58.19
N ALA B 259 19.68 -23.57 58.41
CA ALA B 259 21.01 -22.97 58.66
C ALA B 259 21.61 -23.34 60.01
N GLY B 260 20.77 -23.49 61.03
CA GLY B 260 21.29 -23.74 62.35
C GLY B 260 22.23 -22.61 62.77
N ASN B 261 23.46 -22.92 63.19
CA ASN B 261 24.34 -21.84 63.61
C ASN B 261 25.25 -21.32 62.53
N THR B 262 24.97 -21.72 61.30
CA THR B 262 25.76 -21.21 60.20
C THR B 262 25.18 -19.87 59.76
N PRO B 263 26.03 -18.84 59.59
CA PRO B 263 25.54 -17.54 59.10
C PRO B 263 24.81 -17.71 57.76
N LEU B 264 23.71 -16.99 57.63
CA LEU B 264 22.86 -17.18 56.43
C LEU B 264 23.52 -16.77 55.14
N THR B 265 24.60 -15.98 55.24
CA THR B 265 25.34 -15.53 54.06
C THR B 265 26.43 -16.52 53.61
N HIS B 266 26.60 -17.61 54.35
CA HIS B 266 27.49 -18.69 53.91
C HIS B 266 27.14 -19.13 52.48
N PRO B 267 28.14 -19.19 51.56
CA PRO B 267 27.73 -19.45 50.14
C PRO B 267 27.06 -20.79 49.93
N LYS B 268 27.24 -21.76 50.82
CA LYS B 268 26.58 -23.05 50.56
C LYS B 268 25.14 -23.06 51.02
N LEU B 269 24.77 -22.05 51.81
CA LEU B 269 23.35 -21.72 52.11
C LEU B 269 22.75 -20.76 51.12
N SER B 270 23.57 -19.78 50.73
CA SER B 270 23.11 -18.66 49.90
C SER B 270 24.10 -18.48 48.75
N PRO B 271 23.92 -19.26 47.69
CA PRO B 271 24.99 -19.36 46.71
C PRO B 271 25.16 -18.08 45.89
N ILE B 272 24.25 -17.12 46.00
CA ILE B 272 24.52 -15.83 45.33
C ILE B 272 25.87 -15.29 45.81
N TYR B 273 26.27 -15.62 47.04
CA TYR B 273 27.50 -15.07 47.58
C TYR B 273 28.72 -15.91 47.20
N GLY B 274 28.50 -17.01 46.48
CA GLY B 274 29.63 -17.80 46.02
C GLY B 274 30.11 -17.32 44.65
N ASP B 275 31.00 -18.08 44.03
CA ASP B 275 31.63 -17.72 42.75
C ASP B 275 31.00 -18.52 41.63
N PHE B 276 30.70 -17.87 40.50
CA PHE B 276 30.02 -18.58 39.40
C PHE B 276 30.97 -18.85 38.23
N THR B 277 32.25 -18.50 38.39
CA THR B 277 33.25 -18.82 37.37
C THR B 277 33.24 -20.33 37.04
N ASP B 278 33.27 -20.63 35.74
CA ASP B 278 33.27 -22.00 35.19
C ASP B 278 31.92 -22.72 35.31
N PHE B 279 30.83 -22.04 35.71
CA PHE B 279 29.53 -22.71 35.69
C PHE B 279 29.14 -23.21 34.30
N PRO B 280 28.49 -24.36 34.28
CA PRO B 280 27.92 -24.85 33.03
C PRO B 280 26.77 -23.93 32.59
N PRO B 281 26.40 -23.99 31.32
CA PRO B 281 25.28 -23.17 30.84
C PRO B 281 24.05 -23.35 31.69
N THR B 282 23.37 -22.24 32.01
CA THR B 282 22.29 -22.31 32.97
C THR B 282 20.99 -21.68 32.38
N PHE B 283 19.87 -22.33 32.62
CA PHE B 283 18.53 -21.85 32.22
C PHE B 283 17.85 -21.43 33.53
N LEU B 284 17.47 -20.14 33.63
CA LEU B 284 16.83 -19.59 34.86
C LEU B 284 15.41 -19.15 34.54
N VAL B 285 14.47 -19.50 35.41
CA VAL B 285 13.05 -19.18 35.17
C VAL B 285 12.52 -18.41 36.35
N THR B 286 11.78 -17.33 36.09
CA THR B 286 11.10 -16.67 37.20
C THR B 286 9.88 -15.93 36.60
N GLY B 287 9.25 -15.03 37.37
CA GLY B 287 8.06 -14.33 36.91
C GLY B 287 8.01 -12.92 37.48
N THR B 288 7.20 -12.07 36.87
CA THR B 288 7.16 -10.68 37.30
C THR B 288 6.58 -10.52 38.66
N ARG B 289 5.73 -11.45 39.11
CA ARG B 289 5.17 -11.38 40.50
C ARG B 289 5.95 -12.18 41.54
N ASP B 290 7.05 -12.79 41.10
CA ASP B 290 7.80 -13.76 41.94
C ASP B 290 8.58 -13.01 43.04
N MET B 291 8.39 -13.38 44.30
CA MET B 291 9.25 -12.80 45.34
C MET B 291 10.73 -13.19 45.18
N PHE B 292 11.00 -14.26 44.45
CA PHE B 292 12.38 -14.61 44.15
C PHE B 292 12.83 -14.08 42.76
N LEU B 293 12.05 -13.17 42.16
CA LEU B 293 12.51 -12.50 40.95
C LEU B 293 13.90 -11.89 41.12
N SER B 294 14.06 -11.12 42.18
CA SER B 294 15.33 -10.46 42.45
C SER B 294 16.46 -11.47 42.60
N ASP B 295 16.25 -12.48 43.40
CA ASP B 295 17.38 -13.38 43.57
C ASP B 295 17.69 -14.14 42.26
N THR B 296 16.69 -14.45 41.47
CA THR B 296 16.95 -15.10 40.19
C THR B 296 17.75 -14.18 39.26
N VAL B 297 17.39 -12.91 39.20
CA VAL B 297 18.15 -12.02 38.30
C VAL B 297 19.49 -11.66 38.88
N ARG B 298 19.63 -11.73 40.20
CA ARG B 298 20.95 -11.50 40.80
C ARG B 298 21.90 -12.64 40.39
N VAL B 299 21.41 -13.88 40.43
CA VAL B 299 22.19 -15.00 39.96
C VAL B 299 22.55 -14.87 38.47
N ASN B 300 21.55 -14.50 37.65
CA ASN B 300 21.80 -14.31 36.23
C ASN B 300 22.89 -13.29 35.96
N ARG B 301 22.81 -12.16 36.66
CA ARG B 301 23.81 -11.10 36.53
C ARG B 301 25.22 -11.55 36.93
N LYS B 302 25.35 -12.22 38.06
CA LYS B 302 26.64 -12.65 38.53
C LYS B 302 27.19 -13.75 37.59
N MET B 303 26.32 -14.64 37.10
CA MET B 303 26.77 -15.59 36.07
C MET B 303 27.26 -14.92 34.81
N ARG B 304 26.51 -13.96 34.30
CA ARG B 304 26.95 -13.31 33.08
C ARG B 304 28.21 -12.53 33.29
N ASP B 305 28.37 -11.97 34.48
CA ASP B 305 29.61 -11.23 34.75
C ASP B 305 30.82 -12.18 34.81
N ALA B 306 30.58 -13.45 35.14
CA ALA B 306 31.62 -14.47 35.15
C ALA B 306 31.79 -15.19 33.78
N GLY B 307 31.07 -14.75 32.75
CA GLY B 307 31.24 -15.31 31.42
C GLY B 307 30.47 -16.61 31.21
N VAL B 308 29.53 -16.87 32.11
CA VAL B 308 28.65 -18.05 32.02
C VAL B 308 27.59 -17.83 30.94
N THR B 309 27.36 -18.85 30.09
CA THR B 309 26.18 -18.86 29.20
C THR B 309 24.87 -19.04 29.97
N THR B 310 23.95 -18.08 29.89
CA THR B 310 22.63 -18.26 30.53
C THR B 310 21.51 -17.90 29.58
N VAL B 311 20.34 -18.47 29.84
CA VAL B 311 19.10 -18.00 29.26
C VAL B 311 18.19 -17.69 30.42
N LEU B 312 17.70 -16.45 30.47
CA LEU B 312 16.71 -16.02 31.47
C LEU B 312 15.35 -15.98 30.87
N ASP B 313 14.37 -16.61 31.52
CA ASP B 313 13.04 -16.64 30.97
C ASP B 313 12.11 -16.16 32.07
N VAL B 314 11.59 -14.95 31.91
CA VAL B 314 10.72 -14.35 32.92
C VAL B 314 9.30 -14.38 32.36
N TYR B 315 8.36 -14.86 33.15
CA TYR B 315 6.93 -14.92 32.73
C TYR B 315 6.07 -13.79 33.33
N GLU B 316 5.31 -13.14 32.46
CA GLU B 316 4.37 -12.11 32.87
C GLU B 316 3.36 -12.67 33.84
N GLY B 317 3.18 -11.93 34.95
CA GLY B 317 2.10 -12.25 35.87
C GLY B 317 2.34 -13.41 36.83
N LEU B 318 3.50 -14.07 36.74
CA LEU B 318 3.65 -15.35 37.41
C LEU B 318 4.38 -15.20 38.76
N SER B 319 3.86 -15.87 39.78
CA SER B 319 4.47 -15.96 41.12
C SER B 319 5.48 -17.07 41.19
N HIS B 320 6.15 -17.20 42.36
CA HIS B 320 7.06 -18.27 42.65
C HIS B 320 6.51 -19.66 42.31
N ALA B 321 7.20 -20.37 41.42
CA ALA B 321 6.84 -21.73 41.04
C ALA B 321 5.41 -21.88 40.53
N ASP B 322 4.81 -20.80 40.00
CA ASP B 322 3.44 -20.92 39.48
C ASP B 322 3.36 -21.97 38.35
N TYR B 323 4.46 -22.13 37.62
CA TYR B 323 4.49 -23.15 36.55
C TYR B 323 4.39 -24.61 37.08
N LEU B 324 4.62 -24.79 38.39
CA LEU B 324 4.41 -26.07 39.07
C LEU B 324 3.04 -26.14 39.68
N VAL B 325 2.68 -25.06 40.35
CA VAL B 325 1.40 -25.01 41.04
C VAL B 325 0.24 -25.15 40.10
N SER B 326 0.35 -24.49 38.93
CA SER B 326 -0.72 -24.52 37.97
C SER B 326 -0.12 -25.04 36.66
N HIS B 327 0.15 -26.36 36.62
CA HIS B 327 1.01 -26.83 35.51
C HIS B 327 0.26 -27.16 34.23
N GLN B 328 -1.08 -27.09 34.21
CA GLN B 328 -1.80 -27.38 32.98
C GLN B 328 -2.20 -26.04 32.31
N THR B 329 -1.23 -25.15 32.23
CA THR B 329 -1.42 -23.85 31.58
C THR B 329 -0.46 -23.73 30.39
N PRO B 330 -0.79 -22.87 29.41
CA PRO B 330 0.18 -22.56 28.35
C PRO B 330 1.51 -22.02 28.90
N GLU B 331 1.44 -21.23 29.96
CA GLU B 331 2.67 -20.71 30.58
C GLU B 331 3.58 -21.82 31.13
N SER B 332 2.98 -22.75 31.85
CA SER B 332 3.76 -23.91 32.35
C SER B 332 4.33 -24.71 31.16
N GLN B 333 3.50 -25.04 30.16
CA GLN B 333 4.03 -25.75 29.01
C GLN B 333 5.21 -25.02 28.39
N SER B 334 5.12 -23.69 28.35
CA SER B 334 6.18 -22.88 27.74
C SER B 334 7.49 -23.04 28.49
N VAL B 335 7.42 -23.02 29.81
CA VAL B 335 8.63 -23.20 30.63
C VAL B 335 9.36 -24.48 30.22
N TYR B 336 8.65 -25.61 30.15
CA TYR B 336 9.33 -26.87 29.89
C TYR B 336 9.69 -26.99 28.41
N ARG B 337 8.90 -26.36 27.53
CA ARG B 337 9.25 -26.37 26.09
C ARG B 337 10.60 -25.64 25.87
N GLN B 338 10.73 -24.49 26.53
CA GLN B 338 11.94 -23.67 26.38
C GLN B 338 13.16 -24.35 27.08
N LEU B 339 12.93 -24.93 28.24
CA LEU B 339 13.98 -25.75 28.91
C LEU B 339 14.43 -26.89 27.97
N LYS B 340 13.47 -27.60 27.36
CA LYS B 340 13.84 -28.68 26.45
C LYS B 340 14.72 -28.16 25.31
N ARG B 341 14.26 -27.08 24.66
CA ARG B 341 15.03 -26.52 23.57
C ARG B 341 16.46 -26.17 24.03
N PHE B 342 16.55 -25.61 25.24
CA PHE B 342 17.85 -25.21 25.82
C PHE B 342 18.76 -26.44 25.99
N LEU B 343 18.25 -27.50 26.62
CA LEU B 343 19.08 -28.69 26.92
C LEU B 343 19.38 -29.43 25.60
N VAL B 344 18.44 -29.44 24.66
CA VAL B 344 18.71 -30.11 23.39
C VAL B 344 19.93 -29.51 22.70
N GLY B 345 20.07 -28.19 22.86
CA GLY B 345 21.21 -27.48 22.30
C GLY B 345 22.57 -27.99 22.77
N PHE B 346 22.61 -28.67 23.91
CA PHE B 346 23.88 -29.15 24.50
C PHE B 346 24.02 -30.66 24.41
N THR B 347 23.22 -31.30 23.56
CA THR B 347 23.35 -32.75 23.33
C THR B 347 24.24 -33.06 22.13
N VAL C 32 -37.12 44.87 0.26
CA VAL C 32 -36.45 44.52 -1.00
C VAL C 32 -37.18 43.40 -1.73
N PRO C 33 -37.56 43.64 -2.98
CA PRO C 33 -38.21 42.66 -3.86
C PRO C 33 -37.34 41.46 -4.19
N ILE C 34 -37.97 40.32 -4.47
CA ILE C 34 -37.28 39.19 -5.08
C ILE C 34 -36.57 39.69 -6.33
N PRO C 35 -35.31 39.34 -6.50
CA PRO C 35 -34.55 39.95 -7.63
C PRO C 35 -35.27 39.66 -8.94
N GLN C 36 -35.57 40.70 -9.71
CA GLN C 36 -36.52 40.53 -10.78
C GLN C 36 -35.93 39.80 -11.98
N SER C 37 -34.62 39.82 -12.13
CA SER C 37 -34.05 39.26 -13.38
C SER C 37 -33.58 37.81 -13.27
N ILE C 38 -33.69 37.22 -12.08
CA ILE C 38 -33.22 35.84 -11.92
C ILE C 38 -34.22 34.86 -12.51
N SER C 39 -33.83 33.59 -12.61
CA SER C 39 -34.71 32.61 -13.22
C SER C 39 -36.01 32.45 -12.43
N ALA C 40 -37.07 32.05 -13.15
CA ALA C 40 -38.34 31.76 -12.47
C ALA C 40 -38.17 30.68 -11.41
N GLU C 41 -37.34 29.70 -11.71
CA GLU C 41 -37.08 28.65 -10.74
C GLU C 41 -36.48 29.18 -9.43
N PHE C 42 -35.49 30.07 -9.56
CA PHE C 42 -34.83 30.65 -8.40
CA PHE C 42 -34.85 30.62 -8.37
C PHE C 42 -35.79 31.59 -7.65
N LYS C 43 -36.61 32.35 -8.38
CA LYS C 43 -37.68 33.15 -7.74
C LYS C 43 -38.62 32.28 -6.93
N ALA C 44 -38.99 31.12 -7.48
CA ALA C 44 -39.85 30.22 -6.69
C ALA C 44 -39.14 29.71 -5.44
N ALA C 45 -37.87 29.39 -5.58
CA ALA C 45 -37.09 28.97 -4.41
C ALA C 45 -37.05 30.05 -3.35
N LEU C 46 -36.81 31.30 -3.75
CA LEU C 46 -36.72 32.34 -2.76
C LEU C 46 -38.08 32.60 -2.10
N ALA C 47 -39.16 32.44 -2.85
CA ALA C 47 -40.46 32.76 -2.27
C ALA C 47 -40.83 31.75 -1.21
N GLN C 48 -40.19 30.59 -1.24
CA GLN C 48 -40.61 29.51 -0.36
C GLN C 48 -40.17 29.75 1.07
N TYR C 49 -39.14 30.50 1.31
CA TYR C 49 -38.90 30.74 2.71
C TYR C 49 -39.26 32.06 3.20
N PRO C 50 -39.68 32.10 4.46
CA PRO C 50 -39.66 33.45 5.03
C PRO C 50 -38.21 33.77 5.37
N THR C 51 -37.73 34.98 5.06
CA THR C 51 -36.44 35.41 5.59
C THR C 51 -36.41 35.14 7.09
N PRO C 52 -35.43 34.33 7.56
CA PRO C 52 -35.32 34.27 9.01
C PRO C 52 -34.92 35.67 9.51
N SER C 53 -35.40 36.06 10.69
CA SER C 53 -35.07 37.39 11.10
C SER C 53 -33.60 37.47 11.52
N VAL C 54 -33.05 38.65 11.34
CA VAL C 54 -31.73 38.89 11.87
C VAL C 54 -31.75 38.74 13.40
N GLU C 55 -32.81 39.23 14.01
CA GLU C 55 -32.93 39.14 15.47
C GLU C 55 -32.85 37.71 15.95
N GLU C 56 -33.61 36.78 15.35
CA GLU C 56 -33.54 35.40 15.85
C GLU C 56 -32.25 34.70 15.46
N ALA C 57 -31.66 35.06 14.34
CA ALA C 57 -30.36 34.55 14.01
C ALA C 57 -29.28 35.08 14.98
N ARG C 58 -29.26 36.38 15.25
CA ARG C 58 -28.23 36.97 16.11
C ARG C 58 -28.32 36.39 17.52
N SER C 59 -29.52 36.08 17.98
CA SER C 59 -29.64 35.63 19.37
C SER C 59 -29.38 34.14 19.55
N PHE C 60 -29.30 33.40 18.47
CA PHE C 60 -29.05 31.96 18.61
C PHE C 60 -27.53 31.72 18.72
N VAL C 61 -27.05 31.38 19.92
CA VAL C 61 -25.61 31.14 20.13
C VAL C 61 -25.38 30.03 21.18
N PRO C 62 -24.92 28.85 20.78
CA PRO C 62 -24.61 27.81 21.78
C PRO C 62 -23.54 28.29 22.78
N THR C 63 -23.75 28.08 24.08
CA THR C 63 -22.72 28.41 25.07
C THR C 63 -22.26 27.25 25.90
N THR C 64 -22.93 26.10 25.80
CA THR C 64 -22.44 24.95 26.59
C THR C 64 -22.14 23.77 25.70
N ALA C 65 -21.47 22.76 26.25
CA ALA C 65 -21.16 21.54 25.52
C ALA C 65 -22.43 20.87 24.97
N ALA C 66 -23.45 20.77 25.82
CA ALA C 66 -24.68 20.14 25.41
C ALA C 66 -25.34 20.92 24.27
N GLN C 67 -25.31 22.26 24.33
CA GLN C 67 -25.94 23.05 23.28
C GLN C 67 -25.21 22.92 21.97
N TRP C 68 -23.88 22.89 22.02
CA TRP C 68 -23.14 22.71 20.77
C TRP C 68 -23.44 21.33 20.20
N ARG C 69 -23.40 20.31 21.06
CA ARG C 69 -23.59 18.92 20.68
C ARG C 69 -24.93 18.74 19.99
N ASP C 70 -26.00 19.22 20.62
CA ASP C 70 -27.29 18.94 19.98
C ASP C 70 -27.55 19.77 18.72
N TYR C 71 -27.05 21.01 18.70
CA TYR C 71 -27.13 21.80 17.46
C TYR C 71 -26.47 21.03 16.33
N VAL C 72 -25.27 20.53 16.58
CA VAL C 72 -24.54 19.84 15.50
C VAL C 72 -25.25 18.53 15.13
N GLN C 73 -25.64 17.74 16.13
CA GLN C 73 -26.17 16.41 15.83
C GLN C 73 -27.49 16.51 15.11
N ALA C 74 -28.34 17.44 15.55
CA ALA C 74 -29.68 17.58 14.97
C ALA C 74 -29.59 18.12 13.56
N THR C 75 -28.74 19.12 13.37
CA THR C 75 -28.55 19.68 12.04
C THR C 75 -28.03 18.61 11.07
N ASN C 76 -27.07 17.80 11.52
CA ASN C 76 -26.52 16.77 10.65
C ASN C 76 -27.59 15.72 10.33
N LYS C 77 -28.42 15.39 11.31
CA LYS C 77 -29.48 14.41 11.06
C LYS C 77 -30.42 14.88 9.94
N MET C 78 -30.78 16.16 10.00
CA MET C 78 -31.66 16.73 8.99
C MET C 78 -30.96 16.73 7.62
N GLN C 79 -29.69 17.10 7.58
CA GLN C 79 -28.98 17.21 6.30
C GLN C 79 -28.76 15.84 5.65
N LYS C 80 -28.61 14.82 6.47
CA LYS C 80 -28.38 13.47 5.95
C LYS C 80 -29.53 13.01 5.03
N THR C 81 -30.74 13.41 5.39
CA THR C 81 -31.89 13.11 4.56
C THR C 81 -31.79 13.72 3.15
N LYS C 82 -31.43 14.99 3.07
CA LYS C 82 -31.22 15.61 1.76
C LYS C 82 -30.16 14.87 0.98
N ILE C 83 -29.06 14.50 1.63
CA ILE C 83 -27.93 13.90 0.90
C ILE C 83 -28.33 12.51 0.38
N LYS C 84 -29.11 11.76 1.18
CA LYS C 84 -29.53 10.44 0.73
C LYS C 84 -30.38 10.60 -0.53
N ASN C 85 -31.28 11.58 -0.54
CA ASN C 85 -32.10 11.83 -1.73
C ASN C 85 -31.27 12.23 -2.95
N MET C 86 -30.32 13.12 -2.74
CA MET C 86 -29.46 13.55 -3.86
C MET C 86 -28.65 12.39 -4.41
N ARG C 87 -28.10 11.57 -3.50
CA ARG C 87 -27.31 10.42 -3.90
C ARG C 87 -28.13 9.52 -4.82
N LYS C 88 -29.38 9.26 -4.44
CA LYS C 88 -30.21 8.36 -5.23
C LYS C 88 -30.66 9.02 -6.52
N HIS C 89 -30.96 10.31 -6.45
CA HIS C 89 -31.39 11.11 -7.62
C HIS C 89 -30.31 11.00 -8.70
N TYR C 90 -29.08 11.32 -8.33
CA TYR C 90 -28.04 11.34 -9.36
C TYR C 90 -27.42 9.99 -9.62
N GLY C 91 -27.71 9.00 -8.76
CA GLY C 91 -27.22 7.63 -8.94
C GLY C 91 -25.69 7.51 -8.85
N VAL C 92 -25.06 8.44 -8.12
CA VAL C 92 -23.64 8.33 -7.83
C VAL C 92 -23.40 7.21 -6.85
N THR C 93 -22.23 6.57 -6.96
CA THR C 93 -21.82 5.61 -5.93
C THR C 93 -20.98 6.38 -4.91
N VAL C 94 -21.08 5.97 -3.64
CA VAL C 94 -20.33 6.60 -2.57
C VAL C 94 -19.62 5.55 -1.75
N GLU C 95 -18.31 5.49 -1.90
CA GLU C 95 -17.52 4.49 -1.22
C GLU C 95 -16.77 5.06 -0.04
N LEU C 96 -16.88 4.42 1.12
CA LEU C 96 -16.19 4.89 2.31
C LEU C 96 -14.73 4.37 2.34
N LEU C 97 -13.79 5.31 2.49
CA LEU C 97 -12.38 5.00 2.52
C LEU C 97 -11.72 5.52 3.80
N ASP C 98 -10.62 4.86 4.20
CA ASP C 98 -9.72 5.43 5.22
C ASP C 98 -8.42 5.82 4.57
N ILE C 99 -8.09 7.09 4.60
CA ILE C 99 -6.82 7.52 4.04
C ILE C 99 -5.93 8.07 5.16
N LYS C 100 -4.96 7.28 5.60
CA LYS C 100 -4.07 7.72 6.68
C LYS C 100 -4.82 8.17 7.93
N GLY C 101 -5.86 7.42 8.28
CA GLY C 101 -6.67 7.71 9.45
C GLY C 101 -7.81 8.69 9.20
N VAL C 102 -7.87 9.28 8.00
CA VAL C 102 -8.89 10.27 7.67
C VAL C 102 -9.99 9.60 6.87
N THR C 103 -11.24 9.76 7.32
CA THR C 103 -12.40 9.28 6.59
C THR C 103 -12.62 10.08 5.30
N VAL C 104 -12.69 9.38 4.18
CA VAL C 104 -12.94 10.05 2.89
C VAL C 104 -14.00 9.29 2.12
N ARG C 105 -14.86 9.99 1.40
CA ARG C 105 -15.85 9.30 0.60
C ARG C 105 -15.55 9.52 -0.88
N LYS C 106 -15.45 8.41 -1.61
CA LYS C 106 -15.19 8.50 -3.03
C LYS C 106 -16.51 8.44 -3.79
N ILE C 107 -16.75 9.43 -4.64
CA ILE C 107 -18.03 9.62 -5.32
C ILE C 107 -17.83 9.45 -6.82
N THR C 108 -18.55 8.50 -7.43
CA THR C 108 -18.36 8.20 -8.85
C THR C 108 -19.68 8.40 -9.59
N PRO C 109 -19.69 9.29 -10.61
CA PRO C 109 -20.96 9.57 -11.28
C PRO C 109 -21.28 8.48 -12.27
N LYS C 110 -22.51 8.46 -12.78
CA LYS C 110 -22.89 7.46 -13.76
C LYS C 110 -22.14 7.62 -15.05
N SER C 111 -21.88 8.88 -15.41
CA SER C 111 -21.16 9.13 -16.66
C SER C 111 -19.90 9.92 -16.35
N LEU C 112 -18.76 9.52 -16.92
CA LEU C 112 -17.51 10.27 -16.71
C LEU C 112 -17.19 11.11 -17.94
N SER C 113 -16.71 12.32 -17.73
CA SER C 113 -16.28 13.16 -18.87
C SER C 113 -14.91 12.73 -19.39
N PRO C 114 -14.77 12.52 -20.71
CA PRO C 114 -13.46 12.10 -21.24
C PRO C 114 -12.33 13.07 -20.92
N GLU C 115 -12.65 14.37 -20.84
CA GLU C 115 -11.61 15.34 -20.54
C GLU C 115 -10.95 15.11 -19.18
N PHE C 116 -11.67 14.47 -18.26
CA PHE C 116 -11.15 14.28 -16.91
C PHE C 116 -10.65 12.85 -16.65
N LYS C 117 -10.49 12.06 -17.71
CA LYS C 117 -9.90 10.74 -17.55
C LYS C 117 -8.55 10.90 -16.85
N ASP C 118 -8.28 10.11 -15.83
CA ASP C 118 -7.01 10.21 -15.08
C ASP C 118 -6.86 11.50 -14.25
N HIS C 119 -7.91 12.32 -14.11
CA HIS C 119 -7.90 13.43 -13.16
C HIS C 119 -8.86 13.11 -12.04
N VAL C 120 -8.65 13.69 -10.87
CA VAL C 120 -9.61 13.52 -9.80
C VAL C 120 -9.82 14.87 -9.13
N TYR C 121 -10.85 14.95 -8.29
CA TYR C 121 -11.21 16.20 -7.65
C TYR C 121 -11.32 15.92 -6.15
N ILE C 122 -10.63 16.71 -5.34
CA ILE C 122 -10.72 16.59 -3.88
C ILE C 122 -11.62 17.71 -3.35
N ASP C 123 -12.71 17.32 -2.70
CA ASP C 123 -13.70 18.24 -2.20
C ASP C 123 -13.53 18.42 -0.69
N ILE C 124 -13.51 19.68 -0.28
CA ILE C 124 -13.40 20.03 1.13
CA ILE C 124 -13.39 20.04 1.13
C ILE C 124 -14.69 20.74 1.52
N HIS C 125 -15.57 20.05 2.25
CA HIS C 125 -16.92 20.58 2.46
C HIS C 125 -17.00 21.77 3.41
N GLY C 126 -18.15 22.44 3.40
CA GLY C 126 -18.33 23.61 4.27
C GLY C 126 -19.21 23.26 5.47
N GLY C 127 -19.73 24.26 6.17
CA GLY C 127 -20.43 24.01 7.42
C GLY C 127 -19.83 24.76 8.62
N ALA C 128 -19.19 25.89 8.34
CA ALA C 128 -18.72 26.82 9.38
C ALA C 128 -17.78 26.15 10.38
N TYR C 129 -17.11 25.08 9.93
CA TYR C 129 -16.10 24.35 10.72
C TYR C 129 -16.77 23.56 11.83
N VAL C 130 -18.10 23.49 11.88
CA VAL C 130 -18.77 22.71 12.94
C VAL C 130 -19.81 21.74 12.42
N LEU C 131 -20.35 22.01 11.24
CA LEU C 131 -21.41 21.15 10.71
C LEU C 131 -20.99 20.15 9.63
N PHE C 132 -21.84 19.14 9.46
CA PHE C 132 -21.84 18.26 8.26
C PHE C 132 -20.73 17.22 8.25
N ALA C 133 -20.24 16.85 9.42
CA ALA C 133 -19.48 15.60 9.51
C ALA C 133 -20.33 14.40 9.01
N GLY C 134 -19.65 13.38 8.53
CA GLY C 134 -20.30 12.13 8.14
C GLY C 134 -20.88 12.27 6.74
N LEU C 135 -21.93 11.50 6.46
CA LEU C 135 -22.51 11.46 5.13
C LEU C 135 -22.97 12.85 4.62
N PRO C 136 -23.42 13.75 5.51
CA PRO C 136 -23.78 15.09 5.05
C PRO C 136 -22.61 15.88 4.41
N SER C 137 -21.38 15.45 4.64
CA SER C 137 -20.23 16.13 4.06
C SER C 137 -20.20 16.14 2.53
N ILE C 138 -20.98 15.28 1.86
CA ILE C 138 -20.75 15.10 0.43
C ILE C 138 -21.72 15.89 -0.48
N GLU C 139 -22.47 16.83 0.08
CA GLU C 139 -23.47 17.55 -0.70
C GLU C 139 -22.88 18.13 -2.01
N GLU C 140 -21.86 18.97 -1.91
CA GLU C 140 -21.28 19.51 -3.16
C GLU C 140 -20.51 18.47 -3.95
N GLY C 141 -19.87 17.56 -3.23
CA GLY C 141 -19.14 16.45 -3.85
C GLY C 141 -20.05 15.71 -4.86
N ILE C 142 -21.31 15.49 -4.48
CA ILE C 142 -22.26 14.85 -5.42
C ILE C 142 -22.50 15.70 -6.65
N LEU C 143 -22.67 17.01 -6.44
CA LEU C 143 -22.93 17.91 -7.59
C LEU C 143 -21.71 18.02 -8.49
N ILE C 144 -20.52 18.10 -7.90
CA ILE C 144 -19.30 18.12 -8.70
C ILE C 144 -19.17 16.83 -9.52
N ALA C 145 -19.28 15.71 -8.83
CA ALA C 145 -19.11 14.42 -9.51
C ALA C 145 -20.05 14.34 -10.71
N HIS C 146 -21.32 14.66 -10.47
CA HIS C 146 -22.35 14.45 -11.49
C HIS C 146 -22.26 15.52 -12.59
N ARG C 147 -22.12 16.78 -12.20
CA ARG C 147 -22.16 17.86 -13.20
C ARG C 147 -20.86 18.05 -13.94
N LEU C 148 -19.72 17.68 -13.33
CA LEU C 148 -18.46 17.70 -14.07
C LEU C 148 -18.11 16.37 -14.71
N GLY C 149 -18.74 15.28 -14.25
CA GLY C 149 -18.36 13.93 -14.70
C GLY C 149 -16.94 13.54 -14.31
N ILE C 150 -16.64 13.65 -13.01
CA ILE C 150 -15.29 13.40 -12.47
C ILE C 150 -15.41 12.65 -11.14
N VAL C 151 -14.40 11.79 -10.87
CA VAL C 151 -14.38 11.12 -9.59
C VAL C 151 -14.03 12.14 -8.49
N VAL C 152 -14.81 12.16 -7.40
CA VAL C 152 -14.58 13.10 -6.30
C VAL C 152 -14.17 12.35 -5.01
N TYR C 153 -13.16 12.89 -4.31
CA TYR C 153 -12.84 12.43 -2.94
C TYR C 153 -13.23 13.52 -1.97
N SER C 154 -14.26 13.26 -1.16
CA SER C 154 -14.81 14.24 -0.24
CA SER C 154 -14.78 14.27 -0.25
C SER C 154 -14.19 14.00 1.14
N VAL C 155 -13.44 14.95 1.65
CA VAL C 155 -12.73 14.72 2.91
C VAL C 155 -13.62 14.98 4.13
N ASP C 156 -13.75 13.97 4.99
CA ASP C 156 -14.59 14.07 6.21
C ASP C 156 -13.66 14.44 7.38
N TYR C 157 -13.25 15.70 7.39
CA TYR C 157 -12.27 16.15 8.37
C TYR C 157 -12.83 16.40 9.77
N ARG C 158 -11.94 16.34 10.76
CA ARG C 158 -12.26 16.56 12.17
C ARG C 158 -12.58 18.03 12.47
N MET C 159 -13.49 18.25 13.43
CA MET C 159 -14.03 19.60 13.68
C MET C 159 -14.17 19.81 15.18
N PRO C 160 -14.17 21.07 15.60
CA PRO C 160 -14.55 21.39 16.98
C PRO C 160 -16.00 20.96 17.21
N PRO C 161 -16.40 20.85 18.46
CA PRO C 161 -15.62 21.18 19.67
C PRO C 161 -14.52 20.16 20.02
N ALA C 162 -14.68 18.92 19.58
CA ALA C 162 -13.67 17.92 19.98
C ALA C 162 -12.30 18.19 19.38
N TYR C 163 -12.28 18.68 18.14
CA TYR C 163 -11.01 18.83 17.40
C TYR C 163 -10.87 20.19 16.78
N PRO C 164 -10.39 21.15 17.55
CA PRO C 164 -10.30 22.48 16.94
C PRO C 164 -9.09 22.60 15.99
N PHE C 165 -8.96 23.77 15.41
CA PHE C 165 -7.77 24.12 14.64
C PHE C 165 -6.51 23.68 15.36
N PRO C 166 -5.55 23.07 14.64
CA PRO C 166 -5.47 22.82 13.19
C PRO C 166 -5.85 21.39 12.77
N ALA C 167 -6.77 20.72 13.47
CA ALA C 167 -7.07 19.31 13.14
C ALA C 167 -7.54 19.13 11.69
N ALA C 168 -8.49 19.96 11.26
CA ALA C 168 -9.04 19.85 9.90
C ALA C 168 -7.93 19.99 8.85
N LEU C 169 -7.04 20.93 9.08
CA LEU C 169 -5.97 21.23 8.12
C LEU C 169 -5.03 20.05 8.05
N ASP C 170 -4.72 19.50 9.21
CA ASP C 170 -3.91 18.31 9.25
C ASP C 170 -4.55 17.18 8.47
N ASP C 171 -5.87 16.96 8.60
CA ASP C 171 -6.52 15.88 7.86
C ASP C 171 -6.36 16.08 6.35
N VAL C 172 -6.61 17.31 5.90
CA VAL C 172 -6.51 17.60 4.47
C VAL C 172 -5.08 17.34 3.97
N LYS C 173 -4.08 17.71 4.77
CA LYS C 173 -2.69 17.49 4.40
C LYS C 173 -2.44 16.01 4.17
N HIS C 174 -2.97 15.19 5.07
CA HIS C 174 -2.73 13.74 5.00
C HIS C 174 -3.36 13.14 3.75
N VAL C 175 -4.57 13.58 3.43
CA VAL C 175 -5.28 13.04 2.26
C VAL C 175 -4.58 13.46 0.97
N TYR C 176 -4.23 14.73 0.86
CA TYR C 176 -3.51 15.20 -0.35
C TYR C 176 -2.19 14.46 -0.53
N ARG C 177 -1.45 14.26 0.56
CA ARG C 177 -0.16 13.58 0.46
C ARG C 177 -0.32 12.21 -0.21
N VAL C 178 -1.31 11.44 0.23
CA VAL C 178 -1.56 10.13 -0.34
C VAL C 178 -2.09 10.20 -1.77
N LEU C 179 -3.09 11.04 -2.02
CA LEU C 179 -3.65 11.08 -3.37
C LEU C 179 -2.62 11.64 -4.37
N SER C 180 -1.70 12.47 -3.92
CA SER C 180 -0.77 13.06 -4.90
C SER C 180 0.33 12.07 -5.22
N GLN C 181 0.51 11.09 -4.35
CA GLN C 181 1.35 9.94 -4.64
C GLN C 181 0.69 9.04 -5.71
N GLN C 182 -0.64 8.92 -5.66
CA GLN C 182 -1.32 8.10 -6.64
C GLN C 182 -1.39 8.79 -7.99
N TYR C 183 -1.82 10.05 -8.01
CA TYR C 183 -2.20 10.67 -9.29
C TYR C 183 -1.20 11.63 -9.83
N ASP C 184 -0.56 12.30 -8.89
CA ASP C 184 0.40 13.37 -9.11
C ASP C 184 -0.36 14.66 -9.33
N ALA C 185 0.30 15.71 -8.86
CA ALA C 185 -0.38 16.93 -8.50
C ALA C 185 -1.04 17.59 -9.72
N ASN C 186 -0.47 17.42 -10.90
CA ASN C 186 -1.10 18.14 -12.01
C ASN C 186 -2.31 17.39 -12.60
N HIS C 187 -2.68 16.26 -11.99
CA HIS C 187 -3.95 15.55 -12.30
C HIS C 187 -4.93 15.64 -11.16
N ILE C 188 -4.61 16.50 -10.19
CA ILE C 188 -5.55 16.72 -9.08
C ILE C 188 -6.15 18.11 -9.12
N PHE C 189 -7.47 18.18 -9.03
CA PHE C 189 -8.15 19.44 -8.81
C PHE C 189 -8.65 19.43 -7.38
N MET C 190 -8.79 20.61 -6.77
CA MET C 190 -9.37 20.66 -5.43
C MET C 190 -10.39 21.80 -5.34
N GLY C 191 -11.38 21.65 -4.46
CA GLY C 191 -12.33 22.73 -4.29
C GLY C 191 -13.05 22.59 -2.97
N GLY C 192 -13.65 23.68 -2.54
CA GLY C 192 -14.48 23.64 -1.36
C GLY C 192 -15.37 24.89 -1.34
N THR C 193 -16.46 24.80 -0.58
CA THR C 193 -17.37 25.88 -0.39
C THR C 193 -17.32 26.31 1.06
N SER C 194 -17.40 27.63 1.26
CA SER C 194 -17.53 28.21 2.58
C SER C 194 -16.32 27.88 3.46
N ALA C 195 -16.54 27.34 4.67
CA ALA C 195 -15.42 26.89 5.48
C ALA C 195 -14.42 26.01 4.70
N GLY C 196 -14.94 25.13 3.84
CA GLY C 196 -14.07 24.27 3.06
C GLY C 196 -13.22 25.06 2.09
N GLY C 197 -13.78 26.13 1.55
CA GLY C 197 -12.99 26.96 0.63
C GLY C 197 -11.88 27.68 1.39
N GLY C 198 -12.18 28.11 2.61
CA GLY C 198 -11.18 28.81 3.43
C GLY C 198 -10.06 27.84 3.78
N LEU C 199 -10.46 26.66 4.21
CA LEU C 199 -9.53 25.62 4.53
C LEU C 199 -8.64 25.27 3.33
N LEU C 200 -9.25 25.19 2.14
CA LEU C 200 -8.49 24.89 0.93
C LEU C 200 -7.44 25.97 0.66
N LEU C 201 -7.81 27.25 0.80
CA LEU C 201 -6.81 28.31 0.58
C LEU C 201 -5.64 28.23 1.59
N ALA C 202 -5.97 27.98 2.84
CA ALA C 202 -4.95 27.86 3.87
C ALA C 202 -4.04 26.65 3.58
N PHE C 203 -4.67 25.56 3.11
CA PHE C 203 -3.92 24.37 2.76
C PHE C 203 -2.93 24.60 1.60
N VAL C 204 -3.40 25.24 0.52
CA VAL C 204 -2.52 25.48 -0.62
C VAL C 204 -1.45 26.48 -0.23
N GLN C 205 -1.75 27.46 0.63
CA GLN C 205 -0.69 28.36 1.11
C GLN C 205 0.43 27.56 1.80
N GLY C 206 0.04 26.55 2.57
CA GLY C 206 1.02 25.75 3.30
C GLY C 206 1.87 24.93 2.35
N LEU C 207 1.26 24.40 1.28
CA LEU C 207 2.02 23.66 0.29
C LEU C 207 3.08 24.54 -0.35
N ILE C 208 2.67 25.74 -0.73
CA ILE C 208 3.61 26.65 -1.39
C ILE C 208 4.75 27.09 -0.48
N GLU C 209 4.46 27.40 0.78
CA GLU C 209 5.54 27.83 1.67
C GLU C 209 6.49 26.66 1.95
N ASN C 210 6.03 25.44 1.74
CA ASN C 210 6.93 24.28 1.91
C ASN C 210 7.50 23.73 0.62
N GLY C 211 7.26 24.42 -0.48
CA GLY C 211 7.77 24.02 -1.78
C GLY C 211 7.17 22.73 -2.32
N VAL C 212 6.01 22.33 -1.83
CA VAL C 212 5.33 21.13 -2.31
C VAL C 212 4.46 21.45 -3.54
N ALA C 213 4.44 20.55 -4.51
CA ALA C 213 3.69 20.79 -5.75
C ALA C 213 2.22 20.94 -5.43
N THR C 214 1.57 21.93 -6.06
CA THR C 214 0.18 22.26 -5.76
C THR C 214 -0.77 21.57 -6.75
N PRO C 215 -2.05 21.47 -6.40
CA PRO C 215 -2.96 20.92 -7.41
C PRO C 215 -2.98 21.73 -8.72
N ARG C 216 -3.45 21.10 -9.78
CA ARG C 216 -3.44 21.73 -11.11
C ARG C 216 -4.24 23.05 -11.12
N ALA C 217 -5.42 23.03 -10.52
CA ALA C 217 -6.31 24.18 -10.44
C ALA C 217 -7.30 23.95 -9.31
N ILE C 218 -7.84 25.03 -8.78
CA ILE C 218 -8.76 24.92 -7.65
C ILE C 218 -9.99 25.79 -7.78
N TYR C 219 -10.94 25.51 -6.91
CA TYR C 219 -12.23 26.18 -6.90
C TYR C 219 -12.53 26.60 -5.47
N ALA C 220 -12.89 27.85 -5.27
CA ALA C 220 -13.30 28.30 -3.94
C ALA C 220 -14.69 28.90 -4.08
N GLY C 221 -15.70 28.22 -3.55
CA GLY C 221 -17.06 28.71 -3.61
C GLY C 221 -17.35 29.46 -2.31
N THR C 222 -17.61 30.77 -2.45
CA THR C 222 -17.96 31.67 -1.32
C THR C 222 -17.10 31.34 -0.05
N PRO C 223 -15.79 31.42 -0.23
CA PRO C 223 -14.91 30.93 0.84
C PRO C 223 -14.97 31.75 2.13
N TRP C 224 -14.86 31.08 3.28
CA TRP C 224 -14.69 31.77 4.53
C TRP C 224 -13.22 32.11 4.64
N ALA C 225 -12.84 33.20 4.02
CA ALA C 225 -11.41 33.50 3.91
C ALA C 225 -10.90 34.39 5.03
N ASP C 226 -11.83 34.96 5.82
CA ASP C 226 -11.40 35.79 6.94
C ASP C 226 -12.42 35.55 8.03
N LEU C 227 -12.01 34.96 9.15
CA LEU C 227 -12.97 34.66 10.24
C LEU C 227 -13.39 35.88 11.06
N THR C 228 -12.66 36.98 10.92
CA THR C 228 -13.05 38.24 11.59
C THR C 228 -14.19 38.94 10.86
N LYS C 229 -14.84 39.89 11.52
CA LYS C 229 -15.93 40.60 10.86
C LYS C 229 -15.33 41.82 10.15
N THR C 230 -14.61 41.54 9.07
CA THR C 230 -13.87 42.58 8.35
C THR C 230 -14.46 42.87 6.96
N GLY C 231 -14.88 41.83 6.25
CA GLY C 231 -15.48 42.03 4.92
C GLY C 231 -16.69 42.94 4.98
N ASP C 232 -16.77 43.91 4.06
CA ASP C 232 -17.80 44.91 4.12
C ASP C 232 -19.20 44.32 3.98
N SER C 233 -19.33 43.32 3.12
CA SER C 233 -20.62 42.66 2.90
C SER C 233 -21.15 41.88 4.10
N LEU C 234 -20.31 41.57 5.10
CA LEU C 234 -20.83 41.00 6.36
C LEU C 234 -21.79 41.98 7.00
N TYR C 235 -21.49 43.27 6.79
CA TYR C 235 -22.39 44.34 7.27
C TYR C 235 -23.48 44.67 6.27
N THR C 236 -23.09 44.92 5.04
CA THR C 236 -24.08 45.43 4.12
C THR C 236 -25.10 44.39 3.66
N ASN C 237 -24.72 43.12 3.62
CA ASN C 237 -25.66 42.07 3.25
C ASN C 237 -26.22 41.30 4.46
N GLU C 238 -26.01 41.83 5.64
CA GLU C 238 -26.73 41.34 6.80
C GLU C 238 -28.24 41.47 6.55
N GLY C 239 -28.98 40.41 6.81
CA GLY C 239 -30.42 40.41 6.64
C GLY C 239 -30.86 40.38 5.18
N ILE C 240 -29.88 40.28 4.29
CA ILE C 240 -30.11 40.21 2.84
C ILE C 240 -29.68 38.81 2.34
N ASP C 241 -28.53 38.37 2.83
CA ASP C 241 -28.09 37.00 2.62
C ASP C 241 -29.02 36.02 3.40
N ARG C 242 -29.77 35.21 2.69
CA ARG C 242 -30.80 34.41 3.36
C ARG C 242 -30.25 33.18 4.06
N ILE C 243 -28.98 32.89 3.83
CA ILE C 243 -28.35 31.67 4.36
C ILE C 243 -27.53 32.01 5.61
N LEU C 244 -26.61 32.94 5.51
CA LEU C 244 -25.82 33.31 6.68
C LEU C 244 -26.56 34.24 7.65
N ILE C 245 -27.37 35.16 7.08
CA ILE C 245 -28.14 36.19 7.77
C ILE C 245 -27.39 37.25 8.55
N THR C 246 -26.44 36.83 9.40
CA THR C 246 -25.68 37.74 10.23
C THR C 246 -24.42 37.00 10.73
N TYR C 247 -23.33 37.73 10.87
CA TYR C 247 -22.12 37.21 11.52
C TYR C 247 -22.36 37.00 13.03
N ASP C 248 -23.28 37.76 13.63
CA ASP C 248 -23.26 37.94 15.10
C ASP C 248 -23.87 36.81 15.94
N GLY C 249 -24.29 35.72 15.30
CA GLY C 249 -24.90 34.59 15.99
C GLY C 249 -23.94 33.41 15.99
N THR C 250 -24.37 32.30 15.40
CA THR C 250 -23.56 31.06 15.40
CA THR C 250 -23.56 31.09 15.46
C THR C 250 -22.34 31.16 14.51
N LEU C 251 -22.41 32.01 13.48
CA LEU C 251 -21.27 32.12 12.58
C LEU C 251 -20.01 32.57 13.35
N GLY C 252 -20.05 33.74 14.02
CA GLY C 252 -18.88 34.22 14.76
C GLY C 252 -18.54 33.26 15.88
N ALA C 253 -19.58 32.66 16.48
CA ALA C 253 -19.32 31.72 17.58
C ALA C 253 -18.60 30.46 17.09
N SER C 254 -18.95 30.01 15.89
CA SER C 254 -18.28 28.85 15.30
C SER C 254 -16.82 29.15 14.93
N ALA C 255 -16.58 30.35 14.40
CA ALA C 255 -15.19 30.75 14.15
C ALA C 255 -14.37 30.72 15.46
N ARG C 256 -14.93 31.25 16.56
CA ARG C 256 -14.20 31.30 17.82
C ARG C 256 -14.00 29.87 18.37
N LEU C 257 -14.98 29.01 18.16
CA LEU C 257 -14.85 27.61 18.63
C LEU C 257 -13.71 26.88 17.90
N TYR C 258 -13.69 27.06 16.58
CA TYR C 258 -12.68 26.46 15.73
C TYR C 258 -11.27 26.96 16.09
N ALA C 259 -11.16 28.29 16.24
CA ALA C 259 -9.84 28.90 16.49
C ALA C 259 -9.26 28.61 17.88
N GLY C 260 -10.13 28.46 18.89
CA GLY C 260 -9.65 28.19 20.24
C GLY C 260 -8.77 29.36 20.67
N ASN C 261 -7.55 29.09 21.11
CA ASN C 261 -6.70 30.21 21.54
C ASN C 261 -5.81 30.79 20.44
N THR C 262 -6.09 30.45 19.20
CA THR C 262 -5.30 31.04 18.12
C THR C 262 -5.99 32.32 17.65
N PRO C 263 -5.26 33.42 17.51
CA PRO C 263 -5.84 34.68 17.00
C PRO C 263 -6.55 34.49 15.66
N LEU C 264 -7.71 35.15 15.47
CA LEU C 264 -8.53 34.86 14.30
C LEU C 264 -7.83 35.30 13.01
N THR C 265 -6.85 36.19 13.15
CA THR C 265 -6.13 36.70 11.98
C THR C 265 -4.96 35.79 11.54
N HIS C 266 -4.69 34.71 12.27
CA HIS C 266 -3.66 33.76 11.84
C HIS C 266 -3.95 33.30 10.41
N PRO C 267 -2.95 33.33 9.50
CA PRO C 267 -3.29 33.07 8.09
C PRO C 267 -3.84 31.68 7.81
N LYS C 268 -3.55 30.72 8.67
CA LYS C 268 -4.15 29.42 8.41
C LYS C 268 -5.61 29.31 8.92
N LEU C 269 -6.07 30.25 9.73
CA LEU C 269 -7.52 30.39 10.03
C LEU C 269 -8.20 31.32 9.00
N SER C 270 -7.48 32.39 8.68
CA SER C 270 -8.00 33.49 7.83
C SER C 270 -7.03 33.71 6.69
N PRO C 271 -7.11 32.86 5.65
CA PRO C 271 -6.08 32.89 4.62
C PRO C 271 -5.99 34.15 3.76
N ILE C 272 -6.98 35.03 3.81
CA ILE C 272 -6.78 36.34 3.16
C ILE C 272 -5.50 37.01 3.69
N TYR C 273 -5.13 36.76 4.95
CA TYR C 273 -3.93 37.38 5.50
C TYR C 273 -2.64 36.64 5.11
N GLY C 274 -2.76 35.52 4.41
CA GLY C 274 -1.56 34.87 3.91
C GLY C 274 -1.18 35.35 2.51
N ASP C 275 -0.29 34.64 1.87
CA ASP C 275 0.32 35.06 0.62
C ASP C 275 -0.25 34.23 -0.50
N PHE C 276 -0.61 34.83 -1.63
CA PHE C 276 -1.16 34.07 -2.76
C PHE C 276 -0.20 33.87 -3.92
N THR C 277 1.05 34.26 -3.71
CA THR C 277 2.08 33.99 -4.71
C THR C 277 2.13 32.51 -5.09
N ASP C 278 2.23 32.25 -6.39
CA ASP C 278 2.42 30.89 -6.96
C ASP C 278 1.17 30.04 -6.85
N PHE C 279 0.03 30.63 -6.47
CA PHE C 279 -1.22 29.85 -6.48
C PHE C 279 -1.56 29.31 -7.85
N PRO C 280 -2.13 28.10 -7.88
CA PRO C 280 -2.65 27.55 -9.15
C PRO C 280 -3.87 28.34 -9.60
N PRO C 281 -4.26 28.18 -10.86
CA PRO C 281 -5.45 28.90 -11.33
C PRO C 281 -6.67 28.61 -10.48
N THR C 282 -7.44 29.66 -10.15
CA THR C 282 -8.50 29.55 -9.20
C THR C 282 -9.81 30.08 -9.77
N PHE C 283 -10.87 29.30 -9.63
CA PHE C 283 -12.24 29.69 -9.95
C PHE C 283 -12.96 30.07 -8.64
N LEU C 284 -13.49 31.30 -8.57
CA LEU C 284 -14.15 31.79 -7.33
C LEU C 284 -15.60 32.09 -7.66
N VAL C 285 -16.50 31.64 -6.80
CA VAL C 285 -17.93 31.88 -6.98
C VAL C 285 -18.52 32.65 -5.81
N THR C 286 -19.35 33.65 -6.10
CA THR C 286 -20.11 34.31 -5.06
C THR C 286 -21.38 34.92 -5.70
N GLY C 287 -22.07 35.79 -4.96
CA GLY C 287 -23.34 36.33 -5.42
C GLY C 287 -23.50 37.74 -4.87
N THR C 288 -24.40 38.51 -5.47
CA THR C 288 -24.48 39.92 -5.02
C THR C 288 -25.07 40.06 -3.62
N ARG C 289 -25.85 39.06 -3.17
CA ARG C 289 -26.45 39.11 -1.85
C ARG C 289 -25.58 38.38 -0.81
N ASP C 290 -24.43 37.89 -1.24
CA ASP C 290 -23.63 36.97 -0.38
C ASP C 290 -22.91 37.76 0.71
N MET C 291 -23.10 37.41 1.98
CA MET C 291 -22.28 38.07 3.00
C MET C 291 -20.77 37.84 2.86
N PHE C 292 -20.38 36.76 2.17
CA PHE C 292 -18.96 36.53 1.86
C PHE C 292 -18.60 37.05 0.47
N LEU C 293 -19.45 37.91 -0.12
CA LEU C 293 -19.03 38.59 -1.35
C LEU C 293 -17.69 39.30 -1.17
N SER C 294 -17.57 40.08 -0.08
CA SER C 294 -16.36 40.83 0.18
C SER C 294 -15.12 39.95 0.35
N ASP C 295 -15.23 38.90 1.15
CA ASP C 295 -14.05 38.09 1.32
C ASP C 295 -13.67 37.34 0.02
N THR C 296 -14.65 36.98 -0.80
CA THR C 296 -14.37 36.35 -2.10
C THR C 296 -13.62 37.32 -3.02
N VAL C 297 -14.07 38.57 -3.12
CA VAL C 297 -13.37 39.51 -4.03
C VAL C 297 -12.07 40.00 -3.40
N ARG C 298 -11.97 40.02 -2.06
CA ARG C 298 -10.65 40.31 -1.46
C ARG C 298 -9.61 39.24 -1.87
N VAL C 299 -10.01 37.97 -1.81
CA VAL C 299 -9.14 36.91 -2.24
C VAL C 299 -8.78 37.09 -3.72
N ASN C 300 -9.79 37.34 -4.54
CA ASN C 300 -9.54 37.50 -5.97
C ASN C 300 -8.56 38.61 -6.24
N ARG C 301 -8.69 39.72 -5.50
CA ARG C 301 -7.81 40.86 -5.71
C ARG C 301 -6.37 40.53 -5.29
N LYS C 302 -6.22 39.86 -4.15
CA LYS C 302 -4.90 39.56 -3.66
C LYS C 302 -4.23 38.54 -4.60
N MET C 303 -5.01 37.57 -5.10
CA MET C 303 -4.55 36.66 -6.16
C MET C 303 -4.09 37.38 -7.44
N ARG C 304 -4.96 38.21 -7.99
CA ARG C 304 -4.55 38.93 -9.20
C ARG C 304 -3.33 39.80 -8.96
N ASP C 305 -3.23 40.41 -7.79
CA ASP C 305 -2.05 41.27 -7.51
C ASP C 305 -0.75 40.43 -7.45
N ALA C 306 -0.89 39.15 -7.13
CA ALA C 306 0.22 38.21 -7.10
C ALA C 306 0.44 37.49 -8.45
N GLY C 307 -0.32 37.86 -9.47
CA GLY C 307 -0.15 37.32 -10.80
C GLY C 307 -0.80 35.95 -11.01
N VAL C 308 -1.71 35.62 -10.12
CA VAL C 308 -2.46 34.36 -10.21
C VAL C 308 -3.54 34.48 -11.27
N THR C 309 -3.72 33.44 -12.08
CA THR C 309 -4.84 33.34 -13.00
C THR C 309 -6.14 32.99 -12.25
N THR C 310 -7.13 33.88 -12.33
CA THR C 310 -8.43 33.59 -11.71
C THR C 310 -9.59 33.88 -12.66
N VAL C 311 -10.68 33.19 -12.39
CA VAL C 311 -11.97 33.51 -12.97
C VAL C 311 -12.89 33.78 -11.83
N LEU C 312 -13.52 34.95 -11.82
CA LEU C 312 -14.46 35.32 -10.75
C LEU C 312 -15.87 35.30 -11.32
N ASP C 313 -16.76 34.54 -10.70
CA ASP C 313 -18.12 34.37 -11.26
C ASP C 313 -19.09 34.78 -10.18
N VAL C 314 -19.74 35.92 -10.38
CA VAL C 314 -20.62 36.46 -9.36
C VAL C 314 -22.03 36.35 -9.92
N TYR C 315 -22.98 35.83 -9.13
CA TYR C 315 -24.35 35.63 -9.58
C TYR C 315 -25.31 36.66 -9.02
N GLU C 316 -26.09 37.24 -9.88
CA GLU C 316 -27.10 38.19 -9.48
C GLU C 316 -28.10 37.62 -8.49
N GLY C 317 -28.28 38.30 -7.36
CA GLY C 317 -29.37 37.95 -6.45
C GLY C 317 -29.01 36.82 -5.49
N LEU C 318 -27.84 36.24 -5.64
CA LEU C 318 -27.54 34.99 -4.91
C LEU C 318 -26.87 35.25 -3.56
N SER C 319 -27.35 34.52 -2.54
CA SER C 319 -26.75 34.52 -1.19
C SER C 319 -25.67 33.49 -1.06
N HIS C 320 -25.05 33.46 0.12
CA HIS C 320 -24.05 32.45 0.44
C HIS C 320 -24.49 30.99 0.10
N ALA C 321 -23.76 30.34 -0.79
CA ALA C 321 -24.01 28.95 -1.13
C ALA C 321 -25.40 28.66 -1.68
N ASP C 322 -26.07 29.68 -2.26
CA ASP C 322 -27.39 29.44 -2.76
C ASP C 322 -27.37 28.37 -3.86
N TYR C 323 -26.24 28.23 -4.55
CA TYR C 323 -26.18 27.24 -5.65
C TYR C 323 -26.20 25.80 -5.07
N LEU C 324 -25.99 25.67 -3.77
CA LEU C 324 -26.18 24.35 -3.11
C LEU C 324 -27.56 24.22 -2.51
N VAL C 325 -28.01 25.28 -1.84
CA VAL C 325 -29.29 25.29 -1.16
C VAL C 325 -30.41 25.04 -2.14
N SER C 326 -30.34 25.72 -3.28
CA SER C 326 -31.35 25.56 -4.31
C SER C 326 -30.66 25.10 -5.58
N HIS C 327 -30.27 23.81 -5.59
CA HIS C 327 -29.35 23.35 -6.64
C HIS C 327 -30.07 22.97 -7.94
N GLN C 328 -31.40 22.84 -7.93
CA GLN C 328 -32.08 22.59 -9.22
C GLN C 328 -32.58 23.89 -9.86
N THR C 329 -31.66 24.82 -10.02
CA THR C 329 -31.96 26.13 -10.66
C THR C 329 -31.00 26.30 -11.83
N PRO C 330 -31.39 27.10 -12.82
CA PRO C 330 -30.43 27.46 -13.88
C PRO C 330 -29.16 28.09 -13.33
N GLU C 331 -29.28 28.87 -12.26
CA GLU C 331 -28.14 29.50 -11.62
C GLU C 331 -27.14 28.47 -11.07
N SER C 332 -27.66 27.47 -10.35
CA SER C 332 -26.79 26.41 -9.83
C SER C 332 -26.16 25.67 -11.00
N GLN C 333 -26.95 25.32 -12.02
CA GLN C 333 -26.37 24.63 -13.17
C GLN C 333 -25.25 25.44 -13.82
N SER C 334 -25.46 26.74 -13.88
CA SER C 334 -24.46 27.63 -14.49
C SER C 334 -23.14 27.60 -13.71
N VAL C 335 -23.23 27.60 -12.39
CA VAL C 335 -21.99 27.52 -11.58
C VAL C 335 -21.15 26.32 -12.00
N TYR C 336 -21.75 25.14 -12.13
CA TYR C 336 -20.94 23.95 -12.37
C TYR C 336 -20.58 23.81 -13.85
N ARG C 337 -21.43 24.33 -14.73
CA ARG C 337 -21.08 24.39 -16.16
C ARG C 337 -19.82 25.25 -16.36
N GLN C 338 -19.76 26.37 -15.67
CA GLN C 338 -18.63 27.29 -15.84
C GLN C 338 -17.38 26.74 -15.15
N LEU C 339 -17.56 26.12 -13.98
CA LEU C 339 -16.43 25.42 -13.34
C LEU C 339 -15.89 24.32 -14.22
N LYS C 340 -16.78 23.54 -14.84
CA LYS C 340 -16.35 22.49 -15.71
C LYS C 340 -15.51 23.07 -16.84
N ARG C 341 -16.01 24.13 -17.49
CA ARG C 341 -15.24 24.73 -18.60
C ARG C 341 -13.86 25.22 -18.14
N PHE C 342 -13.84 25.81 -16.94
CA PHE C 342 -12.57 26.29 -16.37
C PHE C 342 -11.60 25.13 -16.21
N LEU C 343 -12.05 24.02 -15.61
CA LEU C 343 -11.09 22.93 -15.30
C LEU C 343 -10.71 22.15 -16.55
N VAL C 344 -11.63 22.09 -17.53
CA VAL C 344 -11.31 21.40 -18.80
C VAL C 344 -10.16 22.10 -19.49
N GLY C 345 -10.12 23.41 -19.35
CA GLY C 345 -9.01 24.18 -19.94
C GLY C 345 -7.64 23.79 -19.39
N PHE C 346 -7.61 23.11 -18.25
CA PHE C 346 -6.33 22.73 -17.66
C PHE C 346 -6.10 21.25 -17.72
N THR C 347 -6.79 20.57 -18.64
CA THR C 347 -6.54 19.14 -18.79
C THR C 347 -5.57 18.95 -19.97
N VAL D 32 3.61 0.91 -28.26
CA VAL D 32 4.25 0.79 -29.57
C VAL D 32 3.54 -0.26 -30.42
N PRO D 33 3.21 0.07 -31.68
CA PRO D 33 2.51 -0.89 -32.54
C PRO D 33 3.37 -2.09 -32.87
N ILE D 34 2.76 -3.21 -33.24
CA ILE D 34 3.48 -4.32 -33.86
C ILE D 34 4.26 -3.75 -35.05
N PRO D 35 5.52 -4.15 -35.21
CA PRO D 35 6.31 -3.57 -36.32
C PRO D 35 5.60 -3.74 -37.67
N GLN D 36 5.41 -2.64 -38.41
CA GLN D 36 4.54 -2.74 -39.56
C GLN D 36 5.14 -3.47 -40.73
N SER D 37 6.46 -3.49 -40.85
CA SER D 37 7.04 -3.97 -42.09
C SER D 37 7.50 -5.44 -42.01
N ILE D 38 7.30 -6.11 -40.87
CA ILE D 38 7.74 -7.51 -40.75
C ILE D 38 6.70 -8.40 -41.41
N SER D 39 7.02 -9.68 -41.57
CA SER D 39 6.10 -10.60 -42.24
C SER D 39 4.79 -10.75 -41.54
N ALA D 40 3.76 -11.07 -42.29
CA ALA D 40 2.48 -11.36 -41.64
C ALA D 40 2.58 -12.51 -40.63
N GLU D 41 3.44 -13.50 -40.93
CA GLU D 41 3.63 -14.63 -40.07
C GLU D 41 4.20 -14.23 -38.73
N PHE D 42 5.21 -13.35 -38.76
CA PHE D 42 5.86 -12.83 -37.54
C PHE D 42 4.90 -11.91 -36.78
N LYS D 43 4.12 -11.08 -37.49
CA LYS D 43 3.06 -10.33 -36.81
C LYS D 43 2.09 -11.21 -36.06
N ALA D 44 1.66 -12.30 -36.69
CA ALA D 44 0.75 -13.21 -36.00
C ALA D 44 1.40 -13.82 -34.75
N ALA D 45 2.67 -14.17 -34.85
CA ALA D 45 3.39 -14.67 -33.69
C ALA D 45 3.47 -13.63 -32.56
N LEU D 46 3.81 -12.38 -32.89
CA LEU D 46 3.83 -11.34 -31.85
C LEU D 46 2.46 -11.05 -31.24
N ALA D 47 1.39 -11.11 -32.04
CA ALA D 47 0.04 -10.83 -31.51
C ALA D 47 -0.46 -11.89 -30.53
N GLN D 48 0.01 -13.13 -30.70
CA GLN D 48 -0.51 -14.28 -29.96
C GLN D 48 -0.08 -14.13 -28.54
N TYR D 49 1.18 -13.74 -28.46
CA TYR D 49 2.04 -13.84 -27.30
C TYR D 49 1.55 -12.93 -26.19
N PRO D 50 1.23 -13.53 -25.05
CA PRO D 50 0.89 -12.81 -23.81
C PRO D 50 2.16 -12.33 -23.06
N THR D 51 2.64 -11.11 -23.35
CA THR D 51 3.91 -10.66 -22.77
C THR D 51 3.79 -10.08 -21.35
N PRO D 52 4.43 -10.75 -20.38
CA PRO D 52 4.39 -10.31 -18.98
C PRO D 52 4.81 -8.84 -18.86
N SER D 53 4.22 -8.15 -17.91
CA SER D 53 4.63 -6.82 -17.55
C SER D 53 6.07 -6.87 -17.08
N VAL D 54 6.74 -5.75 -17.22
CA VAL D 54 8.05 -5.58 -16.66
C VAL D 54 8.00 -5.74 -15.13
N GLU D 55 6.93 -5.26 -14.50
CA GLU D 55 6.85 -5.37 -13.05
C GLU D 55 6.89 -6.82 -12.61
N GLU D 56 6.10 -7.67 -13.27
CA GLU D 56 6.04 -9.06 -12.81
C GLU D 56 7.32 -9.80 -13.23
N ALA D 57 7.87 -9.47 -14.40
CA ALA D 57 9.13 -10.10 -14.76
C ALA D 57 10.25 -9.69 -13.77
N ARG D 58 10.29 -8.41 -13.39
CA ARG D 58 11.37 -7.90 -12.55
C ARG D 58 11.34 -8.58 -11.17
N SER D 59 10.17 -8.94 -10.70
CA SER D 59 10.11 -9.50 -9.34
C SER D 59 10.26 -11.02 -9.32
N PHE D 60 10.35 -11.63 -10.49
CA PHE D 60 10.55 -13.09 -10.55
C PHE D 60 12.00 -13.44 -10.27
N VAL D 61 12.31 -13.72 -8.99
CA VAL D 61 13.68 -14.00 -8.60
C VAL D 61 13.71 -15.18 -7.62
N PRO D 62 14.03 -16.39 -8.10
CA PRO D 62 14.24 -17.48 -7.13
C PRO D 62 15.36 -17.15 -6.16
N THR D 63 15.22 -17.53 -4.91
CA THR D 63 16.33 -17.30 -3.97
C THR D 63 16.72 -18.56 -3.21
N THR D 64 15.94 -19.64 -3.33
CA THR D 64 16.39 -20.90 -2.71
C THR D 64 16.67 -21.94 -3.77
N ALA D 65 17.46 -22.94 -3.40
CA ALA D 65 17.79 -24.01 -4.31
C ALA D 65 16.49 -24.69 -4.81
N ALA D 66 15.55 -24.85 -3.90
CA ALA D 66 14.24 -25.49 -4.21
C ALA D 66 13.47 -24.69 -5.26
N GLN D 67 13.48 -23.37 -5.14
CA GLN D 67 12.80 -22.53 -6.14
C GLN D 67 13.50 -22.63 -7.48
N TRP D 68 14.82 -22.57 -7.47
CA TRP D 68 15.51 -22.69 -8.76
C TRP D 68 15.21 -24.03 -9.39
N ARG D 69 15.24 -25.07 -8.58
CA ARG D 69 15.04 -26.38 -9.18
C ARG D 69 13.62 -26.51 -9.71
N ASP D 70 12.66 -25.96 -8.97
CA ASP D 70 11.30 -26.13 -9.40
C ASP D 70 11.05 -25.39 -10.72
N TYR D 71 11.58 -24.16 -10.82
CA TYR D 71 11.48 -23.36 -12.02
C TYR D 71 12.15 -24.00 -13.24
N VAL D 72 13.37 -24.48 -13.03
CA VAL D 72 14.15 -25.10 -14.10
C VAL D 72 13.50 -26.44 -14.56
N GLN D 73 13.13 -27.29 -13.60
CA GLN D 73 12.59 -28.61 -13.98
C GLN D 73 11.24 -28.42 -14.70
N ALA D 74 10.43 -27.49 -14.23
CA ALA D 74 9.13 -27.27 -14.88
C ALA D 74 9.29 -26.70 -16.29
N THR D 75 10.14 -25.68 -16.42
CA THR D 75 10.41 -25.08 -17.72
C THR D 75 10.98 -26.11 -18.70
N ASN D 76 11.87 -26.96 -18.21
CA ASN D 76 12.47 -27.96 -19.08
C ASN D 76 11.43 -28.97 -19.56
N LYS D 77 10.52 -29.38 -18.68
CA LYS D 77 9.48 -30.36 -19.09
C LYS D 77 8.65 -29.88 -20.28
N MET D 78 8.26 -28.62 -20.26
CA MET D 78 7.55 -28.00 -21.40
C MET D 78 8.35 -27.97 -22.70
N GLN D 79 9.59 -27.54 -22.58
CA GLN D 79 10.44 -27.42 -23.73
C GLN D 79 10.69 -28.82 -24.33
N LYS D 80 10.65 -29.84 -23.50
CA LYS D 80 10.92 -31.20 -23.98
C LYS D 80 9.85 -31.63 -24.99
N THR D 81 8.59 -31.30 -24.70
CA THR D 81 7.54 -31.57 -25.67
C THR D 81 7.76 -30.90 -27.05
N LYS D 82 8.17 -29.62 -27.05
CA LYS D 82 8.46 -28.90 -28.30
C LYS D 82 9.55 -29.67 -29.09
N ILE D 83 10.59 -30.09 -28.37
CA ILE D 83 11.71 -30.76 -29.03
C ILE D 83 11.25 -32.10 -29.69
N LYS D 84 10.41 -32.88 -28.98
CA LYS D 84 9.91 -34.13 -29.54
C LYS D 84 9.13 -33.86 -30.82
N ASN D 85 8.31 -32.83 -30.81
CA ASN D 85 7.53 -32.47 -32.00
C ASN D 85 8.45 -32.08 -33.16
N MET D 86 9.43 -31.22 -32.85
CA MET D 86 10.41 -30.80 -33.87
C MET D 86 11.22 -31.96 -34.44
N ARG D 87 11.69 -32.85 -33.56
CA ARG D 87 12.46 -33.96 -34.03
CA ARG D 87 12.43 -34.02 -33.95
C ARG D 87 11.61 -34.80 -35.01
N LYS D 88 10.33 -35.00 -34.70
CA LYS D 88 9.48 -35.81 -35.60
C LYS D 88 9.14 -35.07 -36.89
N HIS D 89 8.93 -33.76 -36.76
CA HIS D 89 8.61 -32.91 -37.90
C HIS D 89 9.75 -32.93 -38.88
N TYR D 90 10.97 -32.63 -38.44
CA TYR D 90 12.08 -32.53 -39.38
C TYR D 90 12.70 -33.90 -39.71
N GLY D 91 12.42 -34.89 -38.89
CA GLY D 91 12.87 -36.24 -39.12
C GLY D 91 14.36 -36.41 -38.87
N VAL D 92 14.94 -35.51 -38.09
CA VAL D 92 16.34 -35.62 -37.73
C VAL D 92 16.53 -36.80 -36.79
N THR D 93 17.69 -37.44 -36.84
CA THR D 93 18.01 -38.40 -35.79
C THR D 93 18.71 -37.65 -34.69
N VAL D 94 18.48 -38.09 -33.46
CA VAL D 94 19.12 -37.52 -32.29
C VAL D 94 19.75 -38.68 -31.49
N GLU D 95 21.07 -38.71 -31.44
CA GLU D 95 21.80 -39.82 -30.85
C GLU D 95 22.45 -39.30 -29.59
N LEU D 96 22.15 -39.93 -28.45
CA LEU D 96 22.68 -39.47 -27.19
C LEU D 96 24.09 -40.07 -27.00
N LEU D 97 25.10 -39.21 -26.79
CA LEU D 97 26.47 -39.65 -26.66
C LEU D 97 27.02 -39.21 -25.32
N ASP D 98 28.09 -39.89 -24.89
CA ASP D 98 28.98 -39.35 -23.87
C ASP D 98 30.35 -39.10 -24.48
N ILE D 99 30.84 -37.86 -24.36
CA ILE D 99 32.17 -37.54 -24.88
C ILE D 99 33.00 -37.05 -23.70
N LYS D 100 33.91 -37.91 -23.22
CA LYS D 100 34.78 -37.59 -22.08
C LYS D 100 33.98 -37.10 -20.89
N GLY D 101 32.86 -37.76 -20.66
CA GLY D 101 32.03 -37.48 -19.51
C GLY D 101 30.99 -36.40 -19.69
N VAL D 102 30.95 -35.79 -20.88
CA VAL D 102 30.04 -34.71 -21.17
C VAL D 102 28.91 -35.28 -22.03
N THR D 103 27.66 -35.00 -21.68
CA THR D 103 26.52 -35.47 -22.47
C THR D 103 26.46 -34.62 -23.74
N VAL D 104 26.37 -35.28 -24.90
CA VAL D 104 26.29 -34.56 -26.19
C VAL D 104 25.21 -35.25 -27.01
N ARG D 105 24.40 -34.48 -27.73
CA ARG D 105 23.43 -35.11 -28.63
C ARG D 105 23.86 -34.80 -30.05
N LYS D 106 24.02 -35.86 -30.84
CA LYS D 106 24.41 -35.75 -32.24
C LYS D 106 23.13 -35.74 -33.10
N ILE D 107 22.93 -34.67 -33.87
CA ILE D 107 21.71 -34.45 -34.65
C ILE D 107 22.01 -34.57 -36.13
N THR D 108 21.37 -35.51 -36.83
CA THR D 108 21.70 -35.74 -38.28
C THR D 108 20.44 -35.54 -39.11
N PRO D 109 20.48 -34.60 -40.07
CA PRO D 109 19.28 -34.34 -40.89
C PRO D 109 19.08 -35.48 -41.89
N LYS D 110 17.91 -35.51 -42.54
CA LYS D 110 17.61 -36.57 -43.49
C LYS D 110 18.57 -36.55 -44.67
N SER D 111 18.96 -35.37 -45.14
CA SER D 111 20.02 -35.33 -46.15
C SER D 111 20.96 -34.18 -45.82
N LEU D 112 22.23 -34.36 -46.23
CA LEU D 112 23.28 -33.40 -45.92
C LEU D 112 23.59 -32.49 -47.11
N SER D 113 23.95 -31.26 -46.83
CA SER D 113 24.36 -30.40 -47.94
C SER D 113 25.74 -30.82 -48.41
N PRO D 114 25.92 -30.99 -49.74
CA PRO D 114 27.24 -31.43 -50.19
C PRO D 114 28.37 -30.45 -49.82
N GLU D 115 28.07 -29.15 -49.71
CA GLU D 115 29.11 -28.19 -49.32
C GLU D 115 29.70 -28.51 -47.95
N PHE D 116 28.92 -29.19 -47.10
CA PHE D 116 29.42 -29.44 -45.74
C PHE D 116 29.94 -30.85 -45.54
N LYS D 117 30.16 -31.56 -46.64
CA LYS D 117 30.84 -32.84 -46.55
C LYS D 117 32.11 -32.68 -45.72
N ASP D 118 32.28 -33.60 -44.79
CA ASP D 118 33.43 -33.62 -43.89
C ASP D 118 33.55 -32.41 -42.92
N HIS D 119 32.49 -31.60 -42.80
CA HIS D 119 32.43 -30.56 -41.77
C HIS D 119 31.36 -30.92 -40.74
N VAL D 120 31.53 -30.49 -39.51
CA VAL D 120 30.48 -30.69 -38.49
C VAL D 120 30.29 -29.36 -37.77
N TYR D 121 29.17 -29.24 -37.05
CA TYR D 121 28.80 -28.06 -36.36
C TYR D 121 28.62 -28.39 -34.89
N ILE D 122 29.25 -27.61 -33.99
CA ILE D 122 29.08 -27.85 -32.54
C ILE D 122 28.18 -26.73 -32.01
N ASP D 123 27.04 -27.12 -31.42
CA ASP D 123 26.04 -26.18 -30.96
C ASP D 123 26.13 -26.05 -29.46
N ILE D 124 26.17 -24.79 -29.00
CA ILE D 124 26.22 -24.50 -27.56
CA ILE D 124 26.21 -24.50 -27.56
C ILE D 124 24.92 -23.78 -27.20
N HIS D 125 23.98 -24.47 -26.55
CA HIS D 125 22.64 -23.90 -26.38
C HIS D 125 22.54 -22.74 -25.42
N GLY D 126 21.45 -21.99 -25.54
CA GLY D 126 21.16 -20.88 -24.63
C GLY D 126 20.21 -21.27 -23.49
N GLY D 127 19.78 -20.30 -22.69
CA GLY D 127 18.94 -20.64 -21.53
C GLY D 127 19.49 -19.97 -20.28
N ALA D 128 20.13 -18.84 -20.49
CA ALA D 128 20.55 -17.97 -19.37
C ALA D 128 21.39 -18.68 -18.32
N TYR D 129 22.12 -19.71 -18.76
CA TYR D 129 22.99 -20.52 -17.91
C TYR D 129 22.22 -21.31 -16.85
N VAL D 130 20.88 -21.36 -16.91
CA VAL D 130 20.18 -22.23 -15.93
C VAL D 130 19.17 -23.21 -16.58
N LEU D 131 18.60 -22.81 -17.73
CA LEU D 131 17.57 -23.58 -18.42
C LEU D 131 18.10 -24.52 -19.53
N PHE D 132 17.29 -25.55 -19.80
CA PHE D 132 17.28 -26.38 -21.01
C PHE D 132 18.34 -27.45 -21.03
N ALA D 133 18.82 -27.88 -19.85
CA ALA D 133 19.59 -29.12 -19.77
C ALA D 133 18.78 -30.30 -20.34
N GLY D 134 19.46 -31.33 -20.82
CA GLY D 134 18.82 -32.56 -21.28
C GLY D 134 18.33 -32.38 -22.70
N LEU D 135 17.34 -33.16 -23.07
CA LEU D 135 16.79 -33.09 -24.43
C LEU D 135 16.30 -31.68 -24.83
N PRO D 136 15.75 -30.89 -23.90
CA PRO D 136 15.42 -29.50 -24.24
C PRO D 136 16.57 -28.66 -24.82
N SER D 137 17.81 -29.11 -24.68
CA SER D 137 18.94 -28.32 -25.14
C SER D 137 19.02 -28.15 -26.66
N ILE D 138 18.29 -28.96 -27.43
CA ILE D 138 18.69 -29.09 -28.84
C ILE D 138 17.81 -28.31 -29.81
N GLU D 139 17.05 -27.33 -29.33
CA GLU D 139 16.11 -26.61 -30.23
C GLU D 139 16.86 -26.00 -31.42
N GLU D 140 17.86 -25.15 -31.16
CA GLU D 140 18.58 -24.57 -32.31
C GLU D 140 19.41 -25.61 -33.05
N GLY D 141 19.95 -26.59 -32.34
CA GLY D 141 20.67 -27.66 -32.99
C GLY D 141 19.84 -28.35 -34.06
N ILE D 142 18.54 -28.55 -33.80
CA ILE D 142 17.65 -29.16 -34.79
C ILE D 142 17.50 -28.24 -36.01
N LEU D 143 17.27 -26.97 -35.75
CA LEU D 143 17.13 -26.01 -36.86
C LEU D 143 18.41 -25.93 -37.68
N ILE D 144 19.57 -25.88 -37.03
CA ILE D 144 20.77 -25.82 -37.84
CA ILE D 144 20.84 -25.88 -37.76
C ILE D 144 21.00 -27.12 -38.63
N ALA D 145 20.82 -28.29 -37.99
CA ALA D 145 21.01 -29.51 -38.76
C ALA D 145 20.12 -29.56 -40.02
N HIS D 146 18.84 -29.24 -39.85
CA HIS D 146 17.89 -29.34 -40.92
C HIS D 146 18.06 -28.21 -41.95
N ARG D 147 18.29 -26.99 -41.48
CA ARG D 147 18.20 -25.85 -42.38
C ARG D 147 19.54 -25.65 -43.08
N LEU D 148 20.63 -26.10 -42.43
CA LEU D 148 21.95 -26.07 -43.09
C LEU D 148 22.33 -27.37 -43.75
N GLY D 149 21.70 -28.47 -43.33
CA GLY D 149 22.07 -29.76 -43.91
C GLY D 149 23.44 -30.19 -43.40
N ILE D 150 23.62 -30.12 -42.09
CA ILE D 150 24.94 -30.42 -41.52
C ILE D 150 24.75 -31.23 -40.23
N VAL D 151 25.71 -32.09 -39.92
CA VAL D 151 25.66 -32.79 -38.61
C VAL D 151 25.98 -31.85 -37.49
N VAL D 152 25.15 -31.89 -36.45
CA VAL D 152 25.30 -31.02 -35.29
C VAL D 152 25.57 -31.81 -34.02
N TYR D 153 26.57 -31.39 -33.26
CA TYR D 153 26.80 -31.94 -31.91
C TYR D 153 26.39 -30.88 -30.94
N SER D 154 25.28 -31.11 -30.23
CA SER D 154 24.82 -30.16 -29.22
CA SER D 154 24.81 -30.15 -29.21
C SER D 154 25.31 -30.51 -27.83
N VAL D 155 26.07 -29.61 -27.21
CA VAL D 155 26.70 -29.88 -25.91
C VAL D 155 25.72 -29.64 -24.76
N ASP D 156 25.47 -30.68 -23.97
CA ASP D 156 24.57 -30.60 -22.81
C ASP D 156 25.40 -30.28 -21.55
N TYR D 157 25.85 -29.02 -21.48
CA TYR D 157 26.82 -28.62 -20.49
C TYR D 157 26.17 -28.45 -19.09
N ARG D 158 26.97 -28.62 -18.07
CA ARG D 158 26.54 -28.47 -16.67
C ARG D 158 26.20 -27.01 -16.32
N MET D 159 25.26 -26.82 -15.38
CA MET D 159 24.76 -25.48 -15.05
C MET D 159 24.54 -25.35 -13.56
N PRO D 160 24.50 -24.10 -13.08
CA PRO D 160 24.03 -23.88 -11.72
C PRO D 160 22.53 -24.18 -11.62
N PRO D 161 22.00 -24.33 -10.38
CA PRO D 161 22.74 -24.12 -9.13
C PRO D 161 23.80 -25.18 -8.81
N ALA D 162 23.66 -26.38 -9.36
CA ALA D 162 24.56 -27.46 -8.93
C ALA D 162 26.01 -27.18 -9.36
N TYR D 163 26.17 -26.66 -10.58
CA TYR D 163 27.49 -26.51 -11.21
C TYR D 163 27.68 -25.13 -11.83
N PRO D 164 28.04 -24.16 -10.99
CA PRO D 164 28.30 -22.81 -11.51
C PRO D 164 29.56 -22.78 -12.36
N PHE D 165 29.85 -21.62 -12.94
CA PHE D 165 31.13 -21.35 -13.58
C PHE D 165 32.27 -21.91 -12.73
N PRO D 166 33.25 -22.61 -13.35
CA PRO D 166 33.50 -22.80 -14.78
C PRO D 166 33.03 -24.13 -15.37
N ALA D 167 32.09 -24.82 -14.73
CA ALA D 167 31.73 -26.17 -15.19
C ALA D 167 31.34 -26.18 -16.67
N ALA D 168 30.51 -25.24 -17.09
CA ALA D 168 30.03 -25.24 -18.49
C ALA D 168 31.18 -25.08 -19.48
N LEU D 169 32.09 -24.17 -19.19
CA LEU D 169 33.25 -23.96 -20.04
C LEU D 169 34.16 -25.19 -20.11
N ASP D 170 34.36 -25.83 -18.96
CA ASP D 170 35.12 -27.07 -18.94
C ASP D 170 34.45 -28.12 -19.85
N ASP D 171 33.13 -28.23 -19.80
CA ASP D 171 32.48 -29.23 -20.64
C ASP D 171 32.69 -28.95 -22.13
N VAL D 172 32.59 -27.68 -22.54
CA VAL D 172 32.79 -27.34 -23.96
C VAL D 172 34.21 -27.67 -24.35
N LYS D 173 35.17 -27.31 -23.50
CA LYS D 173 36.56 -27.61 -23.81
C LYS D 173 36.74 -29.10 -24.04
N HIS D 174 36.14 -29.91 -23.17
CA HIS D 174 36.38 -31.35 -23.29
C HIS D 174 35.84 -31.96 -24.56
N VAL D 175 34.70 -31.46 -24.99
CA VAL D 175 34.03 -31.95 -26.20
C VAL D 175 34.83 -31.51 -27.43
N TYR D 176 35.24 -30.25 -27.44
CA TYR D 176 35.99 -29.73 -28.57
C TYR D 176 37.33 -30.44 -28.74
N ARG D 177 38.00 -30.83 -27.66
CA ARG D 177 39.28 -31.54 -27.83
C ARG D 177 39.07 -32.84 -28.59
N VAL D 178 38.01 -33.56 -28.25
CA VAL D 178 37.71 -34.81 -28.95
C VAL D 178 37.32 -34.58 -30.41
N LEU D 179 36.37 -33.65 -30.66
CA LEU D 179 35.86 -33.52 -32.01
C LEU D 179 36.93 -32.91 -32.94
N SER D 180 37.78 -32.05 -32.39
CA SER D 180 38.82 -31.43 -33.22
CA SER D 180 38.85 -31.42 -33.19
C SER D 180 39.89 -32.47 -33.60
N GLN D 181 40.15 -33.46 -32.73
CA GLN D 181 41.02 -34.56 -33.08
C GLN D 181 40.40 -35.44 -34.15
N GLN D 182 39.07 -35.57 -34.10
CA GLN D 182 38.35 -36.44 -35.00
C GLN D 182 38.20 -35.83 -36.40
N TYR D 183 37.93 -34.53 -36.45
CA TYR D 183 37.56 -33.90 -37.71
C TYR D 183 38.55 -32.85 -38.26
N ASP D 184 39.48 -32.41 -37.41
CA ASP D 184 40.38 -31.25 -37.65
C ASP D 184 39.63 -29.97 -37.38
N ALA D 185 40.31 -29.04 -36.70
CA ALA D 185 39.72 -27.76 -36.32
C ALA D 185 39.20 -27.03 -37.55
N ASN D 186 39.88 -27.15 -38.68
CA ASN D 186 39.40 -26.36 -39.81
C ASN D 186 38.19 -26.96 -40.53
N HIS D 187 37.67 -28.08 -40.01
CA HIS D 187 36.40 -28.62 -40.51
C HIS D 187 35.33 -28.55 -39.44
N ILE D 188 35.58 -27.75 -38.39
CA ILE D 188 34.55 -27.55 -37.37
C ILE D 188 34.01 -26.14 -37.42
N PHE D 189 32.68 -26.03 -37.43
CA PHE D 189 32.00 -24.76 -37.20
C PHE D 189 31.38 -24.84 -35.81
N MET D 190 31.30 -23.72 -35.12
CA MET D 190 30.66 -23.72 -33.82
C MET D 190 29.68 -22.56 -33.73
N GLY D 191 28.64 -22.71 -32.92
CA GLY D 191 27.69 -21.61 -32.80
C GLY D 191 26.91 -21.78 -31.53
N GLY D 192 26.32 -20.67 -31.09
CA GLY D 192 25.44 -20.71 -29.93
C GLY D 192 24.59 -19.46 -29.87
N THR D 193 23.43 -19.56 -29.22
CA THR D 193 22.54 -18.42 -29.02
C THR D 193 22.53 -18.06 -27.56
N SER D 194 22.45 -16.78 -27.29
CA SER D 194 22.25 -16.26 -25.92
C SER D 194 23.41 -16.67 -24.98
N ALA D 195 23.09 -17.26 -23.82
CA ALA D 195 24.16 -17.72 -22.93
C ALA D 195 25.18 -18.61 -23.69
N GLY D 196 24.71 -19.45 -24.62
CA GLY D 196 25.60 -20.33 -25.36
C GLY D 196 26.52 -19.54 -26.28
N GLY D 197 26.00 -18.45 -26.83
CA GLY D 197 26.84 -17.59 -27.64
C GLY D 197 27.92 -16.91 -26.82
N GLY D 198 27.58 -16.49 -25.61
CA GLY D 198 28.57 -15.92 -24.73
C GLY D 198 29.64 -16.95 -24.34
N LEU D 199 29.17 -18.11 -23.93
CA LEU D 199 30.06 -19.22 -23.62
C LEU D 199 31.00 -19.55 -24.80
N LEU D 200 30.47 -19.60 -26.01
CA LEU D 200 31.31 -19.83 -27.16
C LEU D 200 32.40 -18.76 -27.33
N LEU D 201 32.05 -17.49 -27.14
CA LEU D 201 33.07 -16.43 -27.33
C LEU D 201 34.20 -16.57 -26.27
N ALA D 202 33.80 -16.88 -25.03
CA ALA D 202 34.75 -17.08 -23.95
C ALA D 202 35.66 -18.27 -24.26
N PHE D 203 35.02 -19.34 -24.74
CA PHE D 203 35.71 -20.59 -25.08
C PHE D 203 36.77 -20.36 -26.16
N VAL D 204 36.39 -19.68 -27.24
CA VAL D 204 37.33 -19.41 -28.33
C VAL D 204 38.47 -18.47 -27.86
N GLN D 205 38.16 -17.49 -27.01
CA GLN D 205 39.22 -16.65 -26.38
C GLN D 205 40.24 -17.51 -25.65
N GLY D 206 39.72 -18.54 -24.99
CA GLY D 206 40.57 -19.46 -24.23
C GLY D 206 41.45 -20.27 -25.15
N LEU D 207 40.89 -20.72 -26.28
CA LEU D 207 41.70 -21.47 -27.24
C LEU D 207 42.84 -20.60 -27.72
N ILE D 208 42.52 -19.37 -28.10
CA ILE D 208 43.55 -18.50 -28.66
C ILE D 208 44.66 -18.18 -27.67
N GLU D 209 44.30 -17.89 -26.40
CA GLU D 209 45.34 -17.54 -25.45
C GLU D 209 46.19 -18.76 -25.08
N ASN D 210 45.68 -19.96 -25.35
CA ASN D 210 46.50 -21.17 -25.14
C ASN D 210 47.16 -21.75 -26.39
N GLY D 211 47.02 -21.06 -27.51
CA GLY D 211 47.67 -21.43 -28.76
C GLY D 211 47.07 -22.65 -29.42
N VAL D 212 45.79 -22.94 -29.13
CA VAL D 212 45.06 -24.08 -29.69
C VAL D 212 44.31 -23.68 -30.96
N ALA D 213 44.35 -24.52 -31.99
CA ALA D 213 43.67 -24.14 -33.24
C ALA D 213 42.20 -23.96 -33.00
N THR D 214 41.66 -22.93 -33.66
CA THR D 214 40.29 -22.53 -33.47
C THR D 214 39.39 -23.18 -34.52
N PRO D 215 38.07 -23.19 -34.28
CA PRO D 215 37.14 -23.63 -35.35
C PRO D 215 37.29 -22.73 -36.57
N ARG D 216 36.84 -23.24 -37.73
CA ARG D 216 36.99 -22.56 -39.01
C ARG D 216 36.22 -21.21 -39.06
N ALA D 217 35.02 -21.22 -38.49
CA ALA D 217 34.14 -20.05 -38.44
C ALA D 217 33.08 -20.29 -37.38
N ILE D 218 32.53 -19.20 -36.85
CA ILE D 218 31.59 -19.34 -35.77
C ILE D 218 30.38 -18.44 -35.92
N TYR D 219 29.32 -18.80 -35.18
CA TYR D 219 28.06 -18.06 -35.19
C TYR D 219 27.70 -17.66 -33.75
N ALA D 220 27.42 -16.37 -33.51
CA ALA D 220 26.90 -16.01 -32.19
C ALA D 220 25.54 -15.37 -32.40
N GLY D 221 24.48 -16.06 -31.98
CA GLY D 221 23.16 -15.49 -32.07
C GLY D 221 22.82 -14.77 -30.77
N THR D 222 22.56 -13.46 -30.87
CA THR D 222 22.21 -12.61 -29.72
C THR D 222 22.95 -13.05 -28.43
N PRO D 223 24.29 -12.98 -28.46
CA PRO D 223 25.10 -13.57 -27.37
C PRO D 223 24.98 -12.78 -26.07
N TRP D 224 25.02 -13.49 -24.95
CA TRP D 224 25.09 -12.86 -23.65
C TRP D 224 26.56 -12.58 -23.45
N ALA D 225 27.04 -11.47 -24.00
CA ALA D 225 28.48 -11.23 -24.05
C ALA D 225 28.96 -10.41 -22.84
N ASP D 226 28.00 -9.87 -22.08
CA ASP D 226 28.34 -9.11 -20.88
C ASP D 226 27.28 -9.41 -19.85
N LEU D 227 27.65 -10.03 -18.72
CA LEU D 227 26.64 -10.32 -17.69
C LEU D 227 26.22 -9.13 -16.84
N THR D 228 26.95 -8.03 -16.93
CA THR D 228 26.62 -6.81 -16.19
C THR D 228 25.54 -6.05 -16.98
N LYS D 229 24.94 -5.07 -16.32
CA LYS D 229 23.90 -4.29 -16.97
C LYS D 229 24.57 -3.06 -17.60
N THR D 230 25.32 -3.31 -18.67
CA THR D 230 26.13 -2.28 -19.29
C THR D 230 25.60 -1.88 -20.69
N GLY D 231 25.22 -2.88 -21.49
CA GLY D 231 24.65 -2.59 -22.81
C GLY D 231 23.46 -1.66 -22.77
N ASP D 232 23.46 -0.61 -23.61
CA ASP D 232 22.42 0.42 -23.53
C ASP D 232 21.04 -0.16 -23.77
N SER D 233 20.96 -1.11 -24.70
CA SER D 233 19.68 -1.70 -25.05
C SER D 233 19.04 -2.55 -23.94
N LEU D 234 19.82 -2.88 -22.89
CA LEU D 234 19.24 -3.52 -21.73
C LEU D 234 18.25 -2.56 -21.05
N TYR D 235 18.55 -1.26 -21.15
CA TYR D 235 17.70 -0.20 -20.67
C TYR D 235 16.65 0.19 -21.72
N THR D 236 17.10 0.52 -22.93
CA THR D 236 16.17 1.10 -23.90
C THR D 236 15.15 0.11 -24.44
N ASN D 237 15.48 -1.18 -24.50
CA ASN D 237 14.51 -2.15 -24.97
C ASN D 237 13.86 -2.95 -23.85
N GLU D 238 14.01 -2.48 -22.63
CA GLU D 238 13.26 -3.07 -21.53
C GLU D 238 11.77 -2.84 -21.82
N GLY D 239 10.97 -3.89 -21.71
CA GLY D 239 9.53 -3.74 -21.94
C GLY D 239 9.17 -3.70 -23.43
N ILE D 240 10.18 -3.89 -24.26
CA ILE D 240 10.06 -3.89 -25.72
C ILE D 240 10.48 -5.26 -26.25
N ASP D 241 11.63 -5.74 -25.78
CA ASP D 241 12.05 -7.13 -26.03
C ASP D 241 11.02 -8.08 -25.37
N ARG D 242 10.28 -8.85 -26.19
CA ARG D 242 9.19 -9.65 -25.62
C ARG D 242 9.71 -10.94 -24.98
N ILE D 243 10.99 -11.22 -25.12
CA ILE D 243 11.51 -12.49 -24.63
C ILE D 243 12.23 -12.26 -23.31
N LEU D 244 13.18 -11.32 -23.30
CA LEU D 244 13.91 -11.06 -22.06
C LEU D 244 13.17 -10.15 -21.09
N ILE D 245 12.46 -9.13 -21.64
CA ILE D 245 11.64 -8.15 -20.90
C ILE D 245 12.40 -7.17 -20.01
N THR D 246 13.34 -7.69 -19.20
CA THR D 246 14.08 -6.83 -18.28
C THR D 246 15.31 -7.57 -17.79
N TYR D 247 16.36 -6.83 -17.48
CA TYR D 247 17.53 -7.42 -16.83
C TYR D 247 17.26 -7.78 -15.37
N ASP D 248 16.36 -7.04 -14.73
CA ASP D 248 16.33 -6.97 -13.26
C ASP D 248 15.59 -8.10 -12.55
N GLY D 249 15.08 -9.07 -13.30
CA GLY D 249 14.50 -10.25 -12.64
C GLY D 249 15.40 -11.49 -12.73
N THR D 250 14.93 -12.54 -13.42
CA THR D 250 15.65 -13.78 -13.49
C THR D 250 16.97 -13.68 -14.25
N LEU D 251 17.03 -12.75 -15.21
CA LEU D 251 18.24 -12.64 -16.01
C LEU D 251 19.44 -12.27 -15.15
N GLY D 252 19.32 -11.17 -14.41
CA GLY D 252 20.39 -10.81 -13.51
C GLY D 252 20.64 -11.86 -12.44
N ALA D 253 19.56 -12.43 -11.92
CA ALA D 253 19.71 -13.46 -10.90
C ALA D 253 20.46 -14.70 -11.41
N SER D 254 20.16 -15.12 -12.63
CA SER D 254 20.87 -16.25 -13.27
C SER D 254 22.35 -15.95 -13.50
N ALA D 255 22.64 -14.73 -13.93
CA ALA D 255 24.05 -14.32 -14.05
C ALA D 255 24.80 -14.47 -12.73
N ARG D 256 24.22 -13.98 -11.64
CA ARG D 256 24.88 -14.05 -10.33
CA ARG D 256 24.91 -14.04 -10.36
C ARG D 256 25.03 -15.48 -9.85
N LEU D 257 24.03 -16.31 -10.15
CA LEU D 257 24.03 -17.74 -9.79
C LEU D 257 25.18 -18.49 -10.48
N TYR D 258 25.32 -18.23 -11.77
CA TYR D 258 26.40 -18.77 -12.59
C TYR D 258 27.80 -18.30 -12.12
N ALA D 259 27.91 -16.99 -11.89
CA ALA D 259 29.19 -16.38 -11.53
C ALA D 259 29.71 -16.78 -10.16
N GLY D 260 28.81 -17.03 -9.22
CA GLY D 260 29.25 -17.30 -7.84
C GLY D 260 30.07 -16.15 -7.31
N ASN D 261 31.29 -16.45 -6.91
CA ASN D 261 32.16 -15.46 -6.31
C ASN D 261 33.05 -14.71 -7.32
N THR D 262 32.89 -15.01 -8.60
CA THR D 262 33.74 -14.43 -9.64
C THR D 262 33.13 -13.11 -10.11
N PRO D 263 33.94 -12.03 -10.19
CA PRO D 263 33.40 -10.74 -10.65
C PRO D 263 32.74 -10.87 -12.03
N LEU D 264 31.61 -10.19 -12.24
CA LEU D 264 30.86 -10.39 -13.49
C LEU D 264 31.65 -9.92 -14.70
N THR D 265 32.64 -9.05 -14.47
CA THR D 265 33.46 -8.56 -15.55
C THR D 265 34.62 -9.49 -15.95
N HIS D 266 34.76 -10.62 -15.28
CA HIS D 266 35.77 -11.61 -15.69
C HIS D 266 35.49 -12.00 -17.16
N PRO D 267 36.52 -12.00 -18.02
CA PRO D 267 36.26 -12.21 -19.45
C PRO D 267 35.67 -13.59 -19.80
N LYS D 268 35.80 -14.57 -18.92
CA LYS D 268 35.22 -15.86 -19.30
C LYS D 268 33.76 -15.96 -18.90
N LEU D 269 33.31 -15.01 -18.09
CA LEU D 269 31.87 -14.74 -17.84
C LEU D 269 31.29 -13.75 -18.83
N SER D 270 32.08 -12.71 -19.10
CA SER D 270 31.62 -11.61 -19.96
C SER D 270 32.67 -11.34 -21.04
N PRO D 271 32.61 -12.07 -22.14
CA PRO D 271 33.74 -12.11 -23.07
C PRO D 271 33.91 -10.80 -23.83
N ILE D 272 32.94 -9.90 -23.77
CA ILE D 272 33.21 -8.53 -24.31
C ILE D 272 34.48 -7.92 -23.72
N TYR D 273 34.82 -8.28 -22.47
CA TYR D 273 36.02 -7.70 -21.85
C TYR D 273 37.29 -8.48 -22.15
N GLY D 274 37.17 -9.55 -22.94
CA GLY D 274 38.33 -10.30 -23.37
C GLY D 274 38.88 -9.75 -24.67
N ASP D 275 39.81 -10.48 -25.28
CA ASP D 275 40.56 -10.06 -26.46
C ASP D 275 40.02 -10.81 -27.66
N PHE D 276 39.73 -10.11 -28.75
CA PHE D 276 39.13 -10.80 -29.91
C PHE D 276 40.15 -11.01 -31.05
N THR D 277 41.40 -10.62 -30.78
CA THR D 277 42.48 -10.90 -31.71
C THR D 277 42.57 -12.36 -32.14
N ASP D 278 42.72 -12.56 -33.45
CA ASP D 278 42.81 -13.87 -34.09
C ASP D 278 41.56 -14.70 -34.08
N PHE D 279 40.40 -14.09 -33.85
CA PHE D 279 39.14 -14.81 -33.93
C PHE D 279 38.88 -15.27 -35.34
N PRO D 280 38.27 -16.44 -35.47
CA PRO D 280 37.82 -16.87 -36.79
C PRO D 280 36.65 -15.99 -37.25
N PRO D 281 36.34 -16.02 -38.53
CA PRO D 281 35.20 -15.28 -39.09
C PRO D 281 33.95 -15.60 -38.30
N THR D 282 33.19 -14.55 -37.97
CA THR D 282 32.05 -14.66 -37.05
C THR D 282 30.79 -14.06 -37.65
N PHE D 283 29.68 -14.81 -37.59
CA PHE D 283 28.36 -14.35 -38.02
C PHE D 283 27.60 -13.99 -36.75
N LEU D 284 27.12 -12.74 -36.67
CA LEU D 284 26.44 -12.25 -35.49
C LEU D 284 25.00 -11.86 -35.83
N VAL D 285 24.05 -12.31 -35.05
CA VAL D 285 22.66 -12.03 -35.33
C VAL D 285 22.04 -11.32 -34.14
N THR D 286 21.24 -10.30 -34.41
CA THR D 286 20.44 -9.69 -33.34
C THR D 286 19.23 -9.00 -34.01
N GLY D 287 18.52 -8.14 -33.29
CA GLY D 287 17.30 -7.46 -33.77
C GLY D 287 17.11 -6.10 -33.14
N THR D 288 16.26 -5.25 -33.73
CA THR D 288 16.22 -3.87 -33.31
C THR D 288 15.55 -3.77 -31.94
N ARG D 289 14.75 -4.80 -31.58
CA ARG D 289 14.05 -4.80 -30.28
C ARG D 289 14.81 -5.62 -29.23
N ASP D 290 15.96 -6.16 -29.63
CA ASP D 290 16.72 -7.11 -28.77
C ASP D 290 17.35 -6.38 -27.60
N MET D 291 17.07 -6.82 -26.36
CA MET D 291 17.85 -6.27 -25.24
C MET D 291 19.36 -6.55 -25.30
N PHE D 292 19.76 -7.56 -26.09
CA PHE D 292 21.18 -7.83 -26.32
C PHE D 292 21.66 -7.23 -27.67
N LEU D 293 20.86 -6.33 -28.28
CA LEU D 293 21.37 -5.56 -29.43
C LEU D 293 22.73 -4.92 -29.13
N SER D 294 22.82 -4.23 -28.00
CA SER D 294 24.05 -3.52 -27.67
C SER D 294 25.22 -4.46 -27.49
N ASP D 295 25.05 -5.53 -26.74
CA ASP D 295 26.22 -6.37 -26.51
C ASP D 295 26.65 -7.10 -27.81
N THR D 296 25.69 -7.41 -28.67
CA THR D 296 26.00 -7.99 -29.97
C THR D 296 26.83 -6.99 -30.80
N VAL D 297 26.43 -5.72 -30.82
CA VAL D 297 27.18 -4.80 -31.67
C VAL D 297 28.45 -4.38 -30.95
N ARG D 298 28.49 -4.44 -29.61
CA ARG D 298 29.76 -4.22 -28.95
C ARG D 298 30.78 -5.29 -29.35
N VAL D 299 30.35 -6.55 -29.36
CA VAL D 299 31.25 -7.60 -29.80
C VAL D 299 31.67 -7.37 -31.23
N ASN D 300 30.71 -7.04 -32.11
CA ASN D 300 31.01 -6.82 -33.51
C ASN D 300 32.09 -5.73 -33.68
N ARG D 301 31.96 -4.65 -32.92
CA ARG D 301 32.93 -3.55 -33.04
C ARG D 301 34.29 -3.94 -32.55
N LYS D 302 34.32 -4.67 -31.44
CA LYS D 302 35.61 -5.01 -30.87
C LYS D 302 36.28 -6.02 -31.80
N MET D 303 35.49 -6.93 -32.40
CA MET D 303 36.02 -7.88 -33.39
C MET D 303 36.61 -7.15 -34.59
N ARG D 304 35.84 -6.22 -35.15
CA ARG D 304 36.33 -5.45 -36.30
C ARG D 304 37.56 -4.63 -36.02
N ASP D 305 37.60 -4.01 -34.84
CA ASP D 305 38.80 -3.29 -34.44
C ASP D 305 40.02 -4.19 -34.33
N ALA D 306 39.84 -5.47 -34.02
CA ALA D 306 40.95 -6.41 -33.94
C ALA D 306 41.21 -7.09 -35.30
N GLY D 307 40.53 -6.64 -36.36
CA GLY D 307 40.74 -7.16 -37.70
C GLY D 307 40.10 -8.52 -38.00
N VAL D 308 39.12 -8.86 -37.19
CA VAL D 308 38.34 -10.08 -37.39
C VAL D 308 37.34 -9.88 -38.52
N THR D 309 37.18 -10.90 -39.36
CA THR D 309 36.13 -10.87 -40.37
C THR D 309 34.76 -11.19 -39.75
N THR D 310 33.82 -10.25 -39.87
CA THR D 310 32.47 -10.52 -39.36
C THR D 310 31.39 -10.17 -40.37
N VAL D 311 30.25 -10.82 -40.20
CA VAL D 311 29.01 -10.37 -40.85
C VAL D 311 27.99 -10.16 -39.74
N LEU D 312 27.40 -8.97 -39.71
CA LEU D 312 26.42 -8.60 -38.69
C LEU D 312 25.05 -8.60 -39.38
N ASP D 313 24.08 -9.28 -38.78
CA ASP D 313 22.79 -9.34 -39.43
C ASP D 313 21.74 -8.96 -38.42
N VAL D 314 21.18 -7.76 -38.57
CA VAL D 314 20.22 -7.23 -37.61
C VAL D 314 18.83 -7.26 -38.24
N TYR D 315 17.87 -7.82 -37.53
CA TYR D 315 16.54 -7.98 -38.07
C TYR D 315 15.56 -6.94 -37.51
N GLU D 316 14.82 -6.31 -38.42
CA GLU D 316 13.83 -5.33 -38.00
C GLU D 316 12.75 -5.91 -37.08
N GLY D 317 12.49 -5.23 -35.96
CA GLY D 317 11.37 -5.54 -35.04
C GLY D 317 11.57 -6.79 -34.18
N LEU D 318 12.76 -7.36 -34.24
CA LEU D 318 13.01 -8.69 -33.63
C LEU D 318 13.64 -8.61 -32.23
N SER D 319 13.08 -9.37 -31.28
CA SER D 319 13.58 -9.41 -29.89
C SER D 319 14.65 -10.48 -29.78
N HIS D 320 15.25 -10.59 -28.59
CA HIS D 320 16.17 -11.66 -28.28
C HIS D 320 15.73 -13.06 -28.67
N ALA D 321 16.49 -13.71 -29.56
CA ALA D 321 16.20 -15.09 -30.01
C ALA D 321 14.81 -15.30 -30.59
N ASP D 322 14.18 -14.26 -31.15
CA ASP D 322 12.86 -14.39 -31.76
C ASP D 322 12.87 -15.40 -32.90
N TYR D 323 14.04 -15.53 -33.56
CA TYR D 323 14.21 -16.46 -34.69
C TYR D 323 14.15 -17.90 -34.19
N LEU D 324 14.33 -18.09 -32.88
CA LEU D 324 14.25 -19.43 -32.32
C LEU D 324 12.85 -19.62 -31.71
N VAL D 325 12.37 -18.61 -30.99
CA VAL D 325 11.05 -18.66 -30.35
C VAL D 325 9.91 -18.85 -31.35
N SER D 326 10.00 -18.19 -32.48
CA SER D 326 8.97 -18.24 -33.51
C SER D 326 9.68 -18.62 -34.79
N HIS D 327 10.04 -19.90 -34.90
CA HIS D 327 10.97 -20.24 -35.96
C HIS D 327 10.30 -20.59 -37.27
N GLN D 328 8.97 -20.57 -37.34
CA GLN D 328 8.32 -20.82 -38.62
C GLN D 328 7.90 -19.47 -39.25
N THR D 329 8.84 -18.54 -39.31
CA THR D 329 8.62 -17.22 -39.91
C THR D 329 9.63 -17.05 -41.05
N PRO D 330 9.31 -16.20 -42.02
CA PRO D 330 10.31 -15.83 -43.02
C PRO D 330 11.56 -15.24 -42.41
N GLU D 331 11.42 -14.50 -41.31
CA GLU D 331 12.60 -13.94 -40.64
C GLU D 331 13.48 -15.03 -40.08
N SER D 332 12.90 -16.05 -39.45
CA SER D 332 13.70 -17.15 -38.95
C SER D 332 14.39 -17.89 -40.11
N GLN D 333 13.65 -18.17 -41.17
CA GLN D 333 14.26 -18.86 -42.31
C GLN D 333 15.47 -18.00 -42.84
N SER D 334 15.34 -16.68 -42.81
CA SER D 334 16.39 -15.83 -43.36
C SER D 334 17.64 -15.95 -42.52
N VAL D 335 17.47 -15.96 -41.19
CA VAL D 335 18.64 -16.13 -40.32
C VAL D 335 19.48 -17.36 -40.71
N TYR D 336 18.83 -18.51 -40.90
CA TYR D 336 19.56 -19.73 -41.11
C TYR D 336 20.07 -19.79 -42.57
N ARG D 337 19.30 -19.19 -43.49
CA ARG D 337 19.74 -19.09 -44.87
C ARG D 337 21.02 -18.27 -44.97
N GLN D 338 21.05 -17.13 -44.28
CA GLN D 338 22.26 -16.30 -44.33
C GLN D 338 23.42 -16.97 -43.60
N LEU D 339 23.14 -17.66 -42.49
CA LEU D 339 24.22 -18.41 -41.78
C LEU D 339 24.79 -19.48 -42.71
N LYS D 340 23.90 -20.17 -43.44
CA LYS D 340 24.36 -21.22 -44.34
C LYS D 340 25.29 -20.60 -45.38
N ARG D 341 24.88 -19.47 -45.96
CA ARG D 341 25.70 -18.81 -47.00
C ARG D 341 27.06 -18.43 -46.43
N PHE D 342 27.04 -17.91 -45.20
CA PHE D 342 28.28 -17.49 -44.51
C PHE D 342 29.22 -18.69 -44.38
N LEU D 343 28.72 -19.75 -43.78
CA LEU D 343 29.57 -20.94 -43.54
C LEU D 343 30.01 -21.66 -44.85
N VAL D 344 29.16 -21.72 -45.87
CA VAL D 344 29.56 -22.33 -47.16
C VAL D 344 30.80 -21.63 -47.73
N GLY D 345 30.88 -20.34 -47.48
CA GLY D 345 32.01 -19.57 -48.02
C GLY D 345 33.33 -19.97 -47.38
N PHE D 346 33.27 -20.71 -46.28
CA PHE D 346 34.51 -21.15 -45.61
C PHE D 346 34.70 -22.63 -45.70
N THR D 347 34.08 -23.29 -46.68
CA THR D 347 34.27 -24.72 -46.77
C THR D 347 35.44 -25.08 -47.68
N VAL E 32 -22.50 -4.67 20.06
CA VAL E 32 -21.76 -5.90 20.32
C VAL E 32 -20.27 -5.64 20.47
N PRO E 33 -19.69 -6.09 21.60
CA PRO E 33 -18.27 -5.89 21.89
C PRO E 33 -17.39 -6.69 20.98
N ILE E 34 -16.13 -6.28 20.87
CA ILE E 34 -15.12 -7.11 20.22
C ILE E 34 -15.14 -8.48 20.91
N PRO E 35 -15.16 -9.56 20.13
CA PRO E 35 -15.19 -10.91 20.72
C PRO E 35 -14.12 -11.11 21.79
N GLN E 36 -14.53 -11.53 22.98
CA GLN E 36 -13.60 -11.43 24.08
C GLN E 36 -12.58 -12.57 24.11
N SER E 37 -12.89 -13.70 23.49
CA SER E 37 -11.93 -14.82 23.59
C SER E 37 -11.00 -15.00 22.42
N ILE E 38 -11.08 -14.14 21.40
CA ILE E 38 -10.14 -14.27 20.30
C ILE E 38 -8.75 -13.72 20.69
N SER E 39 -7.76 -13.96 19.83
CA SER E 39 -6.41 -13.51 20.12
C SER E 39 -6.33 -12.02 20.23
N ALA E 40 -5.40 -11.56 21.06
CA ALA E 40 -5.17 -10.12 21.13
C ALA E 40 -4.83 -9.55 19.77
N GLU E 41 -4.16 -10.32 18.92
CA GLU E 41 -3.77 -9.81 17.61
C GLU E 41 -5.00 -9.56 16.75
N PHE E 42 -5.94 -10.49 16.81
CA PHE E 42 -7.19 -10.34 16.07
C PHE E 42 -8.05 -9.23 16.67
N LYS E 43 -8.08 -9.12 18.00
CA LYS E 43 -8.76 -7.98 18.59
C LYS E 43 -8.20 -6.66 18.08
N ALA E 44 -6.86 -6.57 17.99
CA ALA E 44 -6.28 -5.32 17.53
C ALA E 44 -6.68 -5.06 16.08
N ALA E 45 -6.70 -6.12 15.28
CA ALA E 45 -7.14 -5.97 13.88
C ALA E 45 -8.59 -5.44 13.78
N LEU E 46 -9.50 -6.01 14.59
CA LEU E 46 -10.91 -5.59 14.58
C LEU E 46 -11.12 -4.16 15.06
N ALA E 47 -10.33 -3.75 16.03
CA ALA E 47 -10.48 -2.42 16.59
C ALA E 47 -9.97 -1.35 15.64
N GLN E 48 -9.11 -1.73 14.69
CA GLN E 48 -8.55 -0.74 13.75
C GLN E 48 -9.60 -0.28 12.79
N TYR E 49 -10.27 -1.26 12.18
CA TYR E 49 -11.23 -1.01 11.12
C TYR E 49 -12.45 -0.28 11.65
N PRO E 50 -12.70 0.91 11.09
CA PRO E 50 -14.03 1.52 11.28
C PRO E 50 -15.01 0.96 10.23
N THR E 51 -15.98 0.17 10.68
CA THR E 51 -16.79 -0.57 9.71
C THR E 51 -17.87 0.31 9.10
N PRO E 52 -17.96 0.33 7.75
CA PRO E 52 -19.04 1.11 7.11
C PRO E 52 -20.39 0.71 7.69
N SER E 53 -21.28 1.67 7.77
CA SER E 53 -22.64 1.37 8.18
C SER E 53 -23.28 0.49 7.16
N VAL E 54 -24.27 -0.26 7.60
CA VAL E 54 -25.08 -1.02 6.68
C VAL E 54 -25.72 -0.07 5.65
N GLU E 55 -26.20 1.09 6.12
CA GLU E 55 -26.84 2.02 5.19
C GLU E 55 -25.92 2.41 4.03
N GLU E 56 -24.69 2.78 4.35
CA GLU E 56 -23.76 3.20 3.31
C GLU E 56 -23.36 1.99 2.48
N ALA E 57 -23.17 0.84 3.12
CA ALA E 57 -22.87 -0.34 2.33
C ALA E 57 -24.04 -0.70 1.39
N ARG E 58 -25.27 -0.59 1.87
CA ARG E 58 -26.43 -1.11 1.15
C ARG E 58 -26.72 -0.21 -0.05
N SER E 59 -26.30 1.04 0.04
CA SER E 59 -26.55 2.03 -1.00
CA SER E 59 -26.56 2.03 -1.01
C SER E 59 -25.45 2.06 -2.07
N PHE E 60 -24.33 1.37 -1.79
CA PHE E 60 -23.22 1.36 -2.76
C PHE E 60 -23.49 0.31 -3.88
N VAL E 61 -23.97 0.78 -5.01
CA VAL E 61 -24.34 -0.12 -6.11
C VAL E 61 -24.03 0.53 -7.46
N PRO E 62 -22.98 0.06 -8.14
CA PRO E 62 -22.70 0.54 -9.50
C PRO E 62 -23.84 0.21 -10.43
N THR E 63 -24.22 1.11 -11.32
CA THR E 63 -25.28 0.76 -12.26
C THR E 63 -24.93 1.04 -13.71
N THR E 64 -23.80 1.67 -13.96
CA THR E 64 -23.38 1.84 -15.36
C THR E 64 -22.04 1.17 -15.60
N ALA E 65 -21.72 0.91 -16.87
CA ALA E 65 -20.44 0.26 -17.17
C ALA E 65 -19.29 1.12 -16.64
N ALA E 66 -19.45 2.44 -16.73
CA ALA E 66 -18.37 3.32 -16.30
C ALA E 66 -18.16 3.16 -14.80
N GLN E 67 -19.25 3.05 -14.03
CA GLN E 67 -19.11 2.87 -12.56
C GLN E 67 -18.51 1.52 -12.20
N TRP E 68 -18.97 0.46 -12.85
CA TRP E 68 -18.34 -0.84 -12.59
C TRP E 68 -16.84 -0.82 -12.88
N ARG E 69 -16.47 -0.23 -14.01
CA ARG E 69 -15.06 -0.25 -14.38
CA ARG E 69 -15.07 -0.21 -14.39
C ARG E 69 -14.22 0.54 -13.38
N ASP E 70 -14.74 1.69 -12.92
CA ASP E 70 -13.97 2.52 -12.02
C ASP E 70 -13.82 1.85 -10.68
N TYR E 71 -14.93 1.32 -10.17
CA TYR E 71 -14.88 0.57 -8.92
C TYR E 71 -13.90 -0.63 -8.96
N VAL E 72 -13.95 -1.41 -10.03
CA VAL E 72 -13.13 -2.61 -10.10
C VAL E 72 -11.67 -2.21 -10.26
N GLN E 73 -11.40 -1.23 -11.14
CA GLN E 73 -10.01 -0.85 -11.42
C GLN E 73 -9.36 -0.25 -10.20
N ALA E 74 -10.06 0.65 -9.52
CA ALA E 74 -9.52 1.25 -8.31
C ALA E 74 -9.32 0.22 -7.19
N THR E 75 -10.31 -0.65 -6.99
CA THR E 75 -10.22 -1.66 -5.94
C THR E 75 -9.05 -2.62 -6.22
N ASN E 76 -8.86 -2.94 -7.50
CA ASN E 76 -7.80 -3.86 -7.90
C ASN E 76 -6.41 -3.23 -7.67
N LYS E 77 -6.28 -1.94 -7.97
CA LYS E 77 -5.02 -1.23 -7.78
C LYS E 77 -4.58 -1.27 -6.33
N MET E 78 -5.52 -1.09 -5.42
CA MET E 78 -5.16 -1.03 -4.01
C MET E 78 -4.82 -2.43 -3.46
N GLN E 79 -5.53 -3.43 -3.94
CA GLN E 79 -5.24 -4.81 -3.59
C GLN E 79 -3.87 -5.23 -4.15
N LYS E 80 -3.49 -4.65 -5.28
CA LYS E 80 -2.24 -5.01 -5.92
C LYS E 80 -1.07 -4.61 -5.02
N THR E 81 -1.20 -3.47 -4.35
CA THR E 81 -0.21 -3.03 -3.39
C THR E 81 0.00 -4.07 -2.29
N LYS E 82 -1.10 -4.56 -1.73
CA LYS E 82 -1.01 -5.56 -0.68
C LYS E 82 -0.33 -6.82 -1.17
N ILE E 83 -0.71 -7.28 -2.37
CA ILE E 83 -0.16 -8.53 -2.88
C ILE E 83 1.36 -8.36 -3.16
N LYS E 84 1.80 -7.19 -3.64
CA LYS E 84 3.23 -7.01 -3.86
C LYS E 84 4.04 -7.07 -2.55
N ASN E 85 3.46 -6.50 -1.50
CA ASN E 85 4.09 -6.60 -0.18
C ASN E 85 4.14 -8.03 0.34
N MET E 86 3.04 -8.77 0.18
CA MET E 86 3.03 -10.18 0.61
C MET E 86 4.01 -11.02 -0.18
N ARG E 87 4.08 -10.76 -1.49
CA ARG E 87 4.97 -11.54 -2.36
C ARG E 87 6.41 -11.38 -1.87
N LYS E 88 6.78 -10.14 -1.57
CA LYS E 88 8.14 -9.86 -1.14
C LYS E 88 8.43 -10.39 0.27
N HIS E 89 7.47 -10.22 1.15
CA HIS E 89 7.52 -10.71 2.54
C HIS E 89 7.81 -12.22 2.56
N TYR E 90 7.00 -12.98 1.85
CA TYR E 90 7.12 -14.44 1.93
C TYR E 90 8.19 -14.98 0.95
N GLY E 91 8.64 -14.12 0.03
CA GLY E 91 9.69 -14.47 -0.92
C GLY E 91 9.22 -15.53 -1.91
N VAL E 92 7.92 -15.59 -2.18
CA VAL E 92 7.48 -16.60 -3.18
C VAL E 92 7.84 -16.12 -4.55
N THR E 93 8.07 -17.04 -5.47
CA THR E 93 8.15 -16.59 -6.87
C THR E 93 6.76 -16.72 -7.49
N VAL E 94 6.50 -15.86 -8.49
CA VAL E 94 5.21 -15.82 -9.17
C VAL E 94 5.46 -15.83 -10.68
N GLU E 95 5.16 -16.96 -11.31
CA GLU E 95 5.42 -17.11 -12.73
C GLU E 95 4.14 -16.97 -13.55
N LEU E 96 4.14 -16.09 -14.56
CA LEU E 96 2.97 -15.99 -15.44
C LEU E 96 2.96 -17.05 -16.52
N LEU E 97 1.86 -17.78 -16.58
CA LEU E 97 1.65 -18.85 -17.56
C LEU E 97 0.44 -18.55 -18.42
N ASP E 98 0.40 -19.14 -19.60
CA ASP E 98 -0.82 -19.22 -20.38
C ASP E 98 -1.18 -20.69 -20.50
N ILE E 99 -2.36 -21.06 -20.03
CA ILE E 99 -2.82 -22.43 -20.13
C ILE E 99 -4.12 -22.46 -20.95
N LYS E 100 -4.01 -22.91 -22.20
CA LYS E 100 -5.15 -22.97 -23.11
C LYS E 100 -5.87 -21.64 -23.20
N GLY E 101 -5.10 -20.57 -23.24
CA GLY E 101 -5.66 -19.23 -23.30
C GLY E 101 -6.06 -18.62 -21.97
N VAL E 102 -5.92 -19.37 -20.89
CA VAL E 102 -6.26 -18.84 -19.57
C VAL E 102 -5.00 -18.38 -18.84
N THR E 103 -5.01 -17.13 -18.38
CA THR E 103 -3.89 -16.65 -17.56
C THR E 103 -3.83 -17.36 -16.20
N VAL E 104 -2.68 -17.88 -15.83
CA VAL E 104 -2.54 -18.61 -14.57
C VAL E 104 -1.21 -18.18 -13.95
N ARG E 105 -1.16 -18.01 -12.62
CA ARG E 105 0.12 -17.68 -12.01
C ARG E 105 0.57 -18.83 -11.15
N LYS E 106 1.80 -19.24 -11.37
CA LYS E 106 2.37 -20.39 -10.66
C LYS E 106 3.18 -19.82 -9.52
N ILE E 107 2.83 -20.21 -8.30
CA ILE E 107 3.45 -19.62 -7.12
C ILE E 107 4.27 -20.66 -6.37
N THR E 108 5.55 -20.35 -6.14
CA THR E 108 6.49 -21.32 -5.53
C THR E 108 7.11 -20.76 -4.27
N PRO E 109 6.92 -21.47 -3.14
CA PRO E 109 7.47 -21.01 -1.88
C PRO E 109 8.97 -21.25 -1.76
N LYS E 110 9.59 -20.61 -0.77
CA LYS E 110 11.00 -20.78 -0.58
C LYS E 110 11.31 -22.21 -0.17
N SER E 111 10.41 -22.77 0.65
CA SER E 111 10.59 -24.15 1.16
C SER E 111 9.34 -24.98 0.82
N LEU E 112 9.58 -26.20 0.36
CA LEU E 112 8.50 -27.11 -0.01
C LEU E 112 8.33 -28.22 1.01
N SER E 113 7.09 -28.53 1.37
CA SER E 113 6.85 -29.63 2.32
C SER E 113 7.08 -30.98 1.61
N PRO E 114 7.88 -31.89 2.21
CA PRO E 114 8.09 -33.17 1.52
C PRO E 114 6.80 -33.97 1.31
N GLU E 115 5.81 -33.80 2.17
CA GLU E 115 4.54 -34.51 2.01
C GLU E 115 3.86 -34.19 0.68
N PHE E 116 4.12 -33.00 0.13
CA PHE E 116 3.42 -32.58 -1.06
C PHE E 116 4.28 -32.72 -2.32
N LYS E 117 5.43 -33.42 -2.22
CA LYS E 117 6.24 -33.70 -3.42
C LYS E 117 5.32 -34.30 -4.49
N ASP E 118 5.44 -33.85 -5.74
CA ASP E 118 4.55 -34.31 -6.82
C ASP E 118 3.05 -34.04 -6.65
N HIS E 119 2.66 -33.19 -5.68
CA HIS E 119 1.28 -32.74 -5.57
C HIS E 119 1.27 -31.25 -5.88
N VAL E 120 0.19 -30.76 -6.46
CA VAL E 120 0.02 -29.31 -6.68
C VAL E 120 -1.37 -28.89 -6.20
N TYR E 121 -1.55 -27.59 -6.04
CA TYR E 121 -2.76 -27.02 -5.54
C TYR E 121 -3.23 -26.00 -6.55
N ILE E 122 -4.49 -26.12 -6.97
CA ILE E 122 -5.07 -25.13 -7.88
C ILE E 122 -5.94 -24.20 -7.07
N ASP E 123 -5.64 -22.89 -7.10
CA ASP E 123 -6.33 -21.88 -6.33
C ASP E 123 -7.31 -21.12 -7.23
N ILE E 124 -8.54 -21.00 -6.76
CA ILE E 124 -9.58 -20.25 -7.48
CA ILE E 124 -9.58 -20.25 -7.49
C ILE E 124 -9.97 -19.06 -6.63
N HIS E 125 -9.52 -17.84 -7.01
CA HIS E 125 -9.66 -16.69 -6.10
C HIS E 125 -11.08 -16.17 -5.93
N GLY E 126 -11.30 -15.39 -4.87
CA GLY E 126 -12.59 -14.74 -4.63
C GLY E 126 -12.61 -13.31 -5.13
N GLY E 127 -13.64 -12.54 -4.74
CA GLY E 127 -13.81 -11.24 -5.38
C GLY E 127 -15.23 -11.03 -5.89
N ALA E 128 -16.16 -11.83 -5.40
CA ALA E 128 -17.58 -11.69 -5.74
C ALA E 128 -17.83 -11.69 -7.22
N TYR E 129 -16.97 -12.41 -7.94
CA TYR E 129 -17.06 -12.61 -9.39
C TYR E 129 -16.80 -11.30 -10.15
N VAL E 130 -16.33 -10.24 -9.49
CA VAL E 130 -16.05 -9.01 -10.25
C VAL E 130 -14.66 -8.42 -9.94
N LEU E 131 -14.11 -8.73 -8.77
CA LEU E 131 -12.84 -8.14 -8.34
C LEU E 131 -11.66 -9.08 -8.45
N PHE E 132 -10.49 -8.46 -8.46
CA PHE E 132 -9.18 -9.10 -8.24
C PHE E 132 -8.66 -9.91 -9.41
N ALA E 133 -9.06 -9.51 -10.63
CA ALA E 133 -8.35 -9.94 -11.84
C ALA E 133 -6.87 -9.49 -11.78
N GLY E 134 -5.99 -10.22 -12.48
CA GLY E 134 -4.60 -9.81 -12.59
C GLY E 134 -3.83 -10.23 -11.36
N LEU E 135 -2.75 -9.49 -11.06
CA LEU E 135 -1.91 -9.84 -9.91
C LEU E 135 -2.64 -9.94 -8.56
N PRO E 136 -3.62 -9.05 -8.31
CA PRO E 136 -4.47 -9.16 -7.10
C PRO E 136 -5.13 -10.52 -6.87
N SER E 137 -5.19 -11.37 -7.87
CA SER E 137 -5.87 -12.68 -7.74
C SER E 137 -5.13 -13.65 -6.77
N ILE E 138 -3.85 -13.38 -6.46
CA ILE E 138 -3.08 -14.44 -5.87
C ILE E 138 -2.97 -14.33 -4.36
N GLU E 139 -3.77 -13.46 -3.73
CA GLU E 139 -3.68 -13.32 -2.28
C GLU E 139 -3.68 -14.63 -1.47
N GLU E 140 -4.77 -15.39 -1.57
CA GLU E 140 -4.79 -16.67 -0.86
C GLU E 140 -3.74 -17.63 -1.43
N GLY E 141 -3.52 -17.60 -2.74
CA GLY E 141 -2.51 -18.43 -3.34
C GLY E 141 -1.12 -18.31 -2.68
N ILE E 142 -0.73 -17.07 -2.36
CA ILE E 142 0.53 -16.86 -1.64
C ILE E 142 0.52 -17.52 -0.26
N LEU E 143 -0.58 -17.36 0.46
CA LEU E 143 -0.66 -17.97 1.78
C LEU E 143 -0.66 -19.51 1.73
N ILE E 144 -1.39 -20.06 0.77
CA ILE E 144 -1.40 -21.54 0.61
C ILE E 144 0.04 -22.01 0.28
N ALA E 145 0.65 -21.36 -0.69
CA ALA E 145 1.99 -21.82 -1.12
C ALA E 145 2.95 -21.79 0.07
N HIS E 146 2.94 -20.69 0.81
CA HIS E 146 3.90 -20.47 1.88
C HIS E 146 3.57 -21.34 3.09
N ARG E 147 2.32 -21.32 3.52
CA ARG E 147 1.97 -21.99 4.77
C ARG E 147 1.79 -23.48 4.62
N LEU E 148 1.47 -23.95 3.41
CA LEU E 148 1.43 -25.41 3.19
C LEU E 148 2.75 -25.95 2.59
N GLY E 149 3.58 -25.05 2.06
CA GLY E 149 4.77 -25.48 1.35
C GLY E 149 4.45 -26.34 0.11
N ILE E 150 3.61 -25.77 -0.77
CA ILE E 150 3.16 -26.49 -1.95
C ILE E 150 3.15 -25.51 -3.14
N VAL E 151 3.38 -26.04 -4.33
CA VAL E 151 3.29 -25.20 -5.51
C VAL E 151 1.83 -24.90 -5.80
N VAL E 152 1.51 -23.64 -6.06
CA VAL E 152 0.13 -23.25 -6.32
C VAL E 152 -0.06 -22.72 -7.76
N TYR E 153 -1.12 -23.17 -8.41
CA TYR E 153 -1.54 -22.48 -9.65
C TYR E 153 -2.79 -21.68 -9.41
N SER E 154 -2.68 -20.35 -9.46
CA SER E 154 -3.82 -19.49 -9.21
CA SER E 154 -3.83 -19.48 -9.23
C SER E 154 -4.44 -19.06 -10.54
N VAL E 155 -5.72 -19.43 -10.75
CA VAL E 155 -6.40 -19.17 -12.04
C VAL E 155 -6.92 -17.73 -12.14
N ASP E 156 -6.49 -17.01 -13.17
CA ASP E 156 -6.91 -15.60 -13.37
C ASP E 156 -8.06 -15.67 -14.33
N TYR E 157 -9.21 -16.12 -13.83
CA TYR E 157 -10.38 -16.35 -14.70
C TYR E 157 -11.12 -15.05 -15.18
N ARG E 158 -11.81 -15.16 -16.30
CA ARG E 158 -12.57 -14.03 -16.86
C ARG E 158 -13.81 -13.69 -16.03
N MET E 159 -14.20 -12.41 -16.01
CA MET E 159 -15.25 -11.94 -15.13
C MET E 159 -16.15 -10.92 -15.81
N PRO E 160 -17.37 -10.74 -15.27
CA PRO E 160 -18.19 -9.61 -15.73
C PRO E 160 -17.56 -8.30 -15.32
N PRO E 161 -17.97 -7.18 -15.94
CA PRO E 161 -19.07 -7.09 -16.91
C PRO E 161 -18.75 -7.68 -18.28
N ALA E 162 -17.49 -7.79 -18.64
CA ALA E 162 -17.16 -8.21 -20.01
C ALA E 162 -17.48 -9.68 -20.28
N TYR E 163 -17.27 -10.52 -19.28
CA TYR E 163 -17.48 -11.96 -19.45
C TYR E 163 -18.33 -12.56 -18.35
N PRO E 164 -19.65 -12.48 -18.51
CA PRO E 164 -20.48 -13.06 -17.46
C PRO E 164 -20.38 -14.60 -17.46
N PHE E 165 -21.04 -15.21 -16.48
CA PHE E 165 -21.32 -16.65 -16.48
C PHE E 165 -21.68 -17.17 -17.89
N PRO E 166 -21.12 -18.33 -18.30
CA PRO E 166 -20.23 -19.28 -17.59
C PRO E 166 -18.72 -19.11 -17.93
N ALA E 167 -18.28 -17.90 -18.27
CA ALA E 167 -16.89 -17.69 -18.72
C ALA E 167 -15.84 -18.18 -17.69
N ALA E 168 -16.01 -17.80 -16.43
CA ALA E 168 -15.09 -18.22 -15.36
C ALA E 168 -15.05 -19.75 -15.25
N LEU E 169 -16.22 -20.36 -15.31
CA LEU E 169 -16.30 -21.82 -15.17
C LEU E 169 -15.57 -22.51 -16.31
N ASP E 170 -15.78 -22.01 -17.54
CA ASP E 170 -15.06 -22.52 -18.69
C ASP E 170 -13.54 -22.39 -18.51
N ASP E 171 -13.07 -21.28 -17.98
CA ASP E 171 -11.62 -21.12 -17.77
C ASP E 171 -11.11 -22.16 -16.78
N VAL E 172 -11.86 -22.39 -15.69
CA VAL E 172 -11.37 -23.37 -14.70
C VAL E 172 -11.35 -24.78 -15.32
N LYS E 173 -12.37 -25.11 -16.12
CA LYS E 173 -12.39 -26.38 -16.83
C LYS E 173 -11.12 -26.57 -17.69
N HIS E 174 -10.75 -25.53 -18.41
CA HIS E 174 -9.60 -25.64 -19.33
C HIS E 174 -8.29 -25.82 -18.56
N VAL E 175 -8.16 -25.15 -17.43
CA VAL E 175 -6.93 -25.24 -16.67
C VAL E 175 -6.80 -26.61 -16.00
N TYR E 176 -7.88 -27.06 -15.39
CA TYR E 176 -7.89 -28.41 -14.80
C TYR E 176 -7.62 -29.52 -15.83
N ARG E 177 -8.19 -29.41 -17.03
CA ARG E 177 -7.95 -30.41 -18.04
C ARG E 177 -6.45 -30.53 -18.35
N VAL E 178 -5.77 -29.40 -18.47
CA VAL E 178 -4.33 -29.50 -18.76
C VAL E 178 -3.56 -29.99 -17.56
N LEU E 179 -3.85 -29.42 -16.38
CA LEU E 179 -3.03 -29.77 -15.22
C LEU E 179 -3.24 -31.24 -14.87
N SER E 180 -4.46 -31.76 -15.07
CA SER E 180 -4.74 -33.15 -14.66
C SER E 180 -4.07 -34.13 -15.57
N GLN E 181 -3.91 -33.76 -16.84
CA GLN E 181 -3.09 -34.55 -17.77
C GLN E 181 -1.65 -34.63 -17.26
N GLN E 182 -1.17 -33.51 -16.72
CA GLN E 182 0.22 -33.45 -16.27
C GLN E 182 0.53 -34.07 -14.88
N TYR E 183 -0.42 -34.09 -13.95
CA TYR E 183 -0.10 -34.59 -12.59
C TYR E 183 -0.83 -35.85 -12.12
N ASP E 184 -1.96 -36.17 -12.74
CA ASP E 184 -2.96 -37.14 -12.27
C ASP E 184 -3.91 -36.43 -11.32
N ALA E 185 -5.20 -36.68 -11.49
CA ALA E 185 -6.21 -36.06 -10.62
C ALA E 185 -5.93 -36.34 -9.16
N ASN E 186 -5.39 -37.51 -8.85
CA ASN E 186 -5.25 -37.84 -7.44
C ASN E 186 -4.01 -37.15 -6.84
N HIS E 187 -3.23 -36.42 -7.65
CA HIS E 187 -2.16 -35.56 -7.14
C HIS E 187 -2.49 -34.07 -7.22
N ILE E 188 -3.77 -33.77 -7.44
CA ILE E 188 -4.20 -32.40 -7.47
C ILE E 188 -5.13 -32.08 -6.31
N PHE E 189 -4.78 -31.03 -5.57
CA PHE E 189 -5.69 -30.42 -4.63
C PHE E 189 -6.24 -29.13 -5.22
N MET E 190 -7.46 -28.75 -4.84
CA MET E 190 -8.01 -27.48 -5.33
C MET E 190 -8.68 -26.76 -4.22
N GLY E 191 -8.71 -25.43 -4.30
CA GLY E 191 -9.39 -24.70 -3.23
C GLY E 191 -9.75 -23.32 -3.72
N GLY E 192 -10.68 -22.65 -3.03
CA GLY E 192 -11.02 -21.29 -3.41
C GLY E 192 -11.77 -20.67 -2.23
N THR E 193 -11.69 -19.34 -2.10
CA THR E 193 -12.42 -18.64 -1.06
C THR E 193 -13.53 -17.83 -1.72
N SER E 194 -14.70 -17.80 -1.06
CA SER E 194 -15.76 -16.91 -1.46
C SER E 194 -16.28 -17.27 -2.85
N ALA E 195 -16.36 -16.31 -3.79
CA ALA E 195 -16.77 -16.64 -5.15
C ALA E 195 -15.95 -17.80 -5.72
N GLY E 196 -14.65 -17.84 -5.39
CA GLY E 196 -13.81 -18.92 -5.90
C GLY E 196 -14.23 -20.27 -5.32
N GLY E 197 -14.65 -20.26 -4.04
CA GLY E 197 -15.12 -21.51 -3.41
C GLY E 197 -16.41 -22.00 -4.09
N GLY E 198 -17.28 -21.04 -4.42
CA GLY E 198 -18.53 -21.39 -5.10
C GLY E 198 -18.27 -21.94 -6.50
N LEU E 199 -17.40 -21.25 -7.22
CA LEU E 199 -17.03 -21.68 -8.53
C LEU E 199 -16.41 -23.10 -8.47
N LEU E 200 -15.58 -23.36 -7.48
CA LEU E 200 -14.94 -24.67 -7.34
C LEU E 200 -15.99 -25.76 -7.12
N LEU E 201 -16.98 -25.50 -6.26
CA LEU E 201 -18.05 -26.50 -6.03
C LEU E 201 -18.83 -26.75 -7.34
N ALA E 202 -19.17 -25.70 -8.07
CA ALA E 202 -19.84 -25.87 -9.35
C ALA E 202 -18.99 -26.70 -10.29
N PHE E 203 -17.70 -26.35 -10.31
CA PHE E 203 -16.79 -27.03 -11.21
C PHE E 203 -16.71 -28.56 -10.92
N VAL E 204 -16.54 -28.92 -9.64
CA VAL E 204 -16.43 -30.34 -9.28
C VAL E 204 -17.76 -31.07 -9.53
N GLN E 205 -18.89 -30.38 -9.32
CA GLN E 205 -20.18 -30.97 -9.71
C GLN E 205 -20.22 -31.34 -11.18
N GLY E 206 -19.70 -30.44 -12.01
CA GLY E 206 -19.58 -30.68 -13.45
C GLY E 206 -18.73 -31.91 -13.77
N LEU E 207 -17.59 -32.06 -13.10
CA LEU E 207 -16.75 -33.23 -13.32
C LEU E 207 -17.50 -34.52 -13.02
N ILE E 208 -18.19 -34.55 -11.89
CA ILE E 208 -18.92 -35.75 -11.48
C ILE E 208 -20.11 -36.05 -12.40
N GLU E 209 -20.78 -35.01 -12.89
CA GLU E 209 -21.86 -35.31 -13.82
C GLU E 209 -21.30 -35.81 -15.15
N ASN E 210 -20.10 -35.38 -15.50
CA ASN E 210 -19.49 -35.89 -16.73
C ASN E 210 -18.65 -37.16 -16.47
N GLY E 211 -18.69 -37.66 -15.25
CA GLY E 211 -17.98 -38.88 -14.87
C GLY E 211 -16.46 -38.78 -14.99
N VAL E 212 -15.93 -37.56 -14.83
CA VAL E 212 -14.50 -37.28 -14.96
C VAL E 212 -13.86 -37.34 -13.58
N ALA E 213 -12.64 -37.87 -13.48
CA ALA E 213 -11.96 -37.99 -12.18
C ALA E 213 -11.82 -36.63 -11.50
N THR E 214 -12.13 -36.56 -10.21
CA THR E 214 -12.10 -35.33 -9.45
C THR E 214 -10.72 -35.15 -8.78
N PRO E 215 -10.41 -33.92 -8.33
CA PRO E 215 -9.20 -33.77 -7.53
C PRO E 215 -9.24 -34.62 -6.24
N ARG E 216 -8.08 -34.77 -5.62
CA ARG E 216 -7.92 -35.71 -4.53
C ARG E 216 -8.67 -35.26 -3.27
N ALA E 217 -8.63 -33.94 -3.05
CA ALA E 217 -9.33 -33.32 -1.92
C ALA E 217 -9.44 -31.84 -2.24
N ILE E 218 -10.42 -31.19 -1.64
CA ILE E 218 -10.62 -29.77 -1.93
C ILE E 218 -10.89 -28.98 -0.66
N TYR E 219 -10.78 -27.67 -0.80
CA TYR E 219 -10.96 -26.69 0.26
C TYR E 219 -11.92 -25.61 -0.22
N ALA E 220 -12.97 -25.33 0.57
CA ALA E 220 -13.84 -24.20 0.27
C ALA E 220 -13.86 -23.26 1.47
N GLY E 221 -13.21 -22.09 1.32
CA GLY E 221 -13.21 -21.07 2.37
C GLY E 221 -14.41 -20.15 2.15
N THR E 222 -15.31 -20.14 3.12
CA THR E 222 -16.48 -19.28 3.15
C THR E 222 -17.08 -19.15 1.71
N PRO E 223 -17.43 -20.28 1.13
CA PRO E 223 -17.88 -20.24 -0.28
C PRO E 223 -19.18 -19.47 -0.55
N TRP E 224 -19.23 -18.78 -1.69
CA TRP E 224 -20.50 -18.21 -2.15
C TRP E 224 -21.26 -19.32 -2.83
N ALA E 225 -22.00 -20.12 -2.05
CA ALA E 225 -22.57 -21.36 -2.61
C ALA E 225 -24.03 -21.14 -3.05
N ASP E 226 -24.57 -19.97 -2.72
CA ASP E 226 -25.93 -19.66 -3.11
C ASP E 226 -25.97 -18.16 -3.36
N LEU E 227 -26.23 -17.77 -4.62
CA LEU E 227 -26.22 -16.36 -4.96
C LEU E 227 -27.48 -15.62 -4.55
N THR E 228 -28.55 -16.34 -4.21
CA THR E 228 -29.79 -15.72 -3.75
C THR E 228 -29.64 -15.33 -2.26
N LYS E 229 -30.56 -14.50 -1.74
CA LYS E 229 -30.48 -14.16 -0.32
C LYS E 229 -31.30 -15.18 0.50
N THR E 230 -30.73 -16.39 0.66
CA THR E 230 -31.46 -17.52 1.24
C THR E 230 -30.83 -17.93 2.57
N GLY E 231 -29.50 -17.92 2.62
CA GLY E 231 -28.85 -18.29 3.88
C GLY E 231 -29.28 -17.38 5.04
N ASP E 232 -29.62 -17.99 6.16
CA ASP E 232 -30.12 -17.23 7.30
C ASP E 232 -29.11 -16.18 7.78
N SER E 233 -27.84 -16.54 7.79
CA SER E 233 -26.81 -15.65 8.29
C SER E 233 -26.61 -14.41 7.42
N LEU E 234 -27.16 -14.38 6.19
CA LEU E 234 -27.14 -13.15 5.40
C LEU E 234 -27.97 -12.06 6.08
N TYR E 235 -29.01 -12.51 6.80
CA TYR E 235 -29.88 -11.64 7.57
C TYR E 235 -29.30 -11.46 8.97
N THR E 236 -29.00 -12.56 9.66
CA THR E 236 -28.65 -12.39 11.08
C THR E 236 -27.26 -11.75 11.30
N ASN E 237 -26.34 -11.95 10.37
CA ASN E 237 -25.03 -11.36 10.54
C ASN E 237 -24.83 -10.11 9.68
N GLU E 238 -25.92 -9.58 9.17
CA GLU E 238 -25.86 -8.27 8.50
C GLU E 238 -25.42 -7.26 9.55
N GLY E 239 -24.43 -6.44 9.22
CA GLY E 239 -23.95 -5.44 10.18
C GLY E 239 -23.11 -6.01 11.33
N ILE E 240 -22.87 -7.30 11.26
CA ILE E 240 -21.96 -8.02 12.16
C ILE E 240 -20.71 -8.54 11.43
N ASP E 241 -20.90 -9.14 10.29
CA ASP E 241 -19.79 -9.42 9.35
C ASP E 241 -19.16 -8.10 8.89
N ARG E 242 -17.89 -7.88 9.26
CA ARG E 242 -17.27 -6.59 8.97
C ARG E 242 -16.74 -6.48 7.54
N ILE E 243 -16.79 -7.57 6.80
CA ILE E 243 -16.23 -7.60 5.44
C ILE E 243 -17.35 -7.51 4.40
N LEU E 244 -18.35 -8.38 4.53
CA LEU E 244 -19.45 -8.32 3.57
C LEU E 244 -20.47 -7.24 3.92
N ILE E 245 -20.74 -7.06 5.22
CA ILE E 245 -21.69 -6.09 5.81
C ILE E 245 -23.19 -6.32 5.51
N THR E 246 -23.55 -6.54 4.24
CA THR E 246 -24.95 -6.69 3.84
C THR E 246 -24.99 -7.31 2.44
N TYR E 247 -26.05 -8.04 2.13
CA TYR E 247 -26.19 -8.65 0.82
C TYR E 247 -26.63 -7.57 -0.18
N ASP E 248 -27.30 -6.56 0.34
CA ASP E 248 -28.15 -5.71 -0.51
C ASP E 248 -27.49 -4.52 -1.17
N GLY E 249 -26.16 -4.50 -1.17
CA GLY E 249 -25.45 -3.51 -1.96
C GLY E 249 -24.71 -4.17 -3.12
N THR E 250 -23.41 -4.05 -3.08
CA THR E 250 -22.55 -4.54 -4.16
C THR E 250 -22.57 -6.06 -4.28
N LEU E 251 -22.78 -6.78 -3.17
CA LEU E 251 -22.81 -8.25 -3.25
C LEU E 251 -23.91 -8.79 -4.17
N GLY E 252 -25.16 -8.46 -3.88
CA GLY E 252 -26.26 -8.86 -4.75
C GLY E 252 -26.13 -8.32 -6.16
N ALA E 253 -25.67 -7.07 -6.29
CA ALA E 253 -25.50 -6.54 -7.63
C ALA E 253 -24.44 -7.30 -8.43
N SER E 254 -23.37 -7.72 -7.74
CA SER E 254 -22.31 -8.50 -8.40
C SER E 254 -22.86 -9.88 -8.84
N ALA E 255 -23.67 -10.50 -8.00
CA ALA E 255 -24.31 -11.77 -8.37
C ALA E 255 -25.09 -11.62 -9.66
N ARG E 256 -25.90 -10.55 -9.75
CA ARG E 256 -26.80 -10.35 -10.86
C ARG E 256 -25.99 -10.03 -12.11
N LEU E 257 -24.87 -9.33 -11.92
CA LEU E 257 -24.01 -8.99 -13.07
C LEU E 257 -23.38 -10.26 -13.66
N TYR E 258 -22.89 -11.11 -12.78
CA TYR E 258 -22.32 -12.41 -13.16
C TYR E 258 -23.37 -13.31 -13.82
N ALA E 259 -24.55 -13.40 -13.22
CA ALA E 259 -25.60 -14.32 -13.71
C ALA E 259 -26.16 -13.92 -15.08
N GLY E 260 -26.29 -12.61 -15.31
CA GLY E 260 -26.90 -12.16 -16.54
C GLY E 260 -28.36 -12.61 -16.59
N ASN E 261 -28.76 -13.29 -17.65
CA ASN E 261 -30.16 -13.75 -17.74
C ASN E 261 -30.42 -15.15 -17.16
N THR E 262 -29.38 -15.78 -16.61
CA THR E 262 -29.52 -17.11 -16.00
C THR E 262 -30.09 -16.95 -14.60
N PRO E 263 -31.20 -17.68 -14.27
CA PRO E 263 -31.77 -17.66 -12.92
C PRO E 263 -30.70 -17.91 -11.86
N LEU E 264 -30.77 -17.20 -10.74
CA LEU E 264 -29.69 -17.25 -9.74
C LEU E 264 -29.65 -18.62 -9.12
N THR E 265 -30.73 -19.39 -9.27
CA THR E 265 -30.78 -20.69 -8.58
C THR E 265 -30.17 -21.79 -9.45
N HIS E 266 -29.72 -21.44 -10.65
CA HIS E 266 -29.05 -22.44 -11.50
C HIS E 266 -27.89 -23.03 -10.71
N PRO E 267 -27.71 -24.34 -10.68
CA PRO E 267 -26.71 -24.98 -9.81
C PRO E 267 -25.25 -24.64 -10.18
N LYS E 268 -24.97 -24.20 -11.40
CA LYS E 268 -23.59 -23.82 -11.70
C LYS E 268 -23.30 -22.38 -11.26
N LEU E 269 -24.34 -21.62 -10.90
CA LEU E 269 -24.18 -20.31 -10.22
C LEU E 269 -24.25 -20.46 -8.69
N SER E 270 -25.13 -21.37 -8.28
CA SER E 270 -25.50 -21.58 -6.87
C SER E 270 -25.40 -23.06 -6.56
N PRO E 271 -24.18 -23.57 -6.36
CA PRO E 271 -24.04 -25.04 -6.30
C PRO E 271 -24.65 -25.74 -5.09
N ILE E 272 -25.10 -25.00 -4.08
CA ILE E 272 -25.91 -25.63 -3.04
C ILE E 272 -27.09 -26.41 -3.67
N TYR E 273 -27.64 -25.93 -4.80
CA TYR E 273 -28.78 -26.56 -5.46
C TYR E 273 -28.40 -27.71 -6.37
N GLY E 274 -27.10 -27.97 -6.49
CA GLY E 274 -26.59 -29.13 -7.20
C GLY E 274 -26.47 -30.35 -6.28
N ASP E 275 -25.92 -31.42 -6.83
CA ASP E 275 -25.76 -32.72 -6.18
CA ASP E 275 -25.77 -32.67 -6.10
C ASP E 275 -24.34 -32.85 -5.63
N PHE E 276 -24.17 -33.30 -4.38
CA PHE E 276 -22.82 -33.47 -3.85
C PHE E 276 -22.34 -34.91 -3.78
N THR E 277 -23.15 -35.83 -4.29
CA THR E 277 -22.75 -37.22 -4.38
C THR E 277 -21.38 -37.38 -5.04
N ASP E 278 -20.53 -38.22 -4.45
CA ASP E 278 -19.20 -38.54 -4.95
C ASP E 278 -18.19 -37.40 -4.90
N PHE E 279 -18.49 -36.37 -4.11
CA PHE E 279 -17.50 -35.33 -3.92
C PHE E 279 -16.27 -35.89 -3.26
N PRO E 280 -15.08 -35.37 -3.62
CA PRO E 280 -13.88 -35.70 -2.84
C PRO E 280 -13.90 -35.08 -1.43
N PRO E 281 -13.04 -35.58 -0.53
CA PRO E 281 -13.01 -34.99 0.83
C PRO E 281 -12.81 -33.47 0.78
N THR E 282 -13.62 -32.77 1.57
CA THR E 282 -13.70 -31.32 1.52
C THR E 282 -13.45 -30.70 2.90
N PHE E 283 -12.59 -29.68 2.95
CA PHE E 283 -12.32 -28.90 4.15
C PHE E 283 -13.07 -27.57 4.00
N LEU E 284 -13.93 -27.22 4.94
CA LEU E 284 -14.72 -25.99 4.82
C LEU E 284 -14.39 -25.07 5.96
N VAL E 285 -14.26 -23.79 5.69
CA VAL E 285 -13.88 -22.82 6.73
C VAL E 285 -14.92 -21.73 6.75
N THR E 286 -15.37 -21.37 7.96
CA THR E 286 -16.21 -20.19 8.09
C THR E 286 -16.03 -19.65 9.52
N GLY E 287 -16.90 -18.72 9.92
CA GLY E 287 -16.75 -18.02 11.20
C GLY E 287 -18.12 -17.69 11.78
N THR E 288 -18.17 -17.45 13.09
CA THR E 288 -19.49 -17.26 13.68
C THR E 288 -20.15 -15.94 13.26
N ARG E 289 -19.36 -14.94 12.85
CA ARG E 289 -19.87 -13.66 12.37
C ARG E 289 -20.03 -13.63 10.85
N ASP E 290 -19.72 -14.73 10.20
CA ASP E 290 -19.65 -14.76 8.74
C ASP E 290 -21.07 -14.72 8.14
N MET E 291 -21.36 -13.75 7.25
CA MET E 291 -22.63 -13.77 6.53
C MET E 291 -22.79 -15.03 5.64
N PHE E 292 -21.68 -15.66 5.26
CA PHE E 292 -21.78 -16.95 4.57
C PHE E 292 -21.65 -18.15 5.50
N LEU E 293 -21.79 -17.94 6.82
CA LEU E 293 -21.89 -19.08 7.73
C LEU E 293 -22.96 -20.07 7.27
N SER E 294 -24.14 -19.55 6.99
CA SER E 294 -25.27 -20.41 6.58
C SER E 294 -24.96 -21.21 5.28
N ASP E 295 -24.46 -20.54 4.22
CA ASP E 295 -24.13 -21.20 2.92
C ASP E 295 -23.13 -22.34 3.21
N THR E 296 -22.13 -22.03 4.03
CA THR E 296 -21.06 -22.98 4.31
C THR E 296 -21.60 -24.23 5.02
N VAL E 297 -22.42 -24.06 6.06
CA VAL E 297 -22.94 -25.23 6.75
C VAL E 297 -24.04 -25.91 5.92
N ARG E 298 -24.76 -25.16 5.06
CA ARG E 298 -25.71 -25.85 4.17
C ARG E 298 -24.98 -26.78 3.21
N VAL E 299 -23.85 -26.32 2.68
CA VAL E 299 -23.01 -27.21 1.87
C VAL E 299 -22.49 -28.41 2.68
N ASN E 300 -21.92 -28.13 3.85
CA ASN E 300 -21.48 -29.23 4.70
C ASN E 300 -22.54 -30.30 4.93
N ARG E 301 -23.77 -29.84 5.21
CA ARG E 301 -24.86 -30.75 5.53
C ARG E 301 -25.19 -31.61 4.32
N LYS E 302 -25.27 -30.97 3.16
CA LYS E 302 -25.67 -31.69 1.97
C LYS E 302 -24.58 -32.70 1.58
N MET E 303 -23.33 -32.32 1.77
CA MET E 303 -22.20 -33.25 1.58
C MET E 303 -22.28 -34.44 2.52
N ARG E 304 -22.46 -34.19 3.80
CA ARG E 304 -22.54 -35.30 4.75
C ARG E 304 -23.73 -36.18 4.42
N ASP E 305 -24.84 -35.57 4.01
CA ASP E 305 -26.02 -36.39 3.72
C ASP E 305 -25.74 -37.31 2.52
N ALA E 306 -24.81 -36.91 1.66
CA ALA E 306 -24.44 -37.65 0.46
C ALA E 306 -23.27 -38.59 0.69
N GLY E 307 -22.78 -38.66 1.93
CA GLY E 307 -21.73 -39.60 2.28
C GLY E 307 -20.32 -39.07 2.11
N VAL E 308 -20.22 -37.77 1.86
CA VAL E 308 -18.92 -37.14 1.60
C VAL E 308 -18.16 -36.96 2.89
N THR E 309 -16.87 -37.25 2.88
CA THR E 309 -15.99 -36.90 3.97
C THR E 309 -15.72 -35.39 4.05
N THR E 310 -16.08 -34.76 5.18
CA THR E 310 -15.81 -33.34 5.32
C THR E 310 -15.24 -33.01 6.70
N VAL E 311 -14.50 -31.91 6.73
CA VAL E 311 -14.07 -31.28 7.97
C VAL E 311 -14.57 -29.85 7.94
N LEU E 312 -15.35 -29.52 8.95
CA LEU E 312 -15.88 -28.15 9.08
C LEU E 312 -15.11 -27.42 10.15
N ASP E 313 -14.54 -26.27 9.80
CA ASP E 313 -13.75 -25.55 10.82
C ASP E 313 -14.35 -24.16 10.96
N VAL E 314 -15.07 -23.90 12.06
CA VAL E 314 -15.73 -22.63 12.26
C VAL E 314 -14.91 -21.85 13.31
N TYR E 315 -14.58 -20.58 13.03
CA TYR E 315 -13.76 -19.77 13.92
C TYR E 315 -14.60 -18.79 14.69
N GLU E 316 -14.41 -18.75 16.01
CA GLU E 316 -15.08 -17.80 16.87
C GLU E 316 -14.78 -16.33 16.48
N GLY E 317 -15.86 -15.54 16.34
CA GLY E 317 -15.76 -14.10 16.17
C GLY E 317 -15.39 -13.65 14.75
N LEU E 318 -15.19 -14.61 13.88
CA LEU E 318 -14.66 -14.35 12.53
C LEU E 318 -15.74 -14.08 11.43
N SER E 319 -15.51 -13.03 10.65
CA SER E 319 -16.37 -12.62 9.52
C SER E 319 -15.86 -13.32 8.25
N HIS E 320 -16.58 -13.08 7.15
CA HIS E 320 -16.22 -13.57 5.84
C HIS E 320 -14.77 -13.29 5.48
N ALA E 321 -14.01 -14.35 5.25
CA ALA E 321 -12.62 -14.22 4.75
C ALA E 321 -11.73 -13.41 5.69
N ASP E 322 -12.07 -13.35 6.97
CA ASP E 322 -11.19 -12.61 7.92
C ASP E 322 -9.76 -13.18 8.01
N TYR E 323 -9.63 -14.47 7.76
CA TYR E 323 -8.32 -15.12 7.75
C TYR E 323 -7.44 -14.61 6.58
N LEU E 324 -8.04 -13.99 5.57
CA LEU E 324 -7.26 -13.29 4.51
C LEU E 324 -7.08 -11.80 4.84
N VAL E 325 -8.17 -11.14 5.21
CA VAL E 325 -8.11 -9.70 5.50
C VAL E 325 -7.08 -9.41 6.57
N SER E 326 -7.09 -10.24 7.62
CA SER E 326 -6.13 -10.06 8.69
C SER E 326 -5.30 -11.32 8.84
N HIS E 327 -4.31 -11.52 7.96
CA HIS E 327 -3.72 -12.85 7.84
C HIS E 327 -2.59 -13.04 8.81
N GLN E 328 -2.13 -11.99 9.48
CA GLN E 328 -1.05 -12.20 10.46
C GLN E 328 -1.63 -12.36 11.88
N THR E 329 -2.60 -13.25 12.01
CA THR E 329 -3.20 -13.56 13.31
C THR E 329 -3.05 -15.03 13.58
N PRO E 330 -3.07 -15.42 14.88
CA PRO E 330 -3.13 -16.85 15.21
C PRO E 330 -4.31 -17.58 14.54
N GLU E 331 -5.46 -16.91 14.41
CA GLU E 331 -6.61 -17.53 13.78
C GLU E 331 -6.30 -17.85 12.31
N SER E 332 -5.72 -16.89 11.60
CA SER E 332 -5.42 -17.16 10.19
C SER E 332 -4.36 -18.30 10.07
N GLN E 333 -3.35 -18.28 10.92
CA GLN E 333 -2.37 -19.35 10.90
C GLN E 333 -3.02 -20.69 11.15
N SER E 334 -4.00 -20.73 12.06
CA SER E 334 -4.75 -21.95 12.38
C SER E 334 -5.47 -22.50 11.14
N VAL E 335 -6.13 -21.62 10.38
CA VAL E 335 -6.84 -22.07 9.16
C VAL E 335 -5.89 -22.88 8.28
N TYR E 336 -4.69 -22.34 8.02
CA TYR E 336 -3.80 -23.02 7.06
C TYR E 336 -3.09 -24.20 7.69
N ARG E 337 -2.84 -24.12 9.00
CA ARG E 337 -2.26 -25.28 9.70
C ARG E 337 -3.19 -26.47 9.65
N GLN E 338 -4.48 -26.20 9.86
CA GLN E 338 -5.50 -27.27 9.82
C GLN E 338 -5.75 -27.77 8.41
N LEU E 339 -5.79 -26.86 7.44
CA LEU E 339 -5.88 -27.25 6.02
C LEU E 339 -4.71 -28.14 5.65
N LYS E 340 -3.51 -27.73 6.07
CA LYS E 340 -2.33 -28.56 5.75
C LYS E 340 -2.46 -29.95 6.33
N ARG E 341 -2.83 -30.06 7.61
CA ARG E 341 -3.03 -31.40 8.17
C ARG E 341 -4.07 -32.22 7.39
N PHE E 342 -5.13 -31.57 6.95
CA PHE E 342 -6.21 -32.26 6.20
C PHE E 342 -5.65 -32.81 4.88
N LEU E 343 -4.96 -31.96 4.14
CA LEU E 343 -4.45 -32.38 2.83
C LEU E 343 -3.29 -33.38 2.99
N VAL E 344 -2.45 -33.22 4.02
CA VAL E 344 -1.39 -34.21 4.24
C VAL E 344 -1.96 -35.64 4.40
N GLY E 345 -3.12 -35.74 5.04
CA GLY E 345 -3.76 -37.01 5.24
C GLY E 345 -4.11 -37.75 3.95
N PHE E 346 -4.19 -37.01 2.86
CA PHE E 346 -4.53 -37.58 1.56
C PHE E 346 -3.37 -37.70 0.59
N THR E 347 -2.13 -37.65 1.10
CA THR E 347 -0.95 -37.82 0.26
C THR E 347 -0.47 -39.27 0.38
N VAL F 32 -22.87 50.16 9.59
CA VAL F 32 -22.10 50.08 8.35
C VAL F 32 -20.86 50.98 8.47
N PRO F 33 -19.79 50.45 9.06
CA PRO F 33 -18.52 51.14 9.19
C PRO F 33 -17.84 51.32 7.84
N ILE F 34 -16.88 52.24 7.79
CA ILE F 34 -16.03 52.38 6.62
C ILE F 34 -15.40 51.02 6.41
N PRO F 35 -15.35 50.55 5.17
CA PRO F 35 -14.78 49.21 4.95
C PRO F 35 -13.36 49.08 5.51
N GLN F 36 -13.18 48.09 6.36
CA GLN F 36 -11.95 48.08 7.15
C GLN F 36 -10.71 47.70 6.35
N SER F 37 -10.86 46.99 5.24
CA SER F 37 -9.64 46.47 4.61
C SER F 37 -9.17 47.32 3.43
N ILE F 38 -9.86 48.42 3.14
CA ILE F 38 -9.44 49.21 1.99
C ILE F 38 -8.22 50.06 2.34
N SER F 39 -7.61 50.68 1.33
CA SER F 39 -6.41 51.47 1.57
C SER F 39 -6.66 52.68 2.44
N ALA F 40 -5.61 53.17 3.09
CA ALA F 40 -5.73 54.38 3.87
C ALA F 40 -6.21 55.55 3.01
N GLU F 41 -5.78 55.57 1.76
CA GLU F 41 -6.15 56.69 0.87
C GLU F 41 -7.65 56.67 0.63
N PHE F 42 -8.16 55.47 0.39
CA PHE F 42 -9.53 55.34 0.00
C PHE F 42 -10.41 55.59 1.23
N LYS F 43 -9.97 55.09 2.38
CA LYS F 43 -10.62 55.46 3.64
C LYS F 43 -10.70 56.98 3.84
N ALA F 44 -9.60 57.70 3.62
CA ALA F 44 -9.64 59.15 3.80
C ALA F 44 -10.58 59.79 2.79
N ALA F 45 -10.68 59.23 1.59
CA ALA F 45 -11.59 59.76 0.60
C ALA F 45 -13.05 59.58 1.03
N LEU F 46 -13.34 58.41 1.58
CA LEU F 46 -14.70 58.08 2.02
C LEU F 46 -15.10 58.91 3.22
N ALA F 47 -14.12 59.15 4.10
CA ALA F 47 -14.32 59.94 5.31
C ALA F 47 -14.51 61.43 5.03
N GLN F 48 -13.82 61.95 4.02
CA GLN F 48 -13.95 63.38 3.68
C GLN F 48 -15.31 63.65 3.05
N TYR F 49 -15.82 62.65 2.36
CA TYR F 49 -16.98 62.82 1.51
C TYR F 49 -18.26 62.93 2.35
N PRO F 50 -18.94 64.08 2.29
CA PRO F 50 -20.21 64.22 3.00
C PRO F 50 -21.38 63.65 2.16
N THR F 51 -21.72 62.39 2.41
CA THR F 51 -22.70 61.66 1.63
C THR F 51 -24.15 62.01 1.96
N PRO F 52 -24.89 62.46 0.95
CA PRO F 52 -26.32 62.77 1.12
C PRO F 52 -27.12 61.54 1.53
N SER F 53 -28.18 61.75 2.32
CA SER F 53 -29.09 60.65 2.65
C SER F 53 -29.96 60.29 1.44
N VAL F 54 -30.60 59.13 1.49
CA VAL F 54 -31.50 58.72 0.42
C VAL F 54 -32.65 59.74 0.29
N GLU F 55 -33.21 60.15 1.43
CA GLU F 55 -34.27 61.13 1.35
C GLU F 55 -33.79 62.43 0.73
N GLU F 56 -32.58 62.87 1.06
CA GLU F 56 -32.06 64.09 0.45
C GLU F 56 -31.96 63.90 -1.05
N ALA F 57 -31.37 62.78 -1.44
CA ALA F 57 -31.17 62.49 -2.85
C ALA F 57 -32.49 62.41 -3.61
N ARG F 58 -33.55 61.94 -2.96
CA ARG F 58 -34.83 61.80 -3.64
C ARG F 58 -35.47 63.17 -3.82
N SER F 59 -35.10 64.13 -3.00
CA SER F 59 -35.74 65.43 -3.09
C SER F 59 -35.00 66.34 -4.07
N PHE F 60 -33.78 65.96 -4.44
CA PHE F 60 -32.93 66.81 -5.28
C PHE F 60 -33.21 66.72 -6.78
N VAL F 61 -34.35 66.15 -7.15
CA VAL F 61 -34.64 65.89 -8.56
C VAL F 61 -35.16 67.10 -9.31
N PRO F 62 -34.44 67.49 -10.38
CA PRO F 62 -34.90 68.53 -11.28
C PRO F 62 -36.21 68.15 -11.96
N THR F 63 -37.21 69.02 -11.89
CA THR F 63 -38.47 68.75 -12.58
C THR F 63 -38.72 69.76 -13.70
N THR F 64 -38.33 71.02 -13.47
CA THR F 64 -38.50 72.04 -14.49
C THR F 64 -37.30 72.06 -15.44
N ALA F 65 -37.51 72.61 -16.62
CA ALA F 65 -36.45 72.67 -17.62
C ALA F 65 -35.33 73.57 -17.13
N ALA F 66 -35.71 74.63 -16.44
CA ALA F 66 -34.74 75.54 -15.83
C ALA F 66 -33.94 74.80 -14.76
N GLN F 67 -34.60 73.93 -14.02
CA GLN F 67 -33.96 73.19 -12.94
C GLN F 67 -32.89 72.24 -13.46
N TRP F 68 -33.18 71.59 -14.59
CA TRP F 68 -32.21 70.71 -15.23
C TRP F 68 -31.00 71.50 -15.67
N ARG F 69 -31.28 72.65 -16.31
CA ARG F 69 -30.23 73.50 -16.82
C ARG F 69 -29.27 73.91 -15.71
N ASP F 70 -29.84 74.37 -14.60
CA ASP F 70 -29.04 74.82 -13.46
C ASP F 70 -28.18 73.70 -12.92
N TYR F 71 -28.78 72.53 -12.80
CA TYR F 71 -28.14 71.35 -12.23
C TYR F 71 -26.96 70.91 -13.07
N VAL F 72 -27.19 70.85 -14.37
CA VAL F 72 -26.16 70.39 -15.29
C VAL F 72 -25.01 71.39 -15.27
N GLN F 73 -25.32 72.68 -15.33
CA GLN F 73 -24.24 73.68 -15.39
C GLN F 73 -23.32 73.70 -14.17
N ALA F 74 -23.92 73.65 -12.98
CA ALA F 74 -23.15 73.70 -11.75
C ALA F 74 -22.30 72.43 -11.60
N THR F 75 -22.90 71.28 -11.91
CA THR F 75 -22.17 70.02 -11.87
C THR F 75 -21.00 70.01 -12.86
N ASN F 76 -21.24 70.45 -14.09
CA ASN F 76 -20.20 70.46 -15.10
C ASN F 76 -19.05 71.41 -14.72
N LYS F 77 -19.38 72.51 -14.06
CA LYS F 77 -18.37 73.49 -13.68
C LYS F 77 -17.37 72.88 -12.67
N MET F 78 -17.87 72.09 -11.72
CA MET F 78 -17.00 71.42 -10.76
C MET F 78 -16.11 70.38 -11.44
N GLN F 79 -16.66 69.69 -12.43
CA GLN F 79 -15.92 68.64 -13.10
C GLN F 79 -14.85 69.26 -14.01
N LYS F 80 -15.19 70.41 -14.58
CA LYS F 80 -14.25 71.12 -15.42
C LYS F 80 -12.96 71.47 -14.62
N THR F 81 -13.10 71.88 -13.38
CA THR F 81 -11.91 72.23 -12.61
C THR F 81 -11.09 70.98 -12.35
N LYS F 82 -11.79 69.86 -12.14
CA LYS F 82 -11.11 68.61 -11.93
C LYS F 82 -10.29 68.23 -13.16
N ILE F 83 -10.88 68.36 -14.35
CA ILE F 83 -10.18 67.91 -15.54
C ILE F 83 -8.97 68.82 -15.81
N LYS F 84 -9.13 70.12 -15.61
CA LYS F 84 -8.01 71.02 -15.84
C LYS F 84 -6.84 70.67 -14.92
N ASN F 85 -7.13 70.25 -13.70
CA ASN F 85 -6.07 69.85 -12.78
C ASN F 85 -5.39 68.58 -13.24
N MET F 86 -6.21 67.60 -13.63
CA MET F 86 -5.66 66.36 -14.14
C MET F 86 -4.79 66.61 -15.36
N ARG F 87 -5.25 67.49 -16.25
CA ARG F 87 -4.54 67.68 -17.51
C ARG F 87 -3.17 68.26 -17.21
N LYS F 88 -3.13 69.17 -16.25
CA LYS F 88 -1.87 69.75 -15.78
C LYS F 88 -1.01 68.70 -15.06
N HIS F 89 -1.60 68.00 -14.11
CA HIS F 89 -0.94 66.99 -13.30
C HIS F 89 -0.27 65.87 -14.13
N TYR F 90 -0.97 65.34 -15.14
CA TYR F 90 -0.45 64.19 -15.86
C TYR F 90 0.35 64.62 -17.09
N GLY F 91 0.18 65.89 -17.47
CA GLY F 91 0.92 66.42 -18.59
C GLY F 91 0.54 65.78 -19.91
N VAL F 92 -0.72 65.35 -19.99
CA VAL F 92 -1.25 64.89 -21.27
C VAL F 92 -1.47 66.08 -22.20
N THR F 93 -1.44 65.84 -23.52
CA THR F 93 -1.81 66.91 -24.44
C THR F 93 -3.20 66.57 -24.95
N VAL F 94 -3.98 67.60 -25.25
CA VAL F 94 -5.38 67.41 -25.68
C VAL F 94 -5.66 68.21 -26.96
N GLU F 95 -5.97 67.50 -28.04
CA GLU F 95 -6.26 68.10 -29.35
C GLU F 95 -7.74 68.04 -29.58
N LEU F 96 -8.30 69.17 -29.94
CA LEU F 96 -9.72 69.21 -30.19
C LEU F 96 -9.99 68.87 -31.66
N LEU F 97 -10.83 67.87 -31.88
CA LEU F 97 -11.09 67.38 -33.24
C LEU F 97 -12.54 67.55 -33.57
N ASP F 98 -12.81 67.76 -34.85
CA ASP F 98 -14.17 67.56 -35.30
C ASP F 98 -14.21 66.42 -36.29
N ILE F 99 -14.89 65.34 -35.91
CA ILE F 99 -15.01 64.15 -36.74
C ILE F 99 -16.44 63.99 -37.22
N LYS F 100 -16.69 64.30 -38.50
CA LYS F 100 -18.05 64.17 -39.06
C LYS F 100 -19.09 64.95 -38.23
N GLY F 101 -18.71 66.11 -37.68
CA GLY F 101 -19.65 66.92 -36.91
C GLY F 101 -19.64 66.60 -35.43
N VAL F 102 -18.94 65.52 -35.06
CA VAL F 102 -18.85 65.12 -33.65
C VAL F 102 -17.56 65.66 -33.02
N THR F 103 -17.68 66.29 -31.87
CA THR F 103 -16.50 66.80 -31.17
C THR F 103 -15.81 65.63 -30.49
N VAL F 104 -14.50 65.53 -30.68
CA VAL F 104 -13.72 64.45 -30.10
C VAL F 104 -12.41 65.06 -29.57
N ARG F 105 -11.97 64.61 -28.40
CA ARG F 105 -10.69 65.09 -27.90
C ARG F 105 -9.68 63.97 -27.96
N LYS F 106 -8.57 64.23 -28.63
CA LYS F 106 -7.50 63.27 -28.76
C LYS F 106 -6.48 63.57 -27.64
N ILE F 107 -6.27 62.57 -26.80
CA ILE F 107 -5.43 62.66 -25.61
C ILE F 107 -4.16 61.82 -25.74
N THR F 108 -3.01 62.51 -25.71
CA THR F 108 -1.73 61.84 -25.84
C THR F 108 -0.96 61.97 -24.53
N PRO F 109 -0.54 60.86 -23.95
CA PRO F 109 0.26 60.91 -22.69
C PRO F 109 1.72 61.23 -22.94
N LYS F 110 2.42 61.63 -21.89
CA LYS F 110 3.85 61.90 -21.99
C LYS F 110 4.61 60.66 -22.40
N SER F 111 4.16 59.52 -21.88
CA SER F 111 4.83 58.26 -22.17
C SER F 111 3.89 57.23 -22.78
N LEU F 112 4.24 56.76 -23.97
CA LEU F 112 3.46 55.70 -24.63
C LEU F 112 4.03 54.31 -24.34
N SER F 113 3.15 53.33 -24.13
CA SER F 113 3.56 51.94 -23.96
C SER F 113 3.86 51.31 -25.31
N PRO F 114 5.04 50.67 -25.47
CA PRO F 114 5.34 50.08 -26.80
C PRO F 114 4.33 49.04 -27.25
N GLU F 115 3.75 48.30 -26.31
CA GLU F 115 2.74 47.30 -26.66
C GLU F 115 1.57 47.87 -27.46
N PHE F 116 1.29 49.15 -27.24
CA PHE F 116 0.15 49.81 -27.85
C PHE F 116 0.52 50.70 -29.03
N LYS F 117 1.75 50.52 -29.54
CA LYS F 117 2.29 51.37 -30.60
C LYS F 117 1.30 51.68 -31.73
N ASP F 118 0.62 50.68 -32.31
CA ASP F 118 -0.26 51.11 -33.41
C ASP F 118 -1.72 50.87 -33.09
N HIS F 119 -2.00 50.91 -31.79
CA HIS F 119 -3.39 50.80 -31.30
C HIS F 119 -3.87 52.11 -30.72
N VAL F 120 -5.18 52.30 -30.72
CA VAL F 120 -5.74 53.49 -30.08
C VAL F 120 -6.93 53.04 -29.26
N TYR F 121 -7.36 53.91 -28.34
CA TYR F 121 -8.50 53.64 -27.48
C TYR F 121 -9.58 54.70 -27.67
N ILE F 122 -10.83 54.25 -27.90
CA ILE F 122 -11.93 55.21 -27.96
C ILE F 122 -12.69 55.18 -26.62
N ASP F 123 -12.73 56.32 -25.94
CA ASP F 123 -13.39 56.48 -24.64
C ASP F 123 -14.79 57.07 -24.82
N ILE F 124 -15.77 56.44 -24.16
CA ILE F 124 -17.16 56.92 -24.18
C ILE F 124 -17.55 57.30 -22.75
N HIS F 125 -17.62 58.60 -22.46
CA HIS F 125 -17.71 59.04 -21.06
C HIS F 125 -19.07 58.78 -20.41
N GLY F 126 -19.06 58.79 -19.08
CA GLY F 126 -20.26 58.61 -18.27
C GLY F 126 -20.84 59.96 -17.88
N GLY F 127 -21.83 59.94 -17.01
CA GLY F 127 -22.59 61.14 -16.68
C GLY F 127 -24.11 60.98 -16.81
N ALA F 128 -24.59 59.74 -16.76
CA ALA F 128 -26.02 59.43 -16.71
C ALA F 128 -26.77 60.04 -17.88
N TYR F 129 -26.07 60.18 -18.99
CA TYR F 129 -26.62 60.68 -20.27
C TYR F 129 -27.02 62.16 -20.22
N VAL F 130 -26.63 62.87 -19.16
CA VAL F 130 -26.97 64.30 -19.11
C VAL F 130 -25.79 65.17 -18.68
N LEU F 131 -24.81 64.60 -17.98
CA LEU F 131 -23.66 65.37 -17.48
C LEU F 131 -22.38 65.26 -18.30
N PHE F 132 -21.53 66.28 -18.14
CA PHE F 132 -20.11 66.31 -18.49
C PHE F 132 -19.86 66.48 -19.97
N ALA F 133 -20.73 67.24 -20.63
CA ALA F 133 -20.46 67.68 -22.01
C ALA F 133 -19.25 68.62 -22.02
N GLY F 134 -18.50 68.61 -23.11
CA GLY F 134 -17.37 69.54 -23.21
C GLY F 134 -16.11 68.99 -22.55
N LEU F 135 -15.18 69.87 -22.18
CA LEU F 135 -13.96 69.42 -21.54
C LEU F 135 -14.17 68.44 -20.34
N PRO F 136 -15.27 68.62 -19.56
CA PRO F 136 -15.52 67.69 -18.45
C PRO F 136 -15.60 66.22 -18.86
N SER F 137 -15.86 65.96 -20.14
CA SER F 137 -16.03 64.59 -20.63
C SER F 137 -14.78 63.70 -20.49
N ILE F 138 -13.59 64.29 -20.33
CA ILE F 138 -12.41 63.46 -20.56
C ILE F 138 -11.74 62.86 -19.33
N GLU F 139 -12.43 62.83 -18.19
CA GLU F 139 -11.75 62.37 -16.98
C GLU F 139 -11.14 60.97 -17.10
N GLU F 140 -11.93 59.98 -17.49
CA GLU F 140 -11.35 58.64 -17.62
C GLU F 140 -10.42 58.57 -18.82
N GLY F 141 -10.72 59.32 -19.89
CA GLY F 141 -9.79 59.41 -21.00
C GLY F 141 -8.38 59.78 -20.56
N ILE F 142 -8.29 60.73 -19.64
CA ILE F 142 -6.97 61.11 -19.13
C ILE F 142 -6.29 59.98 -18.35
N LEU F 143 -7.07 59.31 -17.50
CA LEU F 143 -6.50 58.20 -16.71
C LEU F 143 -6.09 57.05 -17.62
N ILE F 144 -6.91 56.70 -18.62
CA ILE F 144 -6.54 55.62 -19.55
C ILE F 144 -5.25 56.01 -20.33
N ALA F 145 -5.23 57.23 -20.86
CA ALA F 145 -4.07 57.66 -21.65
C ALA F 145 -2.81 57.52 -20.85
N HIS F 146 -2.86 58.02 -19.62
CA HIS F 146 -1.70 58.08 -18.76
C HIS F 146 -1.32 56.71 -18.18
N ARG F 147 -2.32 56.00 -17.66
CA ARG F 147 -1.99 54.77 -16.96
C ARG F 147 -1.82 53.59 -17.90
N LEU F 148 -2.42 53.64 -19.09
CA LEU F 148 -2.20 52.59 -20.07
C LEU F 148 -1.10 52.98 -21.04
N GLY F 149 -0.80 54.28 -21.14
CA GLY F 149 0.19 54.72 -22.13
C GLY F 149 -0.30 54.53 -23.56
N ILE F 150 -1.51 55.03 -23.84
CA ILE F 150 -2.12 54.84 -25.14
C ILE F 150 -2.77 56.12 -25.60
N VAL F 151 -2.79 56.38 -26.91
CA VAL F 151 -3.57 57.51 -27.42
C VAL F 151 -5.07 57.23 -27.26
N VAL F 152 -5.80 58.20 -26.71
CA VAL F 152 -7.22 58.08 -26.48
C VAL F 152 -8.01 59.09 -27.31
N TYR F 153 -9.14 58.63 -27.89
CA TYR F 153 -10.09 59.51 -28.55
C TYR F 153 -11.33 59.52 -27.68
N SER F 154 -11.57 60.64 -27.01
CA SER F 154 -12.72 60.73 -26.12
C SER F 154 -13.91 61.42 -26.82
N VAL F 155 -15.01 60.68 -27.02
CA VAL F 155 -16.15 61.20 -27.79
C VAL F 155 -17.05 62.12 -26.97
N ASP F 156 -17.14 63.39 -27.36
CA ASP F 156 -18.04 64.34 -26.68
C ASP F 156 -19.46 64.25 -27.32
N TYR F 157 -20.19 63.17 -27.02
CA TYR F 157 -21.44 62.87 -27.72
C TYR F 157 -22.57 63.78 -27.24
N ARG F 158 -23.54 64.03 -28.13
CA ARG F 158 -24.69 64.86 -27.81
C ARG F 158 -25.62 64.18 -26.78
N MET F 159 -26.24 65.04 -25.94
CA MET F 159 -27.06 64.57 -24.82
C MET F 159 -28.35 65.35 -24.72
N PRO F 160 -29.37 64.76 -24.07
CA PRO F 160 -30.58 65.50 -23.69
C PRO F 160 -30.28 66.61 -22.66
N PRO F 161 -31.16 67.62 -22.54
CA PRO F 161 -32.46 67.69 -23.22
C PRO F 161 -32.38 68.09 -24.70
N ALA F 162 -31.29 68.73 -25.11
CA ALA F 162 -31.25 69.21 -26.49
C ALA F 162 -31.24 68.05 -27.51
N TYR F 163 -30.54 66.96 -27.17
CA TYR F 163 -30.37 65.78 -28.08
C TYR F 163 -30.60 64.45 -27.38
N PRO F 164 -31.88 64.06 -27.21
CA PRO F 164 -32.17 62.77 -26.56
C PRO F 164 -31.75 61.60 -27.42
N PHE F 165 -31.84 60.39 -26.86
CA PHE F 165 -31.65 59.17 -27.63
C PHE F 165 -32.39 59.30 -28.97
N PRO F 166 -31.77 58.88 -30.08
CA PRO F 166 -30.51 58.13 -30.24
C PRO F 166 -29.32 59.02 -30.60
N ALA F 167 -29.33 60.31 -30.28
CA ALA F 167 -28.24 61.17 -30.80
C ALA F 167 -26.83 60.68 -30.33
N ALA F 168 -26.70 60.31 -29.06
CA ALA F 168 -25.41 59.85 -28.53
C ALA F 168 -24.90 58.64 -29.34
N LEU F 169 -25.79 57.71 -29.60
CA LEU F 169 -25.36 56.52 -30.30
C LEU F 169 -24.97 56.86 -31.75
N ASP F 170 -25.74 57.74 -32.39
CA ASP F 170 -25.41 58.17 -33.76
C ASP F 170 -23.96 58.76 -33.79
N ASP F 171 -23.65 59.55 -32.76
CA ASP F 171 -22.35 60.23 -32.70
C ASP F 171 -21.24 59.19 -32.57
N VAL F 172 -21.41 58.24 -31.68
CA VAL F 172 -20.42 57.17 -31.53
C VAL F 172 -20.23 56.41 -32.83
N LYS F 173 -21.33 56.06 -33.50
CA LYS F 173 -21.26 55.40 -34.80
C LYS F 173 -20.43 56.18 -35.81
N HIS F 174 -20.63 57.50 -35.84
CA HIS F 174 -19.94 58.32 -36.84
C HIS F 174 -18.42 58.31 -36.56
N VAL F 175 -18.07 58.39 -35.28
CA VAL F 175 -16.66 58.47 -34.92
C VAL F 175 -15.95 57.14 -35.22
N TYR F 176 -16.61 56.04 -34.89
CA TYR F 176 -16.02 54.74 -35.07
C TYR F 176 -15.81 54.45 -36.56
N ARG F 177 -16.79 54.80 -37.38
CA ARG F 177 -16.63 54.62 -38.81
C ARG F 177 -15.33 55.29 -39.35
N VAL F 178 -15.05 56.50 -38.88
CA VAL F 178 -13.85 57.22 -39.32
C VAL F 178 -12.55 56.63 -38.76
N LEU F 179 -12.53 56.36 -37.45
CA LEU F 179 -11.33 55.84 -36.82
C LEU F 179 -11.04 54.41 -37.26
N SER F 180 -12.06 53.63 -37.57
CA SER F 180 -11.84 52.23 -37.95
CA SER F 180 -11.85 52.24 -37.94
C SER F 180 -11.23 52.19 -39.33
N GLN F 181 -11.64 53.13 -40.17
CA GLN F 181 -11.01 53.34 -41.47
C GLN F 181 -9.52 53.72 -41.32
N GLN F 182 -9.22 54.62 -40.40
CA GLN F 182 -7.85 55.08 -40.17
C GLN F 182 -6.92 54.00 -39.58
N TYR F 183 -7.43 53.25 -38.59
CA TYR F 183 -6.54 52.36 -37.81
C TYR F 183 -6.68 50.84 -38.02
N ASP F 184 -7.83 50.41 -38.55
CA ASP F 184 -8.30 49.00 -38.63
C ASP F 184 -9.01 48.69 -37.32
N ALA F 185 -10.17 48.05 -37.41
CA ALA F 185 -10.90 47.68 -36.20
C ALA F 185 -10.03 46.80 -35.27
N ASN F 186 -9.13 46.00 -35.81
CA ASN F 186 -8.41 45.14 -34.85
C ASN F 186 -7.30 45.90 -34.13
N HIS F 187 -7.09 47.17 -34.44
CA HIS F 187 -6.15 48.01 -33.65
C HIS F 187 -6.89 49.05 -32.82
N ILE F 188 -8.20 48.83 -32.65
CA ILE F 188 -9.00 49.74 -31.82
C ILE F 188 -9.51 49.04 -30.57
N PHE F 189 -9.23 49.65 -29.42
CA PHE F 189 -9.89 49.26 -28.16
C PHE F 189 -10.94 50.30 -27.83
N MET F 190 -12.03 49.91 -27.15
CA MET F 190 -13.03 50.91 -26.78
C MET F 190 -13.44 50.70 -25.34
N GLY F 191 -13.76 51.78 -24.63
CA GLY F 191 -14.22 51.60 -23.25
C GLY F 191 -15.11 52.75 -22.81
N GLY F 192 -15.84 52.55 -21.73
CA GLY F 192 -16.60 53.66 -21.16
C GLY F 192 -17.08 53.25 -19.79
N THR F 193 -17.32 54.24 -18.96
CA THR F 193 -17.87 54.04 -17.63
C THR F 193 -19.32 54.50 -17.54
N SER F 194 -20.12 53.77 -16.75
CA SER F 194 -21.50 54.17 -16.42
C SER F 194 -22.36 54.32 -17.70
N ALA F 195 -22.97 55.50 -17.91
CA ALA F 195 -23.79 55.68 -19.15
C ALA F 195 -22.93 55.34 -20.38
N GLY F 196 -21.65 55.69 -20.30
CA GLY F 196 -20.76 55.48 -21.45
C GLY F 196 -20.54 53.99 -21.70
N GLY F 197 -20.49 53.23 -20.63
CA GLY F 197 -20.35 51.79 -20.73
C GLY F 197 -21.61 51.19 -21.34
N GLY F 198 -22.77 51.67 -20.92
CA GLY F 198 -24.02 51.19 -21.53
C GLY F 198 -24.12 51.51 -23.02
N LEU F 199 -23.86 52.77 -23.33
CA LEU F 199 -23.78 53.20 -24.74
C LEU F 199 -22.82 52.33 -25.55
N LEU F 200 -21.64 52.01 -24.99
CA LEU F 200 -20.67 51.18 -25.69
C LEU F 200 -21.24 49.78 -25.98
N LEU F 201 -21.88 49.19 -24.98
CA LEU F 201 -22.47 47.87 -25.22
C LEU F 201 -23.60 47.90 -26.26
N ALA F 202 -24.47 48.92 -26.21
CA ALA F 202 -25.46 49.13 -27.27
C ALA F 202 -24.82 49.33 -28.65
N PHE F 203 -23.77 50.16 -28.69
CA PHE F 203 -23.08 50.40 -29.95
C PHE F 203 -22.48 49.09 -30.55
N VAL F 204 -21.83 48.27 -29.72
CA VAL F 204 -21.24 47.03 -30.25
C VAL F 204 -22.31 46.03 -30.66
N GLN F 205 -23.44 45.98 -29.94
CA GLN F 205 -24.57 45.16 -30.41
C GLN F 205 -24.99 45.59 -31.83
N GLY F 206 -25.03 46.89 -32.07
CA GLY F 206 -25.42 47.38 -33.37
C GLY F 206 -24.41 47.05 -34.45
N LEU F 207 -23.10 47.09 -34.16
CA LEU F 207 -22.08 46.68 -35.16
C LEU F 207 -22.33 45.25 -35.55
N ILE F 208 -22.56 44.42 -34.53
CA ILE F 208 -22.72 43.01 -34.83
C ILE F 208 -23.97 42.73 -35.65
N GLU F 209 -25.09 43.36 -35.33
CA GLU F 209 -26.26 43.03 -36.12
C GLU F 209 -26.19 43.57 -37.55
N ASN F 210 -25.27 44.50 -37.80
CA ASN F 210 -25.04 44.99 -39.16
C ASN F 210 -23.83 44.36 -39.87
N GLY F 211 -23.15 43.43 -39.20
CA GLY F 211 -22.03 42.71 -39.79
C GLY F 211 -20.78 43.56 -39.90
N VAL F 212 -20.63 44.56 -39.03
CA VAL F 212 -19.48 45.48 -39.13
C VAL F 212 -18.40 45.02 -38.18
N ALA F 213 -17.15 45.01 -38.63
CA ALA F 213 -16.08 44.51 -37.75
C ALA F 213 -16.04 45.29 -36.44
N THR F 214 -15.92 44.56 -35.35
CA THR F 214 -15.94 45.13 -34.01
C THR F 214 -14.52 45.51 -33.51
N PRO F 215 -14.44 46.32 -32.45
CA PRO F 215 -13.14 46.64 -31.85
C PRO F 215 -12.47 45.37 -31.34
N ARG F 216 -11.15 45.42 -31.19
CA ARG F 216 -10.36 44.25 -30.77
C ARG F 216 -10.77 43.71 -29.39
N ALA F 217 -11.03 44.64 -28.48
CA ALA F 217 -11.41 44.31 -27.07
C ALA F 217 -12.01 45.57 -26.48
N ILE F 218 -12.82 45.40 -25.44
CA ILE F 218 -13.51 46.52 -24.86
C ILE F 218 -13.54 46.44 -23.36
N TYR F 219 -13.87 47.59 -22.77
CA TYR F 219 -13.95 47.74 -21.32
C TYR F 219 -15.26 48.39 -20.93
N ALA F 220 -15.96 47.81 -19.97
CA ALA F 220 -17.14 48.44 -19.44
C ALA F 220 -17.00 48.63 -17.92
N GLY F 221 -16.87 49.89 -17.50
CA GLY F 221 -16.74 50.19 -16.07
C GLY F 221 -18.10 50.53 -15.52
N THR F 222 -18.55 49.76 -14.53
CA THR F 222 -19.89 49.91 -13.92
C THR F 222 -20.94 50.43 -14.91
N PRO F 223 -21.20 49.64 -15.98
CA PRO F 223 -22.05 50.17 -17.06
C PRO F 223 -23.51 50.33 -16.65
N TRP F 224 -24.14 51.35 -17.17
CA TRP F 224 -25.56 51.48 -16.99
C TRP F 224 -26.18 50.59 -18.06
N ALA F 225 -26.27 49.28 -17.80
CA ALA F 225 -26.70 48.34 -18.84
C ALA F 225 -28.20 48.14 -18.88
N ASP F 226 -28.88 48.65 -17.85
CA ASP F 226 -30.36 48.50 -17.78
C ASP F 226 -30.91 49.78 -17.13
N LEU F 227 -31.69 50.58 -17.88
CA LEU F 227 -32.14 51.85 -17.33
C LEU F 227 -33.34 51.72 -16.39
N THR F 228 -33.96 50.55 -16.39
CA THR F 228 -35.07 50.26 -15.45
C THR F 228 -34.54 49.93 -14.04
N LYS F 229 -35.41 49.90 -13.05
CA LYS F 229 -34.96 49.57 -11.71
C LYS F 229 -35.09 48.05 -11.48
N THR F 230 -34.19 47.31 -12.11
CA THR F 230 -34.30 45.84 -12.15
C THR F 230 -33.14 45.20 -11.36
N GLY F 231 -31.93 45.72 -11.53
CA GLY F 231 -30.77 45.16 -10.84
C GLY F 231 -30.97 45.12 -9.32
N ASP F 232 -30.74 43.96 -8.69
CA ASP F 232 -31.04 43.81 -7.26
C ASP F 232 -30.26 44.85 -6.45
N SER F 233 -29.02 45.13 -6.86
CA SER F 233 -28.17 46.04 -6.05
C SER F 233 -28.70 47.50 -6.09
N LEU F 234 -29.57 47.81 -7.03
CA LEU F 234 -30.19 49.12 -6.99
C LEU F 234 -31.01 49.30 -5.71
N TYR F 235 -31.56 48.18 -5.22
CA TYR F 235 -32.24 48.15 -3.92
C TYR F 235 -31.28 47.87 -2.75
N THR F 236 -30.49 46.83 -2.86
CA THR F 236 -29.70 46.45 -1.69
C THR F 236 -28.58 47.43 -1.39
N ASN F 237 -28.02 48.09 -2.42
CA ASN F 237 -26.97 49.12 -2.14
C ASN F 237 -27.50 50.56 -2.18
N GLU F 238 -28.82 50.72 -2.16
CA GLU F 238 -29.37 52.04 -1.91
C GLU F 238 -28.92 52.52 -0.53
N GLY F 239 -28.39 53.75 -0.44
CA GLY F 239 -27.90 54.29 0.81
C GLY F 239 -26.56 53.71 1.22
N ILE F 240 -25.97 52.91 0.35
CA ILE F 240 -24.64 52.33 0.61
C ILE F 240 -23.65 52.84 -0.47
N ASP F 241 -24.09 52.79 -1.73
CA ASP F 241 -23.35 53.43 -2.82
C ASP F 241 -23.29 54.93 -2.59
N ARG F 242 -22.11 55.48 -2.33
CA ARG F 242 -22.02 56.88 -1.95
C ARG F 242 -22.09 57.84 -3.14
N ILE F 243 -22.11 57.29 -4.36
CA ILE F 243 -22.10 58.15 -5.57
C ILE F 243 -23.51 58.25 -6.17
N LEU F 244 -24.16 57.10 -6.40
CA LEU F 244 -25.54 57.09 -6.93
C LEU F 244 -26.62 57.28 -5.87
N ILE F 245 -26.39 56.72 -4.67
CA ILE F 245 -27.29 56.82 -3.51
CA ILE F 245 -27.28 56.84 -3.50
C ILE F 245 -28.65 56.12 -3.67
N THR F 246 -29.38 56.42 -4.75
CA THR F 246 -30.71 55.84 -4.94
C THR F 246 -31.05 55.98 -6.43
N TYR F 247 -31.84 55.05 -6.94
CA TYR F 247 -32.37 55.16 -8.30
C TYR F 247 -33.43 56.28 -8.40
N ASP F 248 -34.16 56.50 -7.30
CA ASP F 248 -35.40 57.29 -7.36
C ASP F 248 -35.18 58.78 -7.15
N GLY F 249 -34.08 59.26 -7.69
CA GLY F 249 -33.84 60.71 -7.69
C GLY F 249 -33.40 61.11 -9.09
N THR F 250 -32.29 61.84 -9.19
CA THR F 250 -31.88 62.31 -10.53
C THR F 250 -31.46 61.19 -11.47
N LEU F 251 -31.08 60.02 -10.94
CA LEU F 251 -30.68 58.93 -11.84
C LEU F 251 -31.87 58.43 -12.68
N GLY F 252 -32.96 58.02 -12.05
CA GLY F 252 -34.10 57.57 -12.83
C GLY F 252 -34.68 58.71 -13.67
N ALA F 253 -34.59 59.95 -13.19
CA ALA F 253 -35.12 61.04 -13.99
C ALA F 253 -34.25 61.24 -15.24
N SER F 254 -32.94 61.07 -15.11
CA SER F 254 -32.02 61.19 -16.26
C SER F 254 -32.30 60.11 -17.32
N ALA F 255 -32.53 58.88 -16.88
CA ALA F 255 -32.95 57.81 -17.79
C ALA F 255 -34.15 58.21 -18.61
N ARG F 256 -35.16 58.74 -17.94
CA ARG F 256 -36.40 59.09 -18.64
C ARG F 256 -36.19 60.29 -19.58
N LEU F 257 -35.37 61.26 -19.18
CA LEU F 257 -35.05 62.37 -20.08
C LEU F 257 -34.38 61.89 -21.37
N TYR F 258 -33.45 60.95 -21.24
CA TYR F 258 -32.75 60.39 -22.40
C TYR F 258 -33.66 59.56 -23.33
N ALA F 259 -34.51 58.76 -22.71
CA ALA F 259 -35.32 57.77 -23.42
C ALA F 259 -36.52 58.36 -24.14
N GLY F 260 -37.00 59.53 -23.70
CA GLY F 260 -38.16 60.13 -24.34
C GLY F 260 -39.35 59.20 -24.29
N ASN F 261 -39.93 58.89 -25.44
CA ASN F 261 -41.08 57.99 -25.46
C ASN F 261 -40.69 56.54 -25.75
N THR F 262 -39.39 56.26 -25.70
CA THR F 262 -38.93 54.91 -26.08
C THR F 262 -38.95 54.05 -24.82
N PRO F 263 -39.56 52.84 -24.86
CA PRO F 263 -39.61 52.03 -23.64
C PRO F 263 -38.24 51.76 -23.08
N LEU F 264 -38.09 51.81 -21.75
CA LEU F 264 -36.76 51.70 -21.17
C LEU F 264 -36.10 50.35 -21.43
N THR F 265 -36.87 49.31 -21.79
CA THR F 265 -36.24 48.02 -22.07
C THR F 265 -35.69 47.91 -23.51
N HIS F 266 -35.87 48.94 -24.34
CA HIS F 266 -35.23 48.93 -25.67
C HIS F 266 -33.73 48.61 -25.57
N PRO F 267 -33.24 47.64 -26.34
CA PRO F 267 -31.85 47.21 -26.11
C PRO F 267 -30.81 48.26 -26.42
N LYS F 268 -31.14 49.26 -27.19
CA LYS F 268 -30.14 50.29 -27.45
C LYS F 268 -30.10 51.33 -26.31
N LEU F 269 -31.13 51.34 -25.45
CA LEU F 269 -31.10 52.03 -24.14
C LEU F 269 -30.55 51.14 -23.02
N SER F 270 -31.02 49.90 -23.00
CA SER F 270 -30.69 48.95 -21.94
C SER F 270 -30.12 47.67 -22.57
N PRO F 271 -28.83 47.66 -22.85
CA PRO F 271 -28.29 46.59 -23.70
C PRO F 271 -28.23 45.22 -23.01
N ILE F 272 -28.52 45.19 -21.70
CA ILE F 272 -28.68 43.87 -21.10
C ILE F 272 -29.79 43.08 -21.84
N TYR F 273 -30.77 43.74 -22.47
CA TYR F 273 -31.85 43.01 -23.19
C TYR F 273 -31.48 42.65 -24.63
N GLY F 274 -30.27 43.01 -25.06
CA GLY F 274 -29.83 42.73 -26.42
C GLY F 274 -29.03 41.40 -26.37
N ASP F 275 -28.36 41.08 -27.46
CA ASP F 275 -27.69 39.79 -27.68
C ASP F 275 -26.20 40.06 -27.58
N PHE F 276 -25.49 39.29 -26.75
CA PHE F 276 -24.05 39.49 -26.63
C PHE F 276 -23.23 38.47 -27.49
N THR F 277 -23.90 37.66 -28.31
CA THR F 277 -23.17 36.73 -29.16
C THR F 277 -22.19 37.52 -30.06
N ASP F 278 -20.96 36.99 -30.17
CA ASP F 278 -19.89 37.54 -31.04
C ASP F 278 -19.26 38.80 -30.47
N PHE F 279 -19.52 39.12 -29.19
CA PHE F 279 -18.83 40.27 -28.62
C PHE F 279 -17.33 40.03 -28.53
N PRO F 280 -16.54 41.10 -28.68
CA PRO F 280 -15.11 40.99 -28.44
C PRO F 280 -14.82 40.81 -26.94
N PRO F 281 -13.63 40.34 -26.59
CA PRO F 281 -13.28 40.17 -25.17
C PRO F 281 -13.54 41.44 -24.40
N THR F 282 -14.12 41.30 -23.21
CA THR F 282 -14.63 42.44 -22.42
C THR F 282 -14.14 42.43 -21.02
N PHE F 283 -13.62 43.58 -20.57
CA PHE F 283 -13.17 43.73 -19.17
C PHE F 283 -14.24 44.53 -18.45
N LEU F 284 -14.79 43.98 -17.36
CA LEU F 284 -15.87 44.60 -16.59
C LEU F 284 -15.39 44.92 -15.19
N VAL F 285 -15.71 46.13 -14.74
CA VAL F 285 -15.28 46.59 -13.40
C VAL F 285 -16.48 47.05 -12.58
N THR F 286 -16.50 46.67 -11.31
CA THR F 286 -17.52 47.17 -10.40
C THR F 286 -17.02 46.99 -8.96
N GLY F 287 -17.93 47.11 -7.98
CA GLY F 287 -17.52 47.14 -6.59
C GLY F 287 -18.63 46.59 -5.70
N THR F 288 -18.28 46.18 -4.47
CA THR F 288 -19.28 45.49 -3.68
C THR F 288 -20.37 46.42 -3.20
N ARG F 289 -20.08 47.73 -3.16
CA ARG F 289 -21.09 48.69 -2.71
C ARG F 289 -21.79 49.37 -3.90
N ASP F 290 -21.42 48.95 -5.10
CA ASP F 290 -21.91 49.62 -6.32
C ASP F 290 -23.42 49.31 -6.58
N MET F 291 -24.23 50.34 -6.75
CA MET F 291 -25.62 50.08 -7.11
C MET F 291 -25.73 49.48 -8.51
N PHE F 292 -24.67 49.63 -9.33
CA PHE F 292 -24.66 48.92 -10.59
C PHE F 292 -23.87 47.59 -10.55
N LEU F 293 -23.59 47.07 -9.36
CA LEU F 293 -23.00 45.74 -9.24
C LEU F 293 -23.87 44.70 -10.01
N SER F 294 -25.16 44.74 -9.75
CA SER F 294 -26.06 43.77 -10.41
C SER F 294 -26.03 43.88 -11.93
N ASP F 295 -26.18 45.10 -12.48
CA ASP F 295 -26.15 45.28 -13.94
C ASP F 295 -24.84 44.73 -14.49
N THR F 296 -23.74 44.99 -13.79
CA THR F 296 -22.42 44.59 -14.29
C THR F 296 -22.33 43.07 -14.33
N VAL F 297 -22.75 42.41 -13.26
CA VAL F 297 -22.63 40.95 -13.27
C VAL F 297 -23.73 40.30 -14.15
N ARG F 298 -24.89 40.96 -14.34
CA ARG F 298 -25.87 40.50 -15.37
C ARG F 298 -25.26 40.51 -16.78
N VAL F 299 -24.55 41.57 -17.09
CA VAL F 299 -23.83 41.65 -18.42
C VAL F 299 -22.81 40.54 -18.47
N ASN F 300 -22.02 40.39 -17.41
CA ASN F 300 -20.99 39.33 -17.40
C ASN F 300 -21.56 37.93 -17.68
N ARG F 301 -22.67 37.60 -16.99
CA ARG F 301 -23.39 36.35 -17.17
C ARG F 301 -23.89 36.15 -18.57
N LYS F 302 -24.55 37.16 -19.15
CA LYS F 302 -25.03 36.93 -20.50
C LYS F 302 -23.86 36.77 -21.49
N MET F 303 -22.80 37.55 -21.29
CA MET F 303 -21.63 37.41 -22.16
C MET F 303 -21.04 35.98 -22.06
N ARG F 304 -20.85 35.51 -20.85
CA ARG F 304 -20.26 34.18 -20.69
C ARG F 304 -21.19 33.12 -21.26
N ASP F 305 -22.49 33.28 -21.10
CA ASP F 305 -23.42 32.31 -21.64
C ASP F 305 -23.43 32.31 -23.16
N ALA F 306 -23.04 33.42 -23.75
CA ALA F 306 -22.88 33.57 -25.18
C ALA F 306 -21.46 33.26 -25.71
N GLY F 307 -20.60 32.72 -24.86
CA GLY F 307 -19.24 32.33 -25.27
C GLY F 307 -18.22 33.44 -25.43
N VAL F 308 -18.55 34.59 -24.86
CA VAL F 308 -17.67 35.77 -24.90
C VAL F 308 -16.59 35.60 -23.82
N THR F 309 -15.37 36.01 -24.15
CA THR F 309 -14.29 36.04 -23.21
C THR F 309 -14.44 37.28 -22.36
N THR F 310 -14.47 37.10 -21.04
CA THR F 310 -14.58 38.26 -20.14
C THR F 310 -13.66 38.13 -18.96
N VAL F 311 -13.32 39.27 -18.39
CA VAL F 311 -12.64 39.29 -17.11
C VAL F 311 -13.47 40.23 -16.27
N LEU F 312 -13.87 39.73 -15.10
CA LEU F 312 -14.68 40.51 -14.18
C LEU F 312 -13.82 40.94 -12.98
N ASP F 313 -13.83 42.22 -12.64
CA ASP F 313 -12.95 42.69 -11.59
C ASP F 313 -13.80 43.51 -10.63
N VAL F 314 -14.06 42.95 -9.45
CA VAL F 314 -14.89 43.57 -8.43
C VAL F 314 -14.03 44.01 -7.28
N TYR F 315 -14.21 45.27 -6.86
CA TYR F 315 -13.41 45.82 -5.76
C TYR F 315 -14.19 45.92 -4.46
N GLU F 316 -13.55 45.49 -3.38
CA GLU F 316 -14.12 45.58 -2.02
C GLU F 316 -14.45 47.02 -1.61
N GLY F 317 -15.66 47.24 -1.12
CA GLY F 317 -16.08 48.51 -0.51
C GLY F 317 -16.31 49.63 -1.51
N LEU F 318 -16.21 49.31 -2.80
CA LEU F 318 -16.24 50.37 -3.82
C LEU F 318 -17.66 50.60 -4.36
N SER F 319 -18.02 51.89 -4.47
CA SER F 319 -19.29 52.31 -5.06
C SER F 319 -19.17 52.56 -6.57
N HIS F 320 -20.29 52.87 -7.18
CA HIS F 320 -20.30 53.28 -8.61
C HIS F 320 -19.22 54.27 -8.98
N ALA F 321 -18.33 53.88 -9.90
CA ALA F 321 -17.26 54.76 -10.41
C ALA F 321 -16.34 55.34 -9.34
N ASP F 322 -16.18 54.67 -8.21
CA ASP F 322 -15.31 55.23 -7.18
C ASP F 322 -13.87 55.36 -7.66
N TYR F 323 -13.47 54.49 -8.60
CA TYR F 323 -12.09 54.50 -9.11
C TYR F 323 -11.84 55.75 -9.95
N LEU F 324 -12.91 56.44 -10.33
CA LEU F 324 -12.81 57.72 -11.03
C LEU F 324 -12.97 58.90 -10.10
N VAL F 325 -13.99 58.85 -9.27
CA VAL F 325 -14.23 59.93 -8.32
C VAL F 325 -13.05 60.12 -7.38
N SER F 326 -12.46 59.01 -6.91
CA SER F 326 -11.25 59.06 -6.09
C SER F 326 -10.12 58.30 -6.78
N HIS F 327 -9.51 58.95 -7.77
CA HIS F 327 -8.57 58.22 -8.60
C HIS F 327 -7.16 58.18 -8.04
N GLN F 328 -6.93 58.88 -6.94
CA GLN F 328 -5.60 58.90 -6.34
C GLN F 328 -5.52 57.89 -5.20
N THR F 329 -5.89 56.66 -5.52
CA THR F 329 -5.94 55.56 -4.56
C THR F 329 -5.29 54.34 -5.18
N PRO F 330 -4.75 53.45 -4.34
CA PRO F 330 -4.26 52.17 -4.86
C PRO F 330 -5.38 51.36 -5.58
N GLU F 331 -6.62 51.45 -5.14
CA GLU F 331 -7.72 50.74 -5.79
C GLU F 331 -7.88 51.23 -7.23
N SER F 332 -7.88 52.54 -7.38
CA SER F 332 -8.02 53.12 -8.72
C SER F 332 -6.82 52.70 -9.58
N GLN F 333 -5.61 52.75 -9.03
CA GLN F 333 -4.45 52.35 -9.83
C GLN F 333 -4.53 50.88 -10.26
N SER F 334 -5.09 50.04 -9.39
CA SER F 334 -5.24 48.63 -9.68
CA SER F 334 -5.24 48.62 -9.71
C SER F 334 -6.19 48.41 -10.88
N VAL F 335 -7.28 49.17 -10.90
CA VAL F 335 -8.24 49.03 -11.99
C VAL F 335 -7.56 49.19 -13.32
N TYR F 336 -6.76 50.25 -13.45
CA TYR F 336 -6.14 50.53 -14.75
C TYR F 336 -4.94 49.64 -15.03
N ARG F 337 -4.25 49.20 -13.96
CA ARG F 337 -3.21 48.24 -14.11
C ARG F 337 -3.78 46.92 -14.67
N GLN F 338 -4.93 46.50 -14.13
CA GLN F 338 -5.55 45.27 -14.55
C GLN F 338 -6.10 45.42 -15.97
N LEU F 339 -6.67 46.58 -16.27
CA LEU F 339 -7.14 46.83 -17.63
C LEU F 339 -5.99 46.82 -18.63
N LYS F 340 -4.88 47.43 -18.28
CA LYS F 340 -3.74 47.44 -19.16
C LYS F 340 -3.30 46.00 -19.46
N ARG F 341 -3.20 45.17 -18.41
CA ARG F 341 -2.81 43.79 -18.57
C ARG F 341 -3.75 43.06 -19.53
N PHE F 342 -5.04 43.35 -19.38
CA PHE F 342 -6.07 42.75 -20.25
C PHE F 342 -5.86 43.13 -21.73
N LEU F 343 -5.73 44.43 -21.99
CA LEU F 343 -5.63 44.89 -23.38
C LEU F 343 -4.29 44.52 -23.98
N VAL F 344 -3.21 44.52 -23.18
CA VAL F 344 -1.90 44.17 -23.74
C VAL F 344 -2.01 42.74 -24.30
N GLY F 345 -2.81 41.92 -23.64
CA GLY F 345 -3.02 40.55 -24.06
C GLY F 345 -3.57 40.41 -25.47
N PHE F 346 -4.19 41.46 -26.00
CA PHE F 346 -4.82 41.38 -27.31
C PHE F 346 -4.10 42.25 -28.35
N THR F 347 -2.82 42.52 -28.10
CA THR F 347 -2.03 43.30 -29.07
C THR F 347 -1.18 42.41 -29.98
N VAL G 32 16.99 6.09 -18.11
CA VAL G 32 17.96 5.61 -19.10
C VAL G 32 19.29 6.35 -18.98
N PRO G 33 20.29 5.68 -18.40
CA PRO G 33 21.63 6.28 -18.21
C PRO G 33 22.37 6.56 -19.54
N ILE G 34 23.34 7.48 -19.49
CA ILE G 34 24.29 7.63 -20.60
C ILE G 34 24.93 6.26 -20.85
N PRO G 35 24.99 5.82 -22.12
CA PRO G 35 25.54 4.48 -22.42
C PRO G 35 26.94 4.32 -21.77
N GLN G 36 27.07 3.32 -20.92
CA GLN G 36 28.25 3.24 -20.06
C GLN G 36 29.54 2.89 -20.80
N SER G 37 29.44 2.18 -21.93
CA SER G 37 30.66 1.68 -22.57
C SER G 37 31.20 2.56 -23.69
N ILE G 38 30.54 3.68 -23.97
CA ILE G 38 31.05 4.55 -25.03
C ILE G 38 32.25 5.36 -24.54
N SER G 39 32.90 6.05 -25.46
CA SER G 39 34.13 6.78 -25.13
C SER G 39 33.90 7.96 -24.21
N ALA G 40 34.95 8.35 -23.48
CA ALA G 40 34.87 9.54 -22.65
C ALA G 40 34.50 10.76 -23.51
N GLU G 41 35.01 10.84 -24.72
CA GLU G 41 34.66 11.95 -25.58
C GLU G 41 33.17 11.97 -25.92
N PHE G 42 32.60 10.80 -26.24
CA PHE G 42 31.20 10.76 -26.63
C PHE G 42 30.36 11.00 -25.39
N LYS G 43 30.77 10.49 -24.23
CA LYS G 43 30.03 10.76 -22.99
C LYS G 43 29.94 12.24 -22.68
N ALA G 44 31.07 12.93 -22.82
CA ALA G 44 31.11 14.36 -22.64
C ALA G 44 30.16 15.05 -23.62
N ALA G 45 30.13 14.56 -24.85
CA ALA G 45 29.28 15.15 -25.88
C ALA G 45 27.80 15.00 -25.52
N LEU G 46 27.39 13.81 -25.09
CA LEU G 46 26.00 13.58 -24.71
C LEU G 46 25.56 14.34 -23.47
N ALA G 47 26.45 14.43 -22.47
CA ALA G 47 26.07 15.02 -21.21
C ALA G 47 25.93 16.55 -21.33
N GLN G 48 26.67 17.13 -22.27
CA GLN G 48 26.61 18.56 -22.57
C GLN G 48 25.29 18.97 -23.27
N TYR G 49 24.82 18.10 -24.15
CA TYR G 49 23.73 18.39 -25.08
C TYR G 49 22.39 18.60 -24.37
N PRO G 50 21.85 19.83 -24.42
CA PRO G 50 20.50 19.97 -23.87
C PRO G 50 19.46 19.39 -24.84
N THR G 51 19.08 18.13 -24.64
CA THR G 51 18.15 17.45 -25.54
C THR G 51 16.71 17.93 -25.34
N PRO G 52 16.04 18.38 -26.42
CA PRO G 52 14.63 18.77 -26.22
C PRO G 52 13.77 17.54 -25.93
N SER G 53 12.68 17.76 -25.20
CA SER G 53 11.73 16.69 -24.94
C SER G 53 10.96 16.34 -26.22
N VAL G 54 10.28 15.21 -26.22
CA VAL G 54 9.40 14.86 -27.35
C VAL G 54 8.27 15.89 -27.49
N GLU G 55 7.76 16.35 -26.35
CA GLU G 55 6.71 17.35 -26.31
C GLU G 55 7.20 18.66 -26.95
N GLU G 56 8.40 19.08 -26.58
CA GLU G 56 8.98 20.28 -27.18
C GLU G 56 9.15 20.05 -28.68
N ALA G 57 9.65 18.89 -29.03
CA ALA G 57 9.93 18.64 -30.43
C ALA G 57 8.67 18.62 -31.28
N ARG G 58 7.53 18.25 -30.71
CA ARG G 58 6.27 18.20 -31.45
C ARG G 58 5.61 19.56 -31.61
N SER G 59 6.11 20.58 -30.92
CA SER G 59 5.32 21.79 -30.78
C SER G 59 5.61 22.94 -31.77
N PHE G 60 6.79 22.99 -32.40
CA PHE G 60 7.10 24.21 -33.16
C PHE G 60 7.09 24.08 -34.70
N VAL G 61 6.36 23.09 -35.22
CA VAL G 61 6.32 22.75 -36.64
C VAL G 61 5.84 23.84 -37.62
N PRO G 62 6.69 24.24 -38.60
CA PRO G 62 6.27 25.25 -39.58
C PRO G 62 5.07 24.82 -40.41
N THR G 63 4.17 25.74 -40.72
CA THR G 63 2.99 25.38 -41.51
C THR G 63 2.73 26.34 -42.68
N THR G 64 3.56 27.38 -42.82
CA THR G 64 3.51 28.24 -44.02
C THR G 64 4.89 28.34 -44.62
N ALA G 65 4.96 28.71 -45.91
CA ALA G 65 6.24 28.78 -46.61
C ALA G 65 7.18 29.77 -45.90
N ALA G 66 6.56 30.73 -45.21
CA ALA G 66 7.27 31.76 -44.46
C ALA G 66 8.00 31.24 -43.21
N GLN G 67 7.29 30.53 -42.34
CA GLN G 67 7.96 29.99 -41.14
C GLN G 67 8.96 28.90 -41.49
N TRP G 68 8.74 28.22 -42.61
CA TRP G 68 9.74 27.32 -43.15
C TRP G 68 11.00 28.12 -43.51
N ARG G 69 10.82 29.27 -44.16
CA ARG G 69 11.95 30.10 -44.51
C ARG G 69 12.75 30.49 -43.26
N ASP G 70 12.04 30.86 -42.20
CA ASP G 70 12.65 31.32 -40.93
C ASP G 70 13.39 30.21 -40.19
N TYR G 71 12.75 29.06 -40.06
CA TYR G 71 13.36 27.91 -39.40
C TYR G 71 14.60 27.46 -40.17
N VAL G 72 14.50 27.38 -41.50
CA VAL G 72 15.63 26.93 -42.30
C VAL G 72 16.82 27.92 -42.19
N GLN G 73 16.56 29.21 -42.36
CA GLN G 73 17.63 30.19 -42.34
C GLN G 73 18.37 30.23 -41.01
N ALA G 74 17.62 30.10 -39.92
CA ALA G 74 18.19 30.12 -38.57
C ALA G 74 19.04 28.89 -38.30
N THR G 75 18.55 27.75 -38.75
CA THR G 75 19.27 26.51 -38.56
C THR G 75 20.56 26.50 -39.40
N ASN G 76 20.47 27.01 -40.62
CA ASN G 76 21.60 27.04 -41.54
C ASN G 76 22.68 27.98 -41.04
N LYS G 77 22.25 29.07 -40.41
CA LYS G 77 23.19 30.06 -39.93
C LYS G 77 24.08 29.41 -38.88
N MET G 78 23.47 28.64 -37.98
CA MET G 78 24.21 27.89 -36.97
C MET G 78 25.21 26.94 -37.61
N GLN G 79 24.74 26.23 -38.61
CA GLN G 79 25.52 25.18 -39.21
C GLN G 79 26.70 25.77 -39.99
N LYS G 80 26.49 26.96 -40.57
CA LYS G 80 27.54 27.67 -41.29
C LYS G 80 28.81 27.85 -40.43
N THR G 81 28.65 28.32 -39.18
CA THR G 81 29.79 28.47 -38.28
C THR G 81 30.52 27.13 -38.02
N LYS G 82 29.76 26.04 -37.93
CA LYS G 82 30.38 24.75 -37.64
C LYS G 82 31.27 24.32 -38.80
N ILE G 83 30.76 24.48 -40.02
CA ILE G 83 31.55 24.17 -41.20
C ILE G 83 32.81 25.05 -41.30
N LYS G 84 32.70 26.34 -40.99
CA LYS G 84 33.91 27.17 -40.99
C LYS G 84 34.98 26.64 -40.02
N ASN G 85 34.57 26.29 -38.81
CA ASN G 85 35.48 25.66 -37.83
C ASN G 85 36.13 24.35 -38.31
N MET G 86 35.33 23.47 -38.89
CA MET G 86 35.82 22.20 -39.42
C MET G 86 36.84 22.36 -40.56
N ARG G 87 36.51 23.26 -41.49
CA ARG G 87 37.28 23.50 -42.70
C ARG G 87 38.68 23.94 -42.33
N LYS G 88 38.74 24.77 -41.30
CA LYS G 88 39.99 25.26 -40.76
C LYS G 88 40.75 24.13 -40.06
N HIS G 89 40.04 23.41 -39.20
CA HIS G 89 40.60 22.34 -38.37
C HIS G 89 41.17 21.16 -39.18
N TYR G 90 40.54 20.84 -40.30
CA TYR G 90 41.04 19.75 -41.13
C TYR G 90 41.94 20.23 -42.29
N GLY G 91 41.97 21.52 -42.58
CA GLY G 91 42.85 22.04 -43.60
C GLY G 91 42.52 21.61 -45.03
N VAL G 92 41.24 21.41 -45.31
CA VAL G 92 40.81 21.09 -46.68
C VAL G 92 40.65 22.35 -47.54
N THR G 93 40.70 22.19 -48.86
CA THR G 93 40.41 23.26 -49.81
C THR G 93 39.03 23.08 -50.39
N VAL G 94 38.28 24.16 -50.53
CA VAL G 94 36.92 24.04 -51.07
C VAL G 94 36.83 24.89 -52.31
N GLU G 95 36.44 24.28 -53.42
CA GLU G 95 36.27 25.05 -54.66
C GLU G 95 34.84 25.02 -55.10
N LEU G 96 34.33 26.17 -55.54
CA LEU G 96 32.92 26.28 -55.93
C LEU G 96 32.76 25.99 -57.41
N LEU G 97 31.90 25.05 -57.75
CA LEU G 97 31.71 24.63 -59.13
C LEU G 97 30.27 24.84 -59.52
N ASP G 98 30.05 25.04 -60.81
CA ASP G 98 28.70 24.92 -61.36
C ASP G 98 28.73 23.81 -62.40
N ILE G 99 27.95 22.75 -62.17
CA ILE G 99 27.92 21.61 -63.07
C ILE G 99 26.52 21.54 -63.67
N LYS G 100 26.37 22.04 -64.91
CA LYS G 100 25.08 21.98 -65.60
C LYS G 100 24.01 22.70 -64.81
N GLY G 101 24.40 23.80 -64.18
CA GLY G 101 23.50 24.59 -63.37
C GLY G 101 23.38 24.15 -61.92
N VAL G 102 23.97 23.01 -61.57
CA VAL G 102 23.96 22.55 -60.17
C VAL G 102 25.21 23.01 -59.43
N THR G 103 25.01 23.57 -58.25
CA THR G 103 26.12 24.01 -57.44
C THR G 103 26.71 22.79 -56.76
N VAL G 104 28.03 22.66 -56.91
CA VAL G 104 28.79 21.54 -56.36
C VAL G 104 30.03 22.15 -55.74
N ARG G 105 30.39 21.65 -54.55
CA ARG G 105 31.69 22.05 -53.97
C ARG G 105 32.69 20.90 -54.02
N LYS G 106 33.85 21.20 -54.62
CA LYS G 106 34.94 20.22 -54.68
C LYS G 106 35.85 20.43 -53.48
N ILE G 107 35.98 19.38 -52.67
CA ILE G 107 36.77 19.38 -51.46
C ILE G 107 38.05 18.50 -51.58
N THR G 108 39.21 19.13 -51.43
CA THR G 108 40.49 18.46 -51.53
C THR G 108 41.20 18.52 -50.17
N PRO G 109 41.58 17.35 -49.64
CA PRO G 109 42.30 17.28 -48.35
C PRO G 109 43.76 17.56 -48.54
N LYS G 110 44.46 17.76 -47.42
CA LYS G 110 45.88 18.06 -47.45
C LYS G 110 46.67 16.83 -47.86
N SER G 111 46.18 15.67 -47.45
CA SER G 111 46.86 14.43 -47.80
C SER G 111 45.96 13.45 -48.52
N LEU G 112 46.29 13.18 -49.77
CA LEU G 112 45.51 12.24 -50.57
C LEU G 112 46.04 10.84 -50.37
N SER G 113 45.13 9.87 -50.22
CA SER G 113 45.49 8.46 -50.16
C SER G 113 45.85 7.94 -51.54
N PRO G 114 47.05 7.38 -51.69
CA PRO G 114 47.44 6.83 -53.00
C PRO G 114 46.42 5.80 -53.52
N GLU G 115 45.78 5.02 -52.64
CA GLU G 115 44.80 4.05 -53.10
C GLU G 115 43.67 4.70 -53.89
N PHE G 116 43.41 5.98 -53.62
CA PHE G 116 42.29 6.62 -54.28
C PHE G 116 42.68 7.55 -55.41
N LYS G 117 43.95 7.49 -55.83
CA LYS G 117 44.42 8.15 -57.06
C LYS G 117 43.42 7.89 -58.19
N ASP G 118 43.01 8.94 -58.89
CA ASP G 118 42.04 8.79 -59.99
C ASP G 118 40.68 8.23 -59.58
N HIS G 119 40.39 8.09 -58.28
CA HIS G 119 39.01 7.89 -57.84
C HIS G 119 38.45 9.16 -57.20
N VAL G 120 37.13 9.35 -57.24
CA VAL G 120 36.55 10.48 -56.52
C VAL G 120 35.28 10.03 -55.84
N TYR G 121 34.81 10.86 -54.92
CA TYR G 121 33.65 10.55 -54.10
C TYR G 121 32.62 11.64 -54.30
N ILE G 122 31.39 11.26 -54.58
CA ILE G 122 30.29 12.23 -54.67
C ILE G 122 29.45 12.14 -53.42
N ASP G 123 29.40 13.24 -52.68
CA ASP G 123 28.70 13.35 -51.40
C ASP G 123 27.31 13.99 -51.59
N ILE G 124 26.29 13.35 -51.04
CA ILE G 124 24.91 13.85 -51.11
CA ILE G 124 24.92 13.85 -51.11
C ILE G 124 24.48 14.12 -49.67
N HIS G 125 24.45 15.40 -49.27
CA HIS G 125 24.27 15.75 -47.86
C HIS G 125 22.88 15.47 -47.30
N GLY G 126 22.77 15.38 -45.98
CA GLY G 126 21.47 15.23 -45.34
C GLY G 126 20.89 16.57 -44.88
N GLY G 127 19.83 16.52 -44.10
CA GLY G 127 19.16 17.76 -43.68
C GLY G 127 17.66 17.67 -43.84
N ALA G 128 17.14 16.43 -43.85
CA ALA G 128 15.71 16.12 -43.93
C ALA G 128 15.06 16.78 -45.14
N TYR G 129 15.83 16.92 -46.22
CA TYR G 129 15.36 17.52 -47.48
C TYR G 129 14.98 19.00 -47.38
N VAL G 130 15.25 19.65 -46.23
CA VAL G 130 15.00 21.08 -46.15
C VAL G 130 16.17 21.91 -45.62
N LEU G 131 17.09 21.31 -44.86
CA LEU G 131 18.20 22.05 -44.26
C LEU G 131 19.52 21.94 -45.03
N PHE G 132 20.40 22.90 -44.77
CA PHE G 132 21.84 22.82 -45.02
C PHE G 132 22.23 23.06 -46.47
N ALA G 133 21.42 23.85 -47.17
CA ALA G 133 21.85 24.34 -48.49
C ALA G 133 23.04 25.29 -48.31
N GLY G 134 23.87 25.41 -49.35
CA GLY G 134 24.98 26.35 -49.33
C GLY G 134 26.18 25.73 -48.65
N LEU G 135 27.04 26.57 -48.09
CA LEU G 135 28.22 26.04 -47.38
C LEU G 135 27.93 24.97 -46.30
N PRO G 136 26.82 25.12 -45.54
CA PRO G 136 26.53 24.04 -44.58
C PRO G 136 26.41 22.64 -45.19
N SER G 137 26.24 22.54 -46.50
CA SER G 137 26.08 21.22 -47.13
C SER G 137 27.30 20.32 -47.01
N ILE G 138 28.47 20.87 -46.69
CA ILE G 138 29.69 20.09 -46.88
C ILE G 138 30.23 19.39 -45.62
N GLU G 139 29.44 19.35 -44.55
CA GLU G 139 29.93 18.80 -43.27
C GLU G 139 30.54 17.40 -43.40
N GLU G 140 29.75 16.45 -43.92
CA GLU G 140 30.30 15.11 -44.08
C GLU G 140 31.35 15.07 -45.19
N GLY G 141 31.17 15.88 -46.22
CA GLY G 141 32.13 15.93 -47.30
C GLY G 141 33.52 16.26 -46.78
N ILE G 142 33.60 17.15 -45.80
CA ILE G 142 34.89 17.46 -45.18
C ILE G 142 35.50 16.26 -44.44
N LEU G 143 34.67 15.56 -43.66
CA LEU G 143 35.14 14.38 -42.91
C LEU G 143 35.63 13.30 -43.85
N ILE G 144 34.89 13.11 -44.95
CA ILE G 144 35.20 12.08 -45.94
C ILE G 144 36.51 12.48 -46.62
N ALA G 145 36.60 13.74 -47.09
CA ALA G 145 37.81 14.11 -47.80
C ALA G 145 39.06 13.91 -46.94
N HIS G 146 39.00 14.35 -45.71
CA HIS G 146 40.14 14.30 -44.82
C HIS G 146 40.43 12.89 -44.35
N ARG G 147 39.39 12.22 -43.86
CA ARG G 147 39.59 10.91 -43.27
C ARG G 147 39.79 9.78 -44.28
N LEU G 148 39.30 9.91 -45.50
CA LEU G 148 39.63 8.91 -46.51
C LEU G 148 40.80 9.34 -47.38
N GLY G 149 41.07 10.63 -47.43
CA GLY G 149 42.14 11.14 -48.28
C GLY G 149 41.70 11.07 -49.74
N ILE G 150 40.51 11.57 -50.04
CA ILE G 150 39.94 11.42 -51.38
C ILE G 150 39.29 12.75 -51.79
N VAL G 151 39.34 13.10 -53.09
CA VAL G 151 38.66 14.31 -53.55
C VAL G 151 37.15 14.07 -53.49
N VAL G 152 36.43 15.02 -52.88
CA VAL G 152 34.99 14.90 -52.71
C VAL G 152 34.26 15.98 -53.52
N TYR G 153 33.22 15.55 -54.25
CA TYR G 153 32.27 16.50 -54.84
C TYR G 153 30.95 16.48 -54.08
N SER G 154 30.67 17.55 -53.34
CA SER G 154 29.47 17.63 -52.52
CA SER G 154 29.46 17.66 -52.52
C SER G 154 28.36 18.40 -53.24
N VAL G 155 27.26 17.70 -53.54
CA VAL G 155 26.17 18.28 -54.32
C VAL G 155 25.24 19.16 -53.46
N ASP G 156 25.09 20.42 -53.87
CA ASP G 156 24.26 21.37 -53.19
C ASP G 156 22.91 21.40 -53.93
N TYR G 157 22.14 20.34 -53.71
CA TYR G 157 20.94 20.10 -54.49
C TYR G 157 19.79 21.00 -54.07
N ARG G 158 18.85 21.24 -54.99
CA ARG G 158 17.71 22.10 -54.70
C ARG G 158 16.72 21.45 -53.75
N MET G 159 16.10 22.25 -52.88
CA MET G 159 15.19 21.74 -51.84
C MET G 159 13.90 22.51 -51.75
N PRO G 160 12.85 21.89 -51.18
CA PRO G 160 11.64 22.64 -50.81
C PRO G 160 11.92 23.68 -49.73
N PRO G 161 10.98 24.62 -49.51
CA PRO G 161 9.69 24.79 -50.20
C PRO G 161 9.80 25.15 -51.68
N ALA G 162 10.86 25.83 -52.13
CA ALA G 162 10.88 26.33 -53.52
C ALA G 162 10.90 25.19 -54.54
N TYR G 163 11.67 24.14 -54.21
CA TYR G 163 11.94 23.03 -55.13
C TYR G 163 11.68 21.66 -54.50
N PRO G 164 10.40 21.23 -54.47
CA PRO G 164 10.06 19.91 -53.95
C PRO G 164 10.59 18.80 -54.87
N PHE G 165 10.44 17.55 -54.41
CA PHE G 165 10.67 16.38 -55.25
C PHE G 165 10.01 16.61 -56.63
N PRO G 166 10.69 16.26 -57.74
CA PRO G 166 11.99 15.58 -57.84
C PRO G 166 13.20 16.48 -58.12
N ALA G 167 13.19 17.74 -57.71
CA ALA G 167 14.29 18.64 -58.08
C ALA G 167 15.67 18.12 -57.63
N ALA G 168 15.76 17.65 -56.39
CA ALA G 168 17.05 17.21 -55.85
C ALA G 168 17.58 16.00 -56.63
N LEU G 169 16.68 15.07 -56.95
CA LEU G 169 17.04 13.91 -57.74
C LEU G 169 17.54 14.31 -59.13
N ASP G 170 16.87 15.24 -59.78
CA ASP G 170 17.33 15.74 -61.07
C ASP G 170 18.73 16.36 -60.96
N ASP G 171 18.98 17.10 -59.88
CA ASP G 171 20.31 17.70 -59.71
C ASP G 171 21.38 16.62 -59.62
N VAL G 172 21.10 15.58 -58.84
CA VAL G 172 22.09 14.51 -58.66
C VAL G 172 22.35 13.80 -60.00
N LYS G 173 21.27 13.57 -60.75
CA LYS G 173 21.42 12.97 -62.08
C LYS G 173 22.32 13.78 -63.01
N HIS G 174 22.17 15.10 -63.02
CA HIS G 174 22.98 15.96 -63.88
C HIS G 174 24.45 15.91 -63.47
N VAL G 175 24.71 15.97 -62.17
CA VAL G 175 26.07 15.93 -61.70
C VAL G 175 26.75 14.59 -62.01
N TYR G 176 26.07 13.48 -61.73
CA TYR G 176 26.65 12.19 -62.00
C TYR G 176 26.92 11.98 -63.49
N ARG G 177 26.00 12.44 -64.35
CA ARG G 177 26.25 12.30 -65.79
C ARG G 177 27.60 12.94 -66.19
N VAL G 178 27.81 14.17 -65.72
CA VAL G 178 29.04 14.90 -66.03
C VAL G 178 30.30 14.26 -65.42
N LEU G 179 30.24 13.90 -64.13
CA LEU G 179 31.42 13.34 -63.48
C LEU G 179 31.73 11.94 -63.99
N SER G 180 30.69 11.15 -64.30
CA SER G 180 30.94 9.80 -64.78
C SER G 180 31.61 9.80 -66.15
N GLN G 181 31.32 10.81 -66.95
CA GLN G 181 32.01 10.99 -68.22
C GLN G 181 33.48 11.32 -68.02
N GLN G 182 33.75 12.16 -67.03
CA GLN G 182 35.10 12.59 -66.69
C GLN G 182 35.97 11.47 -66.11
N TYR G 183 35.41 10.72 -65.16
CA TYR G 183 36.20 9.77 -64.36
C TYR G 183 36.03 8.27 -64.66
N ASP G 184 34.93 7.89 -65.30
CA ASP G 184 34.46 6.48 -65.46
C ASP G 184 33.70 6.08 -64.21
N ALA G 185 32.54 5.43 -64.40
CA ALA G 185 31.72 4.99 -63.29
C ALA G 185 32.50 4.13 -62.29
N ASN G 186 33.41 3.31 -62.80
CA ASN G 186 34.09 2.39 -61.90
C ASN G 186 35.17 3.09 -61.08
N HIS G 187 35.37 4.39 -61.31
CA HIS G 187 36.26 5.17 -60.44
C HIS G 187 35.49 6.18 -59.58
N ILE G 188 34.16 6.00 -59.50
CA ILE G 188 33.34 6.87 -58.69
C ILE G 188 32.78 6.12 -57.48
N PHE G 189 32.97 6.70 -56.30
CA PHE G 189 32.25 6.25 -55.10
C PHE G 189 31.22 7.31 -54.76
N MET G 190 30.09 6.89 -54.16
CA MET G 190 29.08 7.87 -53.77
C MET G 190 28.56 7.59 -52.37
N GLY G 191 28.20 8.64 -51.66
CA GLY G 191 27.72 8.41 -50.30
C GLY G 191 26.80 9.55 -49.86
N GLY G 192 26.02 9.28 -48.82
CA GLY G 192 25.14 10.31 -48.26
C GLY G 192 24.63 9.83 -46.90
N THR G 193 24.38 10.82 -46.05
CA THR G 193 23.81 10.56 -44.73
C THR G 193 22.37 11.05 -44.70
N SER G 194 21.51 10.31 -44.01
CA SER G 194 20.13 10.72 -43.72
C SER G 194 19.35 10.95 -45.01
N ALA G 195 18.76 12.13 -45.21
CA ALA G 195 18.05 12.41 -46.47
C ALA G 195 18.91 12.14 -47.72
N GLY G 196 20.18 12.49 -47.63
CA GLY G 196 21.09 12.27 -48.75
C GLY G 196 21.34 10.80 -49.00
N GLY G 197 21.31 10.01 -47.93
CA GLY G 197 21.42 8.56 -48.10
C GLY G 197 20.20 7.98 -48.81
N GLY G 198 19.02 8.46 -48.45
CA GLY G 198 17.79 8.08 -49.13
C GLY G 198 17.83 8.50 -50.59
N LEU G 199 18.19 9.75 -50.82
CA LEU G 199 18.29 10.27 -52.20
C LEU G 199 19.25 9.41 -53.02
N LEU G 200 20.38 9.05 -52.41
CA LEU G 200 21.39 8.21 -53.11
C LEU G 200 20.81 6.84 -53.51
N LEU G 201 20.11 6.18 -52.60
CA LEU G 201 19.52 4.87 -52.91
C LEU G 201 18.51 5.02 -54.09
N ALA G 202 17.66 6.03 -54.01
CA ALA G 202 16.69 6.28 -55.11
C ALA G 202 17.40 6.54 -56.42
N PHE G 203 18.47 7.35 -56.35
CA PHE G 203 19.26 7.64 -57.54
C PHE G 203 19.86 6.40 -58.22
N VAL G 204 20.50 5.54 -57.41
CA VAL G 204 21.11 4.32 -57.91
C VAL G 204 20.02 3.37 -58.42
N GLN G 205 18.88 3.31 -57.75
CA GLN G 205 17.78 2.49 -58.32
C GLN G 205 17.43 2.98 -59.72
N GLY G 206 17.42 4.30 -59.88
CA GLY G 206 17.12 4.86 -61.19
C GLY G 206 18.18 4.53 -62.24
N LEU G 207 19.45 4.56 -61.88
CA LEU G 207 20.50 4.18 -62.83
C LEU G 207 20.26 2.76 -63.34
N ILE G 208 19.90 1.89 -62.40
CA ILE G 208 19.83 0.47 -62.70
C ILE G 208 18.63 0.20 -63.58
N GLU G 209 17.50 0.80 -63.28
CA GLU G 209 16.36 0.56 -64.18
C GLU G 209 16.57 1.12 -65.61
N ASN G 210 17.52 2.04 -65.79
CA ASN G 210 17.83 2.56 -67.14
C ASN G 210 19.05 1.94 -67.76
N GLY G 211 19.67 0.97 -67.09
CA GLY G 211 20.83 0.29 -67.63
C GLY G 211 22.05 1.18 -67.72
N VAL G 212 22.13 2.18 -66.85
CA VAL G 212 23.28 3.10 -66.76
C VAL G 212 24.30 2.61 -65.74
N ALA G 213 25.58 2.56 -66.12
CA ALA G 213 26.61 2.08 -65.19
C ALA G 213 26.59 2.81 -63.85
N THR G 214 26.64 2.04 -62.77
CA THR G 214 26.51 2.57 -61.42
C THR G 214 27.91 2.87 -60.86
N PRO G 215 27.96 3.65 -59.76
CA PRO G 215 29.23 3.89 -59.08
C PRO G 215 29.83 2.56 -58.59
N ARG G 216 31.13 2.56 -58.30
CA ARG G 216 31.85 1.35 -57.96
C ARG G 216 31.35 0.76 -56.64
N ALA G 217 31.05 1.63 -55.70
CA ALA G 217 30.58 1.23 -54.37
C ALA G 217 30.00 2.47 -53.70
N ILE G 218 29.12 2.26 -52.72
CA ILE G 218 28.43 3.39 -52.13
C ILE G 218 28.34 3.27 -50.63
N TYR G 219 27.97 4.38 -50.03
CA TYR G 219 27.83 4.48 -48.55
C TYR G 219 26.52 5.13 -48.22
N ALA G 220 25.75 4.53 -47.31
CA ALA G 220 24.56 5.19 -46.84
C ALA G 220 24.62 5.21 -45.34
N GLY G 221 24.74 6.41 -44.81
CA GLY G 221 24.80 6.58 -43.36
C GLY G 221 23.43 6.95 -42.87
N THR G 222 22.90 6.11 -41.99
CA THR G 222 21.57 6.30 -41.42
C THR G 222 20.55 6.89 -42.45
N PRO G 223 20.36 6.17 -43.59
CA PRO G 223 19.53 6.70 -44.70
C PRO G 223 18.06 6.86 -44.34
N TRP G 224 17.46 7.95 -44.81
CA TRP G 224 16.03 8.11 -44.75
C TRP G 224 15.45 7.29 -45.89
N ALA G 225 15.26 6.01 -45.66
CA ALA G 225 14.88 5.12 -46.76
C ALA G 225 13.40 4.98 -46.91
N ASP G 226 12.66 5.47 -45.92
CA ASP G 226 11.21 5.37 -45.92
C ASP G 226 10.65 6.63 -45.26
N LEU G 227 9.96 7.48 -46.03
CA LEU G 227 9.46 8.74 -45.48
C LEU G 227 8.25 8.56 -44.59
N THR G 228 7.61 7.40 -44.66
CA THR G 228 6.45 7.14 -43.79
C THR G 228 6.90 6.73 -42.39
N LYS G 229 5.98 6.72 -41.44
CA LYS G 229 6.33 6.30 -40.08
C LYS G 229 6.17 4.77 -39.93
N THR G 230 7.09 4.04 -40.55
CA THR G 230 6.94 2.58 -40.64
C THR G 230 8.00 1.85 -39.82
N GLY G 231 9.24 2.34 -39.89
CA GLY G 231 10.34 1.67 -39.19
C GLY G 231 10.04 1.61 -37.70
N ASP G 232 10.23 0.44 -37.10
CA ASP G 232 9.85 0.27 -35.70
C ASP G 232 10.58 1.23 -34.77
N SER G 233 11.85 1.48 -35.08
CA SER G 233 12.68 2.32 -34.24
C SER G 233 12.24 3.80 -34.24
N LEU G 234 11.40 4.20 -35.19
CA LEU G 234 10.81 5.53 -35.07
C LEU G 234 9.94 5.66 -33.82
N TYR G 235 9.36 4.55 -33.40
CA TYR G 235 8.54 4.44 -32.19
C TYR G 235 9.41 4.12 -30.98
N THR G 236 10.23 3.08 -31.10
CA THR G 236 10.95 2.60 -29.92
C THR G 236 12.11 3.51 -29.51
N ASN G 237 12.73 4.22 -30.46
CA ASN G 237 13.77 5.16 -30.10
C ASN G 237 13.29 6.60 -30.09
N GLU G 238 11.97 6.80 -30.10
CA GLU G 238 11.42 8.12 -29.85
C GLU G 238 11.80 8.58 -28.42
N GLY G 239 12.35 9.79 -28.28
CA GLY G 239 12.75 10.27 -26.96
C GLY G 239 14.06 9.63 -26.46
N ILE G 240 14.73 8.88 -27.33
CA ILE G 240 16.03 8.27 -27.03
C ILE G 240 17.09 8.73 -28.03
N ASP G 241 16.72 8.79 -29.31
CA ASP G 241 17.53 9.42 -30.34
C ASP G 241 17.60 10.91 -30.03
N ARG G 242 18.78 11.44 -29.69
CA ARG G 242 18.87 12.80 -29.21
C ARG G 242 18.91 13.79 -30.35
N ILE G 243 18.95 13.30 -31.58
CA ILE G 243 18.99 14.17 -32.77
C ILE G 243 17.63 14.32 -33.45
N LEU G 244 16.98 13.21 -33.75
CA LEU G 244 15.65 13.26 -34.42
C LEU G 244 14.50 13.46 -33.43
N ILE G 245 14.66 12.86 -32.25
CA ILE G 245 13.73 12.95 -31.11
CA ILE G 245 13.72 12.96 -31.12
C ILE G 245 12.36 12.28 -31.37
N THR G 246 11.70 12.65 -32.46
CA THR G 246 10.36 12.11 -32.79
C THR G 246 10.05 12.33 -34.27
N TYR G 247 9.28 11.44 -34.87
CA TYR G 247 8.79 11.64 -36.26
C TYR G 247 7.79 12.80 -36.33
N ASP G 248 7.05 13.01 -35.28
CA ASP G 248 5.84 13.82 -35.38
C ASP G 248 6.03 15.29 -35.10
N GLY G 249 7.20 15.80 -35.48
CA GLY G 249 7.47 17.23 -35.41
C GLY G 249 7.89 17.66 -36.80
N THR G 250 9.00 18.38 -36.87
CA THR G 250 9.47 18.91 -38.15
C THR G 250 9.92 17.78 -39.09
N LEU G 251 10.26 16.60 -38.57
CA LEU G 251 10.70 15.55 -39.48
C LEU G 251 9.61 15.09 -40.46
N GLY G 252 8.49 14.61 -39.92
CA GLY G 252 7.39 14.20 -40.77
C GLY G 252 6.93 15.38 -41.63
N ALA G 253 6.95 16.58 -41.06
CA ALA G 253 6.52 17.75 -41.82
C ALA G 253 7.42 18.00 -43.03
N SER G 254 8.72 17.79 -42.82
CA SER G 254 9.69 17.95 -43.89
C SER G 254 9.48 16.92 -44.98
N ALA G 255 9.19 15.68 -44.57
CA ALA G 255 8.87 14.64 -45.55
C ALA G 255 7.75 15.09 -46.46
N ARG G 256 6.66 15.56 -45.85
CA ARG G 256 5.47 15.93 -46.61
C ARG G 256 5.74 17.17 -47.48
N LEU G 257 6.55 18.10 -46.97
CA LEU G 257 6.89 19.27 -47.78
C LEU G 257 7.65 18.85 -49.06
N TYR G 258 8.63 17.98 -48.88
CA TYR G 258 9.44 17.49 -50.00
C TYR G 258 8.56 16.71 -51.00
N ALA G 259 7.71 15.83 -50.48
CA ALA G 259 6.84 14.99 -51.33
C ALA G 259 5.81 15.77 -52.14
N GLY G 260 5.28 16.86 -51.58
CA GLY G 260 4.16 17.55 -52.22
C GLY G 260 2.98 16.60 -52.41
N ASN G 261 2.44 16.52 -53.62
CA ASN G 261 1.30 15.61 -53.84
C ASN G 261 1.70 14.18 -54.26
N THR G 262 2.99 13.86 -54.17
CA THR G 262 3.44 12.50 -54.48
C THR G 262 3.22 11.63 -53.23
N PRO G 263 2.55 10.46 -53.34
CA PRO G 263 2.40 9.60 -52.15
C PRO G 263 3.75 9.23 -51.57
N LEU G 264 3.80 9.15 -50.25
CA LEU G 264 5.09 9.03 -49.58
C LEU G 264 5.78 7.69 -49.86
N THR G 265 5.01 6.69 -50.28
CA THR G 265 5.59 5.36 -50.59
C THR G 265 6.22 5.26 -51.99
N HIS G 266 6.16 6.36 -52.75
CA HIS G 266 6.81 6.38 -54.08
C HIS G 266 8.27 5.96 -53.90
N PRO G 267 8.76 4.97 -54.68
CA PRO G 267 10.12 4.47 -54.41
C PRO G 267 11.22 5.49 -54.62
N LYS G 268 10.98 6.57 -55.38
CA LYS G 268 12.05 7.56 -55.48
C LYS G 268 12.04 8.56 -54.28
N LEU G 269 10.96 8.55 -53.47
CA LEU G 269 10.89 9.21 -52.15
C LEU G 269 11.37 8.26 -51.04
N SER G 270 10.91 7.01 -51.17
CA SER G 270 11.08 5.99 -50.14
C SER G 270 11.68 4.74 -50.78
N PRO G 271 13.00 4.74 -50.99
CA PRO G 271 13.62 3.71 -51.81
C PRO G 271 13.59 2.33 -51.13
N ILE G 272 13.20 2.22 -49.88
CA ILE G 272 12.98 0.86 -49.36
C ILE G 272 11.94 0.10 -50.20
N TYR G 273 11.00 0.83 -50.82
CA TYR G 273 9.97 0.15 -51.62
C TYR G 273 10.38 -0.10 -53.08
N GLY G 274 11.62 0.26 -53.42
CA GLY G 274 12.19 -0.01 -54.74
C GLY G 274 12.93 -1.33 -54.77
N ASP G 275 13.60 -1.60 -55.89
CA ASP G 275 14.34 -2.87 -56.10
C ASP G 275 15.84 -2.64 -55.86
N PHE G 276 16.49 -3.49 -55.09
CA PHE G 276 17.91 -3.34 -54.86
C PHE G 276 18.77 -4.31 -55.68
N THR G 277 18.13 -5.13 -56.52
CA THR G 277 18.89 -5.98 -57.40
C THR G 277 19.92 -5.15 -58.23
N ASP G 278 21.11 -5.73 -58.33
CA ASP G 278 22.28 -5.21 -59.05
C ASP G 278 22.92 -3.99 -58.36
N PHE G 279 22.59 -3.70 -57.11
CA PHE G 279 23.30 -2.59 -56.44
C PHE G 279 24.78 -2.84 -56.31
N PRO G 280 25.55 -1.75 -56.38
CA PRO G 280 26.95 -1.94 -56.05
C PRO G 280 27.11 -2.22 -54.56
N PRO G 281 28.30 -2.69 -54.18
CA PRO G 281 28.57 -2.97 -52.76
C PRO G 281 28.30 -1.76 -51.91
N THR G 282 27.65 -1.96 -50.76
CA THR G 282 27.16 -0.85 -49.98
C THR G 282 27.58 -0.97 -48.51
N PHE G 283 28.10 0.14 -47.97
CA PHE G 283 28.48 0.26 -46.54
C PHE G 283 27.35 1.01 -45.83
N LEU G 284 26.75 0.44 -44.77
CA LEU G 284 25.60 1.07 -44.09
C LEU G 284 25.99 1.33 -42.67
N VAL G 285 25.72 2.52 -42.15
CA VAL G 285 26.07 2.83 -40.76
C VAL G 285 24.81 3.27 -40.01
N THR G 286 24.65 2.79 -38.79
CA THR G 286 23.61 3.32 -37.92
C THR G 286 24.02 3.09 -36.46
N GLY G 287 23.08 3.18 -35.54
CA GLY G 287 23.46 3.13 -34.12
C GLY G 287 22.31 2.58 -33.32
N THR G 288 22.56 2.12 -32.09
CA THR G 288 21.48 1.45 -31.37
C THR G 288 20.34 2.37 -30.92
N ARG G 289 20.61 3.66 -30.80
CA ARG G 289 19.63 4.65 -30.35
C ARG G 289 19.00 5.38 -31.54
N ASP G 290 19.43 5.01 -32.76
CA ASP G 290 19.04 5.73 -33.98
C ASP G 290 17.55 5.47 -34.31
N MET G 291 16.77 6.53 -34.51
CA MET G 291 15.39 6.32 -34.97
C MET G 291 15.33 5.78 -36.40
N PHE G 292 16.43 5.94 -37.14
CA PHE G 292 16.52 5.28 -38.45
C PHE G 292 17.28 3.95 -38.43
N LEU G 293 17.53 3.39 -37.25
CA LEU G 293 18.05 2.02 -37.14
C LEU G 293 17.24 1.06 -37.99
N SER G 294 15.91 1.12 -37.82
CA SER G 294 15.01 0.20 -38.56
C SER G 294 15.13 0.40 -40.09
N ASP G 295 15.04 1.65 -40.56
CA ASP G 295 15.22 1.92 -42.01
C ASP G 295 16.50 1.33 -42.53
N THR G 296 17.60 1.54 -41.79
CA THR G 296 18.91 1.11 -42.22
C THR G 296 18.98 -0.41 -42.30
N VAL G 297 18.45 -1.08 -41.28
CA VAL G 297 18.53 -2.54 -41.30
C VAL G 297 17.50 -3.12 -42.32
N ARG G 298 16.42 -2.43 -42.57
CA ARG G 298 15.45 -2.85 -43.61
C ARG G 298 16.11 -2.81 -45.00
N VAL G 299 16.85 -1.74 -45.23
CA VAL G 299 17.62 -1.63 -46.49
C VAL G 299 18.65 -2.76 -46.58
N ASN G 300 19.39 -2.97 -45.47
CA ASN G 300 20.38 -4.03 -45.46
C ASN G 300 19.76 -5.38 -45.79
N ARG G 301 18.61 -5.69 -45.19
CA ARG G 301 17.93 -6.97 -45.46
CA ARG G 301 17.95 -6.98 -45.45
C ARG G 301 17.56 -7.11 -46.93
N LYS G 302 17.00 -6.06 -47.51
CA LYS G 302 16.57 -6.20 -48.90
C LYS G 302 17.74 -6.34 -49.86
N MET G 303 18.81 -5.59 -49.56
CA MET G 303 20.05 -5.73 -50.32
C MET G 303 20.59 -7.17 -50.25
N ARG G 304 20.68 -7.72 -49.04
CA ARG G 304 21.21 -9.06 -48.91
C ARG G 304 20.34 -10.09 -49.59
N ASP G 305 19.03 -9.92 -49.49
CA ASP G 305 18.12 -10.85 -50.14
C ASP G 305 18.22 -10.71 -51.65
N ALA G 306 18.70 -9.56 -52.13
CA ALA G 306 18.88 -9.39 -53.59
C ALA G 306 20.27 -9.77 -54.09
N GLY G 307 21.12 -10.34 -53.24
CA GLY G 307 22.47 -10.71 -53.61
C GLY G 307 23.51 -9.58 -53.61
N VAL G 308 23.19 -8.46 -53.00
CA VAL G 308 24.10 -7.29 -52.91
C VAL G 308 25.12 -7.53 -51.81
N THR G 309 26.37 -7.16 -52.07
CA THR G 309 27.41 -7.20 -51.05
C THR G 309 27.23 -6.01 -50.10
N THR G 310 27.02 -6.26 -48.82
CA THR G 310 26.95 -5.14 -47.88
C THR G 310 27.85 -5.36 -46.68
N VAL G 311 28.15 -4.26 -46.01
CA VAL G 311 28.74 -4.27 -44.70
C VAL G 311 27.86 -3.38 -43.86
N LEU G 312 27.39 -3.90 -42.72
CA LEU G 312 26.55 -3.16 -41.80
C LEU G 312 27.37 -2.85 -40.56
N ASP G 313 27.43 -1.58 -40.18
CA ASP G 313 28.22 -1.23 -39.01
C ASP G 313 27.32 -0.46 -38.07
N VAL G 314 26.96 -1.06 -36.94
CA VAL G 314 26.05 -0.44 -35.96
C VAL G 314 26.83 -0.08 -34.71
N TYR G 315 26.68 1.15 -34.24
CA TYR G 315 27.49 1.67 -33.11
C TYR G 315 26.63 1.72 -31.84
N GLU G 316 27.18 1.21 -30.75
CA GLU G 316 26.55 1.26 -29.44
C GLU G 316 26.25 2.70 -29.00
N GLY G 317 25.01 2.92 -28.57
CA GLY G 317 24.60 4.15 -27.93
C GLY G 317 24.40 5.34 -28.86
N LEU G 318 24.57 5.11 -30.17
CA LEU G 318 24.63 6.24 -31.10
C LEU G 318 23.22 6.52 -31.68
N SER G 319 22.90 7.79 -31.79
CA SER G 319 21.65 8.30 -32.34
C SER G 319 21.88 8.59 -33.82
N HIS G 320 20.82 9.01 -34.51
CA HIS G 320 20.92 9.47 -35.90
C HIS G 320 22.05 10.48 -36.17
N ALA G 321 22.98 10.09 -37.03
CA ALA G 321 24.05 10.95 -37.50
C ALA G 321 24.95 11.46 -36.37
N ASP G 322 25.00 10.74 -35.25
CA ASP G 322 25.83 11.15 -34.12
C ASP G 322 27.29 11.26 -34.52
N TYR G 323 27.71 10.47 -35.50
CA TYR G 323 29.11 10.48 -35.94
C TYR G 323 29.42 11.78 -36.72
N LEU G 324 28.37 12.48 -37.17
CA LEU G 324 28.52 13.83 -37.77
C LEU G 324 28.39 14.92 -36.74
N VAL G 325 27.32 14.89 -35.96
CA VAL G 325 27.10 15.88 -34.92
C VAL G 325 28.29 15.97 -33.95
N SER G 326 28.80 14.82 -33.51
CA SER G 326 29.94 14.82 -32.59
C SER G 326 31.12 14.10 -33.26
N HIS G 327 31.77 14.77 -34.20
CA HIS G 327 32.71 14.05 -35.04
C HIS G 327 34.10 13.98 -34.41
N GLN G 328 34.32 14.65 -33.28
CA GLN G 328 35.63 14.56 -32.66
C GLN G 328 35.60 13.47 -31.57
N THR G 329 35.14 12.29 -31.94
CA THR G 329 35.07 11.13 -31.00
C THR G 329 35.73 9.91 -31.63
N PRO G 330 36.19 8.95 -30.81
CA PRO G 330 36.67 7.67 -31.33
C PRO G 330 35.62 6.98 -32.19
N GLU G 331 34.35 7.09 -31.80
CA GLU G 331 33.25 6.48 -32.55
C GLU G 331 33.21 7.05 -33.97
N SER G 332 33.19 8.36 -34.07
CA SER G 332 33.18 8.96 -35.41
C SER G 332 34.42 8.56 -36.22
N GLN G 333 35.61 8.61 -35.61
CA GLN G 333 36.82 8.21 -36.35
C GLN G 333 36.69 6.77 -36.87
N SER G 334 36.07 5.91 -36.06
CA SER G 334 35.91 4.53 -36.44
C SER G 334 35.03 4.36 -37.68
N VAL G 335 33.91 5.10 -37.72
CA VAL G 335 32.98 5.06 -38.86
C VAL G 335 33.76 5.28 -40.17
N TYR G 336 34.58 6.33 -40.19
CA TYR G 336 35.28 6.65 -41.44
C TYR G 336 36.49 5.75 -41.70
N ARG G 337 37.12 5.24 -40.66
CA ARG G 337 38.20 4.29 -40.83
C ARG G 337 37.64 3.01 -41.48
N GLN G 338 36.46 2.59 -41.04
CA GLN G 338 35.84 1.38 -41.57
C GLN G 338 35.38 1.63 -43.01
N LEU G 339 34.87 2.82 -43.26
CA LEU G 339 34.43 3.14 -44.62
C LEU G 339 35.66 3.16 -45.54
N LYS G 340 36.77 3.74 -45.07
CA LYS G 340 37.95 3.77 -45.91
C LYS G 340 38.41 2.35 -46.28
N ARG G 341 38.49 1.45 -45.30
CA ARG G 341 38.88 0.08 -45.56
C ARG G 341 37.94 -0.58 -46.58
N PHE G 342 36.65 -0.34 -46.43
CA PHE G 342 35.64 -0.89 -47.35
C PHE G 342 35.91 -0.39 -48.80
N LEU G 343 36.05 0.91 -48.97
CA LEU G 343 36.21 1.44 -50.33
C LEU G 343 37.60 1.10 -50.95
N VAL G 344 38.67 1.11 -50.14
CA VAL G 344 39.98 0.71 -50.66
C VAL G 344 39.95 -0.69 -51.28
N GLY G 345 39.12 -1.58 -50.73
CA GLY G 345 38.96 -2.89 -51.30
C GLY G 345 38.40 -2.91 -52.72
N PHE G 346 37.81 -1.82 -53.15
CA PHE G 346 37.19 -1.79 -54.47
C PHE G 346 37.96 -0.91 -55.43
N THR G 347 39.24 -0.67 -55.15
CA THR G 347 39.97 0.29 -55.98
C THR G 347 40.73 -0.45 -57.07
N VAL H 32 -35.60 -10.55 10.82
CA VAL H 32 -35.08 -11.72 10.13
C VAL H 32 -36.22 -12.73 9.87
N PRO H 33 -36.45 -13.05 8.59
CA PRO H 33 -37.48 -14.04 8.23
C PRO H 33 -37.18 -15.43 8.80
N ILE H 34 -38.20 -16.29 8.84
CA ILE H 34 -37.95 -17.69 9.20
C ILE H 34 -36.90 -18.21 8.21
N PRO H 35 -35.92 -19.00 8.67
CA PRO H 35 -34.89 -19.47 7.73
C PRO H 35 -35.53 -20.14 6.51
N GLN H 36 -35.19 -19.68 5.31
CA GLN H 36 -35.91 -20.17 4.15
C GLN H 36 -35.64 -21.62 3.77
N SER H 37 -34.45 -22.12 4.06
CA SER H 37 -34.11 -23.44 3.51
C SER H 37 -34.33 -24.59 4.47
N ILE H 38 -34.81 -24.30 5.68
CA ILE H 38 -35.11 -25.39 6.60
C ILE H 38 -36.40 -26.14 6.21
N SER H 39 -36.59 -27.32 6.80
CA SER H 39 -37.72 -28.18 6.45
C SER H 39 -39.06 -27.56 6.77
N ALA H 40 -40.09 -28.02 6.05
CA ALA H 40 -41.47 -27.63 6.35
C ALA H 40 -41.83 -27.87 7.80
N GLU H 41 -41.40 -29.01 8.35
CA GLU H 41 -41.69 -29.36 9.73
C GLU H 41 -41.09 -28.34 10.70
N PHE H 42 -39.85 -27.94 10.43
CA PHE H 42 -39.17 -27.06 11.37
C PHE H 42 -39.75 -25.65 11.23
N LYS H 43 -40.03 -25.22 9.99
CA LYS H 43 -40.73 -23.96 9.78
C LYS H 43 -42.03 -23.87 10.57
N ALA H 44 -42.80 -24.96 10.54
CA ALA H 44 -44.07 -25.00 11.24
C ALA H 44 -43.89 -24.87 12.75
N ALA H 45 -42.85 -25.51 13.26
CA ALA H 45 -42.50 -25.39 14.66
C ALA H 45 -42.11 -23.94 15.06
N LEU H 46 -41.26 -23.29 14.28
CA LEU H 46 -40.84 -21.91 14.62
C LEU H 46 -42.00 -20.92 14.51
N ALA H 47 -42.83 -21.09 13.49
CA ALA H 47 -43.97 -20.22 13.29
C ALA H 47 -44.98 -20.25 14.44
N GLN H 48 -45.19 -21.44 15.01
CA GLN H 48 -46.22 -21.64 16.04
C GLN H 48 -45.73 -21.19 17.43
N TYR H 49 -44.41 -21.22 17.60
CA TYR H 49 -43.79 -21.00 18.90
C TYR H 49 -43.81 -19.53 19.32
N PRO H 50 -44.53 -19.24 20.40
CA PRO H 50 -44.55 -17.83 20.85
C PRO H 50 -43.22 -17.46 21.53
N THR H 51 -42.33 -16.79 20.80
CA THR H 51 -41.00 -16.47 21.32
C THR H 51 -41.01 -15.19 22.15
N PRO H 52 -40.64 -15.29 23.43
CA PRO H 52 -40.60 -14.07 24.25
C PRO H 52 -39.57 -13.08 23.70
N SER H 53 -39.84 -11.79 23.83
CA SER H 53 -38.83 -10.78 23.51
C SER H 53 -37.69 -10.79 24.52
N VAL H 54 -36.58 -10.16 24.12
CA VAL H 54 -35.42 -10.08 25.01
C VAL H 54 -35.81 -9.31 26.28
N GLU H 55 -36.65 -8.30 26.09
CA GLU H 55 -37.16 -7.49 27.19
C GLU H 55 -37.95 -8.35 28.16
N GLU H 56 -38.85 -9.17 27.64
CA GLU H 56 -39.65 -10.08 28.47
C GLU H 56 -38.72 -11.03 29.20
N ALA H 57 -37.76 -11.56 28.46
CA ALA H 57 -36.84 -12.54 28.99
C ALA H 57 -36.01 -11.95 30.13
N ARG H 58 -35.67 -10.66 30.03
CA ARG H 58 -34.84 -10.05 31.06
C ARG H 58 -35.65 -9.81 32.33
N SER H 59 -36.93 -9.47 32.16
CA SER H 59 -37.75 -9.01 33.28
C SER H 59 -38.32 -10.17 34.10
N PHE H 60 -38.18 -11.38 33.58
CA PHE H 60 -38.69 -12.55 34.27
C PHE H 60 -37.52 -13.39 34.80
N VAL H 61 -37.02 -13.00 35.98
CA VAL H 61 -35.94 -13.75 36.61
C VAL H 61 -36.15 -13.84 38.12
N PRO H 62 -36.18 -15.08 38.63
CA PRO H 62 -36.28 -15.41 40.05
C PRO H 62 -35.20 -14.72 40.90
N THR H 63 -35.64 -13.91 41.85
CA THR H 63 -34.71 -13.30 42.81
C THR H 63 -34.71 -14.09 44.10
N THR H 64 -35.89 -14.30 44.69
CA THR H 64 -35.99 -15.00 45.96
C THR H 64 -36.10 -16.51 45.78
N ALA H 65 -35.84 -17.22 46.87
CA ALA H 65 -35.91 -18.67 46.88
C ALA H 65 -37.29 -19.13 46.44
N ALA H 66 -38.31 -18.36 46.84
CA ALA H 66 -39.70 -18.70 46.56
C ALA H 66 -39.99 -18.77 45.06
N GLN H 67 -39.57 -17.75 44.32
CA GLN H 67 -39.87 -17.73 42.90
C GLN H 67 -38.95 -18.65 42.12
N TRP H 68 -37.76 -18.93 42.65
CA TRP H 68 -36.94 -19.98 42.06
C TRP H 68 -37.74 -21.27 42.09
N ARG H 69 -38.38 -21.49 43.25
CA ARG H 69 -39.12 -22.71 43.49
C ARG H 69 -40.29 -22.83 42.52
N ASP H 70 -41.06 -21.75 42.43
CA ASP H 70 -42.23 -21.68 41.57
C ASP H 70 -41.85 -21.84 40.12
N TYR H 71 -40.75 -21.19 39.71
CA TYR H 71 -40.29 -21.22 38.33
C TYR H 71 -39.87 -22.64 37.91
N VAL H 72 -39.09 -23.31 38.76
CA VAL H 72 -38.63 -24.65 38.49
C VAL H 72 -39.79 -25.68 38.44
N GLN H 73 -40.67 -25.65 39.43
CA GLN H 73 -41.79 -26.59 39.45
C GLN H 73 -42.73 -26.44 38.25
N ALA H 74 -43.04 -25.20 37.91
CA ALA H 74 -43.90 -24.90 36.79
C ALA H 74 -43.28 -25.37 35.48
N THR H 75 -41.97 -25.16 35.32
CA THR H 75 -41.27 -25.54 34.10
C THR H 75 -41.11 -27.07 33.99
N ASN H 76 -40.83 -27.72 35.12
CA ASN H 76 -40.70 -29.17 35.13
C ASN H 76 -42.00 -29.86 34.83
N LYS H 77 -43.09 -29.28 35.35
CA LYS H 77 -44.41 -29.83 35.12
C LYS H 77 -44.75 -29.83 33.63
N MET H 78 -44.40 -28.74 32.93
CA MET H 78 -44.62 -28.67 31.50
C MET H 78 -43.76 -29.69 30.77
N GLN H 79 -42.51 -29.84 31.22
CA GLN H 79 -41.58 -30.77 30.56
C GLN H 79 -42.00 -32.22 30.81
N LYS H 80 -42.55 -32.48 31.98
CA LYS H 80 -42.96 -33.84 32.31
C LYS H 80 -44.03 -34.31 31.34
N THR H 81 -44.95 -33.40 31.03
CA THR H 81 -46.01 -33.65 30.06
C THR H 81 -45.40 -33.97 28.69
N LYS H 82 -44.37 -33.23 28.34
CA LYS H 82 -43.69 -33.47 27.06
C LYS H 82 -43.05 -34.85 27.00
N ILE H 83 -42.45 -35.31 28.09
CA ILE H 83 -41.82 -36.62 28.13
C ILE H 83 -42.83 -37.76 27.97
N LYS H 84 -43.95 -37.62 28.66
CA LYS H 84 -44.96 -38.65 28.54
C LYS H 84 -45.51 -38.68 27.12
N ASN H 85 -45.69 -37.52 26.50
CA ASN H 85 -46.25 -37.48 25.14
C ASN H 85 -45.30 -38.07 24.09
N MET H 86 -44.00 -38.01 24.36
CA MET H 86 -43.05 -38.51 23.35
C MET H 86 -42.87 -40.03 23.42
N ARG H 87 -43.54 -40.67 24.39
CA ARG H 87 -43.38 -42.11 24.62
C ARG H 87 -43.88 -42.97 23.46
N LYS H 88 -44.79 -42.42 22.67
CA LYS H 88 -45.48 -43.24 21.70
C LYS H 88 -44.88 -43.04 20.32
N HIS H 89 -44.01 -42.04 20.21
CA HIS H 89 -43.30 -41.84 18.98
C HIS H 89 -42.03 -42.69 19.02
N TYR H 90 -41.58 -42.96 20.24
CA TYR H 90 -40.33 -43.65 20.44
C TYR H 90 -40.52 -44.80 21.44
N GLY H 91 -40.61 -46.03 20.93
CA GLY H 91 -40.86 -47.18 21.79
C GLY H 91 -39.64 -47.47 22.65
N VAL H 92 -39.71 -47.09 23.93
CA VAL H 92 -38.69 -47.43 24.89
C VAL H 92 -39.32 -47.89 26.21
N THR H 93 -38.52 -48.58 27.02
CA THR H 93 -38.89 -48.88 28.40
C THR H 93 -37.94 -48.13 29.34
N VAL H 94 -38.46 -47.64 30.46
CA VAL H 94 -37.67 -46.84 31.39
C VAL H 94 -37.63 -47.52 32.77
N GLU H 95 -36.42 -47.83 33.25
CA GLU H 95 -36.28 -48.42 34.60
C GLU H 95 -35.62 -47.42 35.53
N LEU H 96 -36.15 -47.29 36.75
CA LEU H 96 -35.61 -46.33 37.71
C LEU H 96 -34.62 -47.06 38.57
N LEU H 97 -33.39 -46.56 38.64
CA LEU H 97 -32.33 -47.18 39.41
C LEU H 97 -31.76 -46.22 40.42
N ASP H 98 -31.14 -46.80 41.45
CA ASP H 98 -30.26 -46.05 42.33
C ASP H 98 -28.83 -46.61 42.27
N ILE H 99 -27.89 -45.82 41.76
CA ILE H 99 -26.51 -46.23 41.68
C ILE H 99 -25.71 -45.41 42.69
N LYS H 100 -25.25 -46.05 43.77
CA LYS H 100 -24.48 -45.36 44.81
C LYS H 100 -25.15 -44.07 45.30
N GLY H 101 -26.46 -44.11 45.46
CA GLY H 101 -27.19 -42.94 45.89
C GLY H 101 -27.52 -41.94 44.79
N VAL H 102 -27.10 -42.20 43.56
CA VAL H 102 -27.47 -41.32 42.46
C VAL H 102 -28.69 -41.88 41.70
N THR H 103 -29.68 -41.02 41.45
CA THR H 103 -30.86 -41.47 40.72
C THR H 103 -30.52 -41.57 39.21
N VAL H 104 -30.81 -42.73 38.63
CA VAL H 104 -30.48 -42.98 37.22
C VAL H 104 -31.64 -43.70 36.54
N ARG H 105 -32.00 -43.28 35.32
CA ARG H 105 -33.03 -43.99 34.56
C ARG H 105 -32.40 -44.77 33.42
N LYS H 106 -32.66 -46.07 33.39
CA LYS H 106 -32.12 -46.91 32.33
C LYS H 106 -33.18 -47.03 31.24
N ILE H 107 -32.79 -46.66 30.02
CA ILE H 107 -33.72 -46.51 28.91
C ILE H 107 -33.35 -47.54 27.84
N THR H 108 -34.23 -48.50 27.61
CA THR H 108 -33.97 -49.56 26.63
C THR H 108 -34.91 -49.41 25.45
N PRO H 109 -34.35 -49.29 24.24
CA PRO H 109 -35.19 -49.12 23.05
C PRO H 109 -35.81 -50.45 22.67
N LYS H 110 -36.95 -50.44 21.99
CA LYS H 110 -37.59 -51.68 21.56
C LYS H 110 -36.71 -52.37 20.52
N SER H 111 -35.93 -51.57 19.80
CA SER H 111 -35.06 -52.13 18.76
C SER H 111 -33.60 -51.70 18.96
N LEU H 112 -32.71 -52.67 19.17
CA LEU H 112 -31.29 -52.40 19.47
C LEU H 112 -30.43 -52.56 18.22
N SER H 113 -29.53 -51.59 17.97
CA SER H 113 -28.55 -51.75 16.88
C SER H 113 -27.46 -52.75 17.28
N PRO H 114 -27.16 -53.68 16.37
CA PRO H 114 -26.17 -54.73 16.61
C PRO H 114 -24.79 -54.15 16.86
N GLU H 115 -24.49 -53.04 16.20
CA GLU H 115 -23.21 -52.40 16.37
C GLU H 115 -22.96 -52.06 17.82
N PHE H 116 -24.02 -51.77 18.56
CA PHE H 116 -23.86 -51.32 19.95
C PHE H 116 -24.11 -52.40 20.98
N LYS H 117 -24.18 -53.65 20.52
CA LYS H 117 -24.22 -54.79 21.44
C LYS H 117 -23.06 -54.63 22.43
N ASP H 118 -23.36 -54.86 23.70
CA ASP H 118 -22.35 -54.71 24.75
C ASP H 118 -21.75 -53.31 24.88
N HIS H 119 -22.30 -52.30 24.17
CA HIS H 119 -21.96 -50.89 24.50
C HIS H 119 -23.13 -50.20 25.21
N VAL H 120 -22.84 -49.14 25.98
CA VAL H 120 -23.94 -48.42 26.59
C VAL H 120 -23.63 -46.94 26.49
N TYR H 121 -24.64 -46.11 26.70
CA TYR H 121 -24.47 -44.68 26.58
C TYR H 121 -24.92 -44.01 27.88
N ILE H 122 -24.07 -43.14 28.43
CA ILE H 122 -24.47 -42.41 29.63
C ILE H 122 -24.86 -40.98 29.21
N ASP H 123 -26.12 -40.64 29.42
CA ASP H 123 -26.69 -39.34 29.10
C ASP H 123 -26.66 -38.39 30.32
N ILE H 124 -26.23 -37.15 30.10
CA ILE H 124 -26.18 -36.15 31.16
C ILE H 124 -27.04 -34.97 30.71
N HIS H 125 -28.25 -34.86 31.25
CA HIS H 125 -29.23 -33.94 30.63
C HIS H 125 -28.92 -32.43 30.81
N GLY H 126 -29.62 -31.60 30.02
CA GLY H 126 -29.49 -30.15 30.13
C GLY H 126 -30.55 -29.52 31.03
N GLY H 127 -30.66 -28.20 31.05
CA GLY H 127 -31.57 -27.56 31.98
C GLY H 127 -30.91 -26.43 32.79
N ALA H 128 -29.79 -25.92 32.29
CA ALA H 128 -29.10 -24.74 32.85
C ALA H 128 -28.73 -24.97 34.32
N TYR H 129 -28.58 -26.25 34.68
CA TYR H 129 -28.20 -26.65 36.03
C TYR H 129 -29.30 -26.41 37.05
N VAL H 130 -30.52 -26.05 36.61
CA VAL H 130 -31.61 -25.85 37.58
C VAL H 130 -32.88 -26.62 37.26
N LEU H 131 -33.07 -26.92 35.96
CA LEU H 131 -34.33 -27.52 35.47
C LEU H 131 -34.23 -29.03 35.16
N PHE H 132 -35.38 -29.66 35.15
CA PHE H 132 -35.64 -30.99 34.57
C PHE H 132 -35.13 -32.16 35.42
N ALA H 133 -35.11 -31.98 36.74
CA ALA H 133 -34.90 -33.11 37.65
C ALA H 133 -36.06 -34.12 37.52
N GLY H 134 -35.79 -35.39 37.81
CA GLY H 134 -36.83 -36.41 37.77
C GLY H 134 -37.12 -36.91 36.35
N LEU H 135 -38.34 -37.39 36.11
CA LEU H 135 -38.71 -37.85 34.76
C LEU H 135 -38.39 -36.86 33.60
N PRO H 136 -38.60 -35.54 33.82
CA PRO H 136 -38.25 -34.61 32.74
C PRO H 136 -36.79 -34.68 32.27
N SER H 137 -35.89 -35.31 33.03
CA SER H 137 -34.47 -35.41 32.66
C SER H 137 -34.19 -36.27 31.43
N ILE H 138 -35.15 -37.13 31.01
CA ILE H 138 -34.76 -38.14 30.02
C ILE H 138 -35.08 -37.81 28.56
N GLU H 139 -35.39 -36.55 28.24
CA GLU H 139 -35.81 -36.28 26.85
C GLU H 139 -34.77 -36.69 25.80
N GLU H 140 -33.52 -36.26 25.99
CA GLU H 140 -32.52 -36.64 24.97
C GLU H 140 -32.22 -38.13 25.09
N GLY H 141 -32.27 -38.66 26.30
CA GLY H 141 -31.96 -40.08 26.49
C GLY H 141 -32.90 -40.97 25.67
N ILE H 142 -34.19 -40.62 25.69
CA ILE H 142 -35.15 -41.30 24.82
C ILE H 142 -34.80 -41.19 23.34
N LEU H 143 -34.46 -39.99 22.86
CA LEU H 143 -34.13 -39.86 21.42
C LEU H 143 -32.89 -40.70 21.05
N ILE H 144 -31.87 -40.67 21.93
CA ILE H 144 -30.65 -41.45 21.71
C ILE H 144 -30.93 -42.95 21.70
N ALA H 145 -31.60 -43.44 22.75
CA ALA H 145 -31.94 -44.86 22.82
C ALA H 145 -32.64 -45.28 21.55
N HIS H 146 -33.68 -44.54 21.16
CA HIS H 146 -34.45 -44.95 20.01
C HIS H 146 -33.67 -44.81 18.70
N ARG H 147 -33.07 -43.65 18.50
CA ARG H 147 -32.51 -43.32 17.20
C ARG H 147 -31.13 -43.96 17.00
N LEU H 148 -30.41 -44.23 18.09
CA LEU H 148 -29.15 -44.98 17.97
C LEU H 148 -29.33 -46.48 18.19
N GLY H 149 -30.41 -46.86 18.85
CA GLY H 149 -30.63 -48.27 19.13
C GLY H 149 -29.61 -48.74 20.16
N ILE H 150 -29.48 -47.97 21.25
CA ILE H 150 -28.49 -48.29 22.27
C ILE H 150 -29.10 -48.13 23.67
N VAL H 151 -28.65 -48.94 24.62
CA VAL H 151 -29.12 -48.77 25.99
C VAL H 151 -28.58 -47.48 26.58
N VAL H 152 -29.44 -46.65 27.16
CA VAL H 152 -29.00 -45.38 27.76
C VAL H 152 -29.18 -45.34 29.27
N TYR H 153 -28.17 -44.84 30.00
CA TYR H 153 -28.32 -44.52 31.43
C TYR H 153 -28.38 -43.01 31.58
N SER H 154 -29.54 -42.47 31.94
CA SER H 154 -29.70 -41.02 32.05
C SER H 154 -29.55 -40.57 33.50
N VAL H 155 -28.48 -39.84 33.80
CA VAL H 155 -28.17 -39.46 35.17
C VAL H 155 -29.04 -38.30 35.66
N ASP H 156 -29.83 -38.56 36.70
CA ASP H 156 -30.69 -37.55 37.30
C ASP H 156 -29.88 -36.85 38.44
N TYR H 157 -28.91 -36.04 38.05
CA TYR H 157 -27.97 -35.45 39.03
C TYR H 157 -28.60 -34.36 39.89
N ARG H 158 -28.05 -34.21 41.09
CA ARG H 158 -28.49 -33.18 42.02
C ARG H 158 -28.18 -31.78 41.53
N MET H 159 -29.05 -30.83 41.88
CA MET H 159 -28.97 -29.47 41.36
CA MET H 159 -28.99 -29.47 41.37
C MET H 159 -29.28 -28.45 42.45
N PRO H 160 -28.82 -27.22 42.27
CA PRO H 160 -29.23 -26.10 43.14
C PRO H 160 -30.72 -25.83 42.99
N PRO H 161 -31.32 -25.15 43.98
CA PRO H 161 -30.64 -24.62 45.16
C PRO H 161 -30.28 -25.65 46.22
N ALA H 162 -30.89 -26.84 46.21
CA ALA H 162 -30.63 -27.80 47.29
C ALA H 162 -29.19 -28.30 47.25
N TYR H 163 -28.66 -28.47 46.04
CA TYR H 163 -27.34 -29.04 45.85
C TYR H 163 -26.53 -28.27 44.80
N PRO H 164 -25.93 -27.14 45.21
CA PRO H 164 -25.13 -26.44 44.18
C PRO H 164 -23.86 -27.22 43.79
N PHE H 165 -23.11 -26.68 42.82
CA PHE H 165 -21.78 -27.18 42.48
C PHE H 165 -21.03 -27.48 43.78
N PRO H 166 -20.31 -28.61 43.85
CA PRO H 166 -20.07 -29.60 42.81
C PRO H 166 -20.92 -30.84 42.88
N ALA H 167 -22.13 -30.79 43.45
CA ALA H 167 -22.92 -32.00 43.65
C ALA H 167 -23.17 -32.79 42.35
N ALA H 168 -23.49 -32.06 41.27
CA ALA H 168 -23.81 -32.68 40.00
C ALA H 168 -22.62 -33.48 39.46
N LEU H 169 -21.43 -32.91 39.60
CA LEU H 169 -20.22 -33.58 39.16
C LEU H 169 -19.88 -34.82 39.99
N ASP H 170 -19.99 -34.71 41.31
CA ASP H 170 -19.85 -35.85 42.19
C ASP H 170 -20.79 -36.97 41.74
N ASP H 171 -22.03 -36.62 41.40
CA ASP H 171 -23.01 -37.61 40.97
C ASP H 171 -22.55 -38.35 39.70
N VAL H 172 -22.08 -37.60 38.71
CA VAL H 172 -21.62 -38.21 37.47
C VAL H 172 -20.41 -39.15 37.73
N LYS H 173 -19.45 -38.67 38.53
CA LYS H 173 -18.30 -39.51 38.89
C LYS H 173 -18.76 -40.84 39.49
N HIS H 174 -19.74 -40.79 40.40
CA HIS H 174 -20.17 -42.01 41.07
C HIS H 174 -20.75 -43.03 40.08
N VAL H 175 -21.61 -42.53 39.20
CA VAL H 175 -22.25 -43.37 38.20
C VAL H 175 -21.25 -43.97 37.24
N TYR H 176 -20.32 -43.14 36.77
CA TYR H 176 -19.33 -43.65 35.84
C TYR H 176 -18.43 -44.71 36.49
N ARG H 177 -18.04 -44.52 37.76
CA ARG H 177 -17.20 -45.51 38.40
C ARG H 177 -17.92 -46.85 38.47
N VAL H 178 -19.20 -46.83 38.76
CA VAL H 178 -19.94 -48.11 38.78
C VAL H 178 -20.07 -48.72 37.38
N LEU H 179 -20.50 -47.93 36.41
CA LEU H 179 -20.77 -48.44 35.08
C LEU H 179 -19.49 -48.88 34.36
N SER H 180 -18.40 -48.15 34.59
CA SER H 180 -17.12 -48.47 33.95
C SER H 180 -16.62 -49.82 34.45
N GLN H 181 -16.87 -50.12 35.72
CA GLN H 181 -16.53 -51.43 36.26
C GLN H 181 -17.33 -52.53 35.58
N GLN H 182 -18.63 -52.28 35.36
CA GLN H 182 -19.52 -53.29 34.79
C GLN H 182 -19.29 -53.48 33.27
N TYR H 183 -19.01 -52.40 32.54
CA TYR H 183 -18.96 -52.50 31.08
C TYR H 183 -17.56 -52.43 30.42
N ASP H 184 -16.60 -51.81 31.13
CA ASP H 184 -15.28 -51.38 30.62
C ASP H 184 -15.43 -50.00 29.96
N ALA H 185 -14.43 -49.15 30.18
CA ALA H 185 -14.52 -47.78 29.68
C ALA H 185 -14.61 -47.76 28.15
N ASN H 186 -13.93 -48.70 27.49
CA ASN H 186 -13.95 -48.70 26.05
C ASN H 186 -15.27 -49.16 25.45
N HIS H 187 -16.22 -49.58 26.28
CA HIS H 187 -17.55 -49.86 25.79
C HIS H 187 -18.57 -48.84 26.28
N ILE H 188 -18.08 -47.72 26.82
CA ILE H 188 -18.98 -46.66 27.28
C ILE H 188 -18.92 -45.43 26.37
N PHE H 189 -20.08 -44.97 25.90
CA PHE H 189 -20.18 -43.66 25.25
C PHE H 189 -20.87 -42.72 26.24
N MET H 190 -20.56 -41.42 26.19
CA MET H 190 -21.25 -40.46 27.06
C MET H 190 -21.64 -39.23 26.26
N GLY H 191 -22.75 -38.61 26.63
CA GLY H 191 -23.15 -37.40 25.91
C GLY H 191 -24.03 -36.55 26.80
N GLY H 192 -24.11 -35.27 26.46
CA GLY H 192 -25.00 -34.39 27.18
C GLY H 192 -25.22 -33.17 26.30
N THR H 193 -26.38 -32.54 26.51
CA THR H 193 -26.72 -31.29 25.83
C THR H 193 -26.70 -30.15 26.83
N SER H 194 -26.20 -28.99 26.40
CA SER H 194 -26.31 -27.75 27.17
C SER H 194 -25.56 -27.87 28.50
N ALA H 195 -26.21 -27.56 29.62
CA ALA H 195 -25.53 -27.74 30.93
C ALA H 195 -24.94 -29.15 31.05
N GLY H 196 -25.66 -30.14 30.54
CA GLY H 196 -25.14 -31.49 30.64
C GLY H 196 -23.90 -31.72 29.80
N GLY H 197 -23.83 -31.03 28.66
CA GLY H 197 -22.63 -31.07 27.82
C GLY H 197 -21.45 -30.45 28.54
N GLY H 198 -21.71 -29.34 29.20
CA GLY H 198 -20.65 -28.67 29.95
C GLY H 198 -20.14 -29.58 31.10
N LEU H 199 -21.09 -30.12 31.83
CA LEU H 199 -20.77 -31.03 32.91
C LEU H 199 -19.93 -32.25 32.42
N LEU H 200 -20.32 -32.81 31.27
CA LEU H 200 -19.57 -33.93 30.68
C LEU H 200 -18.13 -33.52 30.37
N LEU H 201 -17.95 -32.35 29.76
CA LEU H 201 -16.56 -31.91 29.45
C LEU H 201 -15.72 -31.75 30.74
N ALA H 202 -16.32 -31.15 31.76
CA ALA H 202 -15.63 -31.01 33.06
C ALA H 202 -15.30 -32.36 33.66
N PHE H 203 -16.24 -33.28 33.54
CA PHE H 203 -16.06 -34.63 34.12
C PHE H 203 -14.89 -35.36 33.44
N VAL H 204 -14.88 -35.36 32.11
CA VAL H 204 -13.78 -36.00 31.35
C VAL H 204 -12.41 -35.30 31.58
N GLN H 205 -12.42 -33.98 31.74
CA GLN H 205 -11.17 -33.33 32.16
C GLN H 205 -10.66 -33.87 33.50
N GLY H 206 -11.60 -34.13 34.40
CA GLY H 206 -11.26 -34.68 35.69
C GLY H 206 -10.70 -36.11 35.60
N LEU H 207 -11.29 -36.94 34.74
CA LEU H 207 -10.77 -38.31 34.56
C LEU H 207 -9.31 -38.29 34.12
N ILE H 208 -9.04 -37.40 33.19
CA ILE H 208 -7.74 -37.34 32.55
C ILE H 208 -6.69 -36.86 33.54
N GLU H 209 -7.02 -35.85 34.35
CA GLU H 209 -6.02 -35.38 35.30
C GLU H 209 -5.77 -36.37 36.44
N ASN H 210 -6.73 -37.27 36.67
CA ASN H 210 -6.49 -38.35 37.65
C ASN H 210 -6.01 -39.64 37.02
N GLY H 211 -5.78 -39.64 35.71
CA GLY H 211 -5.24 -40.82 35.03
C GLY H 211 -6.23 -41.98 34.95
N VAL H 212 -7.51 -41.66 34.93
CA VAL H 212 -8.57 -42.68 34.89
C VAL H 212 -9.05 -42.90 33.45
N ALA H 213 -9.23 -44.16 33.06
CA ALA H 213 -9.65 -44.42 31.69
C ALA H 213 -10.94 -43.67 31.34
N THR H 214 -10.94 -43.06 30.17
CA THR H 214 -12.04 -42.22 29.68
C THR H 214 -13.01 -43.06 28.84
N PRO H 215 -14.23 -42.55 28.63
CA PRO H 215 -15.15 -43.25 27.72
C PRO H 215 -14.56 -43.33 26.34
N ARG H 216 -15.05 -44.28 25.56
CA ARG H 216 -14.56 -44.54 24.20
C ARG H 216 -14.71 -43.31 23.28
N ALA H 217 -15.85 -42.63 23.38
CA ALA H 217 -16.13 -41.43 22.57
C ALA H 217 -17.29 -40.67 23.21
N ILE H 218 -17.37 -39.37 22.94
CA ILE H 218 -18.38 -38.58 23.62
C ILE H 218 -19.10 -37.62 22.65
N TYR H 219 -20.23 -37.09 23.13
CA TYR H 219 -21.04 -36.14 22.37
C TYR H 219 -21.33 -34.93 23.22
N ALA H 220 -21.14 -33.75 22.66
CA ALA H 220 -21.56 -32.55 23.37
C ALA H 220 -22.49 -31.75 22.49
N GLY H 221 -23.77 -31.71 22.85
CA GLY H 221 -24.73 -30.96 22.06
C GLY H 221 -24.80 -29.58 22.68
N THR H 222 -24.49 -28.57 21.88
CA THR H 222 -24.57 -27.15 22.30
C THR H 222 -24.19 -26.99 23.81
N PRO H 223 -22.96 -27.40 24.16
CA PRO H 223 -22.51 -27.41 25.58
C PRO H 223 -22.40 -26.02 26.21
N TRP H 224 -22.87 -25.88 27.45
CA TRP H 224 -22.59 -24.71 28.24
C TRP H 224 -21.15 -24.80 28.74
N ALA H 225 -20.20 -24.42 27.90
CA ALA H 225 -18.78 -24.65 28.20
C ALA H 225 -18.17 -23.51 28.95
N ASP H 226 -18.88 -22.38 28.98
CA ASP H 226 -18.36 -21.19 29.64
C ASP H 226 -19.57 -20.49 30.26
N LEU H 227 -19.63 -20.40 31.61
CA LEU H 227 -20.79 -19.85 32.26
C LEU H 227 -20.76 -18.33 32.23
N THR H 228 -19.62 -17.75 31.88
CA THR H 228 -19.52 -16.29 31.75
C THR H 228 -20.10 -15.79 30.42
N LYS H 229 -20.32 -14.48 30.30
CA LYS H 229 -20.88 -13.96 29.04
C LYS H 229 -19.75 -13.61 28.10
N THR H 230 -19.09 -14.64 27.62
CA THR H 230 -17.83 -14.44 26.85
C THR H 230 -18.00 -14.82 25.37
N GLY H 231 -18.76 -15.88 25.11
CA GLY H 231 -18.95 -16.31 23.73
C GLY H 231 -19.63 -15.23 22.89
N ASP H 232 -19.10 -14.98 21.68
CA ASP H 232 -19.61 -13.85 20.90
C ASP H 232 -21.08 -14.01 20.56
N SER H 233 -21.48 -15.23 20.25
CA SER H 233 -22.86 -15.46 19.83
C SER H 233 -23.87 -15.19 20.97
N LEU H 234 -23.39 -15.12 22.21
CA LEU H 234 -24.31 -14.74 23.27
C LEU H 234 -24.81 -13.35 23.01
N TYR H 235 -23.94 -12.54 22.37
CA TYR H 235 -24.33 -11.16 21.98
C TYR H 235 -25.00 -11.11 20.59
N THR H 236 -24.38 -11.76 19.61
CA THR H 236 -24.86 -11.61 18.24
C THR H 236 -26.13 -12.38 17.98
N ASN H 237 -26.37 -13.49 18.71
CA ASN H 237 -27.64 -14.22 18.55
C ASN H 237 -28.60 -13.96 19.68
N GLU H 238 -28.36 -12.89 20.43
CA GLU H 238 -29.38 -12.46 21.38
C GLU H 238 -30.64 -12.06 20.59
N GLY H 239 -31.82 -12.53 21.00
CA GLY H 239 -33.03 -12.16 20.30
C GLY H 239 -33.20 -12.87 18.96
N ILE H 240 -32.31 -13.82 18.70
CA ILE H 240 -32.38 -14.62 17.47
C ILE H 240 -32.53 -16.10 17.83
N ASP H 241 -31.76 -16.53 18.81
CA ASP H 241 -31.93 -17.86 19.40
C ASP H 241 -33.27 -17.90 20.14
N ARG H 242 -34.20 -18.75 19.69
CA ARG H 242 -35.57 -18.71 20.20
C ARG H 242 -35.72 -19.47 21.50
N ILE H 243 -34.65 -20.14 21.94
CA ILE H 243 -34.75 -20.91 23.17
C ILE H 243 -34.09 -20.17 24.35
N LEU H 244 -32.88 -19.63 24.16
CA LEU H 244 -32.16 -18.97 25.26
C LEU H 244 -32.52 -17.49 25.32
N ILE H 245 -32.76 -16.91 24.14
CA ILE H 245 -33.12 -15.50 23.97
C ILE H 245 -32.06 -14.50 24.40
N THR H 246 -31.55 -14.61 25.63
CA THR H 246 -30.58 -13.64 26.15
C THR H 246 -29.88 -14.28 27.35
N TYR H 247 -28.62 -13.93 27.57
CA TYR H 247 -27.89 -14.36 28.78
C TYR H 247 -28.45 -13.73 30.04
N ASP H 248 -28.97 -12.51 29.87
CA ASP H 248 -29.20 -11.62 31.00
C ASP H 248 -30.58 -11.79 31.64
N GLY H 249 -31.14 -12.99 31.54
CA GLY H 249 -32.34 -13.33 32.30
C GLY H 249 -32.07 -14.52 33.21
N THR H 250 -32.89 -15.56 33.09
CA THR H 250 -32.71 -16.73 34.00
C THR H 250 -31.42 -17.50 33.70
N LEU H 251 -30.88 -17.36 32.50
CA LEU H 251 -29.70 -18.15 32.17
C LEU H 251 -28.47 -17.74 33.02
N GLY H 252 -28.07 -16.46 32.97
CA GLY H 252 -26.99 -15.97 33.82
C GLY H 252 -27.32 -16.16 35.31
N ALA H 253 -28.59 -15.97 35.67
CA ALA H 253 -28.97 -16.16 37.08
C ALA H 253 -28.78 -17.64 37.51
N SER H 254 -29.10 -18.59 36.63
CA SER H 254 -28.92 -20.02 36.93
C SER H 254 -27.44 -20.36 37.08
N ALA H 255 -26.60 -19.77 36.23
CA ALA H 255 -25.15 -19.98 36.34
C ALA H 255 -24.70 -19.59 37.73
N ARG H 256 -25.15 -18.44 38.21
CA ARG H 256 -24.72 -17.94 39.53
C ARG H 256 -25.32 -18.79 40.67
N LEU H 257 -26.56 -19.25 40.51
CA LEU H 257 -27.17 -20.15 41.50
C LEU H 257 -26.34 -21.44 41.65
N TYR H 258 -25.84 -21.97 40.54
CA TYR H 258 -25.06 -23.21 40.57
C TYR H 258 -23.66 -23.00 41.16
N ALA H 259 -23.04 -21.89 40.77
CA ALA H 259 -21.64 -21.64 41.10
C ALA H 259 -21.41 -21.22 42.54
N GLY H 260 -22.41 -20.59 43.13
CA GLY H 260 -22.30 -20.21 44.53
C GLY H 260 -21.18 -19.17 44.66
N ASN H 261 -20.19 -19.46 45.50
CA ASN H 261 -19.07 -18.50 45.61
C ASN H 261 -17.85 -18.91 44.80
N THR H 262 -18.00 -19.89 43.91
CA THR H 262 -16.88 -20.29 43.03
C THR H 262 -16.82 -19.37 41.82
N PRO H 263 -15.65 -18.82 41.50
CA PRO H 263 -15.58 -17.99 40.29
C PRO H 263 -16.07 -18.70 39.06
N LEU H 264 -16.82 -17.97 38.22
CA LEU H 264 -17.42 -18.60 37.05
C LEU H 264 -16.39 -19.21 36.09
N THR H 265 -15.14 -18.76 36.14
CA THR H 265 -14.13 -19.28 35.21
C THR H 265 -13.50 -20.56 35.71
N HIS H 266 -13.83 -21.01 36.93
CA HIS H 266 -13.33 -22.32 37.38
C HIS H 266 -13.57 -23.37 36.31
N PRO H 267 -12.53 -24.15 35.94
CA PRO H 267 -12.68 -25.09 34.82
C PRO H 267 -13.74 -26.18 35.05
N LYS H 268 -14.08 -26.50 36.29
CA LYS H 268 -15.11 -27.53 36.48
C LYS H 268 -16.51 -26.92 36.33
N LEU H 269 -16.60 -25.56 36.30
CA LEU H 269 -17.84 -24.86 35.95
C LEU H 269 -17.87 -24.51 34.47
N SER H 270 -16.72 -24.06 33.96
CA SER H 270 -16.56 -23.57 32.61
C SER H 270 -15.40 -24.31 31.99
N PRO H 271 -15.65 -25.52 31.50
CA PRO H 271 -14.51 -26.33 31.06
C PRO H 271 -13.79 -25.83 29.79
N ILE H 272 -14.30 -24.78 29.16
CA ILE H 272 -13.48 -24.19 28.08
C ILE H 272 -12.12 -23.75 28.63
N TYR H 273 -12.04 -23.47 29.93
CA TYR H 273 -10.81 -22.94 30.54
C TYR H 273 -9.92 -24.10 31.06
N GLY H 274 -10.34 -25.33 30.82
CA GLY H 274 -9.56 -26.51 31.19
C GLY H 274 -8.72 -26.99 30.02
N ASP H 275 -8.13 -28.18 30.16
CA ASP H 275 -7.18 -28.73 29.21
C ASP H 275 -7.88 -29.85 28.45
N PHE H 276 -7.85 -29.81 27.11
CA PHE H 276 -8.54 -30.88 26.38
C PHE H 276 -7.59 -31.93 25.86
N THR H 277 -6.32 -31.84 26.23
CA THR H 277 -5.38 -32.87 25.81
C THR H 277 -5.85 -34.24 26.26
N ASP H 278 -5.69 -35.23 25.37
CA ASP H 278 -6.07 -36.63 25.59
C ASP H 278 -7.57 -36.91 25.63
N PHE H 279 -8.39 -35.97 25.19
CA PHE H 279 -9.82 -36.26 25.16
C PHE H 279 -10.11 -37.38 24.17
N PRO H 280 -11.14 -38.22 24.46
CA PRO H 280 -11.56 -39.15 23.43
C PRO H 280 -12.21 -38.38 22.26
N PRO H 281 -12.43 -39.06 21.15
CA PRO H 281 -13.12 -38.44 20.00
C PRO H 281 -14.46 -37.82 20.39
N THR H 282 -14.80 -36.65 19.84
CA THR H 282 -15.94 -35.87 20.32
C THR H 282 -16.76 -35.39 19.15
N PHE H 283 -18.07 -35.62 19.22
CA PHE H 283 -19.05 -35.13 18.25
C PHE H 283 -19.71 -33.91 18.85
N LEU H 284 -19.59 -32.75 18.17
CA LEU H 284 -20.14 -31.49 18.65
C LEU H 284 -21.27 -31.00 17.73
N VAL H 285 -22.43 -30.62 18.31
CA VAL H 285 -23.56 -30.12 17.53
C VAL H 285 -23.95 -28.72 17.93
N THR H 286 -24.28 -27.87 16.95
CA THR H 286 -24.82 -26.56 17.29
C THR H 286 -25.56 -26.05 16.04
N GLY H 287 -25.89 -24.77 16.02
CA GLY H 287 -26.76 -24.24 15.00
C GLY H 287 -26.37 -22.80 14.71
N THR H 288 -26.67 -22.31 13.50
CA THR H 288 -26.24 -20.95 13.20
C THR H 288 -26.95 -19.87 14.06
N ARG H 289 -28.12 -20.18 14.62
CA ARG H 289 -28.85 -19.22 15.48
C ARG H 289 -28.53 -19.44 16.95
N ASP H 290 -27.68 -20.41 17.24
CA ASP H 290 -27.47 -20.83 18.64
C ASP H 290 -26.66 -19.77 19.44
N MET H 291 -27.18 -19.35 20.58
CA MET H 291 -26.35 -18.49 21.42
C MET H 291 -25.12 -19.20 21.97
N PHE H 292 -25.11 -20.54 21.98
CA PHE H 292 -23.93 -21.30 22.35
C PHE H 292 -23.12 -21.78 21.14
N LEU H 293 -23.40 -21.22 19.97
CA LEU H 293 -22.57 -21.47 18.79
C LEU H 293 -21.10 -21.22 19.14
N SER H 294 -20.85 -20.04 19.71
CA SER H 294 -19.47 -19.61 20.05
C SER H 294 -18.82 -20.60 21.03
N ASP H 295 -19.53 -20.94 22.12
CA ASP H 295 -18.94 -21.89 23.09
C ASP H 295 -18.61 -23.22 22.39
N THR H 296 -19.51 -23.71 21.53
CA THR H 296 -19.31 -25.03 20.89
C THR H 296 -18.08 -24.98 19.99
N VAL H 297 -17.96 -23.91 19.22
CA VAL H 297 -16.79 -23.86 18.31
C VAL H 297 -15.52 -23.49 19.09
N ARG H 298 -15.64 -22.78 20.21
CA ARG H 298 -14.43 -22.58 21.03
C ARG H 298 -13.92 -23.92 21.57
N VAL H 299 -14.84 -24.77 22.01
CA VAL H 299 -14.41 -26.11 22.46
C VAL H 299 -13.79 -26.91 21.31
N ASN H 300 -14.45 -26.92 20.15
CA ASN H 300 -13.88 -27.59 18.96
C ASN H 300 -12.46 -27.15 18.65
N ARG H 301 -12.24 -25.83 18.67
CA ARG H 301 -10.92 -25.27 18.41
C ARG H 301 -9.90 -25.74 19.42
N LYS H 302 -10.24 -25.69 20.71
CA LYS H 302 -9.24 -26.14 21.69
C LYS H 302 -8.95 -27.65 21.54
N MET H 303 -10.00 -28.43 21.29
CA MET H 303 -9.79 -29.87 21.07
C MET H 303 -8.86 -30.13 19.88
N ARG H 304 -9.17 -29.50 18.76
CA ARG H 304 -8.32 -29.74 17.60
C ARG H 304 -6.88 -29.26 17.80
N ASP H 305 -6.70 -28.16 18.52
CA ASP H 305 -5.33 -27.71 18.82
C ASP H 305 -4.58 -28.64 19.77
N ALA H 306 -5.32 -29.43 20.53
CA ALA H 306 -4.74 -30.41 21.44
C ALA H 306 -4.67 -31.81 20.82
N GLY H 307 -4.90 -31.92 19.50
CA GLY H 307 -4.80 -33.21 18.83
C GLY H 307 -5.97 -34.18 18.99
N VAL H 308 -7.10 -33.69 19.49
CA VAL H 308 -8.32 -34.49 19.65
C VAL H 308 -9.05 -34.67 18.32
N THR H 309 -9.48 -35.90 18.00
CA THR H 309 -10.40 -36.12 16.88
C THR H 309 -11.80 -35.56 17.17
N THR H 310 -12.26 -34.63 16.35
CA THR H 310 -13.61 -34.13 16.53
C THR H 310 -14.39 -34.18 15.23
N VAL H 311 -15.71 -34.21 15.37
CA VAL H 311 -16.60 -33.90 14.23
C VAL H 311 -17.52 -32.79 14.69
N LEU H 312 -17.58 -31.70 13.93
CA LEU H 312 -18.43 -30.55 14.22
C LEU H 312 -19.59 -30.55 13.24
N ASP H 313 -20.82 -30.48 13.76
CA ASP H 313 -22.00 -30.52 12.88
C ASP H 313 -22.87 -29.33 13.24
N VAL H 314 -22.89 -28.32 12.37
CA VAL H 314 -23.63 -27.09 12.59
C VAL H 314 -24.83 -27.08 11.66
N TYR H 315 -26.01 -26.82 12.23
CA TYR H 315 -27.27 -26.82 11.46
C TYR H 315 -27.78 -25.42 11.12
N GLU H 316 -28.18 -25.23 9.86
CA GLU H 316 -28.73 -23.96 9.39
C GLU H 316 -30.01 -23.58 10.15
N GLY H 317 -30.04 -22.36 10.67
CA GLY H 317 -31.26 -21.79 11.21
C GLY H 317 -31.61 -22.23 12.59
N LEU H 318 -30.81 -23.14 13.17
CA LEU H 318 -31.20 -23.78 14.45
C LEU H 318 -30.64 -23.03 15.69
N SER H 319 -31.51 -22.89 16.69
CA SER H 319 -31.22 -22.29 17.97
C SER H 319 -30.67 -23.33 18.95
N HIS H 320 -30.28 -22.86 20.14
CA HIS H 320 -29.86 -23.75 21.22
C HIS H 320 -30.80 -24.93 21.45
N ALA H 321 -30.29 -26.15 21.24
CA ALA H 321 -31.03 -27.37 21.48
C ALA H 321 -32.33 -27.51 20.65
N ASP H 322 -32.41 -26.87 19.49
CA ASP H 322 -33.66 -26.93 18.69
C ASP H 322 -33.96 -28.38 18.33
N TYR H 323 -32.90 -29.18 18.20
CA TYR H 323 -33.05 -30.60 17.79
C TYR H 323 -33.71 -31.42 18.91
N LEU H 324 -33.78 -30.85 20.10
CA LEU H 324 -34.52 -31.43 21.22
C LEU H 324 -35.92 -30.85 21.41
N VAL H 325 -36.00 -29.52 21.41
CA VAL H 325 -37.27 -28.82 21.55
C VAL H 325 -38.23 -29.24 20.45
N SER H 326 -37.74 -29.26 19.21
CA SER H 326 -38.57 -29.70 18.10
C SER H 326 -38.00 -30.98 17.47
N HIS H 327 -38.18 -32.11 18.14
CA HIS H 327 -37.49 -33.32 17.70
C HIS H 327 -38.17 -34.13 16.59
N GLN H 328 -39.41 -33.79 16.22
CA GLN H 328 -40.07 -34.47 15.11
C GLN H 328 -39.83 -33.65 13.85
N THR H 329 -38.55 -33.46 13.54
CA THR H 329 -38.14 -32.74 12.33
C THR H 329 -37.03 -33.52 11.63
N PRO H 330 -36.90 -33.32 10.32
CA PRO H 330 -35.77 -33.91 9.62
C PRO H 330 -34.45 -33.43 10.20
N GLU H 331 -34.40 -32.19 10.69
CA GLU H 331 -33.16 -31.67 11.24
C GLU H 331 -32.76 -32.47 12.48
N SER H 332 -33.74 -32.73 13.32
CA SER H 332 -33.45 -33.47 14.56
C SER H 332 -33.04 -34.88 14.18
N GLN H 333 -33.77 -35.48 13.23
CA GLN H 333 -33.40 -36.83 12.80
C GLN H 333 -31.97 -36.88 12.26
N SER H 334 -31.57 -35.84 11.53
CA SER H 334 -30.20 -35.79 11.00
C SER H 334 -29.16 -35.78 12.09
N VAL H 335 -29.40 -35.00 13.16
CA VAL H 335 -28.42 -34.91 14.26
C VAL H 335 -28.10 -36.30 14.81
N TYR H 336 -29.12 -37.10 15.11
CA TYR H 336 -28.88 -38.38 15.74
C TYR H 336 -28.37 -39.41 14.74
N ARG H 337 -28.76 -39.27 13.48
CA ARG H 337 -28.24 -40.15 12.43
C ARG H 337 -26.73 -39.92 12.26
N GLN H 338 -26.31 -38.66 12.32
CA GLN H 338 -24.88 -38.36 12.23
C GLN H 338 -24.13 -38.82 13.47
N LEU H 339 -24.73 -38.64 14.64
CA LEU H 339 -24.12 -39.09 15.90
C LEU H 339 -23.97 -40.63 15.86
N LYS H 340 -24.98 -41.31 15.34
CA LYS H 340 -24.91 -42.76 15.26
C LYS H 340 -23.74 -43.17 14.38
N ARG H 341 -23.63 -42.54 13.21
CA ARG H 341 -22.57 -42.87 12.30
C ARG H 341 -21.19 -42.66 12.99
N PHE H 342 -21.06 -41.56 13.72
CA PHE H 342 -19.82 -41.23 14.44
C PHE H 342 -19.49 -42.32 15.48
N LEU H 343 -20.49 -42.73 16.26
CA LEU H 343 -20.19 -43.64 17.37
C LEU H 343 -19.98 -45.07 16.86
N VAL H 344 -20.70 -45.46 15.82
CA VAL H 344 -20.53 -46.80 15.24
C VAL H 344 -19.08 -46.97 14.79
N GLY H 345 -18.47 -45.87 14.38
CA GLY H 345 -17.10 -45.91 13.90
C GLY H 345 -16.11 -46.29 15.01
N PHE H 346 -16.52 -46.23 16.27
CA PHE H 346 -15.58 -46.56 17.35
C PHE H 346 -15.99 -47.82 18.07
N THR H 347 -16.86 -48.59 17.44
CA THR H 347 -17.24 -49.89 18.00
C THR H 347 -16.28 -50.93 17.42
CL CL I . 10.11 7.54 27.88
CL CL J . 18.39 -14.59 27.91
O1 MES K . 27.86 -4.25 41.87
C2 MES K . 26.72 -3.89 42.64
C3 MES K . 26.70 -4.60 43.99
N4 MES K . 26.79 -6.04 43.73
C5 MES K . 27.95 -6.46 42.97
C6 MES K . 27.96 -5.66 41.66
C7 MES K . 26.24 -6.99 44.71
C8 MES K . 25.62 -8.07 43.82
S MES K . 25.01 -9.48 44.47
O1S MES K . 23.65 -9.63 43.88
O2S MES K . 24.89 -9.50 45.98
O3S MES K . 25.89 -10.57 44.01
O1 MES L . -5.27 -10.90 26.17
C2 MES L . -4.53 -11.54 25.13
C3 MES L . -3.06 -11.31 25.37
N4 MES L . -2.84 -9.87 25.37
C5 MES L . -3.71 -8.96 26.11
C6 MES L . -5.12 -9.49 26.28
C7 MES L . -1.46 -9.39 25.44
C8 MES L . -0.52 -9.79 24.35
S MES L . 0.70 -10.78 24.88
O1S MES L . 1.62 -11.06 23.76
O2S MES L . 0.06 -12.04 25.38
O3S MES L . 1.55 -10.30 25.96
C1 GOL M . 22.23 21.33 18.34
O1 GOL M . 21.29 21.26 17.30
C2 GOL M . 23.17 20.14 18.24
O2 GOL M . 23.09 19.51 16.99
C3 GOL M . 24.62 20.57 18.46
O3 GOL M . 25.39 19.38 18.47
C1 GOL N . 33.44 6.85 31.56
O1 GOL N . 34.26 8.00 31.52
C2 GOL N . 32.81 6.67 32.95
O2 GOL N . 32.97 7.87 33.67
C3 GOL N . 31.33 6.31 32.89
O3 GOL N . 30.60 7.32 33.57
C1 GOL O . 1.96 -5.55 12.47
O1 GOL O . 2.85 -4.56 12.91
C2 GOL O . 2.62 -6.75 11.80
O2 GOL O . 3.60 -7.27 12.61
C3 GOL O . 1.64 -7.89 11.63
O3 GOL O . 0.45 -7.37 11.16
CL CL P . 9.92 -23.95 48.01
O1 MES Q . 4.00 -33.21 26.87
C2 MES Q . 3.96 -31.82 26.53
C3 MES Q . 4.32 -31.52 25.08
N4 MES Q . 5.38 -32.38 24.58
C5 MES Q . 5.33 -33.79 24.88
C6 MES Q . 5.12 -33.95 26.38
C7 MES Q . 5.86 -32.02 23.24
C8 MES Q . 7.09 -32.86 22.94
S MES Q . 7.80 -32.37 21.49
O1S MES Q . 6.87 -31.58 20.65
O2S MES Q . 8.18 -33.60 20.75
O3S MES Q . 9.01 -31.54 21.75
C1 GOL R . 13.65 -37.48 53.23
O1 GOL R . 14.25 -36.35 53.82
C2 GOL R . 14.71 -38.54 53.27
O2 GOL R . 15.26 -38.56 54.57
C3 GOL R . 14.05 -39.87 52.97
O3 GOL R . 14.95 -40.82 53.46
CL CL S . -20.36 27.03 5.89
O1 MES T . -4.78 48.75 1.19
C2 MES T . -5.60 47.85 0.41
C3 MES T . -5.37 46.38 0.72
N4 MES T . -5.46 46.26 2.17
C5 MES T . -4.43 46.98 2.91
C6 MES T . -4.60 48.46 2.58
C7 MES T . -5.85 44.97 2.76
C8 MES T . -6.40 44.08 1.65
S MES T . -6.89 42.60 2.22
O1S MES T . -5.89 41.60 1.81
O2S MES T . -8.18 42.28 1.58
O3S MES T . -7.01 42.54 3.71
O1 MES U . -25.96 17.58 -15.24
C2 MES U . -25.97 18.88 -15.78
C3 MES U . -25.69 18.90 -17.27
N4 MES U . -24.47 18.17 -17.57
C5 MES U . -24.31 16.84 -16.98
C6 MES U . -24.77 16.82 -15.51
C7 MES U . -24.01 18.37 -18.95
C8 MES U . -22.64 17.73 -19.19
S MES U . -21.94 18.35 -20.60
O1S MES U . -22.92 19.11 -21.42
O2S MES U . -21.46 17.21 -21.42
O3S MES U . -20.78 19.24 -20.22
C1 GOL V . -17.35 0.18 1.73
O1 GOL V . -16.03 0.47 2.15
C2 GOL V . -18.02 1.44 1.18
O2 GOL V . -18.36 1.22 -0.17
C3 GOL V . -19.30 1.71 1.94
O3 GOL V . -19.85 2.92 1.48
C1 GOL W . -15.77 13.72 11.22
O1 GOL W . -15.61 14.98 11.83
C2 GOL W . -14.55 12.90 11.59
O2 GOL W . -14.35 13.00 12.98
C3 GOL W . -14.79 11.44 11.22
O3 GOL W . -13.56 10.77 11.32
C1 GOL X . -3.39 17.06 15.27
O1 GOL X . -4.12 16.96 14.07
C2 GOL X . -4.24 17.74 16.34
O2 GOL X . -5.57 17.28 16.38
C3 GOL X . -4.20 19.25 16.18
O3 GOL X . -2.88 19.71 16.43
CL CL Y . -12.94 36.81 -14.34
O1 MES Z . 14.71 -25.70 -44.53
C2 MES Z . 15.15 -26.86 -45.24
C3 MES Z . 16.51 -26.63 -45.86
N4 MES Z . 16.41 -25.46 -46.73
C5 MES Z . 15.29 -24.53 -46.70
C6 MES Z . 14.67 -24.48 -45.28
C7 MES Z . 17.62 -25.05 -47.46
C8 MES Z . 17.52 -25.63 -48.86
S MES Z . 18.72 -25.11 -49.91
O1S MES Z . 19.41 -26.32 -50.44
O2S MES Z . 19.74 -24.23 -49.28
O3S MES Z . 18.07 -24.43 -51.04
C1 GOL AA . 20.13 -30.39 -47.22
O1 GOL AA . 20.62 -29.48 -48.16
C2 GOL AA . 19.06 -29.65 -46.50
O2 GOL AA . 18.44 -28.86 -47.50
C3 GOL AA . 18.05 -30.64 -45.95
O3 GOL AA . 18.09 -30.76 -44.57
C1 GOL BA . 16.31 -17.81 -24.57
O1 GOL BA . 16.93 -18.62 -25.58
C2 GOL BA . 16.96 -18.01 -23.23
O2 GOL BA . 18.08 -17.12 -23.02
C3 GOL BA . 15.78 -17.72 -22.34
O3 GOL BA . 16.17 -17.20 -21.11
C1 GOL CA . 10.98 -33.70 -43.38
O1 GOL CA . 11.32 -34.35 -44.58
C2 GOL CA . 11.19 -32.23 -43.66
O2 GOL CA . 11.09 -32.07 -45.05
C3 GOL CA . 10.15 -31.36 -42.98
O3 GOL CA . 10.23 -30.03 -43.45
C1 GOL DA . 43.79 -24.47 -21.09
O1 GOL DA . 44.47 -25.70 -20.99
C2 GOL DA . 42.30 -24.62 -20.74
O2 GOL DA . 42.07 -25.83 -20.05
C3 GOL DA . 41.88 -23.43 -19.88
O3 GOL DA . 40.51 -23.46 -19.58
C1 GOL EA . 40.24 -13.18 -22.18
O1 GOL EA . 39.33 -14.28 -22.30
C2 GOL EA . 41.37 -13.34 -23.20
O2 GOL EA . 40.89 -13.05 -24.50
C3 GOL EA . 42.54 -12.44 -22.85
O3 GOL EA . 42.06 -11.16 -22.48
CL CL FA . 28.20 -6.93 -42.08
CL CL GA . -15.57 -12.62 -2.72
CL CL HA . -15.79 -31.68 11.25
C1 GOL IA . -34.08 -26.32 -6.25
O1 GOL IA . -33.20 -25.63 -7.11
C2 GOL IA . -34.89 -25.31 -5.46
O2 GOL IA . -34.75 -25.54 -4.07
C3 GOL IA . -34.47 -23.90 -5.84
O3 GOL IA . -34.82 -23.00 -4.81
C1 GOL JA . 8.48 -13.84 -16.06
O1 GOL JA . 8.38 -13.55 -17.43
C2 GOL JA . 7.04 -13.95 -15.57
O2 GOL JA . 6.67 -15.31 -15.62
C3 GOL JA . 6.92 -13.43 -14.15
O3 GOL JA . 5.56 -13.19 -13.89
CL CL KA . -22.72 58.28 -14.20
C1 GOL LA . -31.73 71.41 -30.66
O1 GOL LA . -32.55 70.73 -29.72
C2 GOL LA . -32.03 71.16 -32.14
O2 GOL LA . -31.10 71.88 -32.96
C3 GOL LA . -31.83 69.68 -32.40
O3 GOL LA . -31.39 69.40 -33.71
C1 GOL MA . -30.21 42.08 -30.76
O1 GOL MA . -31.27 42.45 -31.62
C2 GOL MA . -29.27 43.27 -30.61
O2 GOL MA . -28.23 42.80 -29.78
C3 GOL MA . -30.07 44.38 -29.90
O3 GOL MA . -29.27 45.51 -29.60
CL CL NA . 18.83 15.10 -41.46
O1 MES OA . 8.95 -10.13 -45.28
C2 MES OA . 7.71 -9.42 -45.26
C3 MES OA . 7.89 -7.92 -45.10
N4 MES OA . 8.82 -7.44 -46.13
C5 MES OA . 9.50 -8.40 -46.99
C6 MES OA . 9.98 -9.52 -46.06
C7 MES OA . 8.84 -6.01 -46.47
C8 MES OA . 9.84 -5.36 -45.51
S MES OA . 10.34 -3.85 -46.03
O1S MES OA . 9.19 -2.88 -46.18
O2S MES OA . 11.03 -3.99 -47.33
O3S MES OA . 11.34 -3.46 -45.01
O1 MES PA . 35.76 3.32 -27.97
C2 MES PA . 34.66 3.54 -27.09
C3 MES PA . 34.83 2.77 -25.78
N4 MES PA . 35.06 1.37 -26.09
C5 MES PA . 36.15 1.07 -27.01
C6 MES PA . 35.98 1.94 -28.26
C7 MES PA . 34.71 0.35 -25.07
C8 MES PA . 33.67 -0.55 -25.74
S MES PA . 33.38 -2.07 -25.08
O1S MES PA . 32.13 -2.55 -25.68
O2S MES PA . 33.27 -2.11 -23.60
O3S MES PA . 34.47 -2.95 -25.51
C1 GOL QA . 12.13 -0.45 -59.45
O1 GOL QA . 10.78 -0.11 -59.71
C2 GOL QA . 12.66 0.45 -58.34
O2 GOL QA . 14.00 0.20 -58.02
C3 GOL QA . 12.25 1.91 -58.51
O3 GOL QA . 12.94 2.79 -57.64
O1 MES RA . -5.99 -17.87 20.82
C2 MES RA . -6.39 -16.84 21.72
C3 MES RA . -7.56 -17.22 22.60
N4 MES RA . -7.28 -18.47 23.30
C5 MES RA . -6.24 -19.37 22.82
C6 MES RA . -6.22 -19.21 21.30
C7 MES RA . -8.23 -18.94 24.30
C8 MES RA . -9.57 -19.00 23.58
S MES RA . -10.73 -19.80 24.46
O1S MES RA . -11.89 -19.94 23.55
O2S MES RA . -10.99 -19.01 25.75
O3S MES RA . -10.26 -21.17 24.70
O1 MES SA . -35.02 -29.84 4.75
C2 MES SA . -33.67 -30.22 4.48
C3 MES SA . -32.90 -28.99 3.97
N4 MES SA . -33.68 -28.37 2.90
C5 MES SA . -34.88 -29.04 2.41
C6 MES SA . -35.76 -29.33 3.63
C7 MES SA . -33.03 -27.41 1.99
C8 MES SA . -31.55 -27.76 2.04
S MES SA . -30.56 -26.76 1.14
O1S MES SA . -29.83 -27.72 0.32
O2S MES SA . -29.70 -26.07 2.10
O3S MES SA . -31.20 -25.68 0.32
#